data_9LAZ
#
_entry.id   9LAZ
#
_cell.length_a   1.00
_cell.length_b   1.00
_cell.length_c   1.00
_cell.angle_alpha   90.00
_cell.angle_beta   90.00
_cell.angle_gamma   90.00
#
_symmetry.space_group_name_H-M   'P 1'
#
loop_
_entity.id
_entity.type
_entity.pdbx_description
1 polymer 'Succinate dehydrogenase or fumarate reductase, flavoprotein subunit'
2 polymer '4Fe-4S ferredoxin iron-sulfur binding domain protein'
3 polymer 'Succinate dehydrogenase (Or fumarate reductase) cytochrome b subunit, b558 family'
4 non-polymer 'FLAVIN-ADENINE DINUCLEOTIDE'
5 non-polymer 'SUCCINIC ACID'
6 non-polymer 'IRON/SULFUR CLUSTER'
7 non-polymer 'FE2/S2 (INORGANIC) CLUSTER'
8 non-polymer 'FE3-S4 CLUSTER'
9 non-polymer 'PROTOPORPHYRIN IX CONTAINING FE'
10 non-polymer DODECYL-BETA-D-MALTOSIDE
11 non-polymer '(1R)-2-{[{[(2S)-2,3-DIHYDROXYPROPYL]OXY}(HYDROXY)PHOSPHORYL]OXY}-1-[(PALMITOYLOXY)METHYL]ETHYL (11E)-OCTADEC-11-ENOATE'
12 non-polymer '(1S)-2-{[(2-AMINOETHOXY)(HYDROXY)PHOSPHORYL]OXY}-1-[(PALMITOYLOXY)METHYL]ETHYL STEARATE'
#
loop_
_entity_poly.entity_id
_entity_poly.type
_entity_poly.pdbx_seq_one_letter_code
_entity_poly.pdbx_strand_id
1 'polypeptide(L)'
;MSETKNETTVRTGTRQVEYVSVLDSKVPTGPIEQRWDKHRFEMKLVNPANRRKYTIIVVGSGLAGASAAATLGEAGYNVL
CFCYQDSPRRAHSIAAQGGINAAKNYRNDGDSIYRLFYDTVKGGDFRARESNVYRLAQVSVNIIDQCVAQGVPFAREYGG
LLDNRSFGGAQVARTFYARGQTGQQLLLGAYQALSRQIAAGTVKMFPRTEMLDLVVVDGRARGIITRDMVTGKITRYAAD
AVVLATGGYGNVFYLSTNAKGCNATAIWRAHRRGAFFGNPCFTQIHPTCIPVSGEYQSKLTLMSESLRNDGRIWVPKKKG
DTRRPQDIPESERDYYLEERYPSFGNLVPRDIASRAAKQVCDEGRGVGPGGLGVYLDFADAIKRLGRQKIAERYGNLFDM
YKQITGEDPYETPMRIYPAVHYTMGGLWVDYNLQSTIPGLFVIGEANFSDHGANRLGASALMQGLADGYFILPYTIANFL
AQVKPGGVSIDRPEFAEAEAEINQRIQRLLSIRGKRTVDSFHRELGKLMWDKCGMARNAAGLREALQRIPEIRAEFWENV
NVPGEANDLNQALEKAGRVADFLELAELMCLDALHREESCGGHFREEYQTPDGEALRNDEQFSYVAAWEFTGDLAKPRLH
KEPLVFEYVKPTQRSYK
;
A,D,G
2 'polypeptide(L)'
;MKITLKIWRQKNRNTPGEFKTYVMDNVNPDMSFLEMLDVLNEDLMSRGEEPVAFDHDCREGICGMCSLMINGVAHGPKNA
ITTCQLHMRSFKDGDTITVEPWRASAFPILKDLVVDRSAFDRIIQAGGYISVSTGSAPDANTIPVSKVAADRAMDAAACI
GCGACVAACPNGSAMLFTAAKVTHLALLPQGQPERYQRVVNMVAQADFEGFGNCTNIGECAAVCPKEISLETIAQLNRDL
VMAALRGIEPNTPIVPATTR
;
B,E,H
3 'polypeptide(L)'
;MTGVLTLTRTSVGKKVIMALTGFVLVGFVVFHMYGNLKMYQGPEVYNAYAAGLRELGYPIFGHEHLLWIARFILLASVFL
HIWAATSLTLQSRRSLQASSISTVRRYGQHKRQSGYADYTMRFGGVLIFFFIIYHILHLTFGVVGYEPGQFIHPHGDVYE
TYNNVVYGFQNPLIVGFYLLTMVFLALHLYHGVWSMFQTLGWNNRTYDRLLRGLAIVVAAAVFIGNISFPLAVYFGFVA
;
C,F,I
#
loop_
_chem_comp.id
_chem_comp.type
_chem_comp.name
_chem_comp.formula
F3S non-polymer 'FE3-S4 CLUSTER' 'Fe3 S4'
FAD non-polymer 'FLAVIN-ADENINE DINUCLEOTIDE' 'C27 H33 N9 O15 P2'
FES non-polymer 'FE2/S2 (INORGANIC) CLUSTER' 'Fe2 S2'
HEM non-polymer 'PROTOPORPHYRIN IX CONTAINING FE' 'C34 H32 Fe N4 O4'
LMT D-saccharide DODECYL-BETA-D-MALTOSIDE 'C24 H46 O11'
PEV non-polymer '(1S)-2-{[(2-AMINOETHOXY)(HYDROXY)PHOSPHORYL]OXY}-1-[(PALMITOYLOXY)METHYL]ETHYL STEARATE' 'C39 H78 N O8 P'
PGV non-polymer '(1R)-2-{[{[(2S)-2,3-DIHYDROXYPROPYL]OXY}(HYDROXY)PHOSPHORYL]OXY}-1-[(PALMITOYLOXY)METHYL]ETHYL (11E)-OCTADEC-11-ENOATE' 'C40 H77 O10 P'
SF4 non-polymer 'IRON/SULFUR CLUSTER' 'Fe4 S4'
SIN non-polymer 'SUCCINIC ACID' 'C4 H6 O4'
#
# COMPACT_ATOMS: atom_id res chain seq x y z
N VAL A 22 9.84 -38.76 -35.43
CA VAL A 22 10.03 -39.00 -34.00
C VAL A 22 9.72 -37.74 -33.21
N LEU A 23 8.97 -37.91 -32.12
CA LEU A 23 8.57 -36.78 -31.28
C LEU A 23 9.65 -36.51 -30.24
N ASP A 24 10.18 -35.30 -30.25
CA ASP A 24 11.15 -34.86 -29.25
C ASP A 24 10.42 -33.93 -28.29
N SER A 25 10.21 -34.40 -27.06
CA SER A 25 9.50 -33.59 -26.07
C SER A 25 10.31 -32.37 -25.66
N LYS A 26 11.64 -32.43 -25.79
CA LYS A 26 12.53 -31.31 -25.48
C LYS A 26 12.40 -30.85 -24.03
N VAL A 27 12.09 -31.77 -23.13
CA VAL A 27 12.02 -31.45 -21.71
C VAL A 27 13.43 -31.34 -21.15
N PRO A 28 13.66 -30.53 -20.12
CA PRO A 28 15.00 -30.42 -19.54
C PRO A 28 15.29 -31.60 -18.62
N THR A 29 16.54 -31.64 -18.16
CA THR A 29 17.02 -32.70 -17.28
C THR A 29 17.22 -32.16 -15.87
N GLY A 30 17.58 -33.04 -14.96
CA GLY A 30 17.85 -32.67 -13.59
C GLY A 30 16.61 -32.70 -12.73
N PRO A 31 16.69 -32.09 -11.54
CA PRO A 31 15.53 -32.03 -10.66
C PRO A 31 14.37 -31.29 -11.34
N ILE A 32 13.15 -31.78 -11.07
CA ILE A 32 11.98 -31.23 -11.74
C ILE A 32 11.68 -29.81 -11.29
N GLU A 33 12.12 -29.41 -10.09
CA GLU A 33 11.86 -28.06 -9.63
C GLU A 33 12.64 -27.01 -10.42
N GLN A 34 13.85 -27.34 -10.84
CA GLN A 34 14.70 -26.40 -11.55
C GLN A 34 14.66 -26.59 -13.07
N ARG A 35 13.80 -27.49 -13.57
CA ARG A 35 13.77 -27.75 -14.99
C ARG A 35 13.31 -26.53 -15.79
N TRP A 36 12.28 -25.82 -15.29
CA TRP A 36 11.79 -24.65 -16.01
C TRP A 36 12.81 -23.51 -15.96
N ASP A 37 13.42 -23.27 -14.81
CA ASP A 37 14.44 -22.22 -14.72
C ASP A 37 15.66 -22.55 -15.59
N LYS A 38 16.09 -23.80 -15.57
CA LYS A 38 17.22 -24.22 -16.40
C LYS A 38 16.90 -24.07 -17.88
N HIS A 39 15.69 -24.47 -18.28
CA HIS A 39 15.28 -24.29 -19.67
C HIS A 39 15.22 -22.83 -20.05
N ARG A 40 14.69 -21.98 -19.17
CA ARG A 40 14.60 -20.56 -19.45
C ARG A 40 15.98 -19.94 -19.60
N PHE A 41 16.94 -20.38 -18.79
CA PHE A 41 18.32 -19.90 -18.97
C PHE A 41 18.92 -20.38 -20.28
N GLU A 42 18.70 -21.65 -20.62
CA GLU A 42 19.32 -22.22 -21.81
C GLU A 42 18.64 -21.78 -23.10
N MET A 43 17.38 -21.34 -23.05
CA MET A 43 16.68 -20.94 -24.25
C MET A 43 17.25 -19.62 -24.80
N LYS A 44 17.23 -19.51 -26.12
CA LYS A 44 17.72 -18.32 -26.78
C LYS A 44 16.76 -17.15 -26.58
N LEU A 45 17.28 -15.93 -26.78
CA LEU A 45 16.53 -14.71 -26.58
C LEU A 45 16.60 -13.83 -27.81
N VAL A 46 15.55 -13.05 -28.02
CA VAL A 46 15.52 -12.00 -29.03
C VAL A 46 15.71 -10.67 -28.32
N ASN A 47 16.61 -9.84 -28.84
CA ASN A 47 16.86 -8.54 -28.24
C ASN A 47 15.59 -7.70 -28.29
N PRO A 48 15.37 -6.85 -27.29
CA PRO A 48 14.18 -5.98 -27.31
C PRO A 48 14.12 -5.09 -28.54
N ALA A 49 15.27 -4.71 -29.10
CA ALA A 49 15.27 -3.93 -30.33
C ALA A 49 14.86 -4.78 -31.53
N ASN A 50 15.23 -6.06 -31.54
CA ASN A 50 14.96 -6.92 -32.69
C ASN A 50 13.55 -7.49 -32.70
N ARG A 51 12.82 -7.42 -31.59
CA ARG A 51 11.49 -8.01 -31.53
C ARG A 51 10.53 -7.35 -32.50
N ARG A 52 10.76 -6.07 -32.82
CA ARG A 52 9.90 -5.37 -33.78
C ARG A 52 10.03 -5.93 -35.18
N LYS A 53 11.07 -6.72 -35.45
CA LYS A 53 11.31 -7.27 -36.78
C LYS A 53 10.61 -8.60 -37.01
N TYR A 54 9.98 -9.17 -36.00
CA TYR A 54 9.31 -10.46 -36.09
C TYR A 54 7.80 -10.27 -36.05
N THR A 55 7.08 -11.16 -36.73
CA THR A 55 5.63 -11.15 -36.74
C THR A 55 5.11 -12.47 -36.18
N ILE A 56 4.21 -12.39 -35.22
CA ILE A 56 3.55 -13.55 -34.64
C ILE A 56 2.06 -13.43 -34.89
N ILE A 57 1.48 -14.44 -35.53
CA ILE A 57 0.03 -14.54 -35.70
C ILE A 57 -0.49 -15.34 -34.51
N VAL A 58 -1.52 -14.84 -33.85
CA VAL A 58 -2.15 -15.54 -32.74
C VAL A 58 -3.61 -15.77 -33.12
N VAL A 59 -3.96 -17.02 -33.44
CA VAL A 59 -5.31 -17.36 -33.82
C VAL A 59 -6.04 -17.76 -32.54
N GLY A 60 -6.87 -16.84 -32.02
CA GLY A 60 -7.56 -17.07 -30.78
C GLY A 60 -7.40 -15.94 -29.79
N SER A 61 -8.50 -15.57 -29.14
CA SER A 61 -8.47 -14.51 -28.13
C SER A 61 -9.10 -14.99 -26.83
N GLY A 62 -8.99 -16.27 -26.54
CA GLY A 62 -9.41 -16.81 -25.26
C GLY A 62 -8.45 -16.39 -24.18
N LEU A 63 -8.44 -17.16 -23.08
CA LEU A 63 -7.47 -16.89 -22.03
C LEU A 63 -6.05 -17.05 -22.55
N ALA A 64 -5.76 -18.20 -23.17
CA ALA A 64 -4.45 -18.43 -23.76
C ALA A 64 -4.18 -17.42 -24.87
N GLY A 65 -5.13 -17.25 -25.79
CA GLY A 65 -4.90 -16.39 -26.94
C GLY A 65 -4.71 -14.94 -26.56
N ALA A 66 -5.59 -14.41 -25.70
CA ALA A 66 -5.48 -13.01 -25.32
C ALA A 66 -4.24 -12.78 -24.45
N SER A 67 -3.99 -13.69 -23.51
CA SER A 67 -2.78 -13.55 -22.66
C SER A 67 -1.52 -13.57 -23.54
N ALA A 68 -1.45 -14.49 -24.50
CA ALA A 68 -0.28 -14.60 -25.37
C ALA A 68 -0.11 -13.36 -26.24
N ALA A 69 -1.19 -12.91 -26.88
CA ALA A 69 -1.10 -11.73 -27.72
C ALA A 69 -0.70 -10.50 -26.93
N ALA A 70 -1.29 -10.32 -25.74
CA ALA A 70 -0.94 -9.17 -24.90
C ALA A 70 0.51 -9.22 -24.45
N THR A 71 0.97 -10.40 -24.02
CA THR A 71 2.35 -10.51 -23.54
C THR A 71 3.36 -10.32 -24.67
N LEU A 72 3.06 -10.83 -25.86
CA LEU A 72 3.96 -10.65 -26.99
C LEU A 72 3.94 -9.22 -27.52
N GLY A 73 2.81 -8.52 -27.40
CA GLY A 73 2.79 -7.10 -27.69
C GLY A 73 3.59 -6.30 -26.68
N GLU A 74 3.49 -6.66 -25.40
CA GLU A 74 4.31 -6.03 -24.38
C GLU A 74 5.80 -6.27 -24.62
N ALA A 75 6.15 -7.46 -25.13
CA ALA A 75 7.55 -7.74 -25.45
C ALA A 75 8.06 -6.81 -26.55
N GLY A 76 7.25 -6.57 -27.58
CA GLY A 76 7.63 -5.69 -28.66
C GLY A 76 7.40 -6.29 -30.04
N TYR A 77 6.92 -7.52 -30.07
CA TYR A 77 6.66 -8.19 -31.34
C TYR A 77 5.46 -7.57 -32.05
N ASN A 78 5.38 -7.80 -33.35
CA ASN A 78 4.21 -7.46 -34.14
C ASN A 78 3.27 -8.65 -34.09
N VAL A 79 2.14 -8.49 -33.40
CA VAL A 79 1.20 -9.58 -33.15
C VAL A 79 -0.03 -9.37 -34.03
N LEU A 80 -0.47 -10.42 -34.70
CA LEU A 80 -1.71 -10.42 -35.47
C LEU A 80 -2.67 -11.40 -34.79
N CYS A 81 -3.62 -10.88 -34.03
CA CYS A 81 -4.55 -11.69 -33.29
C CYS A 81 -5.87 -11.81 -34.04
N PHE A 82 -6.44 -13.00 -34.05
CA PHE A 82 -7.66 -13.29 -34.79
C PHE A 82 -8.67 -13.98 -33.88
N CYS A 83 -9.95 -13.71 -34.13
CA CYS A 83 -11.04 -14.38 -33.45
C CYS A 83 -12.27 -14.29 -34.35
N TYR A 84 -13.13 -15.31 -34.27
CA TYR A 84 -14.31 -15.35 -35.11
C TYR A 84 -15.50 -14.61 -34.51
N GLN A 85 -15.38 -14.11 -33.29
CA GLN A 85 -16.50 -13.45 -32.63
C GLN A 85 -16.47 -11.95 -32.92
N ASP A 86 -17.49 -11.26 -32.42
CA ASP A 86 -17.58 -9.81 -32.60
C ASP A 86 -16.40 -9.11 -31.93
N SER A 87 -16.02 -9.56 -30.75
CA SER A 87 -14.94 -8.95 -29.97
C SER A 87 -14.07 -10.05 -29.39
N PRO A 88 -12.80 -9.74 -29.10
CA PRO A 88 -11.95 -10.73 -28.43
C PRO A 88 -12.49 -11.20 -27.09
N ARG A 89 -13.25 -10.36 -26.40
CA ARG A 89 -13.82 -10.69 -25.10
C ARG A 89 -14.92 -11.73 -25.16
N ARG A 90 -15.38 -12.07 -26.36
CA ARG A 90 -16.48 -13.02 -26.54
C ARG A 90 -16.01 -14.45 -26.61
N ALA A 91 -14.71 -14.69 -26.42
CA ALA A 91 -14.15 -16.03 -26.49
C ALA A 91 -14.78 -16.94 -25.44
N HIS A 92 -14.70 -18.24 -25.68
CA HIS A 92 -15.42 -19.21 -24.85
C HIS A 92 -15.01 -19.16 -23.38
N SER A 93 -13.83 -18.62 -23.07
CA SER A 93 -13.30 -18.67 -21.72
C SER A 93 -14.07 -17.80 -20.73
N ILE A 94 -14.89 -16.85 -21.20
CA ILE A 94 -15.71 -16.10 -20.25
C ILE A 94 -16.79 -16.99 -19.65
N ALA A 95 -17.10 -18.12 -20.29
CA ALA A 95 -18.17 -18.99 -19.81
C ALA A 95 -17.79 -19.78 -18.58
N ALA A 96 -16.54 -19.73 -18.15
CA ALA A 96 -16.09 -20.52 -17.01
C ALA A 96 -16.62 -19.92 -15.71
N GLN A 97 -17.29 -20.77 -14.92
CA GLN A 97 -17.82 -20.34 -13.63
C GLN A 97 -16.83 -20.58 -12.49
N GLY A 98 -16.26 -21.78 -12.41
CA GLY A 98 -15.37 -22.10 -11.31
C GLY A 98 -14.09 -21.30 -11.34
N GLY A 99 -13.44 -21.25 -10.19
CA GLY A 99 -12.26 -20.42 -10.01
C GLY A 99 -11.02 -20.91 -10.74
N ILE A 100 -9.86 -20.42 -10.29
CA ILE A 100 -8.58 -20.78 -10.87
C ILE A 100 -7.64 -21.21 -9.75
N ASN A 101 -6.91 -22.30 -9.98
CA ASN A 101 -6.08 -22.88 -8.95
C ASN A 101 -4.70 -22.22 -8.90
N ALA A 102 -4.10 -22.22 -7.72
CA ALA A 102 -2.73 -21.76 -7.54
C ALA A 102 -2.17 -22.43 -6.29
N ALA A 103 -0.86 -22.66 -6.31
CA ALA A 103 -0.16 -23.29 -5.19
C ALA A 103 0.42 -22.24 -4.24
N LYS A 104 -0.44 -21.33 -3.76
CA LYS A 104 0.01 -20.26 -2.89
C LYS A 104 -0.05 -20.62 -1.41
N ASN A 105 -0.82 -21.65 -1.05
CA ASN A 105 -0.98 -22.08 0.34
C ASN A 105 -1.41 -20.92 1.24
N TYR A 106 -2.41 -20.17 0.78
CA TYR A 106 -2.92 -19.04 1.53
C TYR A 106 -3.83 -19.46 2.68
N ARG A 107 -4.18 -20.74 2.77
CA ARG A 107 -5.08 -21.23 3.81
C ARG A 107 -4.39 -22.17 4.79
N ASN A 108 -3.07 -22.32 4.69
CA ASN A 108 -2.30 -23.15 5.62
C ASN A 108 -2.83 -24.59 5.66
N ASP A 109 -3.18 -25.13 4.49
CA ASP A 109 -3.80 -26.44 4.40
C ASP A 109 -2.89 -27.49 3.76
N GLY A 110 -1.61 -27.18 3.60
CA GLY A 110 -0.67 -28.13 3.04
C GLY A 110 -0.46 -28.06 1.55
N ASP A 111 -1.10 -27.10 0.87
CA ASP A 111 -0.91 -26.97 -0.57
C ASP A 111 0.49 -26.46 -0.89
N SER A 112 1.02 -26.92 -2.02
CA SER A 112 2.33 -26.49 -2.48
C SER A 112 2.40 -26.69 -3.98
N ILE A 113 3.49 -26.20 -4.57
CA ILE A 113 3.69 -26.42 -6.00
C ILE A 113 3.83 -27.91 -6.29
N TYR A 114 4.57 -28.63 -5.44
CA TYR A 114 4.69 -30.07 -5.61
C TYR A 114 3.37 -30.77 -5.38
N ARG A 115 2.58 -30.31 -4.41
CA ARG A 115 1.28 -30.93 -4.18
C ARG A 115 0.34 -30.72 -5.36
N LEU A 116 0.31 -29.50 -5.92
CA LEU A 116 -0.53 -29.26 -7.08
C LEU A 116 -0.05 -30.06 -8.29
N PHE A 117 1.27 -30.17 -8.46
CA PHE A 117 1.82 -30.98 -9.55
C PHE A 117 1.45 -32.45 -9.38
N TYR A 118 1.56 -32.98 -8.16
CA TYR A 118 1.18 -34.35 -7.89
C TYR A 118 -0.31 -34.57 -8.14
N ASP A 119 -1.15 -33.63 -7.70
CA ASP A 119 -2.59 -33.76 -7.88
C ASP A 119 -2.96 -33.72 -9.34
N THR A 120 -2.28 -32.89 -10.13
CA THR A 120 -2.59 -32.81 -11.55
C THR A 120 -2.10 -34.04 -12.30
N VAL A 121 -0.94 -34.58 -11.91
CA VAL A 121 -0.45 -35.79 -12.54
C VAL A 121 -1.36 -36.98 -12.23
N LYS A 122 -1.80 -37.09 -10.97
CA LYS A 122 -2.64 -38.22 -10.60
C LYS A 122 -4.05 -38.07 -11.13
N GLY A 123 -4.57 -36.83 -11.18
CA GLY A 123 -5.90 -36.60 -11.71
C GLY A 123 -6.00 -36.91 -13.19
N GLY A 124 -4.94 -36.64 -13.96
CA GLY A 124 -4.90 -37.01 -15.35
C GLY A 124 -4.63 -38.47 -15.60
N ASP A 125 -4.54 -39.27 -14.53
CA ASP A 125 -4.36 -40.71 -14.62
C ASP A 125 -3.03 -41.07 -15.28
N PHE A 126 -1.98 -40.30 -14.95
CA PHE A 126 -0.62 -40.59 -15.39
C PHE A 126 -0.53 -40.75 -16.90
N ARG A 127 -1.04 -39.75 -17.62
CA ARG A 127 -1.03 -39.77 -19.08
C ARG A 127 -0.46 -38.48 -19.66
N ALA A 128 0.28 -37.72 -18.86
CA ALA A 128 0.88 -36.46 -19.30
C ALA A 128 2.34 -36.40 -18.86
N ARG A 129 3.10 -35.56 -19.54
CA ARG A 129 4.49 -35.33 -19.18
C ARG A 129 4.59 -34.64 -17.82
N GLU A 130 5.49 -35.15 -16.98
CA GLU A 130 5.63 -34.61 -15.63
C GLU A 130 6.18 -33.20 -15.63
N SER A 131 7.13 -32.91 -16.54
CA SER A 131 7.78 -31.61 -16.54
C SER A 131 6.79 -30.48 -16.86
N ASN A 132 5.91 -30.72 -17.83
CA ASN A 132 4.92 -29.72 -18.19
C ASN A 132 3.96 -29.46 -17.03
N VAL A 133 3.53 -30.52 -16.35
CA VAL A 133 2.63 -30.37 -15.21
C VAL A 133 3.31 -29.58 -14.09
N TYR A 134 4.57 -29.89 -13.81
CA TYR A 134 5.27 -29.15 -12.77
C TYR A 134 5.44 -27.69 -13.16
N ARG A 135 5.74 -27.41 -14.42
CA ARG A 135 5.87 -26.03 -14.86
C ARG A 135 4.55 -25.27 -14.70
N LEU A 136 3.44 -25.92 -15.04
CA LEU A 136 2.13 -25.29 -14.86
C LEU A 136 1.86 -24.98 -13.39
N ALA A 137 2.07 -25.97 -12.52
CA ALA A 137 1.84 -25.77 -11.10
C ALA A 137 2.79 -24.73 -10.51
N GLN A 138 3.98 -24.59 -11.09
CA GLN A 138 4.97 -23.65 -10.61
C GLN A 138 4.64 -22.22 -11.01
N VAL A 139 4.06 -22.03 -12.21
CA VAL A 139 3.71 -20.69 -12.67
C VAL A 139 2.29 -20.28 -12.31
N SER A 140 1.50 -21.17 -11.69
CA SER A 140 0.17 -20.78 -11.23
C SER A 140 0.22 -19.58 -10.28
N VAL A 141 1.24 -19.51 -9.43
CA VAL A 141 1.33 -18.42 -8.46
C VAL A 141 1.54 -17.09 -9.16
N ASN A 142 2.42 -17.07 -10.18
CA ASN A 142 2.59 -15.88 -11.00
C ASN A 142 1.31 -15.55 -11.74
N ILE A 143 0.55 -16.56 -12.17
CA ILE A 143 -0.73 -16.32 -12.81
C ILE A 143 -1.65 -15.52 -11.89
N ILE A 144 -1.74 -15.95 -10.63
CA ILE A 144 -2.61 -15.27 -9.67
C ILE A 144 -2.10 -13.87 -9.38
N ASP A 145 -0.79 -13.70 -9.24
CA ASP A 145 -0.23 -12.37 -9.01
C ASP A 145 -0.58 -11.43 -10.16
N GLN A 146 -0.39 -11.89 -11.40
CA GLN A 146 -0.67 -11.06 -12.56
C GLN A 146 -2.17 -10.74 -12.66
N CYS A 147 -3.02 -11.73 -12.35
CA CYS A 147 -4.46 -11.49 -12.43
C CYS A 147 -4.92 -10.49 -11.40
N VAL A 148 -4.37 -10.57 -10.18
CA VAL A 148 -4.71 -9.58 -9.15
C VAL A 148 -4.22 -8.20 -9.56
N ALA A 149 -3.01 -8.13 -10.13
CA ALA A 149 -2.48 -6.82 -10.55
C ALA A 149 -3.30 -6.21 -11.68
N GLN A 150 -3.84 -7.03 -12.58
CA GLN A 150 -4.65 -6.53 -13.69
C GLN A 150 -6.01 -6.01 -13.26
N GLY A 151 -6.39 -6.21 -12.01
CA GLY A 151 -7.68 -5.76 -11.52
C GLY A 151 -8.79 -6.78 -11.58
N VAL A 152 -8.47 -8.07 -11.64
CA VAL A 152 -9.50 -9.11 -11.61
C VAL A 152 -10.14 -9.10 -10.24
N PRO A 153 -11.45 -8.93 -10.14
CA PRO A 153 -12.11 -8.82 -8.82
C PRO A 153 -12.29 -10.17 -8.13
N PHE A 154 -11.17 -10.73 -7.68
CA PHE A 154 -11.22 -11.97 -6.92
C PHE A 154 -11.92 -11.74 -5.58
N ALA A 155 -12.48 -12.81 -5.04
CA ALA A 155 -13.16 -12.74 -3.75
C ALA A 155 -12.16 -12.40 -2.66
N ARG A 156 -12.52 -11.46 -1.80
CA ARG A 156 -11.69 -11.03 -0.67
C ARG A 156 -12.42 -11.30 0.63
N GLU A 157 -11.66 -11.63 1.67
CA GLU A 157 -12.25 -11.70 3.00
C GLU A 157 -12.25 -10.31 3.63
N TYR A 158 -12.86 -10.22 4.81
CA TYR A 158 -13.13 -8.91 5.41
C TYR A 158 -11.86 -8.16 5.74
N GLY A 159 -10.76 -8.86 5.98
CA GLY A 159 -9.52 -8.19 6.30
C GLY A 159 -8.80 -7.59 5.12
N GLY A 160 -9.32 -7.76 3.90
CA GLY A 160 -8.74 -7.19 2.72
C GLY A 160 -7.93 -8.14 1.87
N LEU A 161 -7.65 -9.35 2.36
CA LEU A 161 -6.83 -10.31 1.65
C LEU A 161 -7.70 -11.29 0.87
N LEU A 162 -7.04 -12.09 0.03
CA LEU A 162 -7.74 -12.94 -0.90
C LEU A 162 -8.44 -14.09 -0.19
N ASP A 163 -9.51 -14.58 -0.80
CA ASP A 163 -10.32 -15.67 -0.27
C ASP A 163 -10.20 -16.89 -1.17
N ASN A 164 -10.04 -18.06 -0.55
CA ASN A 164 -9.89 -19.32 -1.26
C ASN A 164 -11.06 -20.24 -0.96
N ARG A 165 -11.44 -21.03 -1.95
CA ARG A 165 -12.47 -22.06 -1.80
C ARG A 165 -11.99 -23.35 -2.43
N SER A 166 -12.57 -24.46 -1.99
CA SER A 166 -12.11 -25.78 -2.39
C SER A 166 -12.79 -26.21 -3.69
N PHE A 167 -11.98 -26.70 -4.63
CA PHE A 167 -12.45 -27.19 -5.91
C PHE A 167 -12.39 -28.72 -5.92
N GLY A 168 -12.78 -29.32 -7.04
CA GLY A 168 -12.74 -30.76 -7.16
C GLY A 168 -11.33 -31.28 -7.41
N GLY A 169 -11.13 -32.54 -7.02
CA GLY A 169 -9.84 -33.18 -7.18
C GLY A 169 -8.76 -32.60 -6.29
N ALA A 170 -9.17 -31.85 -5.25
CA ALA A 170 -8.24 -31.19 -4.35
C ALA A 170 -8.77 -31.28 -2.93
N GLN A 171 -7.92 -31.68 -2.00
CA GLN A 171 -8.22 -31.66 -0.58
C GLN A 171 -7.82 -30.35 0.08
N VAL A 172 -7.50 -29.32 -0.70
CA VAL A 172 -7.06 -28.03 -0.20
C VAL A 172 -7.93 -26.94 -0.81
N ALA A 173 -7.93 -25.78 -0.16
CA ALA A 173 -8.61 -24.60 -0.69
C ALA A 173 -7.57 -23.76 -1.44
N ARG A 174 -7.37 -24.13 -2.71
CA ARG A 174 -6.34 -23.51 -3.53
C ARG A 174 -6.92 -22.70 -4.69
N THR A 175 -8.23 -22.47 -4.70
CA THR A 175 -8.91 -21.87 -5.84
C THR A 175 -9.25 -20.41 -5.55
N PHE A 176 -8.87 -19.51 -6.44
CA PHE A 176 -9.24 -18.11 -6.39
C PHE A 176 -10.37 -17.87 -7.37
N TYR A 177 -11.35 -17.07 -6.95
CA TYR A 177 -12.58 -17.00 -7.71
C TYR A 177 -13.21 -15.61 -7.63
N ALA A 178 -13.82 -15.19 -8.73
CA ALA A 178 -14.92 -14.24 -8.67
C ALA A 178 -16.19 -14.99 -8.25
N ARG A 179 -17.25 -14.25 -7.97
CA ARG A 179 -18.41 -14.83 -7.30
C ARG A 179 -18.91 -16.08 -8.03
N GLY A 180 -19.17 -15.95 -9.33
CA GLY A 180 -19.59 -17.10 -10.11
C GLY A 180 -19.12 -17.04 -11.54
N GLN A 181 -18.30 -16.04 -11.85
CA GLN A 181 -17.84 -15.75 -13.20
C GLN A 181 -16.33 -15.51 -13.22
N THR A 182 -15.59 -16.43 -12.60
CA THR A 182 -14.13 -16.28 -12.53
C THR A 182 -13.52 -16.27 -13.93
N GLY A 183 -13.99 -17.16 -14.81
CA GLY A 183 -13.48 -17.16 -16.17
C GLY A 183 -13.78 -15.85 -16.89
N GLN A 184 -14.94 -15.26 -16.62
CA GLN A 184 -15.27 -13.99 -17.24
C GLN A 184 -14.30 -12.90 -16.81
N GLN A 185 -13.98 -12.83 -15.52
CA GLN A 185 -13.08 -11.78 -15.04
C GLN A 185 -11.64 -12.04 -15.47
N LEU A 186 -11.23 -13.31 -15.54
CA LEU A 186 -9.89 -13.62 -16.04
C LEU A 186 -9.75 -13.22 -17.49
N LEU A 187 -10.75 -13.56 -18.32
CA LEU A 187 -10.70 -13.16 -19.72
C LEU A 187 -10.87 -11.67 -19.87
N LEU A 188 -11.56 -11.00 -18.95
CA LEU A 188 -11.66 -9.54 -19.00
C LEU A 188 -10.32 -8.89 -18.70
N GLY A 189 -9.55 -9.45 -17.76
CA GLY A 189 -8.21 -8.93 -17.52
C GLY A 189 -7.29 -9.15 -18.70
N ALA A 190 -7.33 -10.36 -19.26
CA ALA A 190 -6.53 -10.63 -20.45
C ALA A 190 -6.94 -9.75 -21.62
N TYR A 191 -8.25 -9.49 -21.75
CA TYR A 191 -8.77 -8.65 -22.82
C TYR A 191 -8.43 -7.19 -22.61
N GLN A 192 -8.33 -6.75 -21.35
CA GLN A 192 -7.89 -5.39 -21.08
C GLN A 192 -6.40 -5.22 -21.41
N ALA A 193 -5.59 -6.23 -21.10
CA ALA A 193 -4.19 -6.19 -21.52
C ALA A 193 -4.08 -6.19 -23.04
N LEU A 194 -4.91 -7.00 -23.71
CA LEU A 194 -4.91 -7.03 -25.17
C LEU A 194 -5.36 -5.69 -25.75
N SER A 195 -6.34 -5.04 -25.10
CA SER A 195 -6.80 -3.73 -25.55
C SER A 195 -5.71 -2.68 -25.36
N ARG A 196 -4.97 -2.77 -24.25
CA ARG A 196 -3.83 -1.88 -24.05
C ARG A 196 -2.80 -2.06 -25.15
N GLN A 197 -2.53 -3.31 -25.54
CA GLN A 197 -1.56 -3.55 -26.60
C GLN A 197 -2.08 -3.11 -27.97
N ILE A 198 -3.39 -3.26 -28.20
CA ILE A 198 -3.97 -2.78 -29.45
C ILE A 198 -3.88 -1.26 -29.54
N ALA A 199 -4.16 -0.57 -28.44
CA ALA A 199 -4.02 0.88 -28.41
C ALA A 199 -2.57 1.29 -28.61
N ALA A 200 -1.63 0.56 -28.01
CA ALA A 200 -0.22 0.85 -28.20
C ALA A 200 0.25 0.56 -29.62
N GLY A 201 -0.52 -0.17 -30.41
CA GLY A 201 -0.18 -0.47 -31.78
C GLY A 201 0.67 -1.71 -31.98
N THR A 202 1.02 -2.41 -30.91
CA THR A 202 1.83 -3.62 -31.04
C THR A 202 1.01 -4.84 -31.44
N VAL A 203 -0.31 -4.79 -31.31
CA VAL A 203 -1.19 -5.89 -31.65
C VAL A 203 -2.25 -5.39 -32.63
N LYS A 204 -2.40 -6.10 -33.74
CA LYS A 204 -3.49 -5.86 -34.69
C LYS A 204 -4.55 -6.93 -34.46
N MET A 205 -5.74 -6.48 -34.07
CA MET A 205 -6.84 -7.39 -33.80
C MET A 205 -7.76 -7.48 -35.01
N PHE A 206 -8.17 -8.70 -35.35
CA PHE A 206 -9.05 -8.96 -36.49
C PHE A 206 -10.24 -9.78 -35.98
N PRO A 207 -11.18 -9.14 -35.29
CA PRO A 207 -12.38 -9.87 -34.86
C PRO A 207 -13.28 -10.18 -36.04
N ARG A 208 -14.13 -11.19 -35.83
CA ARG A 208 -15.02 -11.70 -36.89
C ARG A 208 -14.22 -12.16 -38.10
N THR A 209 -13.06 -12.76 -37.84
CA THR A 209 -12.19 -13.29 -38.89
C THR A 209 -11.80 -14.70 -38.50
N GLU A 210 -12.12 -15.68 -39.35
CA GLU A 210 -11.90 -17.08 -39.07
C GLU A 210 -10.75 -17.58 -39.94
N MET A 211 -9.69 -18.06 -39.30
CA MET A 211 -8.61 -18.71 -40.02
C MET A 211 -9.14 -20.01 -40.64
N LEU A 212 -8.92 -20.18 -41.94
CA LEU A 212 -9.42 -21.33 -42.65
C LEU A 212 -8.33 -22.29 -43.11
N ASP A 213 -7.07 -21.85 -43.12
CA ASP A 213 -5.99 -22.74 -43.49
C ASP A 213 -4.69 -22.25 -42.87
N LEU A 214 -3.71 -23.15 -42.81
CA LEU A 214 -2.37 -22.84 -42.33
C LEU A 214 -1.40 -22.96 -43.49
N VAL A 215 -0.62 -21.90 -43.70
CA VAL A 215 0.35 -21.84 -44.79
C VAL A 215 1.72 -22.20 -44.23
N VAL A 216 2.25 -23.32 -44.68
CA VAL A 216 3.56 -23.83 -44.26
C VAL A 216 4.53 -23.61 -45.41
N VAL A 217 5.54 -22.79 -45.18
CA VAL A 217 6.52 -22.43 -46.20
C VAL A 217 7.88 -22.93 -45.75
N ASP A 218 8.51 -23.76 -46.59
CA ASP A 218 9.82 -24.34 -46.32
C ASP A 218 9.83 -25.14 -45.01
N GLY A 219 8.72 -25.81 -44.70
CA GLY A 219 8.61 -26.64 -43.53
C GLY A 219 8.16 -25.91 -42.27
N ARG A 220 8.11 -24.59 -42.29
CA ARG A 220 7.70 -23.80 -41.14
C ARG A 220 6.30 -23.25 -41.38
N ALA A 221 5.50 -23.18 -40.31
CA ALA A 221 4.20 -22.54 -40.38
C ALA A 221 4.43 -21.04 -40.53
N ARG A 222 4.37 -20.56 -41.76
CA ARG A 222 4.74 -19.18 -42.08
C ARG A 222 3.55 -18.29 -42.37
N GLY A 223 2.34 -18.76 -42.13
CA GLY A 223 1.20 -17.86 -42.24
C GLY A 223 -0.12 -18.60 -42.10
N ILE A 224 -1.19 -17.84 -42.28
CA ILE A 224 -2.53 -18.39 -42.26
C ILE A 224 -3.37 -17.78 -43.38
N ILE A 225 -4.41 -18.50 -43.77
CA ILE A 225 -5.42 -18.07 -44.72
C ILE A 225 -6.73 -17.93 -43.95
N THR A 226 -7.29 -16.74 -43.93
CA THR A 226 -8.47 -16.44 -43.14
C THR A 226 -9.60 -15.98 -44.06
N ARG A 227 -10.82 -15.99 -43.52
CA ARG A 227 -11.98 -15.44 -44.18
C ARG A 227 -12.67 -14.47 -43.24
N ASP A 228 -12.84 -13.23 -43.68
CA ASP A 228 -13.66 -12.29 -42.93
C ASP A 228 -15.11 -12.73 -42.99
N MET A 229 -15.74 -12.89 -41.83
CA MET A 229 -17.07 -13.49 -41.77
C MET A 229 -18.18 -12.46 -41.92
N VAL A 230 -17.84 -11.21 -42.23
CA VAL A 230 -18.83 -10.19 -42.57
C VAL A 230 -18.87 -9.95 -44.07
N THR A 231 -17.72 -9.63 -44.67
CA THR A 231 -17.64 -9.36 -46.09
C THR A 231 -17.30 -10.58 -46.93
N GLY A 232 -16.93 -11.70 -46.30
CA GLY A 232 -16.57 -12.89 -47.03
C GLY A 232 -15.20 -12.87 -47.66
N LYS A 233 -14.37 -11.87 -47.35
CA LYS A 233 -13.09 -11.71 -47.99
C LYS A 233 -12.09 -12.74 -47.49
N ILE A 234 -11.41 -13.39 -48.42
CA ILE A 234 -10.34 -14.32 -48.10
C ILE A 234 -9.03 -13.55 -48.08
N THR A 235 -8.34 -13.58 -46.95
CA THR A 235 -7.11 -12.81 -46.75
C THR A 235 -5.96 -13.76 -46.41
N ARG A 236 -4.76 -13.35 -46.80
CA ARG A 236 -3.54 -14.10 -46.55
C ARG A 236 -2.68 -13.29 -45.59
N TYR A 237 -2.31 -13.89 -44.46
CA TYR A 237 -1.41 -13.24 -43.51
C TYR A 237 -0.14 -14.07 -43.37
N ALA A 238 1.00 -13.40 -43.39
CA ALA A 238 2.30 -14.03 -43.24
C ALA A 238 2.93 -13.57 -41.93
N ALA A 239 3.54 -14.51 -41.21
CA ALA A 239 4.17 -14.20 -39.94
C ALA A 239 5.41 -15.07 -39.78
N ASP A 240 6.28 -14.66 -38.85
CA ASP A 240 7.43 -15.46 -38.50
C ASP A 240 7.06 -16.64 -37.59
N ALA A 241 6.03 -16.47 -36.77
CA ALA A 241 5.53 -17.55 -35.93
C ALA A 241 4.01 -17.55 -35.96
N VAL A 242 3.44 -18.73 -35.74
CA VAL A 242 1.99 -18.91 -35.68
C VAL A 242 1.65 -19.64 -34.39
N VAL A 243 0.69 -19.08 -33.65
CA VAL A 243 0.22 -19.65 -32.39
C VAL A 243 -1.25 -20.00 -32.56
N LEU A 244 -1.61 -21.23 -32.24
CA LEU A 244 -2.99 -21.69 -32.29
C LEU A 244 -3.53 -21.73 -30.86
N ALA A 245 -4.53 -20.90 -30.59
CA ALA A 245 -5.20 -20.82 -29.29
C ALA A 245 -6.71 -20.86 -29.48
N THR A 246 -7.16 -21.82 -30.28
CA THR A 246 -8.52 -21.85 -30.79
C THR A 246 -9.46 -22.72 -29.97
N GLY A 247 -9.05 -23.12 -28.78
CA GLY A 247 -9.93 -23.87 -27.90
C GLY A 247 -10.07 -25.31 -28.30
N GLY A 248 -10.97 -25.99 -27.59
CA GLY A 248 -11.18 -27.41 -27.79
C GLY A 248 -12.18 -27.74 -28.87
N TYR A 249 -12.28 -29.03 -29.16
CA TYR A 249 -13.15 -29.57 -30.20
C TYR A 249 -14.33 -30.33 -29.60
N GLY A 250 -14.84 -29.87 -28.45
CA GLY A 250 -15.93 -30.57 -27.79
C GLY A 250 -17.25 -30.52 -28.53
N ASN A 251 -17.35 -29.72 -29.58
CA ASN A 251 -18.57 -29.64 -30.37
C ASN A 251 -18.63 -30.68 -31.48
N VAL A 252 -17.63 -31.56 -31.58
CA VAL A 252 -17.76 -32.70 -32.48
C VAL A 252 -18.94 -33.56 -32.06
N PHE A 253 -19.16 -33.69 -30.76
CA PHE A 253 -20.46 -34.09 -30.24
C PHE A 253 -21.40 -32.90 -30.34
N TYR A 254 -22.52 -33.08 -31.03
CA TYR A 254 -23.41 -31.96 -31.31
C TYR A 254 -23.93 -31.35 -30.01
N LEU A 255 -24.28 -32.18 -29.05
CA LEU A 255 -24.79 -31.72 -27.76
C LEU A 255 -23.63 -31.60 -26.79
N SER A 256 -23.30 -30.38 -26.39
CA SER A 256 -22.16 -30.14 -25.51
C SER A 256 -22.37 -28.83 -24.77
N THR A 257 -21.47 -28.58 -23.81
CA THR A 257 -21.50 -27.36 -23.02
C THR A 257 -20.67 -26.24 -23.63
N ASN A 258 -20.07 -26.46 -24.80
CA ASN A 258 -19.24 -25.44 -25.42
C ASN A 258 -20.11 -24.37 -26.07
N ALA A 259 -19.47 -23.24 -26.35
CA ALA A 259 -20.14 -22.17 -27.08
C ALA A 259 -20.52 -22.64 -28.48
N LYS A 260 -21.49 -21.95 -29.07
CA LYS A 260 -22.05 -22.40 -30.34
C LYS A 260 -21.00 -22.41 -31.44
N GLY A 261 -20.11 -21.42 -31.44
CA GLY A 261 -19.12 -21.31 -32.49
C GLY A 261 -17.84 -22.09 -32.28
N CYS A 262 -17.68 -22.72 -31.13
CA CYS A 262 -16.47 -23.50 -30.87
C CYS A 262 -16.32 -24.60 -31.91
N ASN A 263 -15.11 -24.76 -32.43
CA ASN A 263 -14.87 -25.68 -33.53
C ASN A 263 -13.44 -26.21 -33.44
N ALA A 264 -13.09 -27.03 -34.43
CA ALA A 264 -11.73 -27.58 -34.55
C ALA A 264 -11.12 -27.27 -35.91
N THR A 265 -11.59 -26.23 -36.58
CA THR A 265 -11.13 -25.95 -37.94
C THR A 265 -9.64 -25.64 -37.97
N ALA A 266 -9.17 -24.79 -37.06
CA ALA A 266 -7.77 -24.37 -37.08
C ALA A 266 -6.85 -25.55 -36.79
N ILE A 267 -7.13 -26.30 -35.72
CA ILE A 267 -6.26 -27.40 -35.36
C ILE A 267 -6.34 -28.53 -36.38
N TRP A 268 -7.49 -28.72 -37.03
CA TRP A 268 -7.58 -29.75 -38.06
C TRP A 268 -6.83 -29.34 -39.32
N ARG A 269 -6.89 -28.07 -39.71
CA ARG A 269 -6.10 -27.62 -40.84
C ARG A 269 -4.60 -27.74 -40.54
N ALA A 270 -4.20 -27.40 -39.31
CA ALA A 270 -2.81 -27.58 -38.92
C ALA A 270 -2.42 -29.05 -38.94
N HIS A 271 -3.31 -29.92 -38.48
CA HIS A 271 -3.06 -31.36 -38.49
C HIS A 271 -2.89 -31.88 -39.91
N ARG A 272 -3.72 -31.39 -40.83
CA ARG A 272 -3.57 -31.77 -42.23
C ARG A 272 -2.28 -31.20 -42.83
N ARG A 273 -1.81 -30.07 -42.31
CA ARG A 273 -0.55 -29.48 -42.78
C ARG A 273 0.67 -30.20 -42.23
N GLY A 274 0.52 -31.00 -41.18
CA GLY A 274 1.65 -31.74 -40.64
C GLY A 274 1.72 -31.81 -39.12
N ALA A 275 0.81 -31.11 -38.44
CA ALA A 275 0.79 -31.15 -36.99
C ALA A 275 0.20 -32.45 -36.49
N PHE A 276 0.86 -33.07 -35.52
CA PHE A 276 0.42 -34.35 -34.99
C PHE A 276 -0.64 -34.13 -33.93
N PHE A 277 -1.71 -34.92 -33.99
CA PHE A 277 -2.83 -34.81 -33.07
C PHE A 277 -2.56 -35.70 -31.86
N GLY A 278 -2.39 -35.08 -30.70
CA GLY A 278 -2.08 -35.81 -29.49
C GLY A 278 -3.30 -36.24 -28.71
N ASN A 279 -3.57 -37.54 -28.71
CA ASN A 279 -4.68 -38.12 -27.96
C ASN A 279 -6.03 -37.48 -28.31
N PRO A 280 -6.47 -37.56 -29.56
CA PRO A 280 -7.74 -36.92 -29.93
C PRO A 280 -8.96 -37.46 -29.22
N CYS A 281 -8.89 -38.69 -28.67
CA CYS A 281 -10.05 -39.30 -28.04
C CYS A 281 -10.24 -38.89 -26.59
N PHE A 282 -9.34 -38.10 -26.02
CA PHE A 282 -9.43 -37.69 -24.62
C PHE A 282 -10.45 -36.58 -24.50
N THR A 283 -11.67 -36.92 -24.09
CA THR A 283 -12.75 -35.95 -23.91
C THR A 283 -13.29 -36.04 -22.50
N GLN A 284 -13.44 -34.89 -21.87
CA GLN A 284 -14.04 -34.75 -20.55
C GLN A 284 -15.50 -34.30 -20.68
N ILE A 285 -16.33 -34.81 -19.79
CA ILE A 285 -17.75 -34.50 -19.75
C ILE A 285 -18.05 -33.70 -18.49
N HIS A 286 -19.24 -33.12 -18.45
CA HIS A 286 -19.76 -32.57 -17.22
C HIS A 286 -20.98 -33.36 -16.78
N PRO A 287 -21.02 -33.81 -15.52
CA PRO A 287 -22.15 -34.65 -15.10
C PRO A 287 -23.47 -33.92 -15.03
N THR A 288 -23.48 -32.70 -14.48
CA THR A 288 -24.71 -31.94 -14.27
C THR A 288 -24.83 -30.85 -15.32
N CYS A 289 -25.69 -31.07 -16.30
CA CYS A 289 -25.99 -30.10 -17.33
C CYS A 289 -27.49 -30.09 -17.59
N ILE A 290 -28.04 -28.90 -17.81
CA ILE A 290 -29.47 -28.78 -18.08
C ILE A 290 -29.76 -29.42 -19.44
N PRO A 291 -30.63 -30.41 -19.49
CA PRO A 291 -30.88 -31.11 -20.76
C PRO A 291 -31.63 -30.23 -21.74
N VAL A 292 -31.69 -30.71 -22.98
CA VAL A 292 -32.28 -29.95 -24.07
C VAL A 292 -33.80 -30.14 -24.06
N SER A 293 -34.49 -29.17 -24.63
CA SER A 293 -35.95 -29.19 -24.73
C SER A 293 -36.43 -29.65 -26.09
N GLY A 294 -35.54 -30.11 -26.95
CA GLY A 294 -35.95 -30.57 -28.27
C GLY A 294 -34.73 -30.77 -29.16
N GLU A 295 -35.02 -31.25 -30.37
CA GLU A 295 -33.96 -31.50 -31.34
C GLU A 295 -33.31 -30.21 -31.83
N TYR A 296 -33.98 -29.07 -31.66
CA TYR A 296 -33.41 -27.80 -32.10
C TYR A 296 -32.20 -27.41 -31.26
N GLN A 297 -32.24 -27.68 -29.97
CA GLN A 297 -31.19 -27.23 -29.07
C GLN A 297 -29.92 -28.03 -29.28
N SER A 298 -28.78 -27.33 -29.20
CA SER A 298 -27.46 -27.95 -29.26
C SER A 298 -26.56 -27.55 -28.12
N LYS A 299 -26.99 -26.62 -27.27
CA LYS A 299 -26.18 -26.10 -26.18
C LYS A 299 -26.77 -26.57 -24.86
N LEU A 300 -25.96 -27.25 -24.05
CA LEU A 300 -26.35 -27.71 -22.73
C LEU A 300 -25.69 -26.81 -21.69
N THR A 301 -26.49 -26.00 -21.02
CA THR A 301 -25.96 -25.09 -20.02
C THR A 301 -25.36 -25.86 -18.85
N LEU A 302 -24.18 -25.43 -18.42
CA LEU A 302 -23.41 -26.14 -17.41
C LEU A 302 -23.85 -25.66 -16.03
N MET A 303 -24.43 -26.56 -15.25
CA MET A 303 -24.66 -26.33 -13.83
C MET A 303 -23.51 -26.92 -13.03
N SER A 304 -23.12 -26.24 -11.96
CA SER A 304 -21.97 -26.68 -11.19
C SER A 304 -22.22 -28.05 -10.59
N GLU A 305 -21.18 -28.89 -10.59
CA GLU A 305 -21.30 -30.26 -10.15
C GLU A 305 -21.12 -30.43 -8.65
N SER A 306 -21.28 -29.37 -7.87
CA SER A 306 -21.26 -29.45 -6.42
C SER A 306 -22.62 -29.82 -5.84
N LEU A 307 -23.62 -30.00 -6.69
CA LEU A 307 -24.98 -30.36 -6.29
C LEU A 307 -25.33 -31.79 -6.68
N ARG A 308 -24.33 -32.66 -6.78
CA ARG A 308 -24.61 -34.07 -7.04
C ARG A 308 -24.82 -34.87 -5.76
N ASN A 309 -24.19 -34.47 -4.65
CA ASN A 309 -24.41 -35.13 -3.38
C ASN A 309 -25.65 -34.63 -2.65
N ASP A 310 -25.96 -33.34 -2.80
CA ASP A 310 -27.16 -32.79 -2.18
C ASP A 310 -28.43 -33.33 -2.82
N GLY A 311 -28.37 -33.79 -4.05
CA GLY A 311 -29.54 -34.28 -4.76
C GLY A 311 -29.44 -35.78 -5.02
N ARG A 312 -30.58 -36.44 -5.01
CA ARG A 312 -30.65 -37.87 -5.25
C ARG A 312 -31.07 -38.12 -6.70
N ILE A 313 -30.28 -38.90 -7.42
CA ILE A 313 -30.54 -39.12 -8.85
C ILE A 313 -31.46 -40.33 -9.01
N TRP A 314 -32.54 -40.16 -9.76
CA TRP A 314 -33.51 -41.23 -9.94
C TRP A 314 -34.29 -41.01 -11.23
N VAL A 315 -35.04 -42.04 -11.60
CA VAL A 315 -36.06 -41.99 -12.65
C VAL A 315 -37.24 -42.82 -12.16
N PRO A 316 -38.46 -42.58 -12.64
CA PRO A 316 -39.58 -43.44 -12.25
C PRO A 316 -39.34 -44.89 -12.67
N LYS A 317 -39.79 -45.81 -11.83
CA LYS A 317 -39.70 -47.23 -12.17
C LYS A 317 -40.50 -47.55 -13.42
N LYS A 318 -41.70 -47.01 -13.52
CA LYS A 318 -42.49 -47.17 -14.73
C LYS A 318 -41.88 -46.37 -15.87
N LYS A 319 -41.85 -46.96 -17.06
CA LYS A 319 -41.31 -46.27 -18.22
C LYS A 319 -42.10 -45.02 -18.54
N GLY A 320 -43.43 -45.12 -18.55
CA GLY A 320 -44.27 -43.98 -18.81
C GLY A 320 -45.09 -43.56 -17.60
N ASP A 321 -44.74 -42.42 -17.00
CA ASP A 321 -45.46 -41.87 -15.86
C ASP A 321 -45.94 -40.47 -16.21
N THR A 322 -47.25 -40.28 -16.22
CA THR A 322 -47.85 -38.97 -16.44
C THR A 322 -47.96 -38.16 -15.17
N ARG A 323 -47.71 -38.76 -14.01
CA ARG A 323 -47.80 -38.05 -12.74
C ARG A 323 -46.64 -37.06 -12.59
N ARG A 324 -46.88 -36.04 -11.78
CA ARG A 324 -45.79 -35.14 -11.42
C ARG A 324 -44.79 -35.87 -10.54
N PRO A 325 -43.50 -35.51 -10.63
CA PRO A 325 -42.48 -36.25 -9.86
C PRO A 325 -42.72 -36.21 -8.36
N GLN A 326 -43.29 -35.12 -7.83
CA GLN A 326 -43.58 -35.07 -6.41
C GLN A 326 -44.66 -36.06 -6.01
N ASP A 327 -45.62 -36.32 -6.92
CA ASP A 327 -46.68 -37.28 -6.63
C ASP A 327 -46.19 -38.72 -6.69
N ILE A 328 -45.02 -38.97 -7.28
CA ILE A 328 -44.51 -40.33 -7.39
C ILE A 328 -44.02 -40.79 -6.02
N PRO A 329 -44.50 -41.91 -5.50
CA PRO A 329 -44.09 -42.36 -4.17
C PRO A 329 -42.62 -42.77 -4.14
N GLU A 330 -42.08 -42.77 -2.92
CA GLU A 330 -40.67 -43.12 -2.74
C GLU A 330 -40.38 -44.55 -3.20
N SER A 331 -41.33 -45.45 -2.97
CA SER A 331 -41.16 -46.84 -3.40
C SER A 331 -41.23 -46.98 -4.92
N GLU A 332 -41.93 -46.08 -5.60
CA GLU A 332 -42.05 -46.13 -7.06
C GLU A 332 -40.98 -45.30 -7.77
N ARG A 333 -39.93 -44.90 -7.07
CA ARG A 333 -38.82 -44.15 -7.65
C ARG A 333 -37.63 -45.09 -7.80
N ASP A 334 -37.12 -45.22 -9.02
CA ASP A 334 -35.93 -46.04 -9.29
C ASP A 334 -34.71 -45.20 -8.92
N TYR A 335 -34.31 -45.29 -7.64
CA TYR A 335 -33.17 -44.53 -7.13
C TYR A 335 -31.88 -45.24 -7.52
N TYR A 336 -31.59 -45.21 -8.81
CA TYR A 336 -30.31 -45.71 -9.28
C TYR A 336 -29.19 -44.78 -8.82
N LEU A 337 -27.95 -45.32 -8.85
CA LEU A 337 -26.79 -44.79 -8.14
C LEU A 337 -26.89 -45.05 -6.65
N GLU A 338 -28.01 -45.63 -6.21
CA GLU A 338 -28.17 -46.14 -4.86
C GLU A 338 -28.32 -47.65 -4.83
N GLU A 339 -29.26 -48.20 -5.61
CA GLU A 339 -29.35 -49.65 -5.75
C GLU A 339 -28.11 -50.21 -6.42
N ARG A 340 -27.60 -49.52 -7.44
CA ARG A 340 -26.32 -49.84 -8.05
C ARG A 340 -25.25 -48.91 -7.48
N TYR A 341 -24.05 -49.46 -7.31
CA TYR A 341 -22.92 -48.79 -6.66
C TYR A 341 -23.32 -48.37 -5.24
N PRO A 342 -23.61 -49.31 -4.34
CA PRO A 342 -23.87 -48.91 -2.95
C PRO A 342 -22.68 -48.24 -2.30
N SER A 343 -21.46 -48.65 -2.65
CA SER A 343 -20.27 -47.95 -2.21
C SER A 343 -20.22 -46.57 -2.86
N PHE A 344 -19.87 -45.56 -2.06
CA PHE A 344 -19.91 -44.16 -2.48
C PHE A 344 -21.30 -43.80 -3.00
N GLY A 345 -22.32 -44.22 -2.26
CA GLY A 345 -23.70 -44.02 -2.66
C GLY A 345 -24.06 -42.56 -2.89
N ASN A 346 -24.53 -42.26 -4.10
CA ASN A 346 -24.89 -40.92 -4.58
C ASN A 346 -23.67 -40.02 -4.75
N LEU A 347 -22.47 -40.47 -4.41
CA LEU A 347 -21.24 -39.72 -4.62
C LEU A 347 -20.26 -40.50 -5.49
N VAL A 348 -20.78 -41.35 -6.38
CA VAL A 348 -19.93 -42.11 -7.30
C VAL A 348 -19.28 -41.11 -8.24
N PRO A 349 -18.13 -41.45 -8.84
CA PRO A 349 -17.44 -40.50 -9.72
C PRO A 349 -18.34 -40.01 -10.85
N ARG A 350 -17.96 -38.86 -11.42
CA ARG A 350 -18.77 -38.25 -12.46
C ARG A 350 -18.93 -39.18 -13.66
N ASP A 351 -17.89 -39.96 -13.97
CA ASP A 351 -17.94 -40.82 -15.15
C ASP A 351 -18.94 -41.95 -14.95
N ILE A 352 -18.88 -42.62 -13.79
CA ILE A 352 -19.81 -43.73 -13.52
C ILE A 352 -21.25 -43.22 -13.46
N ALA A 353 -21.46 -42.12 -12.75
CA ALA A 353 -22.81 -41.55 -12.64
C ALA A 353 -23.36 -41.16 -14.00
N SER A 354 -22.54 -40.52 -14.82
CA SER A 354 -23.03 -40.06 -16.12
C SER A 354 -23.24 -41.21 -17.09
N ARG A 355 -22.39 -42.25 -17.01
CA ARG A 355 -22.62 -43.43 -17.83
C ARG A 355 -23.92 -44.11 -17.44
N ALA A 356 -24.19 -44.20 -16.14
CA ALA A 356 -25.46 -44.77 -15.69
C ALA A 356 -26.64 -43.92 -16.16
N ALA A 357 -26.51 -42.60 -16.08
CA ALA A 357 -27.58 -41.71 -16.54
C ALA A 357 -27.84 -41.90 -18.03
N LYS A 358 -26.78 -41.97 -18.84
CA LYS A 358 -26.96 -42.14 -20.28
C LYS A 358 -27.56 -43.50 -20.60
N GLN A 359 -27.13 -44.55 -19.90
CA GLN A 359 -27.72 -45.87 -20.11
C GLN A 359 -29.20 -45.86 -19.75
N VAL A 360 -29.56 -45.20 -18.66
CA VAL A 360 -30.94 -45.12 -18.23
C VAL A 360 -31.78 -44.38 -19.28
N CYS A 361 -31.25 -43.26 -19.79
CA CYS A 361 -31.98 -42.49 -20.79
C CYS A 361 -32.07 -43.24 -22.12
N ASP A 362 -31.07 -44.06 -22.44
CA ASP A 362 -31.10 -44.83 -23.67
C ASP A 362 -32.08 -45.99 -23.58
N GLU A 363 -32.25 -46.56 -22.38
CA GLU A 363 -33.29 -47.57 -22.20
C GLU A 363 -34.67 -47.00 -22.47
N GLY A 364 -34.87 -45.72 -22.18
CA GLY A 364 -36.14 -45.05 -22.43
C GLY A 364 -36.88 -44.71 -21.14
N ARG A 365 -36.89 -43.44 -20.78
CA ARG A 365 -37.59 -42.99 -19.58
C ARG A 365 -38.60 -41.90 -19.84
N GLY A 366 -38.29 -40.95 -20.73
CA GLY A 366 -39.24 -39.91 -21.08
C GLY A 366 -39.50 -38.88 -20.01
N VAL A 367 -38.59 -38.73 -19.04
CA VAL A 367 -38.81 -37.74 -17.99
C VAL A 367 -38.62 -36.32 -18.53
N GLY A 368 -37.78 -36.15 -19.54
CA GLY A 368 -37.56 -34.85 -20.14
C GLY A 368 -38.43 -34.66 -21.36
N PRO A 369 -38.22 -33.56 -22.09
CA PRO A 369 -38.98 -33.36 -23.33
C PRO A 369 -38.74 -34.45 -24.36
N GLY A 370 -37.48 -34.70 -24.72
CA GLY A 370 -37.10 -35.77 -25.61
C GLY A 370 -36.76 -37.08 -24.93
N GLY A 371 -36.92 -37.16 -23.61
CA GLY A 371 -36.58 -38.36 -22.88
C GLY A 371 -35.16 -38.41 -22.34
N LEU A 372 -34.33 -37.42 -22.67
CA LEU A 372 -32.93 -37.39 -22.23
C LEU A 372 -32.84 -36.56 -20.96
N GLY A 373 -32.76 -37.23 -19.81
CA GLY A 373 -32.63 -36.55 -18.54
C GLY A 373 -32.90 -37.46 -17.36
N VAL A 374 -32.48 -37.03 -16.17
CA VAL A 374 -32.72 -37.76 -14.93
C VAL A 374 -33.04 -36.77 -13.83
N TYR A 375 -33.81 -37.24 -12.84
CA TYR A 375 -34.28 -36.39 -11.75
C TYR A 375 -33.22 -36.34 -10.66
N LEU A 376 -32.58 -35.19 -10.53
CA LEU A 376 -31.74 -34.84 -9.37
C LEU A 376 -32.68 -34.17 -8.38
N ASP A 377 -33.20 -34.98 -7.45
CA ASP A 377 -34.14 -34.49 -6.45
C ASP A 377 -33.42 -33.72 -5.35
N PHE A 378 -34.10 -32.69 -4.84
CA PHE A 378 -33.60 -31.90 -3.73
C PHE A 378 -34.60 -31.85 -2.57
N ALA A 379 -35.70 -32.60 -2.66
CA ALA A 379 -36.73 -32.53 -1.64
C ALA A 379 -36.22 -33.07 -0.30
N ASP A 380 -35.54 -34.21 -0.31
CA ASP A 380 -35.03 -34.77 0.93
C ASP A 380 -33.94 -33.89 1.52
N ALA A 381 -33.12 -33.27 0.68
CA ALA A 381 -32.14 -32.32 1.18
C ALA A 381 -32.80 -31.09 1.79
N ILE A 382 -33.88 -30.61 1.16
CA ILE A 382 -34.58 -29.44 1.66
C ILE A 382 -35.26 -29.75 2.99
N LYS A 383 -35.77 -30.98 3.16
CA LYS A 383 -36.35 -31.37 4.44
C LYS A 383 -35.27 -31.59 5.49
N ARG A 384 -34.13 -32.15 5.09
CA ARG A 384 -33.08 -32.49 6.05
C ARG A 384 -32.37 -31.24 6.56
N LEU A 385 -31.92 -30.37 5.66
CA LEU A 385 -31.27 -29.13 6.02
C LEU A 385 -32.25 -27.96 5.89
N GLY A 386 -31.85 -26.83 6.44
CA GLY A 386 -32.66 -25.63 6.29
C GLY A 386 -32.70 -25.18 4.84
N ARG A 387 -33.91 -24.85 4.37
CA ARG A 387 -34.03 -24.34 3.01
C ARG A 387 -33.22 -23.07 2.82
N GLN A 388 -33.05 -22.29 3.89
CA GLN A 388 -32.20 -21.10 3.81
C GLN A 388 -30.75 -21.48 3.50
N LYS A 389 -30.25 -22.55 4.13
CA LYS A 389 -28.88 -22.98 3.86
C LYS A 389 -28.74 -23.52 2.44
N ILE A 390 -29.73 -24.28 1.97
CA ILE A 390 -29.69 -24.78 0.60
C ILE A 390 -29.74 -23.62 -0.38
N ALA A 391 -30.48 -22.57 -0.04
CA ALA A 391 -30.47 -21.36 -0.85
C ALA A 391 -29.08 -20.72 -0.84
N GLU A 392 -28.49 -20.59 0.34
CA GLU A 392 -27.16 -19.98 0.44
C GLU A 392 -26.11 -20.79 -0.30
N ARG A 393 -26.38 -22.07 -0.57
CA ARG A 393 -25.45 -22.90 -1.32
C ARG A 393 -25.73 -22.96 -2.82
N TYR A 394 -27.00 -22.92 -3.24
CA TYR A 394 -27.34 -23.15 -4.64
C TYR A 394 -28.36 -22.15 -5.17
N GLY A 395 -28.38 -20.92 -4.65
CA GLY A 395 -29.42 -19.98 -5.05
C GLY A 395 -29.30 -19.53 -6.50
N ASN A 396 -28.09 -19.16 -6.91
CA ASN A 396 -27.88 -18.74 -8.29
C ASN A 396 -28.15 -19.89 -9.25
N LEU A 397 -27.74 -21.10 -8.88
CA LEU A 397 -27.97 -22.26 -9.72
C LEU A 397 -29.46 -22.56 -9.85
N PHE A 398 -30.21 -22.49 -8.76
CA PHE A 398 -31.64 -22.73 -8.82
C PHE A 398 -32.36 -21.65 -9.62
N ASP A 399 -31.95 -20.38 -9.46
CA ASP A 399 -32.55 -19.31 -10.24
C ASP A 399 -32.29 -19.49 -11.72
N MET A 400 -31.05 -19.85 -12.09
CA MET A 400 -30.73 -20.08 -13.49
C MET A 400 -31.49 -21.27 -14.06
N TYR A 401 -31.62 -22.35 -13.27
CA TYR A 401 -32.37 -23.51 -13.72
C TYR A 401 -33.85 -23.18 -13.90
N LYS A 402 -34.40 -22.36 -13.01
CA LYS A 402 -35.80 -21.96 -13.15
C LYS A 402 -35.99 -21.03 -14.34
N GLN A 403 -34.98 -20.20 -14.64
CA GLN A 403 -35.06 -19.36 -15.82
C GLN A 403 -35.04 -20.19 -17.09
N ILE A 404 -34.16 -21.18 -17.17
CA ILE A 404 -34.02 -21.96 -18.39
C ILE A 404 -35.17 -22.93 -18.56
N THR A 405 -35.57 -23.62 -17.49
CA THR A 405 -36.56 -24.68 -17.58
C THR A 405 -37.97 -24.25 -17.19
N GLY A 406 -38.10 -23.22 -16.37
CA GLY A 406 -39.40 -22.81 -15.89
C GLY A 406 -39.92 -23.59 -14.70
N GLU A 407 -39.10 -24.45 -14.10
CA GLU A 407 -39.50 -25.26 -12.96
C GLU A 407 -38.62 -24.92 -11.76
N ASP A 408 -39.25 -24.70 -10.62
CA ASP A 408 -38.52 -24.39 -9.40
C ASP A 408 -37.94 -25.66 -8.80
N PRO A 409 -36.62 -25.74 -8.61
CA PRO A 409 -36.06 -26.96 -7.98
C PRO A 409 -36.45 -27.13 -6.53
N TYR A 410 -37.00 -26.11 -5.88
CA TYR A 410 -37.41 -26.24 -4.49
C TYR A 410 -38.65 -27.12 -4.34
N GLU A 411 -39.45 -27.27 -5.40
CA GLU A 411 -40.62 -28.15 -5.37
C GLU A 411 -40.45 -29.32 -6.33
N THR A 412 -40.19 -29.05 -7.61
CA THR A 412 -39.98 -30.15 -8.53
C THR A 412 -38.52 -30.60 -8.51
N PRO A 413 -38.27 -31.89 -8.76
CA PRO A 413 -36.88 -32.34 -8.91
C PRO A 413 -36.22 -31.69 -10.11
N MET A 414 -34.94 -31.40 -9.98
CA MET A 414 -34.16 -30.84 -11.08
C MET A 414 -33.93 -31.92 -12.12
N ARG A 415 -33.78 -31.52 -13.38
CA ARG A 415 -33.45 -32.47 -14.44
C ARG A 415 -32.03 -32.20 -14.94
N ILE A 416 -31.22 -33.26 -15.01
CA ILE A 416 -29.85 -33.14 -15.49
C ILE A 416 -29.58 -34.21 -16.54
N TYR A 417 -28.54 -33.98 -17.34
CA TYR A 417 -28.12 -34.94 -18.35
C TYR A 417 -26.65 -34.68 -18.69
N PRO A 418 -25.84 -35.72 -18.85
CA PRO A 418 -24.42 -35.50 -19.17
C PRO A 418 -24.24 -34.83 -20.52
N ALA A 419 -23.15 -34.07 -20.64
CA ALA A 419 -22.77 -33.45 -21.89
C ALA A 419 -21.26 -33.31 -21.94
N VAL A 420 -20.72 -33.38 -23.15
CA VAL A 420 -19.27 -33.25 -23.32
C VAL A 420 -18.85 -31.82 -23.01
N HIS A 421 -17.81 -31.69 -22.19
CA HIS A 421 -17.40 -30.42 -21.61
C HIS A 421 -16.06 -29.91 -22.13
N TYR A 422 -15.04 -30.76 -22.08
CA TYR A 422 -13.67 -30.36 -22.33
C TYR A 422 -13.02 -31.38 -23.24
N THR A 423 -11.93 -31.00 -23.89
CA THR A 423 -11.12 -31.94 -24.67
C THR A 423 -9.68 -31.81 -24.22
N MET A 424 -9.21 -32.80 -23.44
CA MET A 424 -7.80 -32.84 -23.07
C MET A 424 -6.90 -33.14 -24.26
N GLY A 425 -7.46 -33.62 -25.36
CA GLY A 425 -6.70 -33.85 -26.57
C GLY A 425 -6.46 -32.57 -27.33
N GLY A 426 -5.88 -32.73 -28.51
CA GLY A 426 -5.51 -31.61 -29.34
C GLY A 426 -4.19 -31.89 -30.03
N LEU A 427 -3.63 -30.84 -30.60
CA LEU A 427 -2.35 -30.98 -31.29
C LEU A 427 -1.24 -31.26 -30.30
N TRP A 428 -0.42 -32.28 -30.60
CA TRP A 428 0.71 -32.60 -29.75
C TRP A 428 1.73 -31.46 -29.77
N VAL A 429 2.18 -31.05 -28.59
CA VAL A 429 3.19 -30.01 -28.46
C VAL A 429 4.30 -30.53 -27.55
N ASP A 430 5.50 -30.00 -27.76
CA ASP A 430 6.65 -30.38 -26.96
C ASP A 430 6.73 -29.48 -25.73
N TYR A 431 7.86 -29.54 -25.01
CA TYR A 431 8.02 -28.71 -23.82
C TYR A 431 7.99 -27.23 -24.16
N ASN A 432 8.36 -26.87 -25.38
CA ASN A 432 8.36 -25.49 -25.85
C ASN A 432 7.01 -25.06 -26.40
N LEU A 433 5.94 -25.83 -26.13
CA LEU A 433 4.60 -25.53 -26.63
C LEU A 433 4.55 -25.45 -28.15
N GLN A 434 5.48 -26.11 -28.81
CA GLN A 434 5.59 -26.10 -30.26
C GLN A 434 5.08 -27.41 -30.83
N SER A 435 4.33 -27.32 -31.92
CA SER A 435 3.73 -28.50 -32.53
C SER A 435 4.78 -29.26 -33.33
N THR A 436 4.35 -30.27 -34.07
CA THR A 436 5.27 -31.01 -34.92
C THR A 436 5.77 -30.11 -36.06
N ILE A 437 4.91 -29.24 -36.57
CA ILE A 437 5.31 -28.25 -37.57
C ILE A 437 6.16 -27.19 -36.88
N PRO A 438 7.39 -26.95 -37.34
CA PRO A 438 8.19 -25.86 -36.77
C PRO A 438 7.51 -24.52 -36.97
N GLY A 439 7.60 -23.66 -35.96
CA GLY A 439 7.00 -22.35 -36.00
C GLY A 439 5.54 -22.30 -35.64
N LEU A 440 4.87 -23.44 -35.51
CA LEU A 440 3.48 -23.50 -35.11
C LEU A 440 3.41 -23.87 -33.63
N PHE A 441 2.85 -22.97 -32.83
CA PHE A 441 2.71 -23.18 -31.39
C PHE A 441 1.24 -23.32 -31.06
N VAL A 442 0.91 -24.28 -30.20
CA VAL A 442 -0.46 -24.53 -29.78
C VAL A 442 -0.53 -24.36 -28.27
N ILE A 443 -1.45 -23.50 -27.82
CA ILE A 443 -1.60 -23.20 -26.41
C ILE A 443 -3.07 -23.30 -26.03
N GLY A 444 -3.32 -23.51 -24.75
CA GLY A 444 -4.67 -23.59 -24.23
C GLY A 444 -5.29 -24.96 -24.38
N GLU A 445 -6.58 -25.02 -24.73
CA GLU A 445 -7.26 -26.28 -24.93
C GLU A 445 -6.98 -26.89 -26.30
N ALA A 446 -6.40 -26.12 -27.22
CA ALA A 446 -6.14 -26.60 -28.57
C ALA A 446 -5.00 -27.62 -28.63
N ASN A 447 -4.18 -27.70 -27.59
CA ASN A 447 -3.11 -28.69 -27.52
C ASN A 447 -3.40 -29.73 -26.45
N PHE A 448 -2.56 -30.77 -26.40
CA PHE A 448 -2.73 -31.82 -25.41
C PHE A 448 -2.16 -31.39 -24.06
N SER A 449 -0.85 -31.14 -24.00
CA SER A 449 -0.18 -30.40 -22.93
C SER A 449 -0.38 -31.11 -21.58
N ASP A 450 -0.87 -30.43 -20.55
CA ASP A 450 -0.61 -30.79 -19.16
C ASP A 450 -1.73 -31.57 -18.48
N HIS A 451 -2.80 -31.91 -19.20
CA HIS A 451 -3.97 -32.47 -18.54
C HIS A 451 -4.08 -33.98 -18.64
N GLY A 452 -3.24 -34.63 -19.43
CA GLY A 452 -3.28 -36.09 -19.51
C GLY A 452 -4.63 -36.59 -19.97
N ALA A 453 -5.16 -37.57 -19.25
CA ALA A 453 -6.43 -38.21 -19.62
C ALA A 453 -7.62 -37.61 -18.89
N ASN A 454 -7.41 -36.63 -18.02
CA ASN A 454 -8.52 -35.99 -17.30
C ASN A 454 -8.05 -34.64 -16.77
N ARG A 455 -8.81 -33.60 -17.09
CA ARG A 455 -8.47 -32.25 -16.66
C ARG A 455 -9.06 -32.00 -15.27
N LEU A 456 -8.21 -31.59 -14.34
CA LEU A 456 -8.68 -31.21 -13.02
C LEU A 456 -9.44 -29.88 -13.09
N GLY A 457 -10.29 -29.66 -12.10
CA GLY A 457 -11.01 -28.41 -12.04
C GLY A 457 -10.05 -27.24 -11.86
N ALA A 458 -10.41 -26.10 -12.47
CA ALA A 458 -9.63 -24.87 -12.41
C ALA A 458 -8.25 -25.02 -13.03
N SER A 459 -8.06 -26.03 -13.88
CA SER A 459 -6.77 -26.25 -14.53
C SER A 459 -6.73 -25.75 -15.97
N ALA A 460 -7.86 -25.67 -16.65
CA ALA A 460 -7.86 -25.18 -18.02
C ALA A 460 -7.66 -23.66 -18.08
N LEU A 461 -8.30 -22.93 -17.17
CA LEU A 461 -7.99 -21.50 -17.04
C LEU A 461 -6.54 -21.31 -16.63
N MET A 462 -6.07 -22.10 -15.68
CA MET A 462 -4.68 -22.05 -15.24
C MET A 462 -3.75 -22.37 -16.40
N GLN A 463 -4.05 -23.42 -17.18
CA GLN A 463 -3.19 -23.78 -18.29
C GLN A 463 -3.17 -22.70 -19.36
N GLY A 464 -4.33 -22.14 -19.70
CA GLY A 464 -4.37 -21.10 -20.71
C GLY A 464 -3.59 -19.87 -20.30
N LEU A 465 -3.82 -19.41 -19.07
CA LEU A 465 -3.11 -18.22 -18.60
C LEU A 465 -1.61 -18.48 -18.47
N ALA A 466 -1.23 -19.69 -18.03
CA ALA A 466 0.18 -20.03 -17.95
C ALA A 466 0.84 -19.99 -19.32
N ASP A 467 0.23 -20.67 -20.29
CA ASP A 467 0.78 -20.67 -21.64
C ASP A 467 0.89 -19.26 -22.20
N GLY A 468 -0.17 -18.46 -22.04
CA GLY A 468 -0.14 -17.12 -22.60
C GLY A 468 0.88 -16.21 -21.94
N TYR A 469 0.97 -16.24 -20.61
CA TYR A 469 1.71 -15.23 -19.87
C TYR A 469 3.16 -15.64 -19.61
N PHE A 470 3.41 -16.88 -19.20
CA PHE A 470 4.69 -17.23 -18.60
C PHE A 470 5.43 -18.36 -19.31
N ILE A 471 4.88 -18.92 -20.38
CA ILE A 471 5.57 -20.01 -21.06
C ILE A 471 5.82 -19.67 -22.52
N LEU A 472 4.75 -19.38 -23.26
CA LEU A 472 4.88 -19.10 -24.69
C LEU A 472 5.82 -17.93 -25.00
N PRO A 473 5.85 -16.83 -24.24
CA PRO A 473 6.85 -15.79 -24.55
C PRO A 473 8.27 -16.32 -24.63
N TYR A 474 8.70 -17.10 -23.65
CA TYR A 474 10.08 -17.59 -23.63
C TYR A 474 10.36 -18.54 -24.79
N THR A 475 9.44 -19.47 -25.04
CA THR A 475 9.68 -20.49 -26.06
C THR A 475 9.60 -19.89 -27.46
N ILE A 476 8.67 -18.95 -27.67
CA ILE A 476 8.59 -18.28 -28.96
C ILE A 476 9.79 -17.38 -29.16
N ALA A 477 10.31 -16.76 -28.09
CA ALA A 477 11.55 -16.00 -28.22
C ALA A 477 12.71 -16.90 -28.61
N ASN A 478 12.77 -18.10 -28.01
CA ASN A 478 13.81 -19.06 -28.38
C ASN A 478 13.73 -19.41 -29.86
N PHE A 479 12.53 -19.80 -30.33
CA PHE A 479 12.37 -20.19 -31.73
C PHE A 479 12.71 -19.03 -32.66
N LEU A 480 12.20 -17.83 -32.36
CA LEU A 480 12.43 -16.69 -33.24
C LEU A 480 13.90 -16.26 -33.24
N ALA A 481 14.58 -16.42 -32.11
CA ALA A 481 16.02 -16.15 -32.06
C ALA A 481 16.78 -17.14 -32.93
N GLN A 482 16.35 -18.41 -32.97
CA GLN A 482 17.04 -19.36 -33.82
C GLN A 482 16.78 -19.14 -35.31
N VAL A 483 15.85 -18.26 -35.69
CA VAL A 483 15.55 -18.03 -37.09
C VAL A 483 15.77 -16.58 -37.46
N LYS A 484 15.58 -16.26 -38.73
CA LYS A 484 15.79 -14.92 -39.28
C LYS A 484 14.46 -14.22 -39.51
N PRO A 485 14.32 -12.97 -39.09
CA PRO A 485 13.04 -12.27 -39.27
C PRO A 485 12.72 -12.03 -40.74
N GLY A 486 11.43 -12.03 -41.04
CA GLY A 486 10.96 -11.76 -42.38
C GLY A 486 11.34 -12.85 -43.38
N GLY A 487 11.40 -12.45 -44.65
CA GLY A 487 11.80 -13.34 -45.72
C GLY A 487 10.66 -14.06 -46.41
N VAL A 488 9.45 -14.03 -45.86
CA VAL A 488 8.30 -14.69 -46.45
C VAL A 488 7.18 -13.67 -46.59
N SER A 489 6.63 -13.55 -47.80
CA SER A 489 5.52 -12.67 -48.09
C SER A 489 4.33 -13.50 -48.55
N ILE A 490 3.16 -12.84 -48.60
CA ILE A 490 1.92 -13.55 -48.96
C ILE A 490 1.79 -13.79 -50.45
N ASP A 491 2.75 -13.37 -51.25
CA ASP A 491 2.73 -13.63 -52.69
C ASP A 491 3.40 -14.94 -53.06
N ARG A 492 3.85 -15.72 -52.08
CA ARG A 492 4.51 -16.98 -52.35
C ARG A 492 3.51 -18.00 -52.91
N PRO A 493 4.00 -19.00 -53.65
CA PRO A 493 3.08 -20.02 -54.19
C PRO A 493 2.31 -20.77 -53.13
N GLU A 494 2.88 -20.98 -51.94
CA GLU A 494 2.17 -21.72 -50.90
C GLU A 494 0.90 -20.99 -50.46
N PHE A 495 0.98 -19.67 -50.32
CA PHE A 495 -0.20 -18.88 -49.98
C PHE A 495 -1.26 -18.99 -51.07
N ALA A 496 -0.84 -18.95 -52.33
CA ALA A 496 -1.79 -19.08 -53.43
C ALA A 496 -2.46 -20.45 -53.42
N GLU A 497 -1.69 -21.50 -53.18
CA GLU A 497 -2.27 -22.85 -53.13
C GLU A 497 -3.27 -22.98 -51.98
N ALA A 498 -2.91 -22.47 -50.80
CA ALA A 498 -3.83 -22.55 -49.65
C ALA A 498 -5.09 -21.74 -49.90
N GLU A 499 -4.94 -20.55 -50.47
CA GLU A 499 -6.11 -19.71 -50.76
C GLU A 499 -7.01 -20.35 -51.81
N ALA A 500 -6.41 -20.96 -52.85
CA ALA A 500 -7.21 -21.64 -53.85
C ALA A 500 -7.94 -22.84 -53.26
N GLU A 501 -7.27 -23.59 -52.38
CA GLU A 501 -7.93 -24.71 -51.71
C GLU A 501 -9.11 -24.22 -50.88
N ILE A 502 -8.93 -23.13 -50.14
CA ILE A 502 -10.01 -22.59 -49.31
C ILE A 502 -11.17 -22.11 -50.18
N ASN A 503 -10.86 -21.41 -51.27
CA ASN A 503 -11.90 -20.89 -52.15
C ASN A 503 -12.67 -22.02 -52.82
N GLN A 504 -11.97 -23.06 -53.26
CA GLN A 504 -12.65 -24.22 -53.85
C GLN A 504 -13.52 -24.92 -52.82
N ARG A 505 -13.03 -25.03 -51.58
CA ARG A 505 -13.83 -25.64 -50.52
C ARG A 505 -15.10 -24.85 -50.28
N ILE A 506 -14.99 -23.52 -50.21
CA ILE A 506 -16.16 -22.67 -49.95
C ILE A 506 -17.14 -22.75 -51.11
N GLN A 507 -16.64 -22.69 -52.35
CA GLN A 507 -17.53 -22.75 -53.50
C GLN A 507 -18.23 -24.09 -53.60
N ARG A 508 -17.50 -25.18 -53.32
CA ARG A 508 -18.12 -26.50 -53.31
C ARG A 508 -19.19 -26.60 -52.23
N LEU A 509 -18.91 -26.08 -51.04
CA LEU A 509 -19.90 -26.10 -49.96
C LEU A 509 -21.15 -25.33 -50.36
N LEU A 510 -20.99 -24.18 -51.00
CA LEU A 510 -22.15 -23.38 -51.40
C LEU A 510 -22.89 -24.00 -52.58
N SER A 511 -22.21 -24.78 -53.41
CA SER A 511 -22.78 -25.27 -54.65
C SER A 511 -23.45 -26.64 -54.53
N ILE A 512 -23.37 -27.28 -53.35
CA ILE A 512 -23.99 -28.60 -53.20
C ILE A 512 -25.51 -28.48 -53.33
N ARG A 513 -26.10 -27.56 -52.59
CA ARG A 513 -27.55 -27.29 -52.65
C ARG A 513 -28.36 -28.56 -52.41
N GLY A 514 -27.98 -29.29 -51.37
CA GLY A 514 -28.65 -30.53 -51.03
C GLY A 514 -29.97 -30.30 -50.32
N LYS A 515 -30.53 -31.40 -49.83
CA LYS A 515 -31.83 -31.37 -49.17
C LYS A 515 -31.75 -31.27 -47.66
N ARG A 516 -30.57 -31.44 -47.08
CA ARG A 516 -30.40 -31.42 -45.63
C ARG A 516 -29.60 -30.20 -45.20
N THR A 517 -29.90 -29.71 -44.01
CA THR A 517 -29.20 -28.57 -43.45
C THR A 517 -27.88 -29.01 -42.81
N VAL A 518 -27.04 -28.03 -42.51
CA VAL A 518 -25.76 -28.31 -41.86
C VAL A 518 -26.01 -28.88 -40.46
N ASP A 519 -26.99 -28.33 -39.74
CA ASP A 519 -27.24 -28.80 -38.39
C ASP A 519 -27.77 -30.23 -38.37
N SER A 520 -28.45 -30.67 -39.44
CA SER A 520 -28.87 -32.06 -39.52
C SER A 520 -27.66 -33.00 -39.50
N PHE A 521 -26.68 -32.71 -40.35
CA PHE A 521 -25.47 -33.54 -40.40
C PHE A 521 -24.68 -33.44 -39.10
N HIS A 522 -24.58 -32.23 -38.53
CA HIS A 522 -23.87 -32.08 -37.27
C HIS A 522 -24.56 -32.84 -36.15
N ARG A 523 -25.90 -32.84 -36.14
CA ARG A 523 -26.65 -33.58 -35.13
C ARG A 523 -26.45 -35.08 -35.30
N GLU A 524 -26.48 -35.58 -36.53
CA GLU A 524 -26.24 -37.00 -36.76
C GLU A 524 -24.84 -37.39 -36.32
N LEU A 525 -23.84 -36.58 -36.68
CA LEU A 525 -22.47 -36.85 -36.29
C LEU A 525 -22.30 -36.83 -34.77
N GLY A 526 -22.90 -35.85 -34.11
CA GLY A 526 -22.79 -35.76 -32.67
C GLY A 526 -23.50 -36.89 -31.95
N LYS A 527 -24.66 -37.30 -32.45
CA LYS A 527 -25.36 -38.43 -31.85
C LYS A 527 -24.54 -39.71 -31.98
N LEU A 528 -23.96 -39.95 -33.16
CA LEU A 528 -23.12 -41.12 -33.33
C LEU A 528 -21.89 -41.07 -32.43
N MET A 529 -21.26 -39.89 -32.34
CA MET A 529 -20.07 -39.76 -31.52
C MET A 529 -20.39 -39.91 -30.03
N TRP A 530 -21.57 -39.46 -29.61
CA TRP A 530 -21.97 -39.56 -28.21
C TRP A 530 -22.37 -40.98 -27.85
N ASP A 531 -23.00 -41.70 -28.78
CA ASP A 531 -23.39 -43.08 -28.50
C ASP A 531 -22.19 -44.02 -28.54
N LYS A 532 -21.29 -43.85 -29.51
CA LYS A 532 -20.21 -44.79 -29.75
C LYS A 532 -18.89 -44.37 -29.12
N CYS A 533 -18.48 -43.12 -29.32
CA CYS A 533 -17.22 -42.60 -28.81
C CYS A 533 -17.44 -41.64 -27.64
N GLY A 534 -18.45 -41.90 -26.82
CA GLY A 534 -18.78 -41.01 -25.73
C GLY A 534 -18.16 -41.42 -24.42
N MET A 535 -18.97 -41.53 -23.37
CA MET A 535 -18.46 -41.90 -22.06
C MET A 535 -18.14 -43.39 -21.98
N ALA A 536 -18.93 -44.22 -22.64
CA ALA A 536 -18.70 -45.66 -22.68
C ALA A 536 -18.32 -46.06 -24.09
N ARG A 537 -17.14 -46.65 -24.24
CA ARG A 537 -16.59 -47.01 -25.54
C ARG A 537 -16.20 -48.47 -25.55
N ASN A 538 -16.49 -49.14 -26.67
CA ASN A 538 -16.10 -50.53 -26.86
C ASN A 538 -15.63 -50.71 -28.30
N ALA A 539 -14.97 -51.83 -28.55
CA ALA A 539 -14.38 -52.06 -29.87
C ALA A 539 -15.45 -52.15 -30.96
N ALA A 540 -16.54 -52.86 -30.68
CA ALA A 540 -17.60 -53.00 -31.67
C ALA A 540 -18.26 -51.66 -31.98
N GLY A 541 -18.57 -50.88 -30.95
CA GLY A 541 -19.17 -49.58 -31.18
C GLY A 541 -18.25 -48.62 -31.91
N LEU A 542 -16.96 -48.63 -31.55
CA LEU A 542 -16.00 -47.76 -32.23
C LEU A 542 -15.80 -48.18 -33.68
N ARG A 543 -15.82 -49.49 -33.96
CA ARG A 543 -15.74 -49.95 -35.34
C ARG A 543 -16.98 -49.56 -36.13
N GLU A 544 -18.16 -49.65 -35.52
CA GLU A 544 -19.38 -49.19 -36.16
C GLU A 544 -19.31 -47.71 -36.47
N ALA A 545 -18.80 -46.91 -35.53
CA ALA A 545 -18.64 -45.48 -35.76
C ALA A 545 -17.64 -45.21 -36.88
N LEU A 546 -16.55 -45.98 -36.92
CA LEU A 546 -15.56 -45.79 -37.98
C LEU A 546 -16.11 -46.18 -39.34
N GLN A 547 -17.09 -47.08 -39.37
CA GLN A 547 -17.79 -47.37 -40.63
C GLN A 547 -18.75 -46.24 -40.98
N ARG A 548 -19.45 -45.69 -39.99
CA ARG A 548 -20.50 -44.72 -40.25
C ARG A 548 -19.98 -43.33 -40.59
N ILE A 549 -18.85 -42.92 -40.01
CA ILE A 549 -18.37 -41.55 -40.20
C ILE A 549 -18.09 -41.23 -41.67
N PRO A 550 -17.40 -42.07 -42.44
CA PRO A 550 -17.27 -41.77 -43.88
C PRO A 550 -18.59 -41.70 -44.60
N GLU A 551 -19.58 -42.50 -44.20
CA GLU A 551 -20.90 -42.44 -44.82
C GLU A 551 -21.56 -41.09 -44.55
N ILE A 552 -21.50 -40.62 -43.31
CA ILE A 552 -22.07 -39.32 -42.97
C ILE A 552 -21.32 -38.21 -43.70
N ARG A 553 -20.00 -38.34 -43.84
CA ARG A 553 -19.23 -37.32 -44.52
C ARG A 553 -19.58 -37.26 -46.01
N ALA A 554 -19.74 -38.42 -46.65
CA ALA A 554 -20.17 -38.44 -48.05
C ALA A 554 -21.58 -37.87 -48.20
N GLU A 555 -22.49 -38.23 -47.29
CA GLU A 555 -23.84 -37.67 -47.34
C GLU A 555 -23.81 -36.17 -47.15
N PHE A 556 -22.89 -35.67 -46.32
CA PHE A 556 -22.74 -34.23 -46.15
C PHE A 556 -22.25 -33.59 -47.45
N TRP A 557 -21.21 -34.15 -48.06
CA TRP A 557 -20.64 -33.53 -49.25
C TRP A 557 -21.50 -33.73 -50.49
N GLU A 558 -22.54 -34.56 -50.43
CA GLU A 558 -23.46 -34.70 -51.55
C GLU A 558 -24.85 -34.14 -51.31
N ASN A 559 -25.24 -33.90 -50.05
CA ASN A 559 -26.64 -33.61 -49.73
C ASN A 559 -26.80 -32.55 -48.65
N VAL A 560 -25.88 -31.58 -48.58
CA VAL A 560 -25.98 -30.51 -47.60
C VAL A 560 -26.51 -29.26 -48.29
N ASN A 561 -27.30 -28.47 -47.56
CA ASN A 561 -27.88 -27.23 -48.06
C ASN A 561 -27.22 -26.07 -47.33
N VAL A 562 -26.38 -25.33 -48.04
CA VAL A 562 -25.73 -24.13 -47.52
C VAL A 562 -26.24 -22.94 -48.33
N PRO A 563 -27.22 -22.20 -47.82
CA PRO A 563 -27.76 -21.07 -48.57
C PRO A 563 -26.86 -19.84 -48.46
N GLY A 564 -27.11 -18.89 -49.36
CA GLY A 564 -26.39 -17.64 -49.35
C GLY A 564 -25.22 -17.60 -50.31
N GLU A 565 -24.45 -16.53 -50.18
CA GLU A 565 -23.30 -16.27 -51.02
C GLU A 565 -22.03 -16.28 -50.17
N ALA A 566 -20.89 -16.41 -50.85
CA ALA A 566 -19.60 -16.43 -50.15
C ALA A 566 -19.22 -15.04 -49.64
N ASN A 567 -19.47 -14.02 -50.45
CA ASN A 567 -19.10 -12.64 -50.09
C ASN A 567 -20.25 -11.97 -49.34
N ASP A 568 -20.66 -12.61 -48.24
CA ASP A 568 -21.76 -12.13 -47.43
C ASP A 568 -21.63 -12.73 -46.04
N LEU A 569 -22.40 -12.18 -45.11
CA LEU A 569 -22.45 -12.68 -43.73
C LEU A 569 -23.26 -13.98 -43.73
N ASN A 570 -22.60 -15.06 -44.13
CA ASN A 570 -23.23 -16.37 -44.25
C ASN A 570 -22.83 -17.20 -43.03
N GLN A 571 -23.71 -17.22 -42.01
CA GLN A 571 -23.46 -18.05 -40.84
C GLN A 571 -23.57 -19.54 -41.18
N ALA A 572 -24.45 -19.88 -42.12
CA ALA A 572 -24.57 -21.27 -42.56
C ALA A 572 -23.27 -21.76 -43.19
N LEU A 573 -22.55 -20.87 -43.90
CA LEU A 573 -21.26 -21.25 -44.46
C LEU A 573 -20.24 -21.56 -43.37
N GLU A 574 -20.22 -20.73 -42.31
CA GLU A 574 -19.32 -20.98 -41.19
C GLU A 574 -19.63 -22.32 -40.54
N LYS A 575 -20.91 -22.58 -40.29
CA LYS A 575 -21.30 -23.86 -39.70
C LYS A 575 -20.95 -25.02 -40.62
N ALA A 576 -21.13 -24.84 -41.94
CA ALA A 576 -20.81 -25.89 -42.89
C ALA A 576 -19.34 -26.23 -42.87
N GLY A 577 -18.47 -25.21 -42.86
CA GLY A 577 -17.05 -25.46 -42.77
C GLY A 577 -16.65 -26.14 -41.48
N ARG A 578 -17.21 -25.68 -40.35
CA ARG A 578 -16.87 -26.28 -39.07
C ARG A 578 -17.30 -27.74 -39.01
N VAL A 579 -18.50 -28.06 -39.52
CA VAL A 579 -18.97 -29.44 -39.53
C VAL A 579 -18.18 -30.28 -40.52
N ALA A 580 -17.74 -29.69 -41.63
CA ALA A 580 -16.91 -30.42 -42.58
C ALA A 580 -15.59 -30.83 -41.94
N ASP A 581 -15.03 -29.95 -41.11
CA ASP A 581 -13.82 -30.33 -40.37
C ASP A 581 -14.12 -31.34 -39.27
N PHE A 582 -15.28 -31.20 -38.62
CA PHE A 582 -15.65 -32.13 -37.55
C PHE A 582 -15.83 -33.54 -38.08
N LEU A 583 -16.38 -33.68 -39.28
CA LEU A 583 -16.63 -35.01 -39.84
C LEU A 583 -15.32 -35.75 -40.08
N GLU A 584 -14.26 -35.03 -40.43
CA GLU A 584 -12.95 -35.66 -40.56
C GLU A 584 -12.31 -35.91 -39.21
N LEU A 585 -12.48 -34.98 -38.25
CA LEU A 585 -11.84 -35.14 -36.95
C LEU A 585 -12.44 -36.29 -36.15
N ALA A 586 -13.75 -36.53 -36.29
CA ALA A 586 -14.40 -37.58 -35.52
C ALA A 586 -13.87 -38.96 -35.89
N GLU A 587 -13.52 -39.17 -37.16
CA GLU A 587 -12.94 -40.45 -37.56
C GLU A 587 -11.62 -40.70 -36.83
N LEU A 588 -10.77 -39.67 -36.75
CA LEU A 588 -9.52 -39.80 -36.02
C LEU A 588 -9.76 -40.03 -34.54
N MET A 589 -10.77 -39.35 -33.97
CA MET A 589 -11.09 -39.55 -32.56
C MET A 589 -11.50 -41.00 -32.30
N CYS A 590 -12.36 -41.55 -33.16
CA CYS A 590 -12.78 -42.94 -33.01
C CYS A 590 -11.63 -43.90 -33.19
N LEU A 591 -10.74 -43.62 -34.16
CA LEU A 591 -9.58 -44.48 -34.36
C LEU A 591 -8.67 -44.47 -33.13
N ASP A 592 -8.45 -43.30 -32.54
CA ASP A 592 -7.63 -43.22 -31.34
C ASP A 592 -8.28 -43.95 -30.17
N ALA A 593 -9.61 -43.81 -30.02
CA ALA A 593 -10.29 -44.50 -28.93
C ALA A 593 -10.23 -46.01 -29.11
N LEU A 594 -10.31 -46.48 -30.36
CA LEU A 594 -10.19 -47.91 -30.62
C LEU A 594 -8.76 -48.39 -30.37
N HIS A 595 -7.77 -47.58 -30.72
CA HIS A 595 -6.37 -47.98 -30.55
C HIS A 595 -6.00 -48.13 -29.09
N ARG A 596 -6.46 -47.21 -28.24
CA ARG A 596 -6.10 -47.23 -26.82
C ARG A 596 -6.92 -48.31 -26.12
N GLU A 597 -6.35 -49.51 -26.07
CA GLU A 597 -6.98 -50.65 -25.41
C GLU A 597 -6.75 -50.60 -23.89
N GLU A 598 -7.28 -49.54 -23.29
CA GLU A 598 -7.20 -49.33 -21.86
C GLU A 598 -8.20 -48.23 -21.49
N SER A 599 -8.40 -48.05 -20.19
CA SER A 599 -9.24 -46.97 -19.67
C SER A 599 -8.38 -46.06 -18.81
N CYS A 600 -8.43 -44.76 -19.10
CA CYS A 600 -7.65 -43.79 -18.35
C CYS A 600 -8.41 -42.47 -18.33
N GLY A 601 -8.71 -41.98 -17.14
CA GLY A 601 -9.37 -40.69 -17.01
C GLY A 601 -10.71 -40.67 -17.73
N GLY A 602 -10.89 -39.65 -18.58
CA GLY A 602 -12.13 -39.53 -19.33
C GLY A 602 -12.33 -40.64 -20.34
N HIS A 603 -11.24 -41.11 -20.94
CA HIS A 603 -11.32 -42.20 -21.91
C HIS A 603 -11.63 -43.50 -21.17
N PHE A 604 -12.81 -44.07 -21.44
CA PHE A 604 -13.27 -45.28 -20.77
C PHE A 604 -13.58 -46.35 -21.81
N ARG A 605 -13.00 -47.53 -21.61
CA ARG A 605 -13.32 -48.70 -22.40
C ARG A 605 -14.03 -49.71 -21.52
N GLU A 606 -15.15 -50.25 -22.01
CA GLU A 606 -15.93 -51.19 -21.21
C GLU A 606 -15.19 -52.50 -20.98
N GLU A 607 -14.28 -52.86 -21.90
CA GLU A 607 -13.52 -54.09 -21.76
C GLU A 607 -12.41 -53.98 -20.71
N TYR A 608 -12.06 -52.77 -20.29
CA TYR A 608 -10.96 -52.54 -19.34
C TYR A 608 -11.51 -51.67 -18.21
N GLN A 609 -12.08 -52.32 -17.19
CA GLN A 609 -12.63 -51.59 -16.06
C GLN A 609 -12.58 -52.48 -14.83
N THR A 610 -12.39 -51.85 -13.67
CA THR A 610 -12.45 -52.56 -12.41
C THR A 610 -13.89 -52.98 -12.12
N PRO A 611 -14.09 -54.00 -11.28
CA PRO A 611 -15.46 -54.40 -10.95
C PRO A 611 -16.29 -53.28 -10.35
N ASP A 612 -15.66 -52.33 -9.66
CA ASP A 612 -16.37 -51.17 -9.15
C ASP A 612 -16.81 -50.21 -10.26
N GLY A 613 -16.31 -50.38 -11.47
CA GLY A 613 -16.66 -49.52 -12.59
C GLY A 613 -15.63 -48.46 -12.91
N GLU A 614 -14.50 -48.44 -12.22
CA GLU A 614 -13.49 -47.42 -12.44
C GLU A 614 -12.62 -47.78 -13.65
N ALA A 615 -11.81 -46.81 -14.08
CA ALA A 615 -10.92 -47.02 -15.21
C ALA A 615 -9.79 -47.97 -14.83
N LEU A 616 -9.42 -48.85 -15.77
CA LEU A 616 -8.35 -49.83 -15.58
C LEU A 616 -7.25 -49.53 -16.59
N ARG A 617 -6.17 -48.92 -16.11
CA ARG A 617 -5.07 -48.55 -16.99
C ARG A 617 -4.20 -49.76 -17.33
N ASN A 618 -3.51 -49.66 -18.46
CA ASN A 618 -2.48 -50.61 -18.86
C ASN A 618 -1.18 -49.82 -18.97
N ASP A 619 -0.49 -49.68 -17.85
CA ASP A 619 0.72 -48.87 -17.79
C ASP A 619 1.92 -49.54 -18.45
N GLU A 620 1.81 -50.83 -18.77
CA GLU A 620 2.94 -51.52 -19.40
C GLU A 620 2.96 -51.29 -20.90
N GLN A 621 1.79 -51.24 -21.53
CA GLN A 621 1.70 -51.13 -22.98
C GLN A 621 1.13 -49.81 -23.47
N PHE A 622 0.53 -49.00 -22.60
CA PHE A 622 -0.14 -47.77 -23.04
C PHE A 622 0.30 -46.56 -22.22
N SER A 623 1.48 -46.60 -21.65
CA SER A 623 2.02 -45.45 -20.91
C SER A 623 2.77 -44.54 -21.89
N TYR A 624 2.01 -43.90 -22.77
CA TYR A 624 2.58 -43.00 -23.76
C TYR A 624 1.51 -42.02 -24.22
N VAL A 625 1.97 -40.98 -24.92
CA VAL A 625 1.10 -40.01 -25.58
C VAL A 625 0.98 -40.42 -27.04
N ALA A 626 -0.25 -40.57 -27.51
CA ALA A 626 -0.51 -41.00 -28.89
C ALA A 626 -0.67 -39.77 -29.77
N ALA A 627 0.34 -39.49 -30.59
CA ALA A 627 0.27 -38.41 -31.57
C ALA A 627 0.01 -38.99 -32.95
N TRP A 628 -1.04 -38.53 -33.60
CA TRP A 628 -1.45 -39.09 -34.88
C TRP A 628 -1.06 -38.15 -36.01
N GLU A 629 -0.45 -38.73 -37.05
CA GLU A 629 0.02 -38.01 -38.21
C GLU A 629 -0.95 -38.20 -39.36
N PHE A 630 -1.35 -37.09 -39.97
CA PHE A 630 -2.19 -37.11 -41.17
C PHE A 630 -1.36 -37.61 -42.34
N THR A 631 -1.73 -38.77 -42.88
CA THR A 631 -0.99 -39.40 -43.97
C THR A 631 -1.66 -39.19 -45.32
N GLY A 632 -2.68 -38.34 -45.39
CA GLY A 632 -3.47 -38.18 -46.58
C GLY A 632 -4.65 -39.11 -46.68
N ASP A 633 -4.66 -40.19 -45.90
CA ASP A 633 -5.80 -41.10 -45.81
C ASP A 633 -6.47 -40.86 -44.47
N LEU A 634 -7.76 -40.52 -44.51
CA LEU A 634 -8.46 -40.14 -43.28
C LEU A 634 -8.65 -41.33 -42.34
N ALA A 635 -8.78 -42.54 -42.89
CA ALA A 635 -9.00 -43.72 -42.08
C ALA A 635 -7.71 -44.41 -41.64
N LYS A 636 -6.56 -43.97 -42.14
CA LYS A 636 -5.26 -44.56 -41.79
C LYS A 636 -4.25 -43.48 -41.43
N PRO A 637 -4.43 -42.80 -40.31
CA PRO A 637 -3.36 -41.95 -39.78
C PRO A 637 -2.26 -42.80 -39.15
N ARG A 638 -1.07 -42.22 -39.08
CA ARG A 638 0.08 -42.95 -38.57
C ARG A 638 0.29 -42.62 -37.09
N LEU A 639 0.41 -43.65 -36.27
CA LEU A 639 0.51 -43.46 -34.82
C LEU A 639 1.98 -43.32 -34.42
N HIS A 640 2.27 -42.29 -33.62
CA HIS A 640 3.58 -42.03 -33.06
C HIS A 640 3.43 -42.04 -31.55
N LYS A 641 4.11 -42.97 -30.89
CA LYS A 641 4.06 -43.05 -29.44
C LYS A 641 5.16 -42.18 -28.84
N GLU A 642 4.79 -41.35 -27.88
CA GLU A 642 5.76 -40.59 -27.09
C GLU A 642 5.80 -41.19 -25.69
N PRO A 643 6.85 -41.95 -25.34
CA PRO A 643 6.83 -42.68 -24.08
C PRO A 643 6.73 -41.75 -22.87
N LEU A 644 6.05 -42.24 -21.84
CA LEU A 644 5.83 -41.49 -20.61
C LEU A 644 6.67 -42.13 -19.50
N VAL A 645 7.53 -41.34 -18.88
CA VAL A 645 8.36 -41.78 -17.76
C VAL A 645 8.01 -40.93 -16.56
N PHE A 646 7.68 -41.58 -15.45
CA PHE A 646 7.25 -40.91 -14.23
C PHE A 646 8.32 -41.11 -13.16
N GLU A 647 9.10 -40.06 -12.90
CA GLU A 647 10.19 -40.12 -11.94
C GLU A 647 9.81 -39.64 -10.55
N TYR A 648 8.72 -38.90 -10.42
CA TYR A 648 8.34 -38.28 -9.16
C TYR A 648 6.97 -38.72 -8.65
N VAL A 649 5.99 -38.84 -9.54
CA VAL A 649 4.65 -39.32 -9.18
C VAL A 649 4.52 -40.71 -9.78
N LYS A 650 4.70 -41.73 -8.95
CA LYS A 650 4.68 -43.10 -9.43
C LYS A 650 3.25 -43.54 -9.71
N PRO A 651 2.98 -44.12 -10.89
CA PRO A 651 1.62 -44.58 -11.18
C PRO A 651 1.16 -45.64 -10.20
N THR A 652 -0.12 -45.59 -9.87
CA THR A 652 -0.70 -46.55 -8.91
C THR A 652 -2.11 -46.97 -9.34
N MET B 1 -47.88 -23.49 -29.42
CA MET B 1 -47.88 -22.04 -29.38
C MET B 1 -47.60 -21.46 -30.77
N LYS B 2 -48.56 -20.69 -31.29
CA LYS B 2 -48.40 -19.99 -32.56
C LYS B 2 -47.86 -18.60 -32.29
N ILE B 3 -46.78 -18.24 -32.97
CA ILE B 3 -46.10 -16.97 -32.74
C ILE B 3 -45.82 -16.30 -34.06
N THR B 4 -46.25 -15.04 -34.19
CA THR B 4 -45.93 -14.22 -35.35
C THR B 4 -44.71 -13.38 -35.02
N LEU B 5 -43.76 -13.31 -35.95
CA LEU B 5 -42.51 -12.59 -35.74
C LEU B 5 -42.35 -11.55 -36.84
N LYS B 6 -42.18 -10.30 -36.44
CA LYS B 6 -41.81 -9.22 -37.36
C LYS B 6 -40.32 -8.98 -37.14
N ILE B 7 -39.50 -9.52 -38.03
CA ILE B 7 -38.06 -9.50 -37.87
C ILE B 7 -37.46 -8.51 -38.86
N TRP B 8 -36.53 -7.68 -38.35
CA TRP B 8 -35.80 -6.76 -39.21
C TRP B 8 -34.86 -7.54 -40.12
N ARG B 9 -35.04 -7.37 -41.43
CA ARG B 9 -34.20 -8.00 -42.44
C ARG B 9 -33.50 -6.87 -43.19
N GLN B 10 -32.20 -6.75 -42.96
CA GLN B 10 -31.34 -5.81 -43.66
C GLN B 10 -30.24 -6.59 -44.37
N LYS B 11 -30.06 -6.33 -45.66
CA LYS B 11 -29.14 -7.14 -46.46
C LYS B 11 -27.69 -6.91 -46.04
N ASN B 12 -27.30 -5.66 -45.87
CA ASN B 12 -25.92 -5.33 -45.49
C ASN B 12 -25.91 -3.92 -44.90
N ARG B 13 -24.71 -3.36 -44.78
CA ARG B 13 -24.55 -2.04 -44.17
C ARG B 13 -25.31 -0.97 -44.95
N ASN B 14 -25.22 -0.99 -46.28
CA ASN B 14 -25.74 0.09 -47.10
C ASN B 14 -27.17 -0.13 -47.56
N THR B 15 -27.60 -1.38 -47.70
CA THR B 15 -28.96 -1.65 -48.16
C THR B 15 -29.95 -1.37 -47.04
N PRO B 16 -30.99 -0.57 -47.30
CA PRO B 16 -32.03 -0.37 -46.29
C PRO B 16 -32.79 -1.66 -46.01
N GLY B 17 -33.19 -1.83 -44.75
CA GLY B 17 -33.89 -3.02 -44.32
C GLY B 17 -35.38 -2.80 -44.19
N GLU B 18 -36.08 -3.90 -43.87
CA GLU B 18 -37.53 -3.84 -43.70
C GLU B 18 -37.96 -4.95 -42.75
N PHE B 19 -39.14 -4.79 -42.17
CA PHE B 19 -39.70 -5.81 -41.30
C PHE B 19 -40.42 -6.86 -42.12
N LYS B 20 -40.05 -8.13 -41.92
CA LYS B 20 -40.68 -9.24 -42.60
C LYS B 20 -41.40 -10.12 -41.58
N THR B 21 -42.51 -10.71 -42.00
CA THR B 21 -43.40 -11.44 -41.12
C THR B 21 -43.22 -12.94 -41.33
N TYR B 22 -42.98 -13.65 -40.24
CA TYR B 22 -42.80 -15.10 -40.25
C TYR B 22 -43.68 -15.71 -39.18
N VAL B 23 -44.49 -16.69 -39.55
CA VAL B 23 -45.42 -17.33 -38.62
C VAL B 23 -44.86 -18.68 -38.22
N MET B 24 -44.73 -18.91 -36.91
CA MET B 24 -44.28 -20.18 -36.36
C MET B 24 -45.50 -20.88 -35.79
N ASP B 25 -45.90 -21.98 -36.44
CA ASP B 25 -47.14 -22.66 -36.05
C ASP B 25 -46.99 -23.37 -34.72
N ASN B 26 -45.85 -24.01 -34.49
CA ASN B 26 -45.59 -24.76 -33.25
C ASN B 26 -44.34 -24.20 -32.58
N VAL B 27 -44.50 -23.69 -31.36
CA VAL B 27 -43.39 -23.14 -30.59
C VAL B 27 -43.43 -23.76 -29.21
N ASN B 28 -42.32 -24.34 -28.78
CA ASN B 28 -42.24 -24.92 -27.44
C ASN B 28 -42.03 -23.81 -26.41
N PRO B 29 -42.86 -23.73 -25.38
CA PRO B 29 -42.61 -22.74 -24.32
C PRO B 29 -41.26 -22.89 -23.65
N ASP B 30 -40.76 -24.12 -23.53
CA ASP B 30 -39.42 -24.33 -22.98
C ASP B 30 -38.33 -23.93 -23.95
N MET B 31 -38.63 -23.89 -25.25
CA MET B 31 -37.65 -23.51 -26.25
C MET B 31 -37.25 -22.05 -26.10
N SER B 32 -35.95 -21.79 -26.20
CA SER B 32 -35.44 -20.45 -26.02
C SER B 32 -35.77 -19.58 -27.23
N PHE B 33 -35.65 -18.26 -27.05
CA PHE B 33 -35.91 -17.33 -28.15
C PHE B 33 -34.93 -17.54 -29.29
N LEU B 34 -33.65 -17.69 -28.97
CA LEU B 34 -32.66 -17.98 -30.01
C LEU B 34 -32.89 -19.36 -30.62
N GLU B 35 -33.38 -20.32 -29.83
CA GLU B 35 -33.74 -21.61 -30.39
C GLU B 35 -34.89 -21.48 -31.38
N MET B 36 -35.87 -20.63 -31.07
CA MET B 36 -36.96 -20.37 -32.01
C MET B 36 -36.43 -19.70 -33.27
N LEU B 37 -35.49 -18.76 -33.13
CA LEU B 37 -34.88 -18.14 -34.30
C LEU B 37 -34.13 -19.17 -35.13
N ASP B 38 -33.46 -20.12 -34.48
CA ASP B 38 -32.77 -21.18 -35.20
C ASP B 38 -33.74 -22.07 -35.96
N VAL B 39 -34.88 -22.41 -35.33
CA VAL B 39 -35.90 -23.21 -36.00
C VAL B 39 -36.45 -22.46 -37.21
N LEU B 40 -36.68 -21.16 -37.06
CA LEU B 40 -37.13 -20.36 -38.20
C LEU B 40 -36.08 -20.33 -39.30
N ASN B 41 -34.80 -20.26 -38.91
CA ASN B 41 -33.73 -20.28 -39.91
C ASN B 41 -33.72 -21.60 -40.68
N GLU B 42 -33.91 -22.72 -39.98
CA GLU B 42 -34.00 -24.00 -40.66
C GLU B 42 -35.20 -24.05 -41.60
N ASP B 43 -36.33 -23.50 -41.17
CA ASP B 43 -37.51 -23.47 -42.03
C ASP B 43 -37.25 -22.62 -43.28
N LEU B 44 -36.58 -21.48 -43.11
CA LEU B 44 -36.25 -20.62 -44.24
C LEU B 44 -35.29 -21.33 -45.20
N MET B 45 -34.30 -22.05 -44.65
CA MET B 45 -33.38 -22.80 -45.50
C MET B 45 -34.12 -23.87 -46.29
N SER B 46 -35.04 -24.58 -45.64
CA SER B 46 -35.82 -25.60 -46.33
C SER B 46 -36.68 -24.99 -47.42
N ARG B 47 -37.28 -23.83 -47.15
CA ARG B 47 -38.12 -23.15 -48.13
C ARG B 47 -37.32 -22.31 -49.13
N GLY B 48 -35.99 -22.27 -48.98
CA GLY B 48 -35.15 -21.55 -49.93
C GLY B 48 -34.87 -20.11 -49.61
N GLU B 49 -35.47 -19.56 -48.56
CA GLU B 49 -35.28 -18.17 -48.22
C GLU B 49 -33.95 -17.97 -47.48
N GLU B 50 -33.60 -16.71 -47.26
CA GLU B 50 -32.34 -16.38 -46.61
C GLU B 50 -32.52 -16.43 -45.09
N PRO B 51 -31.69 -17.19 -44.38
CA PRO B 51 -31.84 -17.27 -42.92
C PRO B 51 -31.58 -15.95 -42.23
N VAL B 52 -32.24 -15.74 -41.10
CA VAL B 52 -32.04 -14.55 -40.29
C VAL B 52 -30.73 -14.68 -39.53
N ALA B 53 -29.88 -13.67 -39.64
CA ALA B 53 -28.57 -13.68 -39.00
C ALA B 53 -28.63 -12.89 -37.69
N PHE B 54 -28.12 -13.49 -36.62
CA PHE B 54 -28.05 -12.84 -35.32
C PHE B 54 -26.79 -13.33 -34.61
N ASP B 55 -26.31 -12.50 -33.67
CA ASP B 55 -25.08 -12.78 -32.96
C ASP B 55 -25.36 -13.66 -31.74
N HIS B 56 -24.57 -14.71 -31.57
CA HIS B 56 -24.73 -15.63 -30.45
C HIS B 56 -23.51 -16.54 -30.32
N ASP B 57 -22.90 -16.61 -29.13
CA ASP B 57 -21.84 -17.58 -28.90
C ASP B 57 -22.16 -18.54 -27.76
N CYS B 58 -22.43 -18.04 -26.56
CA CYS B 58 -22.46 -18.88 -25.36
C CYS B 58 -23.84 -19.43 -25.03
N ARG B 59 -24.90 -18.67 -25.31
CA ARG B 59 -26.27 -19.05 -24.97
C ARG B 59 -26.47 -19.21 -23.47
N GLU B 60 -25.68 -18.49 -22.66
CA GLU B 60 -25.88 -18.51 -21.21
C GLU B 60 -25.71 -17.12 -20.59
N GLY B 61 -25.83 -16.06 -21.38
CA GLY B 61 -25.82 -14.70 -20.85
C GLY B 61 -24.53 -14.25 -20.21
N ILE B 62 -23.38 -14.68 -20.75
CA ILE B 62 -22.08 -14.31 -20.21
C ILE B 62 -21.21 -13.61 -21.25
N CYS B 63 -21.21 -14.07 -22.50
CA CYS B 63 -20.31 -13.49 -23.49
C CYS B 63 -20.77 -12.11 -23.93
N GLY B 64 -22.07 -11.93 -24.12
CA GLY B 64 -22.61 -10.67 -24.61
C GLY B 64 -22.84 -10.59 -26.09
N MET B 65 -22.76 -11.71 -26.82
CA MET B 65 -22.98 -11.66 -28.26
C MET B 65 -24.44 -11.38 -28.59
N CYS B 66 -25.37 -11.87 -27.77
CA CYS B 66 -26.79 -11.63 -28.03
C CYS B 66 -27.08 -10.14 -28.02
N SER B 67 -27.74 -9.67 -29.08
CA SER B 67 -28.11 -8.27 -29.20
C SER B 67 -29.43 -8.21 -29.98
N LEU B 68 -30.54 -8.22 -29.25
CA LEU B 68 -31.85 -8.22 -29.85
C LEU B 68 -32.80 -7.31 -29.07
N MET B 69 -33.44 -6.38 -29.77
CA MET B 69 -34.50 -5.56 -29.19
C MET B 69 -35.82 -6.26 -29.46
N ILE B 70 -36.34 -6.95 -28.45
CA ILE B 70 -37.52 -7.80 -28.60
C ILE B 70 -38.71 -7.08 -28.00
N ASN B 71 -39.72 -6.81 -28.84
CA ASN B 71 -40.94 -6.13 -28.43
C ASN B 71 -40.66 -4.77 -27.80
N GLY B 72 -39.60 -4.10 -28.26
CA GLY B 72 -39.25 -2.79 -27.77
C GLY B 72 -38.36 -2.77 -26.56
N VAL B 73 -38.09 -3.91 -25.95
CA VAL B 73 -37.22 -4.01 -24.78
C VAL B 73 -35.96 -4.75 -25.19
N ALA B 74 -34.81 -4.21 -24.76
CA ALA B 74 -33.54 -4.88 -25.03
C ALA B 74 -33.48 -6.20 -24.27
N HIS B 75 -33.06 -7.25 -24.97
CA HIS B 75 -32.92 -8.60 -24.43
C HIS B 75 -34.26 -9.20 -24.02
N GLY B 76 -35.37 -8.68 -24.55
CA GLY B 76 -36.67 -9.25 -24.30
C GLY B 76 -37.40 -8.61 -23.13
N PRO B 77 -38.66 -9.01 -22.94
CA PRO B 77 -39.47 -8.38 -21.88
C PRO B 77 -38.94 -8.57 -20.49
N LYS B 78 -38.34 -9.73 -20.19
CA LYS B 78 -37.86 -10.01 -18.84
C LYS B 78 -36.51 -9.35 -18.63
N ASN B 79 -36.35 -8.68 -17.49
CA ASN B 79 -35.13 -7.95 -17.18
C ASN B 79 -34.12 -8.85 -16.48
N ALA B 80 -32.89 -8.35 -16.37
CA ALA B 80 -31.77 -9.03 -15.74
C ALA B 80 -31.39 -10.33 -16.43
N ILE B 81 -31.78 -10.48 -17.70
CA ILE B 81 -31.40 -11.63 -18.52
C ILE B 81 -30.99 -11.11 -19.89
N THR B 82 -30.50 -12.02 -20.73
CA THR B 82 -30.10 -11.73 -22.10
C THR B 82 -31.10 -12.32 -23.07
N THR B 83 -30.84 -12.13 -24.36
CA THR B 83 -31.68 -12.74 -25.39
C THR B 83 -31.59 -14.25 -25.34
N CYS B 84 -30.38 -14.79 -25.12
CA CYS B 84 -30.21 -16.23 -25.03
C CYS B 84 -30.92 -16.81 -23.81
N GLN B 85 -30.98 -16.04 -22.72
CA GLN B 85 -31.64 -16.49 -21.50
C GLN B 85 -33.15 -16.31 -21.54
N LEU B 86 -33.67 -15.65 -22.56
CA LEU B 86 -35.10 -15.45 -22.70
C LEU B 86 -35.73 -16.67 -23.36
N HIS B 87 -36.77 -17.21 -22.74
CA HIS B 87 -37.45 -18.40 -23.25
C HIS B 87 -38.87 -18.06 -23.64
N MET B 88 -39.44 -18.88 -24.52
CA MET B 88 -40.72 -18.58 -25.12
C MET B 88 -41.89 -18.66 -24.15
N ARG B 89 -41.68 -19.20 -22.95
CA ARG B 89 -42.73 -19.17 -21.94
C ARG B 89 -43.04 -17.77 -21.44
N SER B 90 -42.16 -16.80 -21.72
CA SER B 90 -42.41 -15.40 -21.38
C SER B 90 -43.41 -14.75 -22.32
N PHE B 91 -43.85 -15.44 -23.35
CA PHE B 91 -44.82 -14.94 -24.31
C PHE B 91 -46.08 -15.81 -24.26
N LYS B 92 -47.09 -15.41 -25.00
CA LYS B 92 -48.37 -16.10 -25.03
C LYS B 92 -48.71 -16.52 -26.45
N ASP B 93 -49.61 -17.49 -26.56
CA ASP B 93 -50.04 -17.98 -27.87
C ASP B 93 -50.68 -16.85 -28.68
N GLY B 94 -50.29 -16.76 -29.95
CA GLY B 94 -50.82 -15.75 -30.84
C GLY B 94 -50.12 -14.40 -30.77
N ASP B 95 -49.08 -14.27 -29.97
CA ASP B 95 -48.38 -12.99 -29.84
C ASP B 95 -47.66 -12.62 -31.13
N THR B 96 -47.59 -11.32 -31.40
CA THR B 96 -46.72 -10.76 -32.41
C THR B 96 -45.49 -10.19 -31.70
N ILE B 97 -44.31 -10.70 -32.05
CA ILE B 97 -43.06 -10.31 -31.43
C ILE B 97 -42.22 -9.59 -32.49
N THR B 98 -41.77 -8.39 -32.15
CA THR B 98 -40.97 -7.58 -33.06
C THR B 98 -39.51 -7.72 -32.67
N VAL B 99 -38.71 -8.30 -33.56
CA VAL B 99 -37.28 -8.53 -33.34
C VAL B 99 -36.49 -7.61 -34.26
N GLU B 100 -35.51 -6.93 -33.69
CA GLU B 100 -34.76 -5.91 -34.41
C GLU B 100 -33.44 -5.69 -33.67
N PRO B 101 -32.41 -5.20 -34.37
CA PRO B 101 -31.09 -5.07 -33.76
C PRO B 101 -31.02 -3.83 -32.88
N TRP B 102 -29.83 -3.59 -32.34
CA TRP B 102 -29.55 -2.32 -31.70
C TRP B 102 -29.57 -1.20 -32.75
N ARG B 103 -30.21 -0.09 -32.43
CA ARG B 103 -30.19 1.10 -33.29
C ARG B 103 -29.33 2.16 -32.61
N ALA B 104 -28.12 2.34 -33.14
CA ALA B 104 -27.23 3.39 -32.66
C ALA B 104 -26.26 3.73 -33.78
N SER B 105 -25.81 4.99 -33.80
CA SER B 105 -24.85 5.42 -34.80
C SER B 105 -23.53 4.68 -34.68
N ALA B 106 -23.08 4.45 -33.44
CA ALA B 106 -21.81 3.78 -33.19
C ALA B 106 -21.91 2.26 -33.32
N PHE B 107 -23.12 1.71 -33.49
CA PHE B 107 -23.34 0.28 -33.66
C PHE B 107 -23.92 0.05 -35.05
N PRO B 108 -23.10 0.13 -36.10
CA PRO B 108 -23.63 -0.07 -37.46
C PRO B 108 -24.20 -1.46 -37.64
N ILE B 109 -25.32 -1.54 -38.37
CA ILE B 109 -25.98 -2.81 -38.63
C ILE B 109 -25.32 -3.45 -39.85
N LEU B 110 -24.82 -4.67 -39.68
CA LEU B 110 -24.14 -5.38 -40.75
C LEU B 110 -25.03 -6.39 -41.47
N LYS B 111 -26.12 -6.81 -40.84
CA LYS B 111 -26.96 -7.88 -41.36
C LYS B 111 -28.34 -7.71 -40.75
N ASP B 112 -29.16 -8.78 -40.79
CA ASP B 112 -30.54 -8.68 -40.34
C ASP B 112 -30.61 -8.18 -38.90
N LEU B 113 -30.04 -8.92 -37.96
CA LEU B 113 -30.08 -8.54 -36.55
C LEU B 113 -28.68 -8.40 -35.94
N VAL B 114 -27.65 -8.25 -36.77
CA VAL B 114 -26.26 -8.18 -36.31
C VAL B 114 -25.80 -6.73 -36.42
N VAL B 115 -25.12 -6.25 -35.37
CA VAL B 115 -24.57 -4.91 -35.34
C VAL B 115 -23.06 -5.00 -35.11
N ASP B 116 -22.38 -3.87 -35.31
CA ASP B 116 -20.94 -3.77 -35.12
C ASP B 116 -20.67 -3.01 -33.83
N ARG B 117 -20.30 -3.74 -32.78
CA ARG B 117 -20.10 -3.15 -31.46
C ARG B 117 -18.62 -2.93 -31.14
N SER B 118 -17.80 -2.68 -32.17
CA SER B 118 -16.38 -2.42 -31.96
C SER B 118 -16.10 -1.09 -31.28
N ALA B 119 -17.08 -0.18 -31.25
CA ALA B 119 -16.91 1.06 -30.51
C ALA B 119 -16.70 0.80 -29.02
N PHE B 120 -17.34 -0.24 -28.48
CA PHE B 120 -17.08 -0.65 -27.11
C PHE B 120 -15.62 -1.09 -26.95
N ASP B 121 -15.11 -1.84 -27.94
CA ASP B 121 -13.72 -2.25 -27.90
C ASP B 121 -12.77 -1.06 -27.91
N ARG B 122 -13.09 -0.04 -28.72
CA ARG B 122 -12.25 1.14 -28.76
C ARG B 122 -12.37 2.00 -27.50
N ILE B 123 -13.54 1.97 -26.84
CA ILE B 123 -13.66 2.63 -25.55
C ILE B 123 -12.78 1.93 -24.52
N ILE B 124 -12.77 0.60 -24.54
CA ILE B 124 -11.89 -0.15 -23.64
C ILE B 124 -10.43 0.15 -23.95
N GLN B 125 -10.09 0.22 -25.24
CA GLN B 125 -8.72 0.49 -25.67
C GLN B 125 -8.24 1.87 -25.24
N ALA B 126 -9.15 2.76 -24.88
CA ALA B 126 -8.79 4.15 -24.58
C ALA B 126 -8.55 4.35 -23.08
N GLY B 127 -8.09 3.31 -22.40
CA GLY B 127 -7.76 3.40 -21.00
C GLY B 127 -8.60 2.57 -20.06
N GLY B 128 -9.50 1.74 -20.58
CA GLY B 128 -10.29 0.86 -19.74
C GLY B 128 -9.51 -0.36 -19.29
N TYR B 129 -8.35 -0.15 -18.69
CA TYR B 129 -7.47 -1.23 -18.28
C TYR B 129 -6.55 -0.71 -17.18
N ILE B 130 -5.74 -1.62 -16.64
CA ILE B 130 -4.67 -1.26 -15.72
C ILE B 130 -3.35 -1.57 -16.42
N SER B 131 -2.51 -0.55 -16.58
CA SER B 131 -1.29 -0.66 -17.39
C SER B 131 -0.21 -1.39 -16.61
N VAL B 132 -0.44 -2.69 -16.41
CA VAL B 132 0.52 -3.57 -15.75
C VAL B 132 0.96 -4.62 -16.75
N SER B 133 2.27 -4.80 -16.87
CA SER B 133 2.83 -5.78 -17.79
C SER B 133 3.02 -7.12 -17.09
N THR B 134 3.25 -8.16 -17.89
CA THR B 134 3.43 -9.51 -17.36
C THR B 134 4.81 -9.65 -16.74
N GLY B 135 4.86 -10.21 -15.53
CA GLY B 135 6.09 -10.45 -14.83
C GLY B 135 6.43 -9.41 -13.78
N SER B 136 5.82 -8.23 -13.84
CA SER B 136 6.09 -7.16 -12.90
C SER B 136 5.13 -7.15 -11.72
N ALA B 137 4.11 -8.02 -11.73
CA ALA B 137 3.10 -8.00 -10.69
C ALA B 137 3.71 -8.42 -9.35
N PRO B 138 3.40 -7.69 -8.26
CA PRO B 138 3.85 -8.12 -6.94
C PRO B 138 3.05 -9.31 -6.42
N ASP B 139 3.28 -9.72 -5.19
CA ASP B 139 2.50 -10.80 -4.60
C ASP B 139 1.03 -10.42 -4.54
N ALA B 140 0.17 -11.42 -4.73
CA ALA B 140 -1.26 -11.18 -4.86
C ALA B 140 -1.88 -10.59 -3.60
N ASN B 141 -1.31 -10.86 -2.42
CA ASN B 141 -1.86 -10.38 -1.16
C ASN B 141 -1.18 -9.12 -0.64
N THR B 142 -0.35 -8.47 -1.47
CA THR B 142 0.38 -7.30 -1.02
C THR B 142 -0.56 -6.13 -0.71
N ILE B 143 -1.49 -5.86 -1.61
CA ILE B 143 -2.40 -4.71 -1.49
C ILE B 143 -3.74 -5.22 -0.97
N PRO B 144 -4.19 -4.80 0.21
CA PRO B 144 -5.48 -5.26 0.73
C PRO B 144 -6.63 -4.50 0.08
N VAL B 145 -7.59 -5.25 -0.46
CA VAL B 145 -8.81 -4.69 -1.02
C VAL B 145 -9.97 -5.10 -0.13
N SER B 146 -10.69 -4.12 0.41
CA SER B 146 -11.78 -4.42 1.33
C SER B 146 -12.87 -5.22 0.63
N LYS B 147 -13.58 -6.03 1.42
CA LYS B 147 -14.57 -6.94 0.86
C LYS B 147 -15.70 -6.17 0.18
N VAL B 148 -16.12 -5.05 0.76
CA VAL B 148 -17.19 -4.27 0.14
C VAL B 148 -16.71 -3.62 -1.15
N ALA B 149 -15.46 -3.17 -1.19
CA ALA B 149 -14.91 -2.60 -2.42
C ALA B 149 -14.78 -3.66 -3.50
N ALA B 150 -14.34 -4.86 -3.13
CA ALA B 150 -14.26 -5.96 -4.09
C ALA B 150 -15.64 -6.36 -4.60
N ASP B 151 -16.63 -6.37 -3.71
CA ASP B 151 -17.99 -6.71 -4.12
C ASP B 151 -18.55 -5.67 -5.09
N ARG B 152 -18.33 -4.38 -4.81
CA ARG B 152 -18.79 -3.34 -5.73
C ARG B 152 -18.04 -3.40 -7.05
N ALA B 153 -16.74 -3.66 -7.02
CA ALA B 153 -15.96 -3.75 -8.25
C ALA B 153 -16.34 -4.98 -9.06
N MET B 154 -16.80 -6.04 -8.40
CA MET B 154 -17.33 -7.20 -9.13
C MET B 154 -18.72 -6.93 -9.68
N ASP B 155 -19.53 -6.15 -8.97
CA ASP B 155 -20.81 -5.72 -9.50
C ASP B 155 -20.62 -4.91 -10.77
N ALA B 156 -19.64 -4.00 -10.77
CA ALA B 156 -19.38 -3.19 -11.96
C ALA B 156 -18.68 -4.00 -13.04
N ALA B 157 -17.74 -4.87 -12.67
CA ALA B 157 -16.98 -5.65 -13.63
C ALA B 157 -17.83 -6.70 -14.33
N ALA B 158 -18.93 -7.12 -13.72
CA ALA B 158 -19.83 -8.08 -14.35
C ALA B 158 -20.64 -7.34 -15.42
N CYS B 159 -19.96 -7.00 -16.51
CA CYS B 159 -20.57 -6.37 -17.67
C CYS B 159 -20.16 -7.16 -18.89
N ILE B 160 -21.14 -7.71 -19.61
CA ILE B 160 -20.86 -8.62 -20.71
C ILE B 160 -20.65 -7.90 -22.03
N GLY B 161 -20.67 -6.56 -22.04
CA GLY B 161 -20.44 -5.82 -23.26
C GLY B 161 -21.47 -6.07 -24.34
N CYS B 162 -22.72 -6.31 -23.96
CA CYS B 162 -23.75 -6.61 -24.95
C CYS B 162 -24.18 -5.36 -25.71
N GLY B 163 -24.05 -4.19 -25.09
CA GLY B 163 -24.49 -2.96 -25.72
C GLY B 163 -25.97 -2.66 -25.60
N ALA B 164 -26.70 -3.40 -24.75
CA ALA B 164 -28.12 -3.12 -24.56
C ALA B 164 -28.33 -1.78 -23.88
N CYS B 165 -27.35 -1.31 -23.12
CA CYS B 165 -27.45 0.01 -22.51
C CYS B 165 -27.49 1.11 -23.57
N VAL B 166 -26.65 0.98 -24.60
CA VAL B 166 -26.68 1.94 -25.70
C VAL B 166 -27.99 1.86 -26.44
N ALA B 167 -28.52 0.65 -26.60
CA ALA B 167 -29.71 0.46 -27.40
C ALA B 167 -30.96 0.99 -26.71
N ALA B 168 -31.07 0.79 -25.39
CA ALA B 168 -32.26 1.24 -24.69
C ALA B 168 -32.16 2.71 -24.30
N CYS B 169 -30.95 3.25 -24.20
CA CYS B 169 -30.79 4.66 -23.89
C CYS B 169 -31.40 5.49 -25.01
N PRO B 170 -32.31 6.42 -24.70
CA PRO B 170 -32.91 7.23 -25.77
C PRO B 170 -31.92 8.09 -26.52
N ASN B 171 -30.75 8.37 -25.94
CA ASN B 171 -29.71 9.12 -26.62
C ASN B 171 -28.70 8.24 -27.33
N GLY B 172 -28.79 6.92 -27.17
CA GLY B 172 -27.79 6.02 -27.73
C GLY B 172 -26.43 6.19 -27.09
N SER B 173 -26.38 6.32 -25.78
CA SER B 173 -25.15 6.59 -25.05
C SER B 173 -24.59 5.32 -24.43
N ALA B 174 -23.27 5.24 -24.35
CA ALA B 174 -22.58 4.13 -23.70
C ALA B 174 -22.20 4.45 -22.27
N MET B 175 -23.01 5.25 -21.58
CA MET B 175 -22.63 5.71 -20.25
C MET B 175 -22.64 4.58 -19.23
N LEU B 176 -23.55 3.61 -19.38
CA LEU B 176 -23.57 2.49 -18.44
C LEU B 176 -22.36 1.59 -18.61
N PHE B 177 -21.98 1.29 -19.84
CA PHE B 177 -20.82 0.44 -20.10
C PHE B 177 -19.53 1.12 -19.64
N THR B 178 -19.33 2.35 -20.08
CA THR B 178 -18.15 3.11 -19.67
C THR B 178 -18.11 3.31 -18.17
N ALA B 179 -19.26 3.61 -17.57
CA ALA B 179 -19.33 3.80 -16.13
C ALA B 179 -19.04 2.51 -15.38
N ALA B 180 -19.51 1.38 -15.89
CA ALA B 180 -19.22 0.11 -15.24
C ALA B 180 -17.73 -0.19 -15.26
N LYS B 181 -17.08 -0.01 -16.41
CA LYS B 181 -15.64 -0.26 -16.46
C LYS B 181 -14.87 0.73 -15.57
N VAL B 182 -15.25 2.00 -15.62
CA VAL B 182 -14.59 3.01 -14.81
C VAL B 182 -14.74 2.71 -13.33
N THR B 183 -15.95 2.32 -12.91
CA THR B 183 -16.19 2.00 -11.51
C THR B 183 -15.45 0.74 -11.09
N HIS B 184 -15.38 -0.26 -11.98
CA HIS B 184 -14.65 -1.47 -11.65
C HIS B 184 -13.18 -1.18 -11.41
N LEU B 185 -12.56 -0.39 -12.29
CA LEU B 185 -11.14 -0.11 -12.12
C LEU B 185 -10.87 0.91 -11.03
N ALA B 186 -11.79 1.82 -10.77
CA ALA B 186 -11.60 2.87 -9.77
C ALA B 186 -11.76 2.33 -8.35
N LEU B 187 -12.55 1.28 -8.17
CA LEU B 187 -12.82 0.76 -6.84
C LEU B 187 -11.70 -0.14 -6.31
N LEU B 188 -10.73 -0.48 -7.14
CA LEU B 188 -9.61 -1.29 -6.71
C LEU B 188 -8.36 -0.43 -6.56
N PRO B 189 -7.48 -0.77 -5.62
CA PRO B 189 -6.23 0.00 -5.46
C PRO B 189 -5.31 -0.06 -6.67
N GLN B 190 -5.47 -1.06 -7.54
CA GLN B 190 -4.60 -1.18 -8.69
C GLN B 190 -4.95 -0.16 -9.78
N GLY B 191 -6.21 0.23 -9.86
CA GLY B 191 -6.65 1.24 -10.81
C GLY B 191 -6.49 2.66 -10.35
N GLN B 192 -6.02 2.88 -9.13
CA GLN B 192 -5.82 4.25 -8.64
C GLN B 192 -4.80 5.06 -9.42
N PRO B 193 -3.63 4.52 -9.81
CA PRO B 193 -2.62 5.38 -10.45
C PRO B 193 -3.09 6.09 -11.71
N GLU B 194 -4.02 5.51 -12.48
CA GLU B 194 -4.39 6.08 -13.77
C GLU B 194 -5.89 6.24 -13.92
N ARG B 195 -6.63 6.38 -12.82
CA ARG B 195 -8.08 6.40 -12.93
C ARG B 195 -8.61 7.73 -13.47
N TYR B 196 -8.10 8.86 -12.95
CA TYR B 196 -8.64 10.15 -13.35
C TYR B 196 -8.30 10.49 -14.80
N GLN B 197 -7.17 10.00 -15.30
CA GLN B 197 -6.95 10.03 -16.75
C GLN B 197 -7.93 9.09 -17.44
N ARG B 198 -8.02 7.85 -16.96
CA ARG B 198 -8.77 6.82 -17.68
C ARG B 198 -10.19 7.27 -17.96
N VAL B 199 -10.90 7.71 -16.92
CA VAL B 199 -12.29 8.12 -17.10
C VAL B 199 -12.40 9.16 -18.20
N VAL B 200 -11.56 10.20 -18.12
CA VAL B 200 -11.62 11.24 -19.14
C VAL B 200 -11.41 10.62 -20.51
N ASN B 201 -10.33 9.85 -20.66
CA ASN B 201 -10.07 9.23 -21.94
C ASN B 201 -11.26 8.39 -22.37
N MET B 202 -11.75 7.54 -21.48
CA MET B 202 -12.88 6.68 -21.84
C MET B 202 -14.07 7.52 -22.24
N VAL B 203 -14.38 8.55 -21.45
CA VAL B 203 -15.50 9.40 -21.79
C VAL B 203 -15.28 10.04 -23.14
N ALA B 204 -14.07 10.56 -23.36
CA ALA B 204 -13.77 11.18 -24.64
C ALA B 204 -13.96 10.19 -25.77
N GLN B 205 -13.54 8.93 -25.55
CA GLN B 205 -13.69 7.93 -26.60
C GLN B 205 -15.15 7.71 -26.92
N ALA B 206 -16.00 7.68 -25.89
CA ALA B 206 -17.43 7.51 -26.12
C ALA B 206 -17.98 8.69 -26.93
N ASP B 207 -17.42 9.88 -26.72
CA ASP B 207 -17.82 11.03 -27.53
C ASP B 207 -17.30 10.88 -28.95
N PHE B 208 -16.09 10.33 -29.11
CA PHE B 208 -15.50 10.22 -30.44
C PHE B 208 -16.16 9.12 -31.25
N GLU B 209 -16.55 8.02 -30.59
CA GLU B 209 -17.13 6.89 -31.29
C GLU B 209 -18.52 7.20 -31.84
N GLY B 210 -19.20 8.20 -31.31
CA GLY B 210 -20.50 8.59 -31.79
C GLY B 210 -21.67 8.27 -30.87
N PHE B 211 -21.44 8.14 -29.57
CA PHE B 211 -22.52 7.91 -28.62
C PHE B 211 -23.10 9.24 -28.15
N GLY B 212 -24.32 9.17 -27.63
CA GLY B 212 -25.00 10.35 -27.11
C GLY B 212 -24.56 10.68 -25.70
N ASN B 213 -25.31 11.57 -25.08
CA ASN B 213 -25.05 12.00 -23.72
C ASN B 213 -26.06 11.36 -22.76
N CYS B 214 -25.75 11.44 -21.47
CA CYS B 214 -26.57 10.85 -20.43
C CYS B 214 -27.52 11.90 -19.88
N THR B 215 -28.81 11.74 -20.16
CA THR B 215 -29.86 12.57 -19.58
C THR B 215 -30.34 12.01 -18.25
N ASN B 216 -29.63 11.00 -17.72
CA ASN B 216 -29.98 10.35 -16.45
C ASN B 216 -31.39 9.75 -16.51
N ILE B 217 -31.75 9.21 -17.67
CA ILE B 217 -33.06 8.58 -17.82
C ILE B 217 -33.11 7.26 -17.05
N GLY B 218 -32.07 6.45 -17.16
CA GLY B 218 -31.97 5.21 -16.41
C GLY B 218 -32.52 3.99 -17.11
N GLU B 219 -32.87 4.08 -18.39
CA GLU B 219 -33.37 2.92 -19.12
C GLU B 219 -32.29 1.85 -19.27
N CYS B 220 -31.03 2.27 -19.35
CA CYS B 220 -29.93 1.34 -19.50
C CYS B 220 -29.84 0.38 -18.31
N ALA B 221 -29.95 0.91 -17.10
CA ALA B 221 -29.97 0.05 -15.92
C ALA B 221 -31.23 -0.80 -15.85
N ALA B 222 -32.33 -0.33 -16.43
CA ALA B 222 -33.56 -1.12 -16.47
C ALA B 222 -33.39 -2.35 -17.35
N VAL B 223 -32.68 -2.21 -18.48
CA VAL B 223 -32.54 -3.30 -19.43
C VAL B 223 -31.23 -4.07 -19.26
N CYS B 224 -30.38 -3.68 -18.32
CA CYS B 224 -29.08 -4.31 -18.19
C CYS B 224 -29.23 -5.76 -17.74
N PRO B 225 -28.63 -6.72 -18.45
CA PRO B 225 -28.71 -8.12 -18.01
C PRO B 225 -28.06 -8.38 -16.66
N LYS B 226 -27.00 -7.64 -16.34
CA LYS B 226 -26.24 -7.86 -15.12
C LYS B 226 -26.59 -6.87 -14.02
N GLU B 227 -27.65 -6.08 -14.22
CA GLU B 227 -28.16 -5.16 -13.21
C GLU B 227 -27.08 -4.18 -12.73
N ILE B 228 -26.36 -3.62 -13.68
CA ILE B 228 -25.41 -2.56 -13.35
C ILE B 228 -26.19 -1.33 -12.91
N SER B 229 -25.90 -0.84 -11.71
CA SER B 229 -26.67 0.26 -11.14
C SER B 229 -26.24 1.60 -11.74
N LEU B 230 -27.10 2.59 -11.55
CA LEU B 230 -26.76 3.96 -11.95
C LEU B 230 -25.72 4.58 -11.04
N GLU B 231 -25.39 3.94 -9.92
CA GLU B 231 -24.29 4.42 -9.07
C GLU B 231 -22.96 4.31 -9.79
N THR B 232 -22.83 3.43 -10.78
CA THR B 232 -21.64 3.43 -11.62
C THR B 232 -21.51 4.73 -12.41
N ILE B 233 -22.64 5.23 -12.91
CA ILE B 233 -22.61 6.51 -13.63
C ILE B 233 -22.30 7.66 -12.68
N ALA B 234 -22.82 7.60 -11.45
CA ALA B 234 -22.48 8.61 -10.47
C ALA B 234 -21.00 8.56 -10.11
N GLN B 235 -20.43 7.35 -10.00
CA GLN B 235 -19.01 7.22 -9.74
C GLN B 235 -18.19 7.79 -10.89
N LEU B 236 -18.61 7.51 -12.13
CA LEU B 236 -17.95 8.10 -13.29
C LEU B 236 -18.03 9.61 -13.27
N ASN B 237 -19.19 10.15 -12.89
CA ASN B 237 -19.34 11.60 -12.83
C ASN B 237 -18.43 12.22 -11.79
N ARG B 238 -18.33 11.59 -10.61
CA ARG B 238 -17.41 12.07 -9.59
C ARG B 238 -15.97 12.02 -10.09
N ASP B 239 -15.60 10.91 -10.76
CA ASP B 239 -14.24 10.78 -11.27
C ASP B 239 -13.94 11.85 -12.31
N LEU B 240 -14.89 12.14 -13.19
CA LEU B 240 -14.66 13.13 -14.23
C LEU B 240 -14.59 14.53 -13.65
N VAL B 241 -15.42 14.83 -12.65
CA VAL B 241 -15.34 16.13 -11.98
C VAL B 241 -13.98 16.29 -11.31
N MET B 242 -13.53 15.26 -10.60
CA MET B 242 -12.24 15.34 -9.92
C MET B 242 -11.10 15.46 -10.92
N ALA B 243 -11.21 14.80 -12.07
CA ALA B 243 -10.17 14.89 -13.09
C ALA B 243 -10.15 16.27 -13.73
N ALA B 244 -11.33 16.87 -13.93
CA ALA B 244 -11.38 18.24 -14.43
C ALA B 244 -10.77 19.20 -13.44
N LEU B 245 -10.98 18.96 -12.14
CA LEU B 245 -10.32 19.77 -11.11
C LEU B 245 -8.80 19.61 -11.18
N ARG B 246 -8.33 18.45 -11.61
CA ARG B 246 -6.89 18.21 -11.78
C ARG B 246 -6.37 18.63 -13.15
N GLY B 247 -7.23 19.17 -14.00
CA GLY B 247 -6.81 19.57 -15.34
C GLY B 247 -6.40 18.42 -16.22
N ILE B 248 -7.09 17.28 -16.12
CA ILE B 248 -6.75 16.10 -16.89
C ILE B 248 -7.27 16.27 -18.32
N GLU B 249 -6.35 16.22 -19.27
CA GLU B 249 -6.64 16.41 -20.69
C GLU B 249 -6.80 15.05 -21.37
N PRO B 250 -7.89 14.83 -22.11
CA PRO B 250 -8.04 13.56 -22.82
C PRO B 250 -6.94 13.38 -23.85
N ASN B 251 -6.47 12.15 -23.99
CA ASN B 251 -5.45 11.83 -25.00
C ASN B 251 -6.09 11.78 -26.38
N THR B 252 -5.27 11.56 -27.39
CA THR B 252 -5.79 11.45 -28.75
C THR B 252 -6.68 10.22 -28.86
N PRO B 253 -7.81 10.32 -29.56
CA PRO B 253 -8.77 9.21 -29.58
C PRO B 253 -8.22 7.99 -30.31
N ILE B 254 -8.77 6.83 -29.95
CA ILE B 254 -8.39 5.57 -30.58
C ILE B 254 -9.08 5.51 -31.95
N VAL B 255 -8.28 5.61 -33.01
CA VAL B 255 -8.79 5.58 -34.37
C VAL B 255 -9.04 4.13 -34.77
N PRO B 256 -10.16 3.82 -35.42
CA PRO B 256 -10.38 2.46 -35.92
C PRO B 256 -9.29 2.05 -36.91
N ALA B 257 -8.90 0.78 -36.84
CA ALA B 257 -7.83 0.26 -37.69
C ALA B 257 -8.29 0.14 -39.14
N MET C 1 -4.80 20.13 -18.74
CA MET C 1 -3.81 21.20 -18.83
C MET C 1 -4.50 22.56 -18.86
N THR C 2 -5.82 22.56 -19.04
CA THR C 2 -6.61 23.78 -18.98
C THR C 2 -7.27 23.99 -17.62
N GLY C 3 -7.36 22.95 -16.80
CA GLY C 3 -8.02 23.05 -15.52
C GLY C 3 -9.49 22.73 -15.59
N VAL C 4 -10.30 23.46 -14.83
CA VAL C 4 -11.75 23.21 -14.80
C VAL C 4 -12.35 23.37 -16.19
N LEU C 5 -11.76 24.24 -17.01
CA LEU C 5 -12.25 24.45 -18.37
C LEU C 5 -12.08 23.22 -19.27
N THR C 6 -11.64 22.10 -18.68
CA THR C 6 -11.58 20.84 -19.47
C THR C 6 -12.96 20.22 -19.45
N LEU C 7 -13.90 20.77 -18.67
CA LEU C 7 -15.26 20.24 -18.66
C LEU C 7 -15.93 20.44 -20.01
N THR C 8 -15.64 21.54 -20.69
CA THR C 8 -16.22 21.78 -22.01
C THR C 8 -15.78 20.76 -23.04
N ARG C 9 -14.72 20.00 -22.74
CA ARG C 9 -14.16 19.08 -23.73
C ARG C 9 -14.98 17.80 -23.85
N THR C 10 -15.61 17.36 -22.77
CA THR C 10 -16.37 16.11 -22.76
C THR C 10 -17.86 16.38 -22.63
N SER C 11 -18.66 15.42 -23.07
CA SER C 11 -20.11 15.51 -22.90
C SER C 11 -20.49 15.42 -21.43
N VAL C 12 -19.78 14.60 -20.66
CA VAL C 12 -20.03 14.53 -19.23
C VAL C 12 -19.68 15.85 -18.55
N GLY C 13 -18.61 16.50 -19.01
CA GLY C 13 -18.29 17.82 -18.48
C GLY C 13 -19.32 18.85 -18.86
N LYS C 14 -19.90 18.75 -20.06
CA LYS C 14 -20.99 19.63 -20.45
C LYS C 14 -22.21 19.41 -19.55
N LYS C 15 -22.49 18.15 -19.21
CA LYS C 15 -23.59 17.87 -18.30
C LYS C 15 -23.30 18.36 -16.89
N VAL C 16 -22.03 18.35 -16.48
CA VAL C 16 -21.65 18.92 -15.19
C VAL C 16 -21.87 20.44 -15.20
N ILE C 17 -21.50 21.10 -16.29
CA ILE C 17 -21.77 22.53 -16.44
C ILE C 17 -23.26 22.80 -16.36
N MET C 18 -24.06 21.97 -17.04
CA MET C 18 -25.50 22.13 -16.98
C MET C 18 -26.04 21.87 -15.57
N ALA C 19 -25.44 20.92 -14.85
CA ALA C 19 -25.85 20.66 -13.47
C ALA C 19 -25.61 21.86 -12.58
N LEU C 20 -24.45 22.50 -12.71
CA LEU C 20 -24.16 23.68 -11.89
C LEU C 20 -25.07 24.86 -12.28
N THR C 21 -25.22 25.11 -13.58
CA THR C 21 -26.10 26.19 -14.01
C THR C 21 -27.55 25.91 -13.62
N GLY C 22 -27.97 24.64 -13.64
CA GLY C 22 -29.30 24.29 -13.20
C GLY C 22 -29.49 24.40 -11.71
N PHE C 23 -28.43 24.17 -10.94
CA PHE C 23 -28.47 24.49 -9.52
C PHE C 23 -28.77 25.97 -9.31
N VAL C 24 -28.04 26.82 -10.03
CA VAL C 24 -28.24 28.27 -9.92
C VAL C 24 -29.65 28.65 -10.36
N LEU C 25 -30.11 28.07 -11.47
CA LEU C 25 -31.42 28.44 -12.01
C LEU C 25 -32.57 27.90 -11.16
N VAL C 26 -32.41 26.72 -10.57
CA VAL C 26 -33.42 26.19 -9.65
C VAL C 26 -33.50 27.07 -8.41
N GLY C 27 -32.34 27.48 -7.88
CA GLY C 27 -32.36 28.42 -6.77
C GLY C 27 -33.07 29.70 -7.11
N PHE C 28 -32.78 30.26 -8.29
CA PHE C 28 -33.46 31.49 -8.72
C PHE C 28 -34.96 31.26 -8.89
N VAL C 29 -35.35 30.14 -9.46
CA VAL C 29 -36.77 29.88 -9.70
C VAL C 29 -37.52 29.76 -8.38
N VAL C 30 -36.95 29.05 -7.41
CA VAL C 30 -37.59 28.91 -6.10
C VAL C 30 -37.69 30.26 -5.42
N PHE C 31 -36.59 31.02 -5.42
CA PHE C 31 -36.62 32.35 -4.80
C PHE C 31 -37.58 33.29 -5.51
N HIS C 32 -37.73 33.14 -6.83
CA HIS C 32 -38.61 34.02 -7.59
C HIS C 32 -40.07 33.69 -7.32
N MET C 33 -40.41 32.41 -7.23
CA MET C 33 -41.76 32.03 -6.82
C MET C 33 -42.05 32.52 -5.41
N TYR C 34 -41.08 32.38 -4.50
CA TYR C 34 -41.28 32.87 -3.15
C TYR C 34 -41.50 34.38 -3.12
N GLY C 35 -40.75 35.13 -3.93
CA GLY C 35 -40.96 36.56 -4.00
C GLY C 35 -42.29 36.94 -4.60
N ASN C 36 -42.69 36.26 -5.68
CA ASN C 36 -43.97 36.54 -6.32
C ASN C 36 -45.15 36.05 -5.49
N LEU C 37 -44.91 35.26 -4.44
CA LEU C 37 -45.99 34.88 -3.54
C LEU C 37 -46.53 36.06 -2.73
N LYS C 38 -45.86 37.21 -2.76
CA LYS C 38 -46.27 38.38 -1.99
C LYS C 38 -47.39 39.17 -2.64
N MET C 39 -47.80 38.83 -3.85
CA MET C 39 -48.91 39.55 -4.49
C MET C 39 -50.21 39.33 -3.73
N TYR C 40 -50.36 38.19 -3.06
CA TYR C 40 -51.53 37.95 -2.24
C TYR C 40 -51.52 38.80 -0.98
N GLN C 41 -50.36 39.32 -0.57
CA GLN C 41 -50.32 40.25 0.56
C GLN C 41 -50.94 41.60 0.18
N GLY C 42 -50.75 42.02 -1.08
CA GLY C 42 -51.33 43.25 -1.55
C GLY C 42 -50.36 44.04 -2.41
N PRO C 43 -50.87 45.09 -3.07
CA PRO C 43 -49.97 45.92 -3.90
C PRO C 43 -48.85 46.57 -3.12
N GLU C 44 -49.11 46.97 -1.87
CA GLU C 44 -48.07 47.64 -1.09
C GLU C 44 -46.91 46.70 -0.80
N VAL C 45 -47.19 45.48 -0.35
CA VAL C 45 -46.14 44.54 -0.01
C VAL C 45 -45.37 44.11 -1.27
N TYR C 46 -46.10 43.84 -2.36
CA TYR C 46 -45.45 43.42 -3.60
C TYR C 46 -44.56 44.52 -4.15
N ASN C 47 -45.04 45.76 -4.15
CA ASN C 47 -44.22 46.87 -4.63
C ASN C 47 -43.04 47.14 -3.69
N ALA C 48 -43.22 46.94 -2.39
CA ALA C 48 -42.11 47.06 -1.46
C ALA C 48 -41.04 46.01 -1.73
N TYR C 49 -41.46 44.78 -2.02
CA TYR C 49 -40.50 43.74 -2.40
C TYR C 49 -39.78 44.09 -3.69
N ALA C 50 -40.52 44.60 -4.68
CA ALA C 50 -39.89 44.99 -5.94
C ALA C 50 -38.87 46.09 -5.72
N ALA C 51 -39.19 47.09 -4.91
CA ALA C 51 -38.26 48.17 -4.62
C ALA C 51 -37.06 47.69 -3.83
N GLY C 52 -37.28 46.78 -2.86
CA GLY C 52 -36.21 46.28 -2.02
C GLY C 52 -35.28 45.33 -2.74
N LEU C 53 -35.73 44.74 -3.85
CA LEU C 53 -34.81 43.97 -4.68
C LEU C 53 -33.68 44.84 -5.21
N ARG C 54 -34.00 46.08 -5.61
CA ARG C 54 -32.99 47.00 -6.11
C ARG C 54 -32.16 47.61 -5.00
N GLU C 55 -32.76 47.80 -3.82
CA GLU C 55 -32.07 48.39 -2.67
C GLU C 55 -31.44 47.33 -1.77
N LEU C 56 -31.05 46.19 -2.33
CA LEU C 56 -30.51 45.08 -1.55
C LEU C 56 -29.23 45.49 -0.84
N GLY C 57 -29.29 45.64 0.48
CA GLY C 57 -28.14 46.08 1.25
C GLY C 57 -27.69 47.47 0.86
N TYR C 58 -28.66 48.39 0.72
CA TYR C 58 -28.35 49.73 0.24
C TYR C 58 -27.32 50.47 1.09
N PRO C 59 -27.41 50.48 2.43
CA PRO C 59 -26.41 51.23 3.21
C PRO C 59 -24.97 50.87 2.91
N ILE C 60 -24.71 49.71 2.32
CA ILE C 60 -23.37 49.28 1.94
C ILE C 60 -23.22 49.21 0.43
N PHE C 61 -24.16 48.55 -0.24
CA PHE C 61 -24.10 48.36 -1.69
C PHE C 61 -24.95 49.41 -2.39
N GLY C 62 -24.45 49.91 -3.52
CA GLY C 62 -25.20 50.88 -4.29
C GLY C 62 -26.46 50.28 -4.87
N HIS C 63 -27.34 51.16 -5.34
CA HIS C 63 -28.61 50.71 -5.91
C HIS C 63 -28.37 49.85 -7.13
N GLU C 64 -29.10 48.72 -7.20
CA GLU C 64 -29.08 47.77 -8.31
C GLU C 64 -27.75 47.06 -8.48
N HIS C 65 -26.83 47.18 -7.52
CA HIS C 65 -25.54 46.52 -7.66
C HIS C 65 -25.65 45.02 -7.44
N LEU C 66 -26.25 44.61 -6.32
CA LEU C 66 -26.47 43.19 -6.09
C LEU C 66 -27.45 42.61 -7.11
N LEU C 67 -28.46 43.40 -7.49
CA LEU C 67 -29.40 42.96 -8.52
C LEU C 67 -28.70 42.74 -9.85
N TRP C 68 -27.77 43.62 -10.21
CA TRP C 68 -27.05 43.45 -11.46
C TRP C 68 -26.05 42.29 -11.38
N ILE C 69 -25.45 42.06 -10.23
CA ILE C 69 -24.60 40.87 -10.06
C ILE C 69 -25.42 39.60 -10.25
N ALA C 70 -26.61 39.57 -9.64
CA ALA C 70 -27.48 38.42 -9.79
C ALA C 70 -27.94 38.25 -11.24
N ARG C 71 -28.23 39.36 -11.91
CA ARG C 71 -28.64 39.30 -13.31
C ARG C 71 -27.52 38.76 -14.19
N PHE C 72 -26.28 39.21 -13.96
CA PHE C 72 -25.15 38.70 -14.72
C PHE C 72 -24.93 37.22 -14.45
N ILE C 73 -25.03 36.80 -13.19
CA ILE C 73 -24.88 35.39 -12.86
C ILE C 73 -25.96 34.56 -13.54
N LEU C 74 -27.21 35.06 -13.53
CA LEU C 74 -28.30 34.36 -14.19
C LEU C 74 -28.08 34.26 -15.69
N LEU C 75 -27.63 35.35 -16.31
CA LEU C 75 -27.39 35.34 -17.75
C LEU C 75 -26.29 34.37 -18.12
N ALA C 76 -25.19 34.37 -17.36
CA ALA C 76 -24.11 33.43 -17.61
C ALA C 76 -24.59 31.99 -17.42
N SER C 77 -25.34 31.73 -16.35
CA SER C 77 -25.83 30.39 -16.10
C SER C 77 -26.75 29.92 -17.22
N VAL C 78 -27.68 30.78 -17.65
CA VAL C 78 -28.62 30.36 -18.68
C VAL C 78 -27.94 30.22 -20.03
N PHE C 79 -26.93 31.04 -20.32
CA PHE C 79 -26.22 30.91 -21.58
C PHE C 79 -25.41 29.63 -21.62
N LEU C 80 -24.68 29.32 -20.54
CA LEU C 80 -23.96 28.06 -20.47
C LEU C 80 -24.92 26.88 -20.53
N HIS C 81 -26.06 26.99 -19.84
CA HIS C 81 -27.05 25.93 -19.83
C HIS C 81 -27.58 25.65 -21.22
N ILE C 82 -27.98 26.71 -21.95
CA ILE C 82 -28.54 26.52 -23.27
C ILE C 82 -27.48 26.05 -24.25
N TRP C 83 -26.25 26.55 -24.13
CA TRP C 83 -25.17 26.09 -25.01
C TRP C 83 -24.90 24.60 -24.81
N ALA C 84 -24.76 24.17 -23.56
CA ALA C 84 -24.51 22.75 -23.28
C ALA C 84 -25.69 21.89 -23.71
N ALA C 85 -26.92 22.37 -23.47
CA ALA C 85 -28.10 21.61 -23.87
C ALA C 85 -28.16 21.44 -25.37
N THR C 86 -27.88 22.50 -26.13
CA THR C 86 -27.86 22.40 -27.59
C THR C 86 -26.77 21.44 -28.05
N SER C 87 -25.57 21.55 -27.48
CA SER C 87 -24.48 20.68 -27.89
C SER C 87 -24.84 19.21 -27.65
N LEU C 88 -25.37 18.90 -26.47
CA LEU C 88 -25.66 17.51 -26.14
C LEU C 88 -26.89 17.01 -26.90
N THR C 89 -27.87 17.87 -27.16
CA THR C 89 -29.00 17.48 -27.99
C THR C 89 -28.55 17.13 -29.40
N LEU C 90 -27.68 17.94 -29.98
CA LEU C 90 -27.16 17.64 -31.32
C LEU C 90 -26.33 16.37 -31.31
N GLN C 91 -25.54 16.16 -30.24
CA GLN C 91 -24.75 14.93 -30.14
C GLN C 91 -25.64 13.70 -30.09
N SER C 92 -26.71 13.74 -29.29
CA SER C 92 -27.62 12.60 -29.21
C SER C 92 -28.36 12.40 -30.53
N ARG C 93 -28.72 13.49 -31.20
CA ARG C 93 -29.38 13.37 -32.50
C ARG C 93 -28.46 12.68 -33.50
N ARG C 94 -27.17 13.08 -33.52
CA ARG C 94 -26.21 12.41 -34.39
C ARG C 94 -26.03 10.95 -34.00
N SER C 95 -26.01 10.67 -32.70
CA SER C 95 -25.90 9.30 -32.22
C SER C 95 -27.09 8.45 -32.62
N LEU C 96 -28.24 9.06 -32.89
CA LEU C 96 -29.42 8.30 -33.28
C LEU C 96 -29.68 8.28 -34.79
N GLN C 97 -29.05 9.18 -35.56
CA GLN C 97 -29.45 9.33 -36.96
C GLN C 97 -29.04 8.15 -37.83
N ALA C 98 -27.84 7.60 -37.61
CA ALA C 98 -27.32 6.59 -38.55
C ALA C 98 -28.17 5.34 -38.55
N SER C 99 -28.48 4.79 -37.38
CA SER C 99 -29.30 3.59 -37.26
C SER C 99 -30.67 4.02 -36.75
N SER C 100 -31.61 4.16 -37.68
CA SER C 100 -32.97 4.57 -37.34
C SER C 100 -33.88 4.22 -38.50
N ILE C 101 -35.10 3.77 -38.18
CA ILE C 101 -36.06 3.43 -39.22
C ILE C 101 -36.48 4.69 -39.99
N SER C 102 -36.66 5.80 -39.30
CA SER C 102 -37.05 7.06 -39.91
C SER C 102 -36.31 8.19 -39.23
N THR C 103 -36.61 9.42 -39.63
CA THR C 103 -36.14 10.61 -38.95
C THR C 103 -37.00 10.98 -37.77
N VAL C 104 -38.08 10.24 -37.52
CA VAL C 104 -39.00 10.50 -36.42
C VAL C 104 -39.10 9.27 -35.53
N ARG C 105 -38.52 8.15 -35.98
CA ARG C 105 -38.57 6.90 -35.26
C ARG C 105 -37.20 6.25 -35.23
N ARG C 106 -36.87 5.60 -34.10
CA ARG C 106 -35.65 4.81 -33.98
C ARG C 106 -35.91 3.31 -34.09
N TYR C 107 -36.86 2.79 -33.31
CA TYR C 107 -37.17 1.38 -33.28
C TYR C 107 -38.58 1.16 -33.80
N GLY C 108 -38.89 -0.10 -34.09
CA GLY C 108 -40.25 -0.45 -34.43
C GLY C 108 -41.21 -0.33 -33.26
N GLN C 109 -40.78 -0.75 -32.06
CA GLN C 109 -41.69 -0.82 -30.93
C GLN C 109 -41.06 -0.39 -29.60
N HIS C 110 -40.06 0.49 -29.62
CA HIS C 110 -39.32 0.86 -28.41
C HIS C 110 -40.24 1.16 -27.25
N LYS C 111 -40.05 0.43 -26.15
CA LYS C 111 -40.87 0.54 -24.95
C LYS C 111 -40.03 1.21 -23.87
N ARG C 112 -40.44 2.41 -23.47
CA ARG C 112 -39.78 3.10 -22.37
C ARG C 112 -40.21 2.51 -21.04
N GLN C 113 -39.25 2.28 -20.15
CA GLN C 113 -39.53 1.81 -18.80
C GLN C 113 -39.02 2.72 -17.70
N SER C 114 -38.11 3.65 -18.02
CA SER C 114 -37.56 4.58 -17.03
C SER C 114 -37.94 6.02 -17.35
N GLY C 115 -39.14 6.22 -17.90
CA GLY C 115 -39.67 7.54 -18.13
C GLY C 115 -39.32 8.11 -19.49
N TYR C 116 -39.83 9.32 -19.73
CA TYR C 116 -39.62 10.03 -20.99
C TYR C 116 -38.91 11.35 -20.72
N ALA C 117 -37.84 11.29 -19.92
CA ALA C 117 -37.19 12.51 -19.45
C ALA C 117 -36.58 13.32 -20.58
N ASP C 118 -36.09 12.66 -21.64
CA ASP C 118 -35.43 13.39 -22.72
C ASP C 118 -36.41 14.27 -23.49
N TYR C 119 -37.56 13.70 -23.87
CA TYR C 119 -38.56 14.46 -24.62
C TYR C 119 -39.02 15.67 -23.82
N THR C 120 -39.46 15.45 -22.59
CA THR C 120 -39.96 16.53 -21.76
C THR C 120 -38.88 17.56 -21.50
N MET C 121 -37.67 17.11 -21.19
CA MET C 121 -36.60 18.04 -20.86
C MET C 121 -36.25 18.93 -22.04
N ARG C 122 -36.07 18.35 -23.23
CA ARG C 122 -35.67 19.16 -24.38
C ARG C 122 -36.79 20.09 -24.84
N PHE C 123 -38.01 19.56 -24.98
CA PHE C 123 -39.11 20.41 -25.44
C PHE C 123 -39.43 21.49 -24.42
N GLY C 124 -39.45 21.14 -23.13
CA GLY C 124 -39.66 22.14 -22.09
C GLY C 124 -38.55 23.15 -22.00
N GLY C 125 -37.31 22.73 -22.29
CA GLY C 125 -36.23 23.70 -22.30
C GLY C 125 -36.37 24.72 -23.41
N VAL C 126 -36.75 24.26 -24.60
CA VAL C 126 -37.00 25.21 -25.69
C VAL C 126 -38.16 26.15 -25.32
N LEU C 127 -39.23 25.58 -24.75
CA LEU C 127 -40.37 26.39 -24.34
C LEU C 127 -39.98 27.39 -23.26
N ILE C 128 -39.12 26.98 -22.33
CA ILE C 128 -38.69 27.86 -21.25
C ILE C 128 -37.81 28.98 -21.79
N PHE C 129 -36.97 28.67 -22.78
CA PHE C 129 -36.18 29.73 -23.42
C PHE C 129 -37.10 30.77 -24.05
N PHE C 130 -38.06 30.32 -24.86
CA PHE C 130 -38.99 31.26 -25.48
C PHE C 130 -39.79 32.01 -24.43
N PHE C 131 -40.19 31.34 -23.36
CA PHE C 131 -40.96 32.00 -22.31
C PHE C 131 -40.14 33.02 -21.56
N ILE C 132 -38.85 32.75 -21.32
CA ILE C 132 -38.01 33.74 -20.65
C ILE C 132 -37.86 34.97 -21.52
N ILE C 133 -37.67 34.78 -22.82
CA ILE C 133 -37.63 35.93 -23.72
C ILE C 133 -38.93 36.73 -23.65
N TYR C 134 -40.07 36.03 -23.77
CA TYR C 134 -41.37 36.71 -23.76
C TYR C 134 -41.67 37.32 -22.41
N HIS C 135 -41.12 36.74 -21.34
CA HIS C 135 -41.34 37.24 -19.99
C HIS C 135 -40.58 38.53 -19.76
N ILE C 136 -39.30 38.56 -20.14
CA ILE C 136 -38.52 39.79 -20.04
C ILE C 136 -39.15 40.88 -20.90
N LEU C 137 -39.66 40.50 -22.07
CA LEU C 137 -40.36 41.49 -22.89
C LEU C 137 -41.73 41.86 -22.32
N HIS C 138 -42.32 41.00 -21.49
CA HIS C 138 -43.69 41.20 -21.05
C HIS C 138 -43.78 41.99 -19.74
N LEU C 139 -43.19 41.45 -18.67
CA LEU C 139 -43.34 42.06 -17.35
C LEU C 139 -42.19 42.98 -16.98
N THR C 140 -40.97 42.68 -17.40
CA THR C 140 -39.85 43.55 -17.10
C THR C 140 -39.91 44.84 -17.92
N PHE C 141 -40.21 44.72 -19.21
CA PHE C 141 -40.16 45.87 -20.12
C PHE C 141 -41.52 46.34 -20.58
N GLY C 142 -42.55 45.50 -20.54
CA GLY C 142 -43.88 45.94 -20.90
C GLY C 142 -44.09 46.25 -22.36
N VAL C 143 -43.25 45.72 -23.24
CA VAL C 143 -43.32 46.02 -24.67
C VAL C 143 -44.14 45.00 -25.44
N VAL C 144 -44.81 44.07 -24.75
CA VAL C 144 -45.62 43.05 -25.41
C VAL C 144 -46.72 42.63 -24.45
N GLY C 145 -47.88 42.29 -25.02
CA GLY C 145 -48.99 41.81 -24.22
C GLY C 145 -49.72 42.85 -23.43
N TYR C 146 -49.51 44.14 -23.72
CA TYR C 146 -50.11 45.23 -22.96
C TYR C 146 -50.84 46.18 -23.90
N GLU C 147 -52.08 46.52 -23.53
CA GLU C 147 -52.77 47.61 -24.20
C GLU C 147 -52.11 48.94 -23.85
N PRO C 148 -52.17 49.92 -24.75
CA PRO C 148 -51.51 51.21 -24.47
C PRO C 148 -52.12 51.93 -23.28
N GLY C 149 -51.34 52.06 -22.20
CA GLY C 149 -51.79 52.77 -21.02
C GLY C 149 -52.08 51.88 -19.82
N GLN C 150 -51.42 50.72 -19.76
CA GLN C 150 -51.59 49.80 -18.65
C GLN C 150 -50.30 49.43 -17.93
N PHE C 151 -49.14 49.59 -18.55
CA PHE C 151 -47.86 49.25 -17.95
C PHE C 151 -47.21 50.52 -17.41
N ILE C 152 -46.84 50.50 -16.13
CA ILE C 152 -46.15 51.61 -15.49
C ILE C 152 -44.71 51.18 -15.24
N HIS C 153 -43.79 51.87 -15.90
CA HIS C 153 -42.37 51.56 -15.71
C HIS C 153 -41.89 52.08 -14.36
N PRO C 154 -40.91 51.40 -13.76
CA PRO C 154 -40.34 51.89 -12.50
C PRO C 154 -39.66 53.24 -12.70
N HIS C 155 -40.23 54.26 -12.07
CA HIS C 155 -39.68 55.61 -12.11
C HIS C 155 -39.18 55.99 -10.72
N GLY C 156 -37.93 56.44 -10.65
CA GLY C 156 -37.33 56.74 -9.37
C GLY C 156 -37.22 55.52 -8.48
N ASP C 157 -37.84 55.58 -7.30
CA ASP C 157 -37.83 54.45 -6.37
C ASP C 157 -39.24 53.95 -6.03
N VAL C 158 -40.24 54.35 -6.82
CA VAL C 158 -41.60 53.84 -6.65
C VAL C 158 -41.89 52.86 -7.78
N TYR C 159 -42.42 51.70 -7.42
CA TYR C 159 -42.65 50.61 -8.35
C TYR C 159 -44.13 50.28 -8.42
N GLU C 160 -44.60 49.96 -9.63
CA GLU C 160 -45.97 49.54 -9.86
C GLU C 160 -46.00 48.11 -10.40
N THR C 161 -45.19 47.24 -9.79
CA THR C 161 -45.11 45.86 -10.23
C THR C 161 -46.45 45.15 -10.09
N TYR C 162 -47.19 45.44 -9.03
CA TYR C 162 -48.50 44.83 -8.84
C TYR C 162 -49.45 45.21 -9.96
N ASN C 163 -49.45 46.48 -10.36
CA ASN C 163 -50.30 46.92 -11.46
C ASN C 163 -49.91 46.22 -12.76
N ASN C 164 -48.61 46.09 -13.01
CA ASN C 164 -48.15 45.41 -14.22
C ASN C 164 -48.60 43.95 -14.23
N VAL C 165 -48.50 43.28 -13.08
CA VAL C 165 -48.94 41.88 -13.02
C VAL C 165 -50.44 41.78 -13.23
N VAL C 166 -51.21 42.68 -12.62
CA VAL C 166 -52.66 42.62 -12.73
C VAL C 166 -53.10 42.86 -14.17
N TYR C 167 -52.49 43.83 -14.84
CA TYR C 167 -52.84 44.11 -16.23
C TYR C 167 -52.13 43.19 -17.22
N GLY C 168 -51.24 42.32 -16.74
CA GLY C 168 -50.53 41.41 -17.63
C GLY C 168 -51.29 40.15 -17.95
N PHE C 169 -51.86 39.52 -16.93
CA PHE C 169 -52.60 38.26 -17.11
C PHE C 169 -54.08 38.54 -17.29
N GLN C 170 -54.38 39.35 -18.31
CA GLN C 170 -55.74 39.62 -18.73
C GLN C 170 -56.10 38.90 -20.02
N ASN C 171 -55.17 38.85 -20.97
CA ASN C 171 -55.40 38.13 -22.22
C ASN C 171 -55.28 36.63 -21.96
N PRO C 172 -56.30 35.83 -22.26
CA PRO C 172 -56.21 34.39 -21.97
C PRO C 172 -55.11 33.68 -22.74
N LEU C 173 -54.66 34.22 -23.87
CA LEU C 173 -53.53 33.61 -24.57
C LEU C 173 -52.26 33.69 -23.74
N ILE C 174 -52.02 34.83 -23.10
CA ILE C 174 -50.84 34.97 -22.25
C ILE C 174 -50.95 34.06 -21.04
N VAL C 175 -52.14 33.95 -20.45
CA VAL C 175 -52.35 33.07 -19.30
C VAL C 175 -52.09 31.61 -19.70
N GLY C 176 -52.58 31.21 -20.87
CA GLY C 176 -52.35 29.85 -21.34
C GLY C 176 -50.88 29.58 -21.64
N PHE C 177 -50.18 30.56 -22.23
CA PHE C 177 -48.76 30.41 -22.46
C PHE C 177 -48.00 30.25 -21.15
N TYR C 178 -48.32 31.08 -20.15
CA TYR C 178 -47.68 30.96 -18.85
C TYR C 178 -47.97 29.61 -18.21
N LEU C 179 -49.22 29.14 -18.31
CA LEU C 179 -49.58 27.86 -17.70
C LEU C 179 -48.87 26.70 -18.38
N LEU C 180 -48.78 26.71 -19.71
CA LEU C 180 -48.06 25.65 -20.42
C LEU C 180 -46.59 25.66 -20.06
N THR C 181 -45.98 26.85 -20.01
CA THR C 181 -44.58 26.94 -19.61
C THR C 181 -44.40 26.46 -18.18
N MET C 182 -45.37 26.73 -17.30
CA MET C 182 -45.24 26.26 -15.93
C MET C 182 -45.36 24.75 -15.84
N VAL C 183 -46.21 24.13 -16.67
CA VAL C 183 -46.29 22.68 -16.70
C VAL C 183 -44.95 22.09 -17.15
N PHE C 184 -44.37 22.64 -18.21
CA PHE C 184 -43.11 22.09 -18.69
C PHE C 184 -41.95 22.42 -17.76
N LEU C 185 -42.01 23.54 -17.03
CA LEU C 185 -41.01 23.82 -16.01
C LEU C 185 -41.18 22.93 -14.79
N ALA C 186 -42.41 22.54 -14.48
CA ALA C 186 -42.63 21.56 -13.42
C ALA C 186 -42.00 20.22 -13.79
N LEU C 187 -42.20 19.78 -15.03
CA LEU C 187 -41.53 18.57 -15.50
C LEU C 187 -40.02 18.74 -15.47
N HIS C 188 -39.54 19.91 -15.90
CA HIS C 188 -38.11 20.21 -15.92
C HIS C 188 -37.51 20.09 -14.54
N LEU C 189 -38.16 20.68 -13.53
CA LEU C 189 -37.67 20.59 -12.17
C LEU C 189 -37.77 19.15 -11.65
N TYR C 190 -38.92 18.51 -11.88
CA TYR C 190 -39.13 17.13 -11.41
C TYR C 190 -38.02 16.21 -11.87
N HIS C 191 -37.51 16.40 -13.08
CA HIS C 191 -36.37 15.59 -13.50
C HIS C 191 -35.05 16.18 -13.02
N GLY C 192 -34.83 17.47 -13.26
CA GLY C 192 -33.51 18.04 -13.13
C GLY C 192 -33.01 18.25 -11.72
N VAL C 193 -33.91 18.41 -10.75
CA VAL C 193 -33.44 18.61 -9.38
C VAL C 193 -32.73 17.36 -8.88
N TRP C 194 -33.24 16.18 -9.24
CA TRP C 194 -32.50 14.95 -8.98
C TRP C 194 -31.36 14.74 -9.98
N SER C 195 -31.57 15.13 -11.24
CA SER C 195 -30.58 14.87 -12.27
C SER C 195 -29.28 15.64 -12.03
N MET C 196 -29.34 16.80 -11.38
CA MET C 196 -28.12 17.57 -11.15
C MET C 196 -27.29 16.93 -10.04
N PHE C 197 -27.96 16.36 -9.04
CA PHE C 197 -27.24 15.60 -8.02
C PHE C 197 -26.64 14.33 -8.62
N GLN C 198 -27.38 13.66 -9.50
CA GLN C 198 -26.86 12.45 -10.13
C GLN C 198 -25.73 12.78 -11.09
N THR C 199 -25.77 13.95 -11.73
CA THR C 199 -24.76 14.34 -12.70
C THR C 199 -23.47 14.76 -12.03
N LEU C 200 -23.55 15.30 -10.81
CA LEU C 200 -22.34 15.64 -10.07
C LEU C 200 -21.82 14.47 -9.24
N GLY C 201 -22.52 13.34 -9.24
CA GLY C 201 -22.11 12.18 -8.49
C GLY C 201 -22.54 12.16 -7.05
N TRP C 202 -23.38 13.10 -6.63
CA TRP C 202 -23.86 13.17 -5.24
C TRP C 202 -25.15 12.34 -5.09
N ASN C 203 -25.04 11.05 -5.40
CA ASN C 203 -26.20 10.18 -5.38
C ASN C 203 -25.74 8.74 -5.18
N ASN C 204 -26.54 7.97 -4.44
CA ASN C 204 -26.35 6.53 -4.30
C ASN C 204 -27.72 5.91 -4.04
N ARG C 205 -27.72 4.62 -3.65
CA ARG C 205 -28.97 3.93 -3.42
C ARG C 205 -29.75 4.51 -2.24
N THR C 206 -29.04 4.88 -1.17
CA THR C 206 -29.71 5.36 0.04
C THR C 206 -30.40 6.69 -0.20
N TYR C 207 -29.70 7.63 -0.84
CA TYR C 207 -30.23 8.97 -1.04
C TYR C 207 -30.96 9.16 -2.36
N ASP C 208 -31.07 8.12 -3.19
CA ASP C 208 -31.79 8.25 -4.45
C ASP C 208 -33.26 8.60 -4.21
N ARG C 209 -33.91 7.87 -3.31
CA ARG C 209 -35.31 8.15 -3.02
C ARG C 209 -35.47 9.51 -2.37
N LEU C 210 -34.55 9.89 -1.48
CA LEU C 210 -34.63 11.19 -0.84
C LEU C 210 -34.48 12.32 -1.85
N LEU C 211 -33.56 12.18 -2.80
CA LEU C 211 -33.37 13.21 -3.82
C LEU C 211 -34.54 13.26 -4.78
N ARG C 212 -35.12 12.10 -5.11
CA ARG C 212 -36.32 12.10 -5.94
C ARG C 212 -37.47 12.80 -5.23
N GLY C 213 -37.63 12.56 -3.92
CA GLY C 213 -38.68 13.24 -3.18
C GLY C 213 -38.44 14.74 -3.08
N LEU C 214 -37.18 15.15 -2.90
CA LEU C 214 -36.86 16.57 -2.88
C LEU C 214 -37.17 17.22 -4.22
N ALA C 215 -36.84 16.53 -5.32
CA ALA C 215 -37.17 17.05 -6.65
C ALA C 215 -38.68 17.17 -6.83
N ILE C 216 -39.43 16.16 -6.36
CA ILE C 216 -40.88 16.20 -6.44
C ILE C 216 -41.42 17.40 -5.67
N VAL C 217 -40.91 17.62 -4.46
CA VAL C 217 -41.38 18.72 -3.63
C VAL C 217 -41.09 20.07 -4.29
N VAL C 218 -39.87 20.23 -4.80
CA VAL C 218 -39.49 21.49 -5.43
C VAL C 218 -40.35 21.76 -6.66
N ALA C 219 -40.52 20.73 -7.52
CA ALA C 219 -41.32 20.90 -8.71
C ALA C 219 -42.77 21.21 -8.37
N ALA C 220 -43.33 20.50 -7.39
CA ALA C 220 -44.72 20.73 -7.01
C ALA C 220 -44.93 22.14 -6.46
N ALA C 221 -44.03 22.58 -5.58
CA ALA C 221 -44.16 23.92 -5.02
C ALA C 221 -44.06 24.99 -6.10
N VAL C 222 -43.05 24.88 -6.96
CA VAL C 222 -42.87 25.88 -8.02
C VAL C 222 -44.07 25.88 -8.96
N PHE C 223 -44.52 24.69 -9.36
CA PHE C 223 -45.68 24.59 -10.25
C PHE C 223 -46.91 25.21 -9.63
N ILE C 224 -47.19 24.87 -8.37
CA ILE C 224 -48.40 25.36 -7.72
C ILE C 224 -48.38 26.88 -7.61
N GLY C 225 -47.25 27.44 -7.16
CA GLY C 225 -47.17 28.89 -7.04
C GLY C 225 -47.27 29.60 -8.39
N ASN C 226 -46.52 29.10 -9.38
CA ASN C 226 -46.41 29.75 -10.67
C ASN C 226 -47.64 29.57 -11.53
N ILE C 227 -48.52 28.62 -11.21
CA ILE C 227 -49.84 28.58 -11.84
C ILE C 227 -50.90 29.27 -11.00
N SER C 228 -50.65 29.45 -9.69
CA SER C 228 -51.58 30.21 -8.87
C SER C 228 -51.53 31.69 -9.23
N PHE C 229 -50.33 32.21 -9.53
CA PHE C 229 -50.23 33.63 -9.86
C PHE C 229 -51.10 34.02 -11.04
N PRO C 230 -50.92 33.46 -12.26
CA PRO C 230 -51.70 33.95 -13.40
C PRO C 230 -53.17 33.59 -13.32
N LEU C 231 -53.50 32.41 -12.78
CA LEU C 231 -54.91 32.06 -12.62
C LEU C 231 -55.61 33.00 -11.66
N ALA C 232 -54.96 33.34 -10.55
CA ALA C 232 -55.55 34.29 -9.61
C ALA C 232 -55.72 35.66 -10.24
N VAL C 233 -54.72 36.12 -11.01
CA VAL C 233 -54.83 37.44 -11.62
C VAL C 233 -55.96 37.45 -12.66
N TYR C 234 -56.04 36.41 -13.49
CA TYR C 234 -57.02 36.38 -14.57
C TYR C 234 -58.44 36.20 -14.02
N PHE C 235 -58.60 35.38 -12.98
CA PHE C 235 -59.92 35.09 -12.44
C PHE C 235 -60.42 36.16 -11.49
N GLY C 236 -59.60 37.14 -11.13
CA GLY C 236 -60.02 38.24 -10.28
C GLY C 236 -59.62 38.14 -8.83
N PHE C 237 -58.89 37.09 -8.43
CA PHE C 237 -58.46 36.99 -7.03
C PHE C 237 -57.38 38.00 -6.70
N VAL C 238 -56.59 38.41 -7.69
CA VAL C 238 -55.59 39.46 -7.52
C VAL C 238 -55.99 40.60 -8.45
N ALA C 239 -56.31 41.76 -7.85
CA ALA C 239 -56.76 42.91 -8.62
C ALA C 239 -56.37 44.20 -7.93
N VAL D 22 8.37 -47.59 22.97
CA VAL D 22 9.43 -46.94 22.20
C VAL D 22 8.93 -45.60 21.67
N LEU D 23 9.83 -44.63 21.54
CA LEU D 23 9.50 -43.29 21.07
C LEU D 23 9.89 -43.17 19.61
N ASP D 24 8.92 -42.81 18.77
CA ASP D 24 9.16 -42.55 17.35
C ASP D 24 9.04 -41.04 17.14
N SER D 25 10.18 -40.38 16.91
CA SER D 25 10.16 -38.94 16.71
C SER D 25 9.43 -38.55 15.43
N LYS D 26 9.37 -39.46 14.45
CA LYS D 26 8.66 -39.24 13.20
C LYS D 26 9.19 -38.01 12.44
N VAL D 27 10.50 -37.75 12.56
CA VAL D 27 11.14 -36.66 11.85
C VAL D 27 11.34 -37.06 10.40
N PRO D 28 11.32 -36.13 9.45
CA PRO D 28 11.56 -36.49 8.05
C PRO D 28 13.05 -36.69 7.77
N THR D 29 13.33 -37.17 6.57
CA THR D 29 14.68 -37.45 6.12
C THR D 29 15.10 -36.43 5.07
N GLY D 30 16.37 -36.49 4.69
CA GLY D 30 16.92 -35.62 3.68
C GLY D 30 17.51 -34.36 4.26
N PRO D 31 17.77 -33.37 3.41
CA PRO D 31 18.29 -32.09 3.90
C PRO D 31 17.33 -31.44 4.89
N ILE D 32 17.89 -30.82 5.93
CA ILE D 32 17.08 -30.25 6.99
C ILE D 32 16.25 -29.07 6.51
N GLU D 33 16.68 -28.39 5.45
CA GLU D 33 15.91 -27.25 4.95
C GLU D 33 14.60 -27.68 4.32
N GLN D 34 14.56 -28.85 3.70
CA GLN D 34 13.36 -29.34 3.01
C GLN D 34 12.57 -30.34 3.84
N ARG D 35 12.98 -30.60 5.08
CA ARG D 35 12.29 -31.60 5.89
C ARG D 35 10.86 -31.19 6.20
N TRP D 36 10.64 -29.92 6.53
CA TRP D 36 9.29 -29.47 6.86
C TRP D 36 8.39 -29.47 5.64
N ASP D 37 8.90 -29.00 4.48
CA ASP D 37 8.10 -29.03 3.27
C ASP D 37 7.80 -30.46 2.82
N LYS D 38 8.80 -31.35 2.92
CA LYS D 38 8.59 -32.75 2.57
C LYS D 38 7.56 -33.39 3.48
N HIS D 39 7.64 -33.13 4.78
CA HIS D 39 6.65 -33.68 5.71
C HIS D 39 5.27 -33.13 5.42
N ARG D 40 5.17 -31.83 5.13
CA ARG D 40 3.87 -31.22 4.84
C ARG D 40 3.26 -31.82 3.59
N PHE D 41 4.08 -32.09 2.57
CA PHE D 41 3.56 -32.77 1.39
C PHE D 41 3.12 -34.19 1.70
N GLU D 42 3.89 -34.90 2.52
CA GLU D 42 3.57 -36.30 2.79
C GLU D 42 2.50 -36.49 3.85
N MET D 43 2.12 -35.43 4.58
CA MET D 43 1.04 -35.56 5.54
C MET D 43 -0.30 -35.77 4.84
N LYS D 44 -1.18 -36.50 5.52
CA LYS D 44 -2.55 -36.64 5.05
C LYS D 44 -3.33 -35.35 5.28
N LEU D 45 -4.39 -35.17 4.51
CA LEU D 45 -5.19 -33.96 4.56
C LEU D 45 -6.65 -34.29 4.82
N VAL D 46 -7.32 -33.35 5.50
CA VAL D 46 -8.77 -33.40 5.68
C VAL D 46 -9.37 -32.37 4.74
N ASN D 47 -10.38 -32.78 3.97
CA ASN D 47 -11.02 -31.87 3.04
C ASN D 47 -11.71 -30.75 3.81
N PRO D 48 -11.81 -29.55 3.21
CA PRO D 48 -12.52 -28.46 3.88
C PRO D 48 -13.97 -28.80 4.21
N ALA D 49 -14.62 -29.64 3.40
CA ALA D 49 -15.97 -30.06 3.71
C ALA D 49 -16.02 -30.97 4.92
N ASN D 50 -15.02 -31.84 5.08
CA ASN D 50 -15.03 -32.82 6.17
C ASN D 50 -14.54 -32.26 7.49
N ARG D 51 -13.89 -31.08 7.49
CA ARG D 51 -13.35 -30.54 8.72
C ARG D 51 -14.44 -30.24 9.74
N ARG D 52 -15.67 -29.96 9.27
CA ARG D 52 -16.77 -29.69 10.17
C ARG D 52 -17.21 -30.94 10.94
N LYS D 53 -16.76 -32.12 10.53
CA LYS D 53 -17.16 -33.35 11.18
C LYS D 53 -16.25 -33.77 12.33
N TYR D 54 -15.14 -33.06 12.55
CA TYR D 54 -14.20 -33.37 13.60
C TYR D 54 -14.30 -32.35 14.73
N THR D 55 -14.01 -32.79 15.95
CA THR D 55 -13.97 -31.93 17.11
C THR D 55 -12.57 -31.94 17.72
N ILE D 56 -12.03 -30.76 17.96
CA ILE D 56 -10.73 -30.59 18.60
C ILE D 56 -10.94 -29.79 19.87
N ILE D 57 -10.58 -30.38 21.00
CA ILE D 57 -10.54 -29.70 22.29
C ILE D 57 -9.18 -29.06 22.42
N VAL D 58 -9.14 -27.77 22.74
CA VAL D 58 -7.89 -27.05 22.95
C VAL D 58 -7.92 -26.53 24.38
N VAL D 59 -7.18 -27.19 25.27
CA VAL D 59 -7.09 -26.77 26.67
C VAL D 59 -5.95 -25.76 26.75
N GLY D 60 -6.31 -24.49 26.90
CA GLY D 60 -5.32 -23.43 26.93
C GLY D 60 -5.60 -22.35 25.92
N SER D 61 -5.45 -21.10 26.33
CA SER D 61 -5.72 -19.96 25.46
C SER D 61 -4.57 -18.95 25.49
N GLY D 62 -3.36 -19.42 25.79
CA GLY D 62 -2.19 -18.58 25.69
C GLY D 62 -1.82 -18.33 24.24
N LEU D 63 -0.55 -18.05 24.01
CA LEU D 63 -0.11 -17.83 22.63
C LEU D 63 -0.33 -19.08 21.78
N ALA D 64 0.18 -20.21 22.26
CA ALA D 64 -0.03 -21.47 21.55
C ALA D 64 -1.51 -21.82 21.49
N GLY D 65 -2.20 -21.72 22.63
CA GLY D 65 -3.60 -22.13 22.66
C GLY D 65 -4.49 -21.25 21.81
N ALA D 66 -4.35 -19.94 21.92
CA ALA D 66 -5.18 -19.04 21.13
C ALA D 66 -4.86 -19.16 19.65
N SER D 67 -3.56 -19.22 19.30
CA SER D 67 -3.20 -19.36 17.89
C SER D 67 -3.74 -20.66 17.31
N ALA D 68 -3.62 -21.76 18.06
CA ALA D 68 -4.09 -23.04 17.57
C ALA D 68 -5.61 -23.06 17.41
N ALA D 69 -6.33 -22.59 18.43
CA ALA D 69 -7.79 -22.56 18.35
C ALA D 69 -8.27 -21.68 17.20
N ALA D 70 -7.66 -20.49 17.05
CA ALA D 70 -8.06 -19.59 15.98
C ALA D 70 -7.77 -20.21 14.61
N THR D 71 -6.59 -20.82 14.44
CA THR D 71 -6.25 -21.38 13.15
C THR D 71 -7.11 -22.59 12.81
N LEU D 72 -7.44 -23.42 13.79
CA LEU D 72 -8.29 -24.57 13.53
C LEU D 72 -9.74 -24.17 13.30
N GLY D 73 -10.20 -23.08 13.92
CA GLY D 73 -11.50 -22.55 13.57
C GLY D 73 -11.52 -21.96 12.18
N GLU D 74 -10.44 -21.29 11.78
CA GLU D 74 -10.32 -20.80 10.41
C GLU D 74 -10.33 -21.95 9.41
N ALA D 75 -9.69 -23.07 9.76
CA ALA D 75 -9.70 -24.23 8.88
C ALA D 75 -11.12 -24.76 8.68
N GLY D 76 -11.91 -24.84 9.75
CA GLY D 76 -13.28 -25.28 9.65
C GLY D 76 -13.66 -26.32 10.69
N TYR D 77 -12.71 -26.69 11.54
CA TYR D 77 -12.99 -27.67 12.57
C TYR D 77 -13.86 -27.08 13.66
N ASN D 78 -14.46 -27.97 14.45
CA ASN D 78 -15.17 -27.58 15.67
C ASN D 78 -14.16 -27.58 16.81
N VAL D 79 -13.87 -26.41 17.36
CA VAL D 79 -12.85 -26.23 18.37
C VAL D 79 -13.52 -25.93 19.70
N LEU D 80 -13.12 -26.64 20.74
CA LEU D 80 -13.58 -26.39 22.11
C LEU D 80 -12.37 -25.89 22.90
N CYS D 81 -12.29 -24.58 23.10
CA CYS D 81 -11.15 -23.96 23.76
C CYS D 81 -11.49 -23.71 25.22
N PHE D 82 -10.51 -23.96 26.10
CA PHE D 82 -10.71 -23.85 27.54
C PHE D 82 -9.59 -23.03 28.16
N CYS D 83 -9.95 -22.31 29.22
CA CYS D 83 -8.98 -21.58 30.03
C CYS D 83 -9.58 -21.38 31.40
N TYR D 84 -8.72 -21.36 32.42
CA TYR D 84 -9.17 -21.15 33.79
C TYR D 84 -9.32 -19.68 34.13
N GLN D 85 -8.97 -18.78 33.22
CA GLN D 85 -8.99 -17.36 33.50
C GLN D 85 -10.38 -16.79 33.24
N ASP D 86 -10.56 -15.52 33.61
CA ASP D 86 -11.81 -14.84 33.30
C ASP D 86 -12.03 -14.74 31.80
N SER D 87 -10.97 -14.46 31.06
CA SER D 87 -11.02 -14.28 29.61
C SER D 87 -9.82 -15.00 29.00
N PRO D 88 -9.92 -15.42 27.74
CA PRO D 88 -8.74 -15.98 27.07
C PRO D 88 -7.54 -15.05 27.07
N ARG D 89 -7.77 -13.74 26.96
CA ARG D 89 -6.70 -12.75 26.96
C ARG D 89 -5.97 -12.67 28.29
N ARG D 90 -6.56 -13.17 29.37
CA ARG D 90 -5.91 -13.14 30.67
C ARG D 90 -4.87 -14.23 30.83
N ALA D 91 -4.74 -15.10 29.83
CA ALA D 91 -3.78 -16.18 29.86
C ALA D 91 -2.37 -15.62 30.02
N HIS D 92 -1.47 -16.47 30.50
CA HIS D 92 -0.07 -16.10 30.62
C HIS D 92 0.47 -15.75 29.23
N SER D 93 1.67 -15.18 29.23
CA SER D 93 2.40 -14.69 28.06
C SER D 93 1.88 -13.36 27.53
N ILE D 94 0.90 -12.73 28.19
CA ILE D 94 0.76 -11.29 28.07
C ILE D 94 1.82 -10.57 28.89
N ALA D 95 2.37 -11.26 29.89
CA ALA D 95 3.42 -10.73 30.75
C ALA D 95 4.79 -10.81 30.10
N ALA D 96 4.89 -11.42 28.92
CA ALA D 96 6.17 -11.51 28.21
C ALA D 96 6.59 -10.12 27.77
N GLN D 97 7.67 -9.61 28.36
CA GLN D 97 8.12 -8.25 28.05
C GLN D 97 9.02 -8.23 26.83
N GLY D 98 9.91 -9.20 26.69
CA GLY D 98 10.82 -9.21 25.58
C GLY D 98 10.13 -9.50 24.26
N GLY D 99 10.81 -9.13 23.17
CA GLY D 99 10.25 -9.27 21.85
C GLY D 99 10.13 -10.70 21.36
N ILE D 100 10.00 -10.87 20.05
CA ILE D 100 9.87 -12.19 19.43
C ILE D 100 10.87 -12.27 18.27
N ASN D 101 11.61 -13.37 18.20
CA ASN D 101 12.68 -13.52 17.24
C ASN D 101 12.16 -13.99 15.89
N ALA D 102 12.85 -13.58 14.83
CA ALA D 102 12.59 -14.08 13.48
C ALA D 102 13.85 -13.95 12.66
N ALA D 103 14.01 -14.86 11.70
CA ALA D 103 15.17 -14.87 10.82
C ALA D 103 14.90 -14.12 9.51
N LYS D 104 14.47 -12.87 9.62
CA LYS D 104 14.17 -12.06 8.45
C LYS D 104 15.36 -11.26 7.95
N ASN D 105 16.41 -11.12 8.75
CA ASN D 105 17.62 -10.37 8.37
C ASN D 105 17.27 -8.95 7.94
N TYR D 106 16.37 -8.31 8.67
CA TYR D 106 15.98 -6.94 8.34
C TYR D 106 17.06 -5.94 8.73
N ARG D 107 17.99 -6.31 9.61
CA ARG D 107 19.06 -5.41 10.01
C ARG D 107 20.32 -5.60 9.21
N ASN D 108 20.32 -6.51 8.22
CA ASN D 108 21.47 -6.73 7.35
C ASN D 108 22.73 -7.09 8.14
N ASP D 109 22.55 -7.93 9.16
CA ASP D 109 23.63 -8.24 10.11
C ASP D 109 24.03 -9.71 10.08
N GLY D 110 23.61 -10.45 9.06
CA GLY D 110 24.02 -11.83 8.91
C GLY D 110 23.07 -12.87 9.48
N ASP D 111 21.91 -12.45 9.97
CA ASP D 111 20.94 -13.42 10.48
C ASP D 111 20.30 -14.20 9.34
N SER D 112 19.95 -15.45 9.62
CA SER D 112 19.33 -16.31 8.64
C SER D 112 18.56 -17.40 9.38
N ILE D 113 17.76 -18.16 8.61
CA ILE D 113 17.04 -19.28 9.20
C ILE D 113 18.02 -20.31 9.75
N TYR D 114 19.08 -20.59 9.00
CA TYR D 114 20.10 -21.52 9.49
C TYR D 114 20.83 -20.95 10.70
N ARG D 115 21.09 -19.64 10.72
CA ARG D 115 21.75 -19.05 11.87
C ARG D 115 20.86 -19.10 13.12
N LEU D 116 19.57 -18.83 12.96
CA LEU D 116 18.65 -18.94 14.10
C LEU D 116 18.56 -20.39 14.58
N PHE D 117 18.51 -21.33 13.65
CA PHE D 117 18.48 -22.75 14.02
C PHE D 117 19.75 -23.16 14.76
N TYR D 118 20.91 -22.71 14.27
CA TYR D 118 22.17 -23.00 14.93
C TYR D 118 22.22 -22.38 16.32
N ASP D 119 21.76 -21.13 16.45
CA ASP D 119 21.78 -20.44 17.74
C ASP D 119 20.85 -21.12 18.74
N THR D 120 19.69 -21.61 18.27
CA THR D 120 18.77 -22.27 19.19
C THR D 120 19.27 -23.66 19.57
N VAL D 121 19.96 -24.36 18.66
CA VAL D 121 20.51 -25.66 19.00
C VAL D 121 21.67 -25.50 19.99
N LYS D 122 22.53 -24.50 19.78
CA LYS D 122 23.67 -24.31 20.65
C LYS D 122 23.25 -23.71 22.00
N GLY D 123 22.23 -22.85 22.01
CA GLY D 123 21.76 -22.29 23.25
C GLY D 123 21.13 -23.32 24.16
N GLY D 124 20.41 -24.29 23.58
CA GLY D 124 19.84 -25.38 24.33
C GLY D 124 20.83 -26.45 24.74
N ASP D 125 22.11 -26.24 24.44
CA ASP D 125 23.19 -27.14 24.83
C ASP D 125 23.02 -28.53 24.21
N PHE D 126 22.60 -28.55 22.94
CA PHE D 126 22.54 -29.78 22.14
C PHE D 126 21.71 -30.86 22.84
N ARG D 127 20.51 -30.47 23.30
CA ARG D 127 19.63 -31.40 24.00
C ARG D 127 18.25 -31.47 23.35
N ALA D 128 18.11 -31.04 22.10
CA ALA D 128 16.84 -31.05 21.40
C ALA D 128 17.02 -31.62 20.00
N ARG D 129 15.91 -32.10 19.44
CA ARG D 129 15.90 -32.55 18.06
C ARG D 129 16.19 -31.39 17.11
N GLU D 130 17.06 -31.65 16.13
CA GLU D 130 17.46 -30.61 15.20
C GLU D 130 16.32 -30.22 14.26
N SER D 131 15.51 -31.20 13.86
CA SER D 131 14.45 -30.93 12.88
C SER D 131 13.42 -29.95 13.44
N ASN D 132 13.02 -30.13 14.69
CA ASN D 132 12.05 -29.23 15.30
C ASN D 132 12.60 -27.82 15.40
N VAL D 133 13.88 -27.69 15.78
CA VAL D 133 14.51 -26.38 15.88
C VAL D 133 14.56 -25.69 14.53
N TYR D 134 14.93 -26.44 13.48
CA TYR D 134 14.98 -25.84 12.15
C TYR D 134 13.58 -25.44 11.69
N ARG D 135 12.56 -26.26 11.99
CA ARG D 135 11.20 -25.89 11.61
C ARG D 135 10.76 -24.62 12.32
N LEU D 136 11.09 -24.48 13.60
CA LEU D 136 10.77 -23.27 14.34
C LEU D 136 11.44 -22.05 13.71
N ALA D 137 12.74 -22.15 13.46
CA ALA D 137 13.47 -21.03 12.87
C ALA D 137 12.97 -20.71 11.47
N GLN D 138 12.48 -21.72 10.75
CA GLN D 138 11.99 -21.53 9.39
C GLN D 138 10.62 -20.86 9.37
N VAL D 139 9.77 -21.14 10.36
CA VAL D 139 8.43 -20.55 10.39
C VAL D 139 8.36 -19.27 11.21
N SER D 140 9.46 -18.87 11.86
CA SER D 140 9.46 -17.59 12.57
C SER D 140 9.10 -16.42 11.65
N VAL D 141 9.54 -16.47 10.40
CA VAL D 141 9.27 -15.38 9.47
C VAL D 141 7.78 -15.28 9.19
N ASN D 142 7.12 -16.42 8.97
CA ASN D 142 5.67 -16.42 8.82
C ASN D 142 4.98 -15.96 10.09
N ILE D 143 5.55 -16.29 11.25
CA ILE D 143 4.98 -15.80 12.51
C ILE D 143 4.95 -14.27 12.52
N ILE D 144 6.06 -13.65 12.14
CA ILE D 144 6.13 -12.19 12.14
C ILE D 144 5.19 -11.60 11.09
N ASP D 145 5.11 -12.23 9.92
CA ASP D 145 4.18 -11.76 8.90
C ASP D 145 2.74 -11.79 9.39
N GLN D 146 2.34 -12.91 10.00
CA GLN D 146 0.99 -13.04 10.52
C GLN D 146 0.72 -12.04 11.64
N CYS D 147 1.70 -11.83 12.52
CA CYS D 147 1.51 -10.90 13.63
C CYS D 147 1.36 -9.47 13.11
N VAL D 148 2.16 -9.08 12.12
CA VAL D 148 2.02 -7.74 11.55
C VAL D 148 0.68 -7.58 10.85
N ALA D 149 0.25 -8.61 10.11
CA ALA D 149 -1.04 -8.52 9.42
C ALA D 149 -2.20 -8.45 10.41
N GLN D 150 -2.08 -9.10 11.56
CA GLN D 150 -3.14 -9.08 12.57
C GLN D 150 -3.27 -7.75 13.28
N GLY D 151 -2.34 -6.83 13.08
CA GLY D 151 -2.38 -5.54 13.73
C GLY D 151 -1.56 -5.41 14.99
N VAL D 152 -0.60 -6.31 15.22
CA VAL D 152 0.25 -6.21 16.39
C VAL D 152 1.13 -4.98 16.23
N PRO D 153 1.07 -4.01 17.15
CA PRO D 153 1.81 -2.75 16.96
C PRO D 153 3.28 -2.87 17.31
N PHE D 154 4.02 -3.56 16.44
CA PHE D 154 5.46 -3.67 16.59
C PHE D 154 6.12 -2.30 16.44
N ALA D 155 7.33 -2.18 16.99
CA ALA D 155 8.07 -0.93 16.88
C ALA D 155 8.45 -0.68 15.43
N ARG D 156 8.28 0.57 15.00
CA ARG D 156 8.61 1.01 13.66
C ARG D 156 9.64 2.12 13.71
N GLU D 157 10.41 2.25 12.64
CA GLU D 157 11.31 3.37 12.49
C GLU D 157 10.64 4.46 11.66
N TYR D 158 11.31 5.60 11.53
CA TYR D 158 10.67 6.79 10.97
C TYR D 158 10.29 6.63 9.51
N GLY D 159 10.89 5.68 8.79
CA GLY D 159 10.51 5.42 7.42
C GLY D 159 9.30 4.56 7.23
N GLY D 160 8.72 4.05 8.31
CA GLY D 160 7.53 3.24 8.25
C GLY D 160 7.74 1.75 8.38
N LEU D 161 9.00 1.30 8.32
CA LEU D 161 9.31 -0.12 8.34
C LEU D 161 9.62 -0.59 9.76
N LEU D 162 9.71 -1.90 9.91
CA LEU D 162 9.85 -2.50 11.23
C LEU D 162 11.23 -2.24 11.83
N ASP D 163 11.27 -2.21 13.16
CA ASP D 163 12.49 -1.97 13.91
C ASP D 163 12.87 -3.23 14.70
N ASN D 164 14.16 -3.56 14.69
CA ASN D 164 14.68 -4.71 15.40
C ASN D 164 15.64 -4.27 16.49
N ARG D 165 15.68 -5.05 17.58
CA ARG D 165 16.62 -4.85 18.66
C ARG D 165 17.24 -6.18 19.03
N SER D 166 18.40 -6.13 19.67
CA SER D 166 19.17 -7.34 19.96
C SER D 166 18.71 -7.96 21.27
N PHE D 167 18.54 -9.29 21.26
CA PHE D 167 18.15 -10.06 22.43
C PHE D 167 19.33 -10.88 22.93
N GLY D 168 19.18 -11.40 24.14
CA GLY D 168 20.22 -12.24 24.71
C GLY D 168 20.38 -13.54 23.94
N GLY D 169 21.61 -14.05 23.94
CA GLY D 169 21.94 -15.27 23.22
C GLY D 169 22.11 -15.09 21.72
N ALA D 170 22.09 -13.86 21.21
CA ALA D 170 22.22 -13.61 19.79
C ALA D 170 23.13 -12.41 19.55
N GLN D 171 23.97 -12.51 18.53
CA GLN D 171 24.83 -11.41 18.09
C GLN D 171 24.19 -10.61 16.97
N VAL D 172 22.92 -10.86 16.67
CA VAL D 172 22.20 -10.14 15.63
C VAL D 172 20.98 -9.47 16.25
N ALA D 173 20.48 -8.45 15.56
CA ALA D 173 19.25 -7.76 15.96
C ALA D 173 18.10 -8.40 15.18
N ARG D 174 17.58 -9.50 15.71
CA ARG D 174 16.55 -10.28 15.05
C ARG D 174 15.22 -10.25 15.80
N THR D 175 15.11 -9.44 16.85
CA THR D 175 13.94 -9.45 17.72
C THR D 175 12.98 -8.33 17.33
N PHE D 176 11.72 -8.69 17.10
CA PHE D 176 10.66 -7.73 16.87
C PHE D 176 9.92 -7.51 18.18
N TYR D 177 9.72 -6.24 18.55
CA TYR D 177 9.15 -5.91 19.83
C TYR D 177 8.05 -4.87 19.67
N ALA D 178 7.05 -4.94 20.53
CA ALA D 178 6.00 -3.95 20.63
C ALA D 178 6.16 -3.27 21.99
N ARG D 179 7.02 -2.26 22.03
CA ARG D 179 7.41 -1.59 23.26
C ARG D 179 7.93 -2.61 24.28
N GLY D 180 7.59 -2.43 25.54
CA GLY D 180 7.99 -3.34 26.60
C GLY D 180 6.99 -4.43 26.89
N GLN D 181 5.95 -4.58 26.06
CA GLN D 181 4.87 -5.54 26.27
C GLN D 181 4.59 -6.31 24.99
N THR D 182 5.65 -6.84 24.38
CA THR D 182 5.50 -7.56 23.12
C THR D 182 4.61 -8.79 23.27
N GLY D 183 4.77 -9.52 24.38
CA GLY D 183 3.93 -10.68 24.60
C GLY D 183 2.46 -10.32 24.73
N GLN D 184 2.17 -9.17 25.34
CA GLN D 184 0.78 -8.73 25.45
C GLN D 184 0.18 -8.48 24.08
N GLN D 185 0.92 -7.84 23.18
CA GLN D 185 0.38 -7.54 21.86
C GLN D 185 0.28 -8.80 21.01
N LEU D 186 1.24 -9.72 21.14
CA LEU D 186 1.13 -11.00 20.42
C LEU D 186 -0.09 -11.77 20.87
N LEU D 187 -0.30 -11.87 22.18
CA LEU D 187 -1.48 -12.57 22.68
C LEU D 187 -2.76 -11.82 22.38
N LEU D 188 -2.69 -10.49 22.25
CA LEU D 188 -3.87 -9.74 21.86
C LEU D 188 -4.24 -10.01 20.40
N GLY D 189 -3.24 -10.15 19.53
CA GLY D 189 -3.54 -10.53 18.15
C GLY D 189 -4.10 -11.93 18.06
N ALA D 190 -3.50 -12.87 18.78
CA ALA D 190 -4.02 -14.23 18.80
C ALA D 190 -5.43 -14.27 19.39
N TYR D 191 -5.67 -13.45 20.41
CA TYR D 191 -6.98 -13.39 21.05
C TYR D 191 -8.02 -12.72 20.16
N GLN D 192 -7.60 -11.76 19.33
CA GLN D 192 -8.53 -11.17 18.37
C GLN D 192 -8.89 -12.16 17.28
N ALA D 193 -7.92 -12.96 16.83
CA ALA D 193 -8.24 -14.04 15.89
C ALA D 193 -9.18 -15.06 16.54
N LEU D 194 -8.94 -15.39 17.81
CA LEU D 194 -9.81 -16.32 18.52
C LEU D 194 -11.21 -15.73 18.70
N SER D 195 -11.31 -14.43 18.96
CA SER D 195 -12.61 -13.78 19.08
C SER D 195 -13.34 -13.77 17.74
N ARG D 196 -12.61 -13.57 16.64
CA ARG D 196 -13.21 -13.68 15.32
C ARG D 196 -13.77 -15.07 15.09
N GLN D 197 -13.03 -16.11 15.49
CA GLN D 197 -13.53 -17.47 15.31
C GLN D 197 -14.69 -17.79 16.24
N ILE D 198 -14.69 -17.23 17.45
CA ILE D 198 -15.82 -17.41 18.37
C ILE D 198 -17.07 -16.75 17.79
N ALA D 199 -16.93 -15.54 17.24
CA ALA D 199 -18.06 -14.88 16.61
C ALA D 199 -18.55 -15.65 15.40
N ALA D 200 -17.63 -16.22 14.62
CA ALA D 200 -18.01 -17.04 13.47
C ALA D 200 -18.68 -18.35 13.88
N GLY D 201 -18.58 -18.74 15.14
CA GLY D 201 -19.20 -19.96 15.62
C GLY D 201 -18.34 -21.21 15.48
N THR D 202 -17.13 -21.10 14.94
CA THR D 202 -16.27 -22.26 14.78
C THR D 202 -15.56 -22.65 16.07
N VAL D 203 -15.44 -21.73 17.02
CA VAL D 203 -14.76 -21.99 18.28
C VAL D 203 -15.73 -21.72 19.42
N LYS D 204 -15.87 -22.68 20.33
CA LYS D 204 -16.62 -22.52 21.56
C LYS D 204 -15.63 -22.28 22.70
N MET D 205 -15.69 -21.09 23.30
CA MET D 205 -14.79 -20.72 24.38
C MET D 205 -15.43 -21.00 25.72
N PHE D 206 -14.66 -21.57 26.63
CA PHE D 206 -15.12 -21.90 27.98
C PHE D 206 -14.15 -21.30 28.98
N PRO D 207 -14.22 -19.98 29.20
CA PRO D 207 -13.37 -19.36 30.22
C PRO D 207 -13.81 -19.75 31.61
N ARG D 208 -12.87 -19.63 32.55
CA ARG D 208 -13.09 -20.02 33.94
C ARG D 208 -13.47 -21.49 34.06
N THR D 209 -12.95 -22.32 33.16
CA THR D 209 -13.17 -23.76 33.16
C THR D 209 -11.83 -24.44 33.16
N GLU D 210 -11.58 -25.27 34.18
CA GLU D 210 -10.29 -25.93 34.36
C GLU D 210 -10.44 -27.41 34.05
N MET D 211 -9.72 -27.89 33.05
CA MET D 211 -9.66 -29.31 32.78
C MET D 211 -9.02 -30.03 33.96
N LEU D 212 -9.68 -31.08 34.45
CA LEU D 212 -9.21 -31.81 35.61
C LEU D 212 -8.77 -33.23 35.29
N ASP D 213 -9.14 -33.76 34.12
CA ASP D 213 -8.70 -35.10 33.75
C ASP D 213 -8.74 -35.24 32.23
N LEU D 214 -8.02 -36.23 31.73
CA LEU D 214 -8.00 -36.58 30.32
C LEU D 214 -8.66 -37.93 30.12
N VAL D 215 -9.64 -38.00 29.23
CA VAL D 215 -10.38 -39.22 28.93
C VAL D 215 -9.77 -39.84 27.68
N VAL D 216 -9.16 -41.01 27.87
CA VAL D 216 -8.52 -41.77 26.80
C VAL D 216 -9.42 -42.96 26.50
N VAL D 217 -9.95 -43.01 25.29
CA VAL D 217 -10.87 -44.06 24.86
C VAL D 217 -10.22 -44.85 23.74
N ASP D 218 -10.10 -46.17 23.94
CA ASP D 218 -9.49 -47.07 22.96
C ASP D 218 -8.07 -46.64 22.61
N GLY D 219 -7.34 -46.14 23.61
CA GLY D 219 -5.96 -45.74 23.42
C GLY D 219 -5.76 -44.34 22.89
N ARG D 220 -6.83 -43.64 22.52
CA ARG D 220 -6.76 -42.30 21.98
C ARG D 220 -7.28 -41.31 23.00
N ALA D 221 -6.67 -40.12 23.05
CA ALA D 221 -7.18 -39.05 23.91
C ALA D 221 -8.48 -38.55 23.29
N ARG D 222 -9.60 -39.04 23.81
CA ARG D 222 -10.90 -38.80 23.20
C ARG D 222 -11.76 -37.83 24.00
N GLY D 223 -11.20 -37.15 24.98
CA GLY D 223 -11.93 -36.08 25.64
C GLY D 223 -11.24 -35.60 26.89
N ILE D 224 -11.92 -34.69 27.57
CA ILE D 224 -11.44 -34.17 28.84
C ILE D 224 -12.60 -34.07 29.84
N ILE D 225 -12.23 -34.04 31.12
CA ILE D 225 -13.15 -33.80 32.22
C ILE D 225 -12.73 -32.48 32.87
N THR D 226 -13.64 -31.51 32.87
CA THR D 226 -13.37 -30.16 33.34
C THR D 226 -14.27 -29.82 34.52
N ARG D 227 -13.89 -28.76 35.23
CA ARG D 227 -14.72 -28.21 36.30
C ARG D 227 -14.86 -26.71 36.06
N ASP D 228 -16.10 -26.24 35.99
CA ASP D 228 -16.38 -24.81 35.91
C ASP D 228 -16.21 -24.22 37.30
N MET D 229 -15.17 -23.40 37.49
CA MET D 229 -14.82 -22.93 38.82
C MET D 229 -15.64 -21.73 39.28
N VAL D 230 -16.79 -21.49 38.67
CA VAL D 230 -17.77 -20.54 39.18
C VAL D 230 -18.94 -21.25 39.84
N THR D 231 -19.51 -22.24 39.16
CA THR D 231 -20.60 -23.04 39.69
C THR D 231 -20.15 -24.38 40.24
N GLY D 232 -18.89 -24.77 40.02
CA GLY D 232 -18.40 -26.05 40.49
C GLY D 232 -18.85 -27.24 39.68
N LYS D 233 -19.48 -27.03 38.53
CA LYS D 233 -20.04 -28.12 37.75
C LYS D 233 -18.94 -28.90 37.06
N ILE D 234 -18.98 -30.23 37.21
CA ILE D 234 -18.06 -31.12 36.53
C ILE D 234 -18.68 -31.53 35.21
N THR D 235 -18.01 -31.19 34.12
CA THR D 235 -18.50 -31.44 32.78
C THR D 235 -17.53 -32.38 32.05
N ARG D 236 -18.05 -33.15 31.11
CA ARG D 236 -17.24 -34.01 30.26
C ARG D 236 -17.42 -33.59 28.80
N TYR D 237 -16.30 -33.34 28.12
CA TYR D 237 -16.31 -32.99 26.72
C TYR D 237 -15.60 -34.06 25.92
N ALA D 238 -16.20 -34.46 24.81
CA ALA D 238 -15.64 -35.45 23.91
C ALA D 238 -15.21 -34.78 22.61
N ALA D 239 -14.07 -35.21 22.08
CA ALA D 239 -13.54 -34.63 20.85
C ALA D 239 -12.74 -35.69 20.10
N ASP D 240 -12.47 -35.39 18.83
CA ASP D 240 -11.63 -36.27 18.03
C ASP D 240 -10.15 -36.04 18.29
N ALA D 241 -9.77 -34.82 18.67
CA ALA D 241 -8.38 -34.53 19.03
C ALA D 241 -8.36 -33.67 20.28
N VAL D 242 -7.26 -33.76 21.02
CA VAL D 242 -7.04 -32.97 22.23
C VAL D 242 -5.67 -32.29 22.13
N VAL D 243 -5.63 -30.99 22.38
CA VAL D 243 -4.41 -30.20 22.38
C VAL D 243 -4.23 -29.59 23.76
N LEU D 244 -3.04 -29.74 24.32
CA LEU D 244 -2.73 -29.26 25.67
C LEU D 244 -1.74 -28.09 25.57
N ALA D 245 -2.28 -26.89 25.35
CA ALA D 245 -1.48 -25.66 25.41
C ALA D 245 -1.64 -24.99 26.76
N THR D 246 -1.20 -25.68 27.82
CA THR D 246 -1.48 -25.26 29.18
C THR D 246 -0.30 -24.60 29.86
N GLY D 247 0.74 -24.24 29.12
CA GLY D 247 1.86 -23.54 29.70
C GLY D 247 2.77 -24.43 30.54
N GLY D 248 3.72 -23.78 31.19
CA GLY D 248 4.73 -24.50 31.95
C GLY D 248 4.33 -24.77 33.38
N TYR D 249 5.18 -25.55 34.05
CA TYR D 249 4.98 -25.97 35.44
C TYR D 249 6.00 -25.33 36.38
N GLY D 250 6.38 -24.09 36.12
CA GLY D 250 7.39 -23.43 36.92
C GLY D 250 6.93 -23.04 38.31
N ASN D 251 5.64 -23.21 38.62
CA ASN D 251 5.13 -22.92 39.95
C ASN D 251 5.27 -24.11 40.91
N VAL D 252 5.88 -25.22 40.46
CA VAL D 252 6.24 -26.27 41.41
C VAL D 252 7.21 -25.73 42.45
N PHE D 253 8.11 -24.84 42.01
CA PHE D 253 8.79 -23.94 42.93
C PHE D 253 7.81 -22.83 43.31
N TYR D 254 7.54 -22.71 44.61
CA TYR D 254 6.50 -21.78 45.06
C TYR D 254 6.81 -20.35 44.63
N LEU D 255 8.07 -19.96 44.75
CA LEU D 255 8.51 -18.61 44.36
C LEU D 255 8.96 -18.66 42.91
N SER D 256 8.26 -17.95 42.03
CA SER D 256 8.57 -17.99 40.61
C SER D 256 8.02 -16.73 39.96
N THR D 257 8.40 -16.51 38.70
CA THR D 257 7.97 -15.36 37.92
C THR D 257 6.65 -15.61 37.20
N ASN D 258 6.07 -16.79 37.32
CA ASN D 258 4.87 -17.14 36.59
C ASN D 258 3.63 -16.52 37.23
N ALA D 259 2.53 -16.54 36.49
CA ALA D 259 1.26 -16.08 37.02
C ALA D 259 0.81 -17.00 38.16
N LYS D 260 -0.06 -16.46 39.02
CA LYS D 260 -0.43 -17.18 40.23
C LYS D 260 -1.15 -18.48 39.90
N GLY D 261 -1.96 -18.49 38.83
CA GLY D 261 -2.73 -19.67 38.50
C GLY D 261 -2.02 -20.70 37.66
N CYS D 262 -0.80 -20.43 37.21
CA CYS D 262 -0.06 -21.38 36.40
C CYS D 262 0.13 -22.69 37.17
N ASN D 263 -0.10 -23.81 36.49
CA ASN D 263 -0.09 -25.11 37.15
C ASN D 263 0.36 -26.17 36.14
N ALA D 264 0.38 -27.42 36.60
CA ALA D 264 0.73 -28.57 35.79
C ALA D 264 -0.36 -29.63 35.85
N THR D 265 -1.59 -29.23 36.17
CA THR D 265 -2.66 -30.20 36.35
C THR D 265 -2.95 -30.95 35.06
N ALA D 266 -3.05 -30.22 33.94
CA ALA D 266 -3.42 -30.86 32.68
C ALA D 266 -2.34 -31.82 32.21
N ILE D 267 -1.08 -31.37 32.20
CA ILE D 267 -0.02 -32.23 31.70
C ILE D 267 0.26 -33.39 32.65
N TRP D 268 0.06 -33.19 33.96
CA TRP D 268 0.24 -34.32 34.88
C TRP D 268 -0.88 -35.33 34.76
N ARG D 269 -2.12 -34.87 34.55
CA ARG D 269 -3.22 -35.81 34.30
C ARG D 269 -2.98 -36.59 33.02
N ALA D 270 -2.50 -35.92 31.96
CA ALA D 270 -2.17 -36.62 30.72
C ALA D 270 -1.03 -37.60 30.95
N HIS D 271 -0.03 -37.20 31.74
CA HIS D 271 1.08 -38.09 32.05
C HIS D 271 0.62 -39.34 32.79
N ARG D 272 -0.28 -39.17 33.75
CA ARG D 272 -0.86 -40.33 34.44
C ARG D 272 -1.72 -41.15 33.49
N ARG D 273 -2.28 -40.53 32.45
CA ARG D 273 -3.09 -41.26 31.48
C ARG D 273 -2.26 -41.98 30.42
N GLY D 274 -0.96 -41.68 30.31
CA GLY D 274 -0.12 -42.39 29.38
C GLY D 274 0.88 -41.52 28.63
N ALA D 275 0.82 -40.20 28.82
CA ALA D 275 1.74 -39.31 28.15
C ALA D 275 3.10 -39.32 28.84
N PHE D 276 4.16 -39.42 28.06
CA PHE D 276 5.50 -39.46 28.61
C PHE D 276 6.00 -38.04 28.87
N PHE D 277 6.63 -37.85 30.03
CA PHE D 277 7.15 -36.56 30.43
C PHE D 277 8.58 -36.42 29.93
N GLY D 278 8.80 -35.49 29.00
CA GLY D 278 10.10 -35.29 28.42
C GLY D 278 10.96 -34.29 29.17
N ASN D 279 11.99 -34.79 29.83
CA ASN D 279 12.95 -33.97 30.56
C ASN D 279 12.26 -33.04 31.58
N PRO D 280 11.56 -33.61 32.58
CA PRO D 280 10.84 -32.74 33.54
C PRO D 280 11.75 -31.86 34.37
N CYS D 281 13.04 -32.17 34.49
CA CYS D 281 13.94 -31.41 35.34
C CYS D 281 14.53 -30.19 34.64
N PHE D 282 14.20 -29.96 33.37
CA PHE D 282 14.74 -28.83 32.63
C PHE D 282 13.95 -27.58 33.00
N THR D 283 14.47 -26.80 33.93
CA THR D 283 13.83 -25.57 34.39
C THR D 283 14.77 -24.39 34.17
N GLN D 284 14.20 -23.28 33.71
CA GLN D 284 14.95 -22.05 33.53
C GLN D 284 14.67 -21.09 34.69
N ILE D 285 15.55 -20.10 34.81
CA ILE D 285 15.47 -19.10 35.86
C ILE D 285 15.65 -17.71 35.24
N HIS D 286 15.22 -16.69 35.98
CA HIS D 286 15.52 -15.32 35.62
C HIS D 286 16.44 -14.72 36.67
N PRO D 287 17.61 -14.21 36.29
CA PRO D 287 18.55 -13.68 37.30
C PRO D 287 18.04 -12.46 38.03
N THR D 288 17.36 -11.55 37.33
CA THR D 288 16.92 -10.28 37.89
C THR D 288 15.42 -10.33 38.14
N CYS D 289 15.03 -10.56 39.39
CA CYS D 289 13.65 -10.54 39.81
C CYS D 289 13.53 -9.78 41.12
N ILE D 290 12.45 -9.02 41.27
CA ILE D 290 12.21 -8.26 42.50
C ILE D 290 11.93 -9.25 43.63
N PRO D 291 12.68 -9.20 44.72
CA PRO D 291 12.49 -10.18 45.80
C PRO D 291 11.18 -9.96 46.52
N VAL D 292 10.89 -10.88 47.42
CA VAL D 292 9.62 -10.88 48.14
C VAL D 292 9.78 -10.13 49.46
N SER D 293 8.66 -9.60 49.96
CA SER D 293 8.64 -8.83 51.19
C SER D 293 8.18 -9.66 52.39
N GLY D 294 8.00 -10.95 52.21
CA GLY D 294 7.57 -11.80 53.32
C GLY D 294 7.12 -13.15 52.80
N GLU D 295 6.76 -14.00 53.77
CA GLU D 295 6.32 -15.35 53.44
C GLU D 295 4.99 -15.37 52.70
N TYR D 296 4.23 -14.28 52.76
CA TYR D 296 2.95 -14.22 52.05
C TYR D 296 3.15 -14.22 50.53
N GLN D 297 4.15 -13.50 50.06
CA GLN D 297 4.35 -13.34 48.62
C GLN D 297 4.81 -14.65 47.98
N SER D 298 4.27 -14.94 46.80
CA SER D 298 4.65 -16.12 46.05
C SER D 298 5.12 -15.82 44.63
N LYS D 299 4.97 -14.59 44.17
CA LYS D 299 5.35 -14.21 42.82
C LYS D 299 6.48 -13.19 42.84
N LEU D 300 7.50 -13.43 42.02
CA LEU D 300 8.60 -12.50 41.85
C LEU D 300 8.47 -11.83 40.49
N THR D 301 8.36 -10.50 40.50
CA THR D 301 8.15 -9.76 39.26
C THR D 301 9.44 -9.78 38.43
N LEU D 302 9.30 -10.16 37.16
CA LEU D 302 10.45 -10.26 36.27
C LEU D 302 10.90 -8.86 35.86
N MET D 303 12.08 -8.47 36.30
CA MET D 303 12.76 -7.32 35.73
C MET D 303 13.66 -7.78 34.59
N SER D 304 13.85 -6.89 33.62
CA SER D 304 14.72 -7.21 32.48
C SER D 304 16.12 -7.54 32.98
N GLU D 305 16.71 -8.60 32.40
CA GLU D 305 18.01 -9.07 32.82
C GLU D 305 19.15 -8.31 32.15
N SER D 306 18.85 -7.22 31.44
CA SER D 306 19.86 -6.28 30.99
C SER D 306 20.25 -5.31 32.09
N LEU D 307 19.59 -5.36 33.24
CA LEU D 307 19.98 -4.55 34.39
C LEU D 307 21.35 -4.94 34.93
N ARG D 308 21.83 -6.14 34.60
CA ARG D 308 23.15 -6.59 35.04
C ARG D 308 24.27 -6.03 34.17
N ASN D 309 23.93 -5.43 33.02
CA ASN D 309 24.97 -4.88 32.14
C ASN D 309 25.56 -3.59 32.71
N ASP D 310 24.74 -2.81 33.42
CA ASP D 310 25.16 -1.52 33.96
C ASP D 310 24.91 -1.46 35.46
N GLY D 311 25.22 -2.52 36.18
CA GLY D 311 25.06 -2.53 37.62
C GLY D 311 26.04 -3.51 38.25
N ARG D 312 26.23 -3.35 39.56
CA ARG D 312 27.16 -4.20 40.29
C ARG D 312 26.42 -4.96 41.39
N ILE D 313 26.77 -6.23 41.55
CA ILE D 313 26.12 -7.12 42.50
C ILE D 313 27.00 -7.26 43.73
N TRP D 314 26.42 -7.02 44.91
CA TRP D 314 27.20 -7.07 46.14
C TRP D 314 26.28 -7.28 47.34
N VAL D 315 26.91 -7.63 48.45
CA VAL D 315 26.28 -7.62 49.78
C VAL D 315 27.29 -7.10 50.79
N PRO D 316 26.80 -6.54 51.90
CA PRO D 316 27.74 -6.10 52.95
C PRO D 316 28.53 -7.27 53.51
N LYS D 317 29.81 -7.01 53.81
CA LYS D 317 30.66 -8.05 54.38
C LYS D 317 30.14 -8.51 55.74
N LYS D 318 29.72 -7.56 56.57
CA LYS D 318 29.12 -7.88 57.86
C LYS D 318 27.63 -8.19 57.65
N LYS D 319 27.19 -9.33 58.18
CA LYS D 319 25.79 -9.71 58.02
C LYS D 319 24.86 -8.74 58.74
N GLY D 320 25.25 -8.26 59.92
CA GLY D 320 24.42 -7.36 60.69
C GLY D 320 24.68 -5.90 60.40
N ASP D 321 24.83 -5.55 59.12
CA ASP D 321 25.00 -4.15 58.71
C ASP D 321 23.63 -3.53 58.57
N THR D 322 23.23 -2.76 59.58
CA THR D 322 21.94 -2.08 59.58
C THR D 322 22.00 -0.68 58.96
N ARG D 323 23.16 -0.27 58.48
CA ARG D 323 23.29 1.03 57.83
C ARG D 323 22.57 1.01 56.48
N ARG D 324 22.29 2.21 55.98
CA ARG D 324 21.72 2.33 54.65
C ARG D 324 22.74 1.86 53.61
N PRO D 325 22.29 1.18 52.54
CA PRO D 325 23.26 0.66 51.56
C PRO D 325 24.10 1.73 50.91
N GLN D 326 23.56 2.94 50.72
CA GLN D 326 24.35 4.02 50.14
C GLN D 326 25.41 4.56 51.10
N ASP D 327 25.26 4.29 52.40
CA ASP D 327 26.22 4.73 53.39
C ASP D 327 27.32 3.71 53.65
N ILE D 328 27.22 2.52 53.07
CA ILE D 328 28.25 1.49 53.30
C ILE D 328 29.48 1.82 52.45
N PRO D 329 30.67 1.88 53.04
CA PRO D 329 31.87 2.23 52.26
C PRO D 329 32.21 1.17 51.23
N GLU D 330 32.94 1.60 50.20
CA GLU D 330 33.31 0.70 49.11
C GLU D 330 34.13 -0.48 49.62
N SER D 331 35.00 -0.24 50.60
CA SER D 331 35.79 -1.32 51.17
C SER D 331 34.95 -2.28 52.01
N GLU D 332 33.85 -1.81 52.57
CA GLU D 332 32.97 -2.64 53.39
C GLU D 332 31.88 -3.32 52.57
N ARG D 333 31.99 -3.32 51.25
CA ARG D 333 31.04 -3.98 50.37
C ARG D 333 31.70 -5.21 49.77
N ASP D 334 31.07 -6.37 49.95
CA ASP D 334 31.56 -7.62 49.38
C ASP D 334 31.02 -7.73 47.96
N TYR D 335 31.77 -7.18 47.00
CA TYR D 335 31.38 -7.24 45.60
C TYR D 335 31.70 -8.61 45.03
N TYR D 336 30.88 -9.59 45.43
CA TYR D 336 31.00 -10.89 44.81
C TYR D 336 30.51 -10.82 43.36
N LEU D 337 30.93 -11.79 42.56
CA LEU D 337 30.95 -11.78 41.10
C LEU D 337 32.06 -10.88 40.57
N GLU D 338 32.79 -10.18 41.44
CA GLU D 338 34.01 -9.49 41.08
C GLU D 338 35.24 -10.17 41.69
N GLU D 339 35.25 -10.35 43.01
CA GLU D 339 36.31 -11.14 43.64
C GLU D 339 36.21 -12.60 43.24
N ARG D 340 35.02 -13.17 43.34
CA ARG D 340 34.75 -14.48 42.78
C ARG D 340 34.43 -14.34 41.30
N TYR D 341 34.97 -15.27 40.50
CA TYR D 341 34.85 -15.24 39.05
C TYR D 341 35.40 -13.94 38.48
N PRO D 342 36.71 -13.68 38.61
CA PRO D 342 37.26 -12.47 37.99
C PRO D 342 37.10 -12.44 36.49
N SER D 343 37.15 -13.60 35.83
CA SER D 343 36.88 -13.67 34.40
C SER D 343 35.40 -13.43 34.14
N PHE D 344 35.11 -12.58 33.16
CA PHE D 344 33.73 -12.16 32.84
C PHE D 344 33.06 -11.56 34.08
N GLY D 345 33.82 -10.76 34.82
CA GLY D 345 33.32 -10.13 36.03
C GLY D 345 32.16 -9.19 35.79
N ASN D 346 31.09 -9.36 36.56
CA ASN D 346 29.84 -8.58 36.53
C ASN D 346 29.00 -8.88 35.30
N LEU D 347 29.50 -9.68 34.36
CA LEU D 347 28.71 -10.17 33.24
C LEU D 347 28.74 -11.69 33.17
N VAL D 348 28.86 -12.33 34.33
CA VAL D 348 28.87 -13.78 34.45
C VAL D 348 27.54 -14.30 33.95
N PRO D 349 27.48 -15.51 33.36
CA PRO D 349 26.20 -16.03 32.89
C PRO D 349 25.17 -16.09 34.01
N ARG D 350 23.90 -16.07 33.61
CA ARG D 350 22.81 -16.00 34.58
C ARG D 350 22.87 -17.14 35.58
N ASP D 351 23.31 -18.32 35.14
CA ASP D 351 23.32 -19.49 36.04
C ASP D 351 24.36 -19.32 37.14
N ILE D 352 25.59 -18.94 36.78
CA ILE D 352 26.65 -18.80 37.77
C ILE D 352 26.32 -17.66 38.72
N ALA D 353 25.91 -16.51 38.18
CA ALA D 353 25.60 -15.36 39.02
C ALA D 353 24.44 -15.66 39.96
N SER D 354 23.40 -16.34 39.46
CA SER D 354 22.24 -16.63 40.29
C SER D 354 22.55 -17.69 41.34
N ARG D 355 23.40 -18.68 41.00
CA ARG D 355 23.82 -19.64 41.99
C ARG D 355 24.63 -18.97 43.09
N ALA D 356 25.51 -18.04 42.72
CA ALA D 356 26.26 -17.29 43.73
C ALA D 356 25.32 -16.46 44.60
N ALA D 357 24.31 -15.84 43.98
CA ALA D 357 23.34 -15.06 44.76
C ALA D 357 22.58 -15.93 45.74
N LYS D 358 22.12 -17.10 45.30
CA LYS D 358 21.39 -17.99 46.19
C LYS D 358 22.29 -18.50 47.32
N GLN D 359 23.55 -18.82 47.01
CA GLN D 359 24.47 -19.26 48.05
C GLN D 359 24.72 -18.15 49.07
N VAL D 360 24.87 -16.91 48.58
CA VAL D 360 25.08 -15.78 49.48
C VAL D 360 23.88 -15.57 50.38
N CYS D 361 22.66 -15.64 49.80
CA CYS D 361 21.46 -15.42 50.60
C CYS D 361 21.21 -16.58 51.57
N ASP D 362 21.64 -17.79 51.22
CA ASP D 362 21.48 -18.93 52.11
C ASP D 362 22.50 -18.92 53.24
N GLU D 363 23.68 -18.34 53.00
CA GLU D 363 24.64 -18.16 54.09
C GLU D 363 24.06 -17.24 55.16
N GLY D 364 23.32 -16.21 54.75
CA GLY D 364 22.69 -15.31 55.68
C GLY D 364 23.27 -13.90 55.64
N ARG D 365 22.58 -13.00 54.95
CA ARG D 365 23.02 -11.62 54.82
C ARG D 365 21.98 -10.61 55.30
N GLY D 366 20.70 -10.86 55.03
CA GLY D 366 19.65 -10.02 55.56
C GLY D 366 19.49 -8.66 54.92
N VAL D 367 19.93 -8.50 53.66
CA VAL D 367 19.78 -7.22 53.00
C VAL D 367 18.35 -6.98 52.54
N GLY D 368 17.53 -8.03 52.43
CA GLY D 368 16.15 -7.89 52.08
C GLY D 368 15.24 -7.98 53.30
N PRO D 369 13.93 -8.01 53.08
CA PRO D 369 13.00 -8.16 54.20
C PRO D 369 13.21 -9.49 54.92
N GLY D 370 13.14 -10.59 54.18
CA GLY D 370 13.40 -11.91 54.70
C GLY D 370 14.83 -12.39 54.54
N GLY D 371 15.73 -11.54 54.06
CA GLY D 371 17.11 -11.91 53.85
C GLY D 371 17.42 -12.45 52.47
N LEU D 372 16.42 -12.63 51.61
CA LEU D 372 16.60 -13.18 50.27
C LEU D 372 16.71 -12.02 49.29
N GLY D 373 17.95 -11.66 48.95
CA GLY D 373 18.19 -10.58 48.00
C GLY D 373 19.64 -10.14 47.97
N VAL D 374 20.04 -9.45 46.91
CA VAL D 374 21.38 -8.94 46.75
C VAL D 374 21.31 -7.58 46.08
N TYR D 375 22.28 -6.71 46.40
CA TYR D 375 22.28 -5.35 45.91
C TYR D 375 22.87 -5.30 44.51
N LEU D 376 22.01 -5.09 43.52
CA LEU D 376 22.40 -4.66 42.19
C LEU D 376 22.28 -3.14 42.22
N ASP D 377 23.42 -2.48 42.39
CA ASP D 377 23.44 -1.03 42.49
C ASP D 377 23.91 -0.40 41.18
N PHE D 378 23.34 0.76 40.89
CA PHE D 378 23.64 1.53 39.69
C PHE D 378 24.34 2.85 40.02
N ALA D 379 24.85 3.01 41.24
CA ALA D 379 25.45 4.28 41.65
C ALA D 379 26.70 4.59 40.84
N ASP D 380 27.60 3.62 40.72
CA ASP D 380 28.80 3.82 39.92
C ASP D 380 28.45 3.94 38.44
N ALA D 381 27.41 3.24 37.98
CA ALA D 381 26.95 3.42 36.61
C ALA D 381 26.37 4.82 36.40
N ILE D 382 25.67 5.35 37.40
CA ILE D 382 25.10 6.68 37.29
C ILE D 382 26.21 7.73 37.25
N LYS D 383 27.22 7.58 38.10
CA LYS D 383 28.34 8.52 38.09
C LYS D 383 29.15 8.41 36.82
N ARG D 384 29.42 7.19 36.35
CA ARG D 384 30.23 6.99 35.16
C ARG D 384 29.48 7.44 33.91
N LEU D 385 28.24 7.01 33.75
CA LEU D 385 27.41 7.39 32.62
C LEU D 385 26.62 8.65 32.97
N GLY D 386 25.63 8.98 32.15
CA GLY D 386 24.71 10.06 32.44
C GLY D 386 23.43 9.52 33.04
N ARG D 387 22.94 10.19 34.08
CA ARG D 387 21.65 9.80 34.66
C ARG D 387 20.54 9.89 33.63
N GLN D 388 20.65 10.84 32.69
CA GLN D 388 19.71 10.89 31.58
C GLN D 388 19.82 9.66 30.69
N LYS D 389 21.03 9.20 30.42
CA LYS D 389 21.22 8.01 29.58
C LYS D 389 20.73 6.76 30.29
N ILE D 390 21.02 6.62 31.58
CA ILE D 390 20.52 5.49 32.34
C ILE D 390 19.00 5.55 32.43
N ALA D 391 18.42 6.75 32.52
CA ALA D 391 16.97 6.87 32.46
C ALA D 391 16.45 6.38 31.12
N GLU D 392 17.07 6.82 30.02
CA GLU D 392 16.61 6.39 28.70
C GLU D 392 16.79 4.88 28.52
N ARG D 393 17.69 4.27 29.30
CA ARG D 393 17.86 2.83 29.22
C ARG D 393 16.82 2.07 30.05
N TYR D 394 16.61 2.49 31.29
CA TYR D 394 15.86 1.68 32.25
C TYR D 394 14.80 2.50 32.98
N GLY D 395 14.14 3.43 32.29
CA GLY D 395 13.17 4.27 32.97
C GLY D 395 11.97 3.51 33.48
N ASN D 396 11.35 2.70 32.60
CA ASN D 396 10.19 1.92 33.02
C ASN D 396 10.58 0.91 34.08
N LEU D 397 11.77 0.33 33.97
CA LEU D 397 12.23 -0.65 34.95
C LEU D 397 12.41 -0.01 36.33
N PHE D 398 13.03 1.17 36.38
CA PHE D 398 13.22 1.85 37.66
C PHE D 398 11.88 2.32 38.23
N ASP D 399 10.97 2.80 37.38
CA ASP D 399 9.66 3.21 37.85
C ASP D 399 8.90 2.02 38.44
N MET D 400 8.93 0.88 37.76
CA MET D 400 8.26 -0.32 38.25
C MET D 400 8.88 -0.82 39.55
N TYR D 401 10.21 -0.79 39.64
CA TYR D 401 10.88 -1.20 40.87
C TYR D 401 10.54 -0.27 42.03
N LYS D 402 10.46 1.04 41.76
CA LYS D 402 10.09 1.98 42.81
C LYS D 402 8.64 1.84 43.21
N GLN D 403 7.77 1.47 42.27
CA GLN D 403 6.37 1.22 42.61
C GLN D 403 6.25 -0.01 43.50
N ILE D 404 6.93 -1.10 43.14
CA ILE D 404 6.79 -2.34 43.90
C ILE D 404 7.47 -2.23 45.26
N THR D 405 8.68 -1.65 45.31
CA THR D 405 9.48 -1.67 46.52
C THR D 405 9.42 -0.36 47.32
N GLY D 406 9.11 0.76 46.67
CA GLY D 406 9.14 2.04 47.36
C GLY D 406 10.51 2.66 47.47
N GLU D 407 11.50 2.13 46.77
CA GLU D 407 12.87 2.62 46.85
C GLU D 407 13.33 3.04 45.46
N ASP D 408 13.92 4.22 45.37
CA ASP D 408 14.39 4.72 44.09
C ASP D 408 15.74 4.08 43.75
N PRO D 409 15.85 3.36 42.63
CA PRO D 409 17.14 2.76 42.27
C PRO D 409 18.23 3.77 41.97
N TYR D 410 17.88 5.02 41.70
CA TYR D 410 18.90 6.04 41.41
C TYR D 410 19.76 6.32 42.63
N GLU D 411 19.16 6.34 43.82
CA GLU D 411 19.89 6.57 45.06
C GLU D 411 20.18 5.26 45.79
N THR D 412 19.14 4.51 46.12
CA THR D 412 19.30 3.24 46.83
C THR D 412 19.69 2.14 45.85
N PRO D 413 20.61 1.26 46.23
CA PRO D 413 20.85 0.06 45.42
C PRO D 413 19.59 -0.77 45.28
N MET D 414 19.38 -1.34 44.10
CA MET D 414 18.22 -2.17 43.84
C MET D 414 18.48 -3.56 44.40
N ARG D 415 17.42 -4.22 44.86
CA ARG D 415 17.54 -5.58 45.36
C ARG D 415 16.99 -6.55 44.34
N ILE D 416 17.74 -7.62 44.06
CA ILE D 416 17.29 -8.66 43.14
C ILE D 416 17.50 -10.02 43.78
N TYR D 417 16.80 -11.01 43.23
CA TYR D 417 16.91 -12.39 43.69
C TYR D 417 16.44 -13.32 42.58
N PRO D 418 17.13 -14.43 42.34
CA PRO D 418 16.71 -15.33 41.25
C PRO D 418 15.38 -16.00 41.55
N ALA D 419 14.67 -16.33 40.48
CA ALA D 419 13.41 -17.05 40.59
C ALA D 419 13.24 -17.92 39.35
N VAL D 420 12.51 -19.02 39.51
CA VAL D 420 12.28 -19.93 38.40
C VAL D 420 11.38 -19.26 37.38
N HIS D 421 11.80 -19.29 36.12
CA HIS D 421 11.17 -18.53 35.04
C HIS D 421 10.46 -19.41 34.03
N TYR D 422 11.17 -20.36 33.43
CA TYR D 422 10.65 -21.15 32.32
C TYR D 422 10.94 -22.62 32.60
N THR D 423 10.12 -23.49 32.03
CA THR D 423 10.33 -24.93 32.11
C THR D 423 10.45 -25.46 30.68
N MET D 424 11.68 -25.77 30.28
CA MET D 424 11.90 -26.34 28.95
C MET D 424 11.36 -27.76 28.87
N GLY D 425 11.06 -28.39 30.00
CA GLY D 425 10.47 -29.70 30.02
C GLY D 425 8.98 -29.66 29.74
N GLY D 426 8.36 -30.81 29.90
CA GLY D 426 6.95 -30.99 29.62
C GLY D 426 6.72 -32.35 29.01
N LEU D 427 5.52 -32.54 28.46
CA LEU D 427 5.18 -33.81 27.83
C LEU D 427 5.99 -33.99 26.56
N TRP D 428 6.59 -35.17 26.41
CA TRP D 428 7.34 -35.49 25.20
C TRP D 428 6.40 -35.51 23.99
N VAL D 429 6.81 -34.83 22.92
CA VAL D 429 6.06 -34.82 21.66
C VAL D 429 6.99 -35.21 20.53
N ASP D 430 6.42 -35.81 19.49
CA ASP D 430 7.17 -36.19 18.31
C ASP D 430 7.25 -35.01 17.35
N TYR D 431 7.69 -35.27 16.12
CA TYR D 431 7.79 -34.19 15.13
C TYR D 431 6.42 -33.61 14.82
N ASN D 432 5.36 -34.40 14.95
CA ASN D 432 4.00 -33.97 14.70
C ASN D 432 3.35 -33.32 15.91
N LEU D 433 4.15 -32.92 16.91
CA LEU D 433 3.66 -32.27 18.13
C LEU D 433 2.66 -33.15 18.88
N GLN D 434 2.74 -34.45 18.68
CA GLN D 434 1.84 -35.41 19.31
C GLN D 434 2.56 -36.13 20.43
N SER D 435 1.86 -36.34 21.55
CA SER D 435 2.44 -37.01 22.70
C SER D 435 2.46 -38.53 22.44
N THR D 436 2.81 -39.30 23.47
CA THR D 436 2.78 -40.75 23.34
C THR D 436 1.36 -41.30 23.35
N ILE D 437 0.38 -40.48 23.70
CA ILE D 437 -1.03 -40.84 23.57
C ILE D 437 -1.51 -40.36 22.21
N PRO D 438 -1.97 -41.25 21.33
CA PRO D 438 -2.51 -40.79 20.04
C PRO D 438 -3.70 -39.85 20.25
N GLY D 439 -3.73 -38.78 19.45
CA GLY D 439 -4.76 -37.79 19.56
C GLY D 439 -4.52 -36.71 20.59
N LEU D 440 -3.49 -36.85 21.41
CA LEU D 440 -3.14 -35.83 22.40
C LEU D 440 -1.93 -35.06 21.88
N PHE D 441 -2.14 -33.80 21.54
CA PHE D 441 -1.10 -32.92 21.04
C PHE D 441 -0.75 -31.91 22.12
N VAL D 442 0.55 -31.68 22.32
CA VAL D 442 1.02 -30.74 23.33
C VAL D 442 1.83 -29.67 22.61
N ILE D 443 1.46 -28.40 22.84
CA ILE D 443 2.10 -27.27 22.18
C ILE D 443 2.42 -26.22 23.22
N GLY D 444 3.39 -25.36 22.88
CA GLY D 444 3.78 -24.28 23.76
C GLY D 444 4.80 -24.70 24.81
N GLU D 445 4.66 -24.18 26.03
CA GLU D 445 5.55 -24.56 27.12
C GLU D 445 5.17 -25.89 27.75
N ALA D 446 3.98 -26.42 27.43
CA ALA D 446 3.53 -27.67 28.05
C ALA D 446 4.25 -28.90 27.49
N ASN D 447 4.95 -28.77 26.37
CA ASN D 447 5.74 -29.87 25.81
C ASN D 447 7.22 -29.54 25.88
N PHE D 448 8.05 -30.53 25.54
CA PHE D 448 9.50 -30.34 25.56
C PHE D 448 9.96 -29.62 24.29
N SER D 449 9.76 -30.26 23.14
CA SER D 449 9.85 -29.62 21.82
C SER D 449 11.24 -29.04 21.58
N ASP D 450 11.39 -27.74 21.35
CA ASP D 450 12.52 -27.20 20.61
C ASP D 450 13.60 -26.55 21.48
N HIS D 451 13.33 -26.31 22.75
CA HIS D 451 14.24 -25.50 23.55
C HIS D 451 15.40 -26.29 24.15
N GLY D 452 15.35 -27.60 24.10
CA GLY D 452 16.45 -28.39 24.64
C GLY D 452 16.61 -28.16 26.13
N ALA D 453 17.85 -27.93 26.56
CA ALA D 453 18.17 -27.74 27.96
C ALA D 453 18.19 -26.27 28.39
N ASN D 454 17.93 -25.35 27.46
CA ASN D 454 17.91 -23.92 27.80
C ASN D 454 17.14 -23.18 26.73
N ARG D 455 16.11 -22.44 27.13
CA ARG D 455 15.31 -21.67 26.19
C ARG D 455 16.00 -20.35 25.89
N LEU D 456 16.21 -20.08 24.61
CA LEU D 456 16.76 -18.79 24.22
C LEU D 456 15.72 -17.68 24.41
N GLY D 457 16.22 -16.46 24.50
CA GLY D 457 15.31 -15.32 24.62
C GLY D 457 14.45 -15.18 23.37
N ALA D 458 13.21 -14.77 23.57
CA ALA D 458 12.23 -14.57 22.50
C ALA D 458 11.92 -15.85 21.74
N SER D 459 12.23 -17.01 22.31
CA SER D 459 12.02 -18.28 21.63
C SER D 459 10.74 -18.98 22.06
N ALA D 460 10.23 -18.72 23.27
CA ALA D 460 9.00 -19.36 23.70
C ALA D 460 7.78 -18.73 23.03
N LEU D 461 7.78 -17.42 22.87
CA LEU D 461 6.73 -16.77 22.08
C LEU D 461 6.73 -17.30 20.66
N MET D 462 7.92 -17.41 20.07
CA MET D 462 8.05 -17.93 18.71
C MET D 462 7.57 -19.37 18.64
N GLN D 463 7.91 -20.18 19.64
CA GLN D 463 7.51 -21.59 19.62
C GLN D 463 5.99 -21.72 19.77
N GLY D 464 5.39 -20.95 20.68
CA GLY D 464 3.95 -21.02 20.84
C GLY D 464 3.21 -20.58 19.60
N LEU D 465 3.62 -19.46 19.02
CA LEU D 465 2.95 -18.98 17.82
C LEU D 465 3.19 -19.93 16.64
N ALA D 466 4.38 -20.51 16.54
CA ALA D 466 4.66 -21.48 15.48
C ALA D 466 3.78 -22.70 15.62
N ASP D 467 3.71 -23.27 16.81
CA ASP D 467 2.87 -24.43 17.05
C ASP D 467 1.41 -24.12 16.73
N GLY D 468 0.91 -22.98 17.20
CA GLY D 468 -0.48 -22.65 16.97
C GLY D 468 -0.80 -22.39 15.50
N TYR D 469 0.06 -21.65 14.81
CA TYR D 469 -0.26 -21.12 13.49
C TYR D 469 0.16 -22.05 12.35
N PHE D 470 1.39 -22.57 12.39
CA PHE D 470 2.00 -23.13 11.20
C PHE D 470 2.45 -24.59 11.34
N ILE D 471 2.24 -25.22 12.49
CA ILE D 471 2.67 -26.60 12.65
C ILE D 471 1.49 -27.49 13.02
N LEU D 472 0.85 -27.19 14.15
CA LEU D 472 -0.29 -28.00 14.59
C LEU D 472 -1.42 -28.07 13.56
N PRO D 473 -1.77 -27.01 12.83
CA PRO D 473 -2.83 -27.16 11.80
C PRO D 473 -2.52 -28.23 10.76
N TYR D 474 -1.23 -28.49 10.50
CA TYR D 474 -0.87 -29.54 9.55
C TYR D 474 -0.87 -30.91 10.20
N THR D 475 -0.26 -31.02 11.39
CA THR D 475 -0.08 -32.33 12.02
C THR D 475 -1.39 -32.87 12.58
N ILE D 476 -2.24 -31.99 13.13
CA ILE D 476 -3.53 -32.45 13.61
C ILE D 476 -4.42 -32.88 12.44
N ALA D 477 -4.31 -32.21 11.29
CA ALA D 477 -5.02 -32.66 10.10
C ALA D 477 -4.49 -34.01 9.63
N ASN D 478 -3.17 -34.20 9.70
CA ASN D 478 -2.58 -35.48 9.34
C ASN D 478 -3.12 -36.59 10.23
N PHE D 479 -3.24 -36.33 11.53
CA PHE D 479 -3.79 -37.33 12.44
C PHE D 479 -5.28 -37.58 12.16
N LEU D 480 -6.05 -36.51 11.96
CA LEU D 480 -7.49 -36.65 11.84
C LEU D 480 -7.90 -37.30 10.52
N ALA D 481 -7.12 -37.10 9.46
CA ALA D 481 -7.44 -37.72 8.17
C ALA D 481 -7.35 -39.24 8.22
N GLN D 482 -6.60 -39.80 9.16
CA GLN D 482 -6.43 -41.24 9.27
C GLN D 482 -7.39 -41.88 10.26
N VAL D 483 -8.29 -41.10 10.85
CA VAL D 483 -9.28 -41.61 11.80
C VAL D 483 -10.66 -41.17 11.34
N LYS D 484 -11.68 -41.89 11.84
CA LYS D 484 -13.05 -41.56 11.49
C LYS D 484 -13.60 -40.49 12.42
N PRO D 485 -14.29 -39.48 11.87
CA PRO D 485 -14.88 -38.44 12.73
C PRO D 485 -15.96 -39.00 13.63
N GLY D 486 -16.07 -38.43 14.82
CA GLY D 486 -17.09 -38.84 15.76
C GLY D 486 -16.85 -40.24 16.28
N GLY D 487 -17.94 -40.87 16.73
CA GLY D 487 -17.91 -42.23 17.20
C GLY D 487 -17.74 -42.39 18.70
N VAL D 488 -17.40 -41.33 19.42
CA VAL D 488 -17.23 -41.38 20.87
C VAL D 488 -18.08 -40.30 21.50
N SER D 489 -18.95 -40.69 22.42
CA SER D 489 -19.80 -39.76 23.16
C SER D 489 -19.42 -39.77 24.63
N ILE D 490 -19.91 -38.77 25.36
CA ILE D 490 -19.55 -38.60 26.77
C ILE D 490 -20.24 -39.59 27.68
N ASP D 491 -21.14 -40.43 27.16
CA ASP D 491 -21.80 -41.45 27.96
C ASP D 491 -20.99 -42.73 28.05
N ARG D 492 -19.79 -42.77 27.48
CA ARG D 492 -18.96 -43.95 27.52
C ARG D 492 -18.47 -44.21 28.95
N PRO D 493 -18.12 -45.47 29.27
CA PRO D 493 -17.64 -45.76 30.63
C PRO D 493 -16.38 -45.02 31.01
N GLU D 494 -15.49 -44.71 30.06
CA GLU D 494 -14.25 -44.02 30.39
C GLU D 494 -14.51 -42.63 30.94
N PHE D 495 -15.47 -41.91 30.35
CA PHE D 495 -15.86 -40.60 30.87
C PHE D 495 -16.41 -40.72 32.28
N ALA D 496 -17.23 -41.74 32.52
CA ALA D 496 -17.78 -41.95 33.86
C ALA D 496 -16.68 -42.22 34.88
N GLU D 497 -15.70 -43.05 34.52
CA GLU D 497 -14.59 -43.34 35.42
C GLU D 497 -13.77 -42.10 35.72
N ALA D 498 -13.46 -41.31 34.69
CA ALA D 498 -12.68 -40.10 34.91
C ALA D 498 -13.45 -39.10 35.76
N GLU D 499 -14.75 -38.94 35.50
CA GLU D 499 -15.56 -38.03 36.29
C GLU D 499 -15.67 -38.48 37.74
N ALA D 500 -15.82 -39.79 37.97
CA ALA D 500 -15.86 -40.31 39.32
C ALA D 500 -14.54 -40.08 40.05
N GLU D 501 -13.43 -40.29 39.35
CA GLU D 501 -12.12 -40.01 39.95
C GLU D 501 -11.99 -38.54 40.33
N ILE D 502 -12.41 -37.65 39.44
CA ILE D 502 -12.32 -36.21 39.73
C ILE D 502 -13.20 -35.84 40.91
N ASN D 503 -14.43 -36.35 40.94
CA ASN D 503 -15.35 -36.04 42.03
C ASN D 503 -14.84 -36.59 43.36
N GLN D 504 -14.29 -37.81 43.35
CA GLN D 504 -13.73 -38.37 44.58
C GLN D 504 -12.55 -37.56 45.07
N ARG D 505 -11.69 -37.12 44.14
CA ARG D 505 -10.55 -36.29 44.54
C ARG D 505 -11.02 -34.97 45.14
N ILE D 506 -12.00 -34.33 44.52
CA ILE D 506 -12.50 -33.06 45.04
C ILE D 506 -13.14 -33.24 46.41
N GLN D 507 -13.97 -34.28 46.58
CA GLN D 507 -14.62 -34.52 47.86
C GLN D 507 -13.60 -34.83 48.94
N ARG D 508 -12.58 -35.63 48.61
CA ARG D 508 -11.53 -35.93 49.58
C ARG D 508 -10.76 -34.67 49.96
N LEU D 509 -10.44 -33.82 48.98
CA LEU D 509 -9.73 -32.58 49.27
C LEU D 509 -10.56 -31.68 50.19
N LEU D 510 -11.87 -31.59 49.95
CA LEU D 510 -12.72 -30.75 50.79
C LEU D 510 -12.97 -31.37 52.15
N SER D 511 -12.85 -32.68 52.29
CA SER D 511 -13.22 -33.39 53.51
C SER D 511 -12.06 -33.56 54.49
N ILE D 512 -10.84 -33.18 54.11
CA ILE D 512 -9.70 -33.38 55.01
C ILE D 512 -9.85 -32.49 56.24
N ARG D 513 -10.12 -31.21 56.03
CA ARG D 513 -10.32 -30.24 57.12
C ARG D 513 -9.14 -30.25 58.09
N GLY D 514 -7.94 -30.22 57.52
CA GLY D 514 -6.72 -30.24 58.30
C GLY D 514 -6.42 -28.89 58.92
N LYS D 515 -5.20 -28.78 59.46
CA LYS D 515 -4.79 -27.59 60.18
C LYS D 515 -3.94 -26.64 59.34
N ARG D 516 -3.35 -27.11 58.25
CA ARG D 516 -2.50 -26.28 57.40
C ARG D 516 -3.22 -25.88 56.14
N THR D 517 -2.86 -24.70 55.64
CA THR D 517 -3.45 -24.18 54.41
C THR D 517 -2.75 -24.78 53.19
N VAL D 518 -3.37 -24.58 52.02
CA VAL D 518 -2.79 -25.07 50.78
C VAL D 518 -1.48 -24.35 50.48
N ASP D 519 -1.44 -23.04 50.71
CA ASP D 519 -0.23 -22.29 50.43
C ASP D 519 0.91 -22.67 51.36
N SER D 520 0.61 -23.18 52.56
CA SER D 520 1.66 -23.67 53.44
C SER D 520 2.39 -24.86 52.82
N PHE D 521 1.61 -25.84 52.33
CA PHE D 521 2.21 -27.00 51.69
C PHE D 521 2.90 -26.62 50.39
N HIS D 522 2.31 -25.70 49.62
CA HIS D 522 2.94 -25.27 48.38
C HIS D 522 4.26 -24.55 48.67
N ARG D 523 4.29 -23.74 49.74
CA ARG D 523 5.52 -23.06 50.13
C ARG D 523 6.60 -24.05 50.57
N GLU D 524 6.22 -25.05 51.35
CA GLU D 524 7.18 -26.08 51.76
C GLU D 524 7.74 -26.82 50.54
N LEU D 525 6.85 -27.21 49.63
CA LEU D 525 7.27 -27.90 48.41
C LEU D 525 8.18 -27.04 47.56
N GLY D 526 7.83 -25.76 47.40
CA GLY D 526 8.65 -24.88 46.60
C GLY D 526 10.00 -24.59 47.21
N LYS D 527 10.05 -24.43 48.54
CA LYS D 527 11.33 -24.24 49.20
C LYS D 527 12.22 -25.46 49.04
N LEU D 528 11.65 -26.66 49.20
CA LEU D 528 12.44 -27.87 49.01
C LEU D 528 12.93 -28.00 47.58
N MET D 529 12.08 -27.70 46.60
CA MET D 529 12.46 -27.80 45.20
C MET D 529 13.50 -26.76 44.83
N TRP D 530 13.42 -25.57 45.43
CA TRP D 530 14.38 -24.51 45.14
C TRP D 530 15.73 -24.80 45.77
N ASP D 531 15.73 -25.38 46.98
CA ASP D 531 17.00 -25.69 47.64
C ASP D 531 17.68 -26.91 47.02
N LYS D 532 16.91 -27.95 46.70
CA LYS D 532 17.48 -29.23 46.30
C LYS D 532 17.50 -29.43 44.78
N CYS D 533 16.39 -29.10 44.10
CA CYS D 533 16.27 -29.29 42.66
C CYS D 533 16.22 -27.95 41.93
N GLY D 534 16.98 -26.98 42.39
CA GLY D 534 16.96 -25.65 41.82
C GLY D 534 18.09 -25.41 40.84
N MET D 535 18.81 -24.30 41.03
CA MET D 535 19.90 -23.96 40.12
C MET D 535 21.12 -24.85 40.38
N ALA D 536 21.37 -25.20 41.63
CA ALA D 536 22.47 -26.08 42.00
C ALA D 536 21.88 -27.40 42.52
N ARG D 537 22.24 -28.49 41.86
CA ARG D 537 21.72 -29.81 42.19
C ARG D 537 22.86 -30.79 42.39
N ASN D 538 22.72 -31.66 43.40
CA ASN D 538 23.68 -32.71 43.65
C ASN D 538 22.92 -33.98 44.03
N ALA D 539 23.63 -35.11 43.99
CA ALA D 539 22.98 -36.40 44.23
C ALA D 539 22.41 -36.48 45.63
N ALA D 540 23.16 -36.04 46.63
CA ALA D 540 22.69 -36.12 48.01
C ALA D 540 21.45 -35.24 48.23
N GLY D 541 21.48 -34.02 47.72
CA GLY D 541 20.33 -33.15 47.85
C GLY D 541 19.11 -33.66 47.12
N LEU D 542 19.31 -34.21 45.92
CA LEU D 542 18.20 -34.75 45.16
C LEU D 542 17.61 -35.98 45.84
N ARG D 543 18.46 -36.82 46.44
CA ARG D 543 17.94 -37.97 47.19
C ARG D 543 17.19 -37.52 48.44
N GLU D 544 17.68 -36.48 49.11
CA GLU D 544 16.96 -35.92 50.25
C GLU D 544 15.59 -35.40 49.82
N ALA D 545 15.54 -34.71 48.68
CA ALA D 545 14.27 -34.23 48.16
C ALA D 545 13.34 -35.39 47.80
N LEU D 546 13.90 -36.46 47.21
CA LEU D 546 13.08 -37.61 46.87
C LEU D 546 12.56 -38.33 48.11
N GLN D 547 13.27 -38.21 49.22
CA GLN D 547 12.75 -38.72 50.48
C GLN D 547 11.65 -37.81 51.04
N ARG D 548 11.84 -36.49 50.94
CA ARG D 548 10.94 -35.55 51.57
C ARG D 548 9.63 -35.36 50.82
N ILE D 549 9.65 -35.47 49.48
CA ILE D 549 8.44 -35.19 48.70
C ILE D 549 7.27 -36.11 49.07
N PRO D 550 7.44 -37.43 49.18
CA PRO D 550 6.32 -38.26 49.66
C PRO D 550 5.85 -37.87 51.05
N GLU D 551 6.75 -37.44 51.93
CA GLU D 551 6.33 -37.00 53.26
C GLU D 551 5.45 -35.77 53.18
N ILE D 552 5.85 -34.78 52.38
CA ILE D 552 5.04 -33.57 52.21
C ILE D 552 3.71 -33.92 51.57
N ARG D 553 3.70 -34.85 50.62
CA ARG D 553 2.46 -35.24 49.96
C ARG D 553 1.50 -35.93 50.93
N ALA D 554 2.02 -36.82 51.78
CA ALA D 554 1.18 -37.44 52.80
C ALA D 554 0.67 -36.42 53.79
N GLU D 555 1.53 -35.49 54.22
CA GLU D 555 1.09 -34.44 55.13
C GLU D 555 0.02 -33.57 54.48
N PHE D 556 0.12 -33.34 53.18
CA PHE D 556 -0.92 -32.61 52.46
C PHE D 556 -2.23 -33.38 52.46
N TRP D 557 -2.19 -34.66 52.10
CA TRP D 557 -3.42 -35.43 51.98
C TRP D 557 -4.01 -35.80 53.34
N GLU D 558 -3.29 -35.56 54.44
CA GLU D 558 -3.87 -35.80 55.76
C GLU D 558 -4.13 -34.54 56.57
N ASN D 559 -3.53 -33.40 56.22
CA ASN D 559 -3.55 -32.23 57.09
C ASN D 559 -3.70 -30.92 56.33
N VAL D 560 -4.41 -30.91 55.20
CA VAL D 560 -4.62 -29.69 54.45
C VAL D 560 -6.02 -29.17 54.74
N ASN D 561 -6.16 -27.84 54.74
CA ASN D 561 -7.43 -27.18 55.00
C ASN D 561 -7.93 -26.54 53.71
N VAL D 562 -8.98 -27.11 53.14
CA VAL D 562 -9.64 -26.56 51.97
C VAL D 562 -11.07 -26.19 52.35
N PRO D 563 -11.32 -24.93 52.66
CA PRO D 563 -12.66 -24.52 53.07
C PRO D 563 -13.59 -24.34 51.88
N GLY D 564 -14.87 -24.23 52.18
CA GLY D 564 -15.87 -24.01 51.16
C GLY D 564 -16.49 -25.30 50.65
N GLU D 565 -17.27 -25.14 49.58
CA GLU D 565 -18.01 -26.23 48.97
C GLU D 565 -17.52 -26.46 47.55
N ALA D 566 -17.85 -27.63 47.00
CA ALA D 566 -17.43 -27.96 45.65
C ALA D 566 -18.23 -27.16 44.61
N ASN D 567 -19.52 -27.00 44.83
CA ASN D 567 -20.40 -26.29 43.89
C ASN D 567 -20.44 -24.80 44.21
N ASP D 568 -19.25 -24.21 44.22
CA ASP D 568 -19.10 -22.80 44.56
C ASP D 568 -17.78 -22.31 43.99
N LEU D 569 -17.62 -20.99 43.96
CA LEU D 569 -16.38 -20.35 43.52
C LEU D 569 -15.35 -20.53 44.64
N ASN D 570 -14.73 -21.71 44.66
CA ASN D 570 -13.75 -22.07 45.69
C ASN D 570 -12.36 -21.97 45.07
N GLN D 571 -11.69 -20.84 45.29
CA GLN D 571 -10.32 -20.67 44.82
C GLN D 571 -9.36 -21.55 45.60
N ALA D 572 -9.65 -21.79 46.89
CA ALA D 572 -8.84 -22.71 47.68
C ALA D 572 -8.87 -24.12 47.10
N LEU D 573 -10.01 -24.52 46.53
CA LEU D 573 -10.10 -25.83 45.89
C LEU D 573 -9.19 -25.90 44.66
N GLU D 574 -9.18 -24.84 43.85
CA GLU D 574 -8.29 -24.81 42.69
C GLU D 574 -6.84 -24.89 43.12
N LYS D 575 -6.46 -24.11 44.13
CA LYS D 575 -5.09 -24.16 44.62
C LYS D 575 -4.75 -25.53 45.19
N ALA D 576 -5.70 -26.15 45.90
CA ALA D 576 -5.47 -27.47 46.47
C ALA D 576 -5.23 -28.51 45.39
N GLY D 577 -6.04 -28.49 44.32
CA GLY D 577 -5.82 -29.41 43.23
C GLY D 577 -4.49 -29.19 42.53
N ARG D 578 -4.15 -27.93 42.28
CA ARG D 578 -2.88 -27.63 41.63
C ARG D 578 -1.70 -28.09 42.47
N VAL D 579 -1.74 -27.86 43.78
CA VAL D 579 -0.66 -28.31 44.66
C VAL D 579 -0.64 -29.83 44.77
N ALA D 580 -1.81 -30.48 44.73
CA ALA D 580 -1.84 -31.93 44.76
C ALA D 580 -1.16 -32.52 43.53
N ASP D 581 -1.35 -31.89 42.38
CA ASP D 581 -0.62 -32.34 41.19
C ASP D 581 0.87 -31.99 41.27
N PHE D 582 1.19 -30.82 41.84
CA PHE D 582 2.58 -30.41 41.96
C PHE D 582 3.37 -31.35 42.85
N LEU D 583 2.76 -31.83 43.92
CA LEU D 583 3.47 -32.71 44.85
C LEU D 583 3.88 -34.02 44.19
N GLU D 584 3.10 -34.48 43.21
CA GLU D 584 3.49 -35.66 42.46
C GLU D 584 4.49 -35.32 41.36
N LEU D 585 4.33 -34.16 40.70
CA LEU D 585 5.23 -33.80 39.62
C LEU D 585 6.64 -33.55 40.12
N ALA D 586 6.77 -32.99 41.33
CA ALA D 586 8.08 -32.65 41.88
C ALA D 586 8.94 -33.88 42.10
N GLU D 587 8.33 -34.99 42.51
CA GLU D 587 9.09 -36.24 42.66
C GLU D 587 9.68 -36.68 41.34
N LEU D 588 8.90 -36.59 40.26
CA LEU D 588 9.42 -36.93 38.94
C LEU D 588 10.52 -35.98 38.51
N MET D 589 10.37 -34.69 38.81
CA MET D 589 11.40 -33.71 38.48
C MET D 589 12.72 -34.05 39.19
N CYS D 590 12.63 -34.37 40.48
CA CYS D 590 13.83 -34.72 41.24
C CYS D 590 14.45 -36.02 40.73
N LEU D 591 13.61 -37.00 40.37
CA LEU D 591 14.13 -38.25 39.82
C LEU D 591 14.86 -38.02 38.51
N ASP D 592 14.30 -37.18 37.63
CA ASP D 592 14.96 -36.87 36.37
C ASP D 592 16.26 -36.11 36.58
N ALA D 593 16.27 -35.18 37.54
CA ALA D 593 17.51 -34.45 37.82
C ALA D 593 18.58 -35.38 38.37
N LEU D 594 18.19 -36.34 39.21
CA LEU D 594 19.14 -37.32 39.73
C LEU D 594 19.65 -38.24 38.64
N HIS D 595 18.76 -38.64 37.71
CA HIS D 595 19.14 -39.58 36.66
C HIS D 595 20.15 -38.96 35.71
N ARG D 596 19.98 -37.69 35.35
CA ARG D 596 20.86 -37.02 34.39
C ARG D 596 22.16 -36.67 35.10
N GLU D 597 23.15 -37.56 34.99
CA GLU D 597 24.46 -37.34 35.60
C GLU D 597 25.34 -36.50 34.68
N GLU D 598 24.89 -35.26 34.46
CA GLU D 598 25.61 -34.29 33.64
C GLU D 598 24.98 -32.93 33.88
N SER D 599 25.62 -31.90 33.33
CA SER D 599 25.12 -30.54 33.37
C SER D 599 24.88 -30.05 31.96
N CYS D 600 23.66 -29.59 31.68
CA CYS D 600 23.31 -29.12 30.34
C CYS D 600 22.33 -27.97 30.46
N GLY D 601 22.72 -26.80 29.97
CA GLY D 601 21.83 -25.66 29.97
C GLY D 601 21.40 -25.29 31.38
N GLY D 602 20.07 -25.19 31.57
CA GLY D 602 19.54 -24.86 32.87
C GLY D 602 19.79 -25.92 33.91
N HIS D 603 19.78 -27.20 33.51
CA HIS D 603 20.03 -28.28 34.45
C HIS D 603 21.52 -28.30 34.81
N PHE D 604 21.81 -28.10 36.08
CA PHE D 604 23.19 -28.01 36.57
C PHE D 604 23.41 -29.01 37.69
N ARG D 605 24.48 -29.79 37.58
CA ARG D 605 24.92 -30.69 38.64
C ARG D 605 26.27 -30.21 39.14
N GLU D 606 26.42 -30.12 40.46
CA GLU D 606 27.63 -29.56 41.05
C GLU D 606 28.84 -30.46 40.80
N GLU D 607 28.63 -31.77 40.67
CA GLU D 607 29.73 -32.69 40.45
C GLU D 607 30.10 -32.82 38.97
N TYR D 608 29.40 -32.13 38.08
CA TYR D 608 29.71 -32.13 36.65
C TYR D 608 29.75 -30.67 36.21
N GLN D 609 30.91 -30.04 36.36
CA GLN D 609 31.07 -28.63 35.97
C GLN D 609 32.52 -28.36 35.65
N THR D 610 32.73 -27.38 34.78
CA THR D 610 34.07 -26.93 34.46
C THR D 610 34.64 -26.13 35.63
N PRO D 611 35.96 -25.98 35.71
CA PRO D 611 36.54 -25.17 36.79
C PRO D 611 36.03 -23.74 36.80
N ASP D 612 35.65 -23.19 35.65
CA ASP D 612 35.06 -21.86 35.59
C ASP D 612 33.64 -21.82 36.14
N GLY D 613 33.02 -22.97 36.38
CA GLY D 613 31.67 -23.04 36.89
C GLY D 613 30.60 -23.27 35.84
N GLU D 614 30.98 -23.54 34.60
CA GLU D 614 30.01 -23.74 33.53
C GLU D 614 29.52 -25.19 33.53
N ALA D 615 28.51 -25.44 32.71
CA ALA D 615 27.96 -26.79 32.57
C ALA D 615 28.94 -27.69 31.82
N LEU D 616 29.00 -28.95 32.24
CA LEU D 616 29.89 -29.94 31.63
C LEU D 616 29.04 -31.11 31.17
N ARG D 617 28.72 -31.14 29.88
CA ARG D 617 27.86 -32.19 29.33
C ARG D 617 28.62 -33.51 29.21
N ASN D 618 27.86 -34.60 29.21
CA ASN D 618 28.36 -35.94 28.91
C ASN D 618 27.64 -36.38 27.63
N ASP D 619 28.20 -36.01 26.48
CA ASP D 619 27.55 -36.30 25.21
C ASP D 619 27.63 -37.76 24.83
N GLU D 620 28.52 -38.53 25.46
CA GLU D 620 28.63 -39.95 25.13
C GLU D 620 27.50 -40.76 25.73
N GLN D 621 27.08 -40.43 26.95
CA GLN D 621 26.10 -41.23 27.68
C GLN D 621 24.77 -40.52 27.90
N PHE D 622 24.70 -39.20 27.72
CA PHE D 622 23.49 -38.46 28.03
C PHE D 622 23.05 -37.58 26.87
N SER D 623 23.34 -37.99 25.64
CA SER D 623 22.89 -37.26 24.46
C SER D 623 21.56 -37.84 23.97
N TYR D 624 20.52 -37.61 24.78
CA TYR D 624 19.19 -38.11 24.46
C TYR D 624 18.16 -37.25 25.19
N VAL D 625 16.90 -37.50 24.86
CA VAL D 625 15.75 -36.89 25.52
C VAL D 625 15.17 -37.93 26.46
N ALA D 626 15.05 -37.57 27.73
CA ALA D 626 14.53 -38.48 28.76
C ALA D 626 13.03 -38.31 28.85
N ALA D 627 12.28 -39.28 28.32
CA ALA D 627 10.83 -39.29 28.43
C ALA D 627 10.44 -40.29 29.53
N TRP D 628 9.73 -39.82 30.54
CA TRP D 628 9.39 -40.63 31.69
C TRP D 628 7.95 -41.11 31.59
N GLU D 629 7.75 -42.40 31.83
CA GLU D 629 6.45 -43.05 31.73
C GLU D 629 5.91 -43.31 33.12
N PHE D 630 4.66 -42.90 33.34
CA PHE D 630 3.96 -43.16 34.58
C PHE D 630 3.63 -44.64 34.67
N THR D 631 4.22 -45.33 35.64
CA THR D 631 4.03 -46.76 35.81
C THR D 631 3.04 -47.10 36.92
N GLY D 632 2.37 -46.09 37.47
CA GLY D 632 1.52 -46.27 38.62
C GLY D 632 2.22 -46.06 39.95
N ASP D 633 3.54 -46.09 39.97
CA ASP D 633 4.35 -45.81 41.14
C ASP D 633 5.03 -44.47 40.94
N LEU D 634 4.77 -43.53 41.85
CA LEU D 634 5.31 -42.18 41.69
C LEU D 634 6.82 -42.15 41.87
N ALA D 635 7.38 -43.09 42.63
CA ALA D 635 8.81 -43.10 42.88
C ALA D 635 9.60 -43.88 41.84
N LYS D 636 8.94 -44.69 41.01
CA LYS D 636 9.60 -45.50 40.00
C LYS D 636 8.90 -45.34 38.65
N PRO D 637 9.03 -44.19 38.00
CA PRO D 637 8.64 -44.08 36.60
C PRO D 637 9.67 -44.74 35.70
N ARG D 638 9.23 -45.13 34.51
CA ARG D 638 10.09 -45.86 33.58
C ARG D 638 10.72 -44.90 32.59
N LEU D 639 12.04 -44.98 32.44
CA LEU D 639 12.77 -44.05 31.59
C LEU D 639 12.86 -44.59 30.16
N HIS D 640 12.53 -43.74 29.20
CA HIS D 640 12.65 -44.04 27.78
C HIS D 640 13.60 -43.01 27.18
N LYS D 641 14.72 -43.47 26.65
CA LYS D 641 15.68 -42.58 26.01
C LYS D 641 15.33 -42.40 24.54
N GLU D 642 15.30 -41.14 24.09
CA GLU D 642 15.15 -40.83 22.67
C GLU D 642 16.48 -40.28 22.19
N PRO D 643 17.27 -41.07 21.45
CA PRO D 643 18.63 -40.64 21.11
C PRO D 643 18.65 -39.38 20.27
N LEU D 644 19.69 -38.57 20.46
CA LEU D 644 19.88 -37.31 19.76
C LEU D 644 21.05 -37.47 18.79
N VAL D 645 20.80 -37.18 17.52
CA VAL D 645 21.82 -37.19 16.48
C VAL D 645 21.90 -35.80 15.88
N PHE D 646 23.09 -35.23 15.83
CA PHE D 646 23.30 -33.87 15.36
C PHE D 646 24.11 -33.94 14.07
N GLU D 647 23.42 -33.76 12.94
CA GLU D 647 24.05 -33.83 11.63
C GLU D 647 24.53 -32.48 11.11
N TYR D 648 24.03 -31.38 11.67
CA TYR D 648 24.33 -30.05 11.14
C TYR D 648 25.00 -29.15 12.16
N VAL D 649 24.56 -29.17 13.41
CA VAL D 649 25.19 -28.40 14.49
C VAL D 649 25.91 -29.40 15.38
N LYS D 650 27.21 -29.56 15.17
CA LYS D 650 27.97 -30.55 15.90
C LYS D 650 28.21 -30.09 17.33
N PRO D 651 27.95 -30.93 18.33
CA PRO D 651 28.18 -30.52 19.72
C PRO D 651 29.65 -30.19 19.97
N THR D 652 29.86 -29.18 20.83
CA THR D 652 31.21 -28.74 21.16
C THR D 652 31.29 -28.27 22.60
N MET E 1 1.58 -1.81 60.33
CA MET E 1 0.39 -1.01 60.14
C MET E 1 -0.87 -1.75 60.60
N LYS E 2 -1.76 -1.03 61.29
CA LYS E 2 -3.07 -1.54 61.66
C LYS E 2 -4.07 -1.03 60.64
N ILE E 3 -4.74 -1.96 59.94
CA ILE E 3 -5.58 -1.61 58.81
C ILE E 3 -6.95 -2.26 58.98
N THR E 4 -7.99 -1.46 58.85
CA THR E 4 -9.37 -1.95 58.87
C THR E 4 -9.87 -2.02 57.44
N LEU E 5 -10.48 -3.14 57.07
CA LEU E 5 -10.98 -3.38 55.73
C LEU E 5 -12.49 -3.63 55.79
N LYS E 6 -13.24 -2.84 55.05
CA LYS E 6 -14.68 -3.06 54.87
C LYS E 6 -14.83 -3.66 53.48
N ILE E 7 -14.94 -4.97 53.42
CA ILE E 7 -14.88 -5.71 52.16
C ILE E 7 -16.29 -6.18 51.79
N TRP E 8 -16.63 -6.01 50.51
CA TRP E 8 -17.89 -6.55 50.02
C TRP E 8 -17.84 -8.08 50.02
N ARG E 9 -18.86 -8.70 50.59
CA ARG E 9 -18.99 -10.15 50.65
C ARG E 9 -20.35 -10.50 50.04
N GLN E 10 -20.31 -11.17 48.89
CA GLN E 10 -21.51 -11.63 48.20
C GLN E 10 -21.35 -13.13 47.93
N LYS E 11 -22.39 -13.90 48.27
CA LYS E 11 -22.28 -15.35 48.16
C LYS E 11 -22.32 -15.81 46.71
N ASN E 12 -23.17 -15.21 45.90
CA ASN E 12 -23.27 -15.57 44.49
C ASN E 12 -24.02 -14.44 43.77
N ARG E 13 -24.40 -14.71 42.51
CA ARG E 13 -25.09 -13.70 41.72
C ARG E 13 -26.42 -13.30 42.37
N ASN E 14 -27.17 -14.29 42.86
CA ASN E 14 -28.53 -14.04 43.34
C ASN E 14 -28.58 -13.59 44.79
N THR E 15 -27.63 -14.03 45.62
CA THR E 15 -27.64 -13.65 47.02
C THR E 15 -27.16 -12.21 47.18
N PRO E 16 -27.92 -11.34 47.86
CA PRO E 16 -27.43 -9.99 48.14
C PRO E 16 -26.21 -10.03 49.06
N GLY E 17 -25.30 -9.09 48.84
CA GLY E 17 -24.08 -9.00 49.59
C GLY E 17 -24.12 -7.92 50.67
N GLU E 18 -23.05 -7.86 51.45
CA GLU E 18 -22.95 -6.87 52.51
C GLU E 18 -21.48 -6.58 52.80
N PHE E 19 -21.22 -5.46 53.45
CA PHE E 19 -19.87 -5.11 53.85
C PHE E 19 -19.53 -5.76 55.18
N LYS E 20 -18.41 -6.46 55.23
CA LYS E 20 -17.91 -7.09 56.44
C LYS E 20 -16.60 -6.44 56.85
N THR E 21 -16.40 -6.30 58.15
CA THR E 21 -15.26 -5.58 58.70
C THR E 21 -14.20 -6.57 59.18
N TYR E 22 -12.97 -6.39 58.70
CA TYR E 22 -11.85 -7.25 59.05
C TYR E 22 -10.68 -6.37 59.47
N VAL E 23 -10.14 -6.62 60.66
CA VAL E 23 -9.05 -5.81 61.20
C VAL E 23 -7.76 -6.62 61.10
N MET E 24 -6.73 -6.02 60.51
CA MET E 24 -5.42 -6.63 60.36
C MET E 24 -4.43 -5.83 61.20
N ASP E 25 -3.90 -6.47 62.25
CA ASP E 25 -3.07 -5.75 63.20
C ASP E 25 -1.70 -5.42 62.63
N ASN E 26 -1.11 -6.34 61.86
CA ASN E 26 0.22 -6.16 61.31
C ASN E 26 0.13 -6.20 59.79
N VAL E 27 0.33 -5.04 59.17
CA VAL E 27 0.31 -4.91 57.71
C VAL E 27 1.65 -4.32 57.28
N ASN E 28 2.34 -5.04 56.40
CA ASN E 28 3.63 -4.56 55.91
C ASN E 28 3.42 -3.46 54.89
N PRO E 29 4.08 -2.31 55.02
CA PRO E 29 3.99 -1.29 53.97
C PRO E 29 4.48 -1.78 52.61
N ASP E 30 5.45 -2.70 52.59
CA ASP E 30 5.91 -3.27 51.34
C ASP E 30 4.94 -4.31 50.77
N MET E 31 4.05 -4.84 51.60
CA MET E 31 3.02 -5.75 51.12
C MET E 31 2.14 -5.07 50.09
N SER E 32 1.86 -5.78 49.00
CA SER E 32 0.89 -5.27 48.03
C SER E 32 -0.52 -5.49 48.55
N PHE E 33 -1.48 -4.80 47.93
CA PHE E 33 -2.86 -4.90 48.39
C PHE E 33 -3.40 -6.32 48.24
N LEU E 34 -3.08 -6.97 47.12
CA LEU E 34 -3.52 -8.35 46.93
C LEU E 34 -2.83 -9.30 47.89
N GLU E 35 -1.57 -9.04 48.26
CA GLU E 35 -0.91 -9.86 49.26
C GLU E 35 -1.54 -9.68 50.63
N MET E 36 -1.96 -8.45 50.96
CA MET E 36 -2.69 -8.23 52.20
C MET E 36 -4.01 -8.98 52.19
N LEU E 37 -4.70 -8.97 51.04
CA LEU E 37 -5.94 -9.74 50.92
C LEU E 37 -5.68 -11.23 51.09
N ASP E 38 -4.55 -11.71 50.56
CA ASP E 38 -4.19 -13.12 50.71
C ASP E 38 -3.92 -13.46 52.17
N VAL E 39 -3.22 -12.58 52.89
CA VAL E 39 -2.98 -12.81 54.31
C VAL E 39 -4.30 -12.85 55.08
N LEU E 40 -5.22 -11.93 54.74
CA LEU E 40 -6.55 -11.96 55.35
C LEU E 40 -7.27 -13.26 55.03
N ASN E 41 -7.12 -13.76 53.79
CA ASN E 41 -7.75 -15.01 53.42
C ASN E 41 -7.22 -16.18 54.24
N GLU E 42 -5.89 -16.23 54.44
CA GLU E 42 -5.32 -17.26 55.28
C GLU E 42 -5.82 -17.16 56.72
N ASP E 43 -5.92 -15.93 57.23
CA ASP E 43 -6.44 -15.75 58.58
C ASP E 43 -7.88 -16.23 58.70
N LEU E 44 -8.71 -15.90 57.70
CA LEU E 44 -10.10 -16.37 57.69
C LEU E 44 -10.17 -17.89 57.62
N MET E 45 -9.33 -18.49 56.77
CA MET E 45 -9.32 -19.95 56.65
C MET E 45 -8.91 -20.61 57.96
N SER E 46 -7.91 -20.05 58.64
CA SER E 46 -7.52 -20.57 59.95
C SER E 46 -8.65 -20.42 60.96
N ARG E 47 -9.36 -19.29 60.92
CA ARG E 47 -10.48 -19.07 61.82
C ARG E 47 -11.74 -19.81 61.39
N GLY E 48 -11.73 -20.47 60.24
CA GLY E 48 -12.86 -21.26 59.78
C GLY E 48 -13.86 -20.51 58.93
N GLU E 49 -13.63 -19.24 58.63
CA GLU E 49 -14.56 -18.46 57.84
C GLU E 49 -14.25 -18.59 56.35
N GLU E 50 -15.10 -17.98 55.54
CA GLU E 50 -14.96 -18.07 54.09
C GLU E 50 -13.96 -17.03 53.60
N PRO E 51 -12.89 -17.43 52.92
CA PRO E 51 -11.94 -16.44 52.39
C PRO E 51 -12.58 -15.58 51.31
N VAL E 52 -12.08 -14.35 51.21
CA VAL E 52 -12.58 -13.40 50.23
C VAL E 52 -12.06 -13.79 48.85
N ALA E 53 -12.96 -13.84 47.88
CA ALA E 53 -12.60 -14.22 46.51
C ALA E 53 -12.39 -12.98 45.65
N PHE E 54 -11.25 -12.91 44.98
CA PHE E 54 -10.94 -11.84 44.06
C PHE E 54 -10.16 -12.42 42.89
N ASP E 55 -10.21 -11.71 41.76
CA ASP E 55 -9.57 -12.17 40.54
C ASP E 55 -8.14 -11.66 40.47
N HIS E 56 -7.22 -12.56 40.10
CA HIS E 56 -5.80 -12.23 39.98
C HIS E 56 -5.04 -13.34 39.26
N ASP E 57 -4.28 -13.00 38.22
CA ASP E 57 -3.34 -13.95 37.65
C ASP E 57 -1.90 -13.46 37.66
N CYS E 58 -1.63 -12.30 37.05
CA CYS E 58 -0.26 -11.92 36.74
C CYS E 58 0.44 -11.20 37.89
N ARG E 59 -0.30 -10.41 38.68
CA ARG E 59 0.29 -9.57 39.72
C ARG E 59 1.35 -8.64 39.14
N GLU E 60 1.13 -8.19 37.90
CA GLU E 60 2.05 -7.31 37.20
C GLU E 60 1.36 -6.15 36.51
N GLY E 61 0.04 -6.02 36.61
CA GLY E 61 -0.67 -4.99 35.88
C GLY E 61 -0.66 -5.17 34.38
N ILE E 62 -0.68 -6.41 33.90
CA ILE E 62 -0.65 -6.66 32.46
C ILE E 62 -1.83 -7.53 32.01
N CYS E 63 -2.16 -8.58 32.76
CA CYS E 63 -3.25 -9.47 32.34
C CYS E 63 -4.59 -8.76 32.41
N GLY E 64 -4.87 -8.11 33.53
CA GLY E 64 -6.05 -7.28 33.67
C GLY E 64 -7.13 -7.83 34.58
N MET E 65 -7.03 -9.05 35.07
CA MET E 65 -8.16 -9.58 35.82
C MET E 65 -8.24 -9.06 37.25
N CYS E 66 -7.17 -8.48 37.79
CA CYS E 66 -7.30 -7.83 39.08
C CYS E 66 -8.22 -6.64 38.93
N SER E 67 -9.28 -6.60 39.74
CA SER E 67 -10.35 -5.62 39.54
C SER E 67 -10.96 -5.30 40.90
N LEU E 68 -10.48 -4.22 41.53
CA LEU E 68 -10.99 -3.83 42.84
C LEU E 68 -11.23 -2.33 42.88
N MET E 69 -12.36 -1.94 43.45
CA MET E 69 -12.68 -0.54 43.73
C MET E 69 -12.28 -0.28 45.17
N ILE E 70 -11.11 0.33 45.36
CA ILE E 70 -10.50 0.52 46.67
C ILE E 70 -10.73 1.97 47.09
N ASN E 71 -11.49 2.16 48.18
CA ASN E 71 -11.74 3.47 48.76
C ASN E 71 -12.43 4.42 47.79
N GLY E 72 -13.16 3.88 46.82
CA GLY E 72 -13.88 4.67 45.87
C GLY E 72 -13.18 4.89 44.54
N VAL E 73 -11.90 4.58 44.44
CA VAL E 73 -11.14 4.70 43.21
C VAL E 73 -10.87 3.32 42.67
N ALA E 74 -11.09 3.13 41.37
CA ALA E 74 -10.76 1.86 40.73
C ALA E 74 -9.25 1.64 40.77
N HIS E 75 -8.86 0.43 41.14
CA HIS E 75 -7.46 0.01 41.24
C HIS E 75 -6.70 0.74 42.34
N GLY E 76 -7.41 1.37 43.27
CA GLY E 76 -6.78 2.02 44.40
C GLY E 76 -6.54 3.50 44.18
N PRO E 77 -6.07 4.17 45.23
CA PRO E 77 -5.87 5.63 45.14
C PRO E 77 -4.86 6.07 44.10
N LYS E 78 -3.81 5.29 43.89
CA LYS E 78 -2.75 5.69 42.98
C LYS E 78 -3.17 5.42 41.53
N ASN E 79 -2.94 6.39 40.66
CA ASN E 79 -3.34 6.28 39.27
C ASN E 79 -2.25 5.57 38.45
N ALA E 80 -2.64 5.18 37.23
CA ALA E 80 -1.76 4.55 36.26
C ALA E 80 -1.20 3.21 36.74
N ILE E 81 -1.84 2.60 37.73
CA ILE E 81 -1.45 1.28 38.21
C ILE E 81 -2.72 0.44 38.40
N THR E 82 -2.52 -0.83 38.71
CA THR E 82 -3.59 -1.78 38.92
C THR E 82 -3.71 -2.10 40.41
N THR E 83 -4.67 -2.98 40.72
CA THR E 83 -4.82 -3.43 42.10
C THR E 83 -3.60 -4.23 42.56
N CYS E 84 -3.04 -5.05 41.66
CA CYS E 84 -1.85 -5.82 42.02
C CYS E 84 -0.63 -4.93 42.19
N GLN E 85 -0.54 -3.85 41.44
CA GLN E 85 0.57 -2.92 41.54
C GLN E 85 0.42 -1.96 42.72
N LEU E 86 -0.72 -1.94 43.38
CA LEU E 86 -0.93 -1.08 44.53
C LEU E 86 -0.36 -1.74 45.78
N HIS E 87 0.46 -0.99 46.51
CA HIS E 87 1.12 -1.49 47.70
C HIS E 87 0.64 -0.72 48.92
N MET E 88 0.72 -1.37 50.07
CA MET E 88 0.11 -0.83 51.28
C MET E 88 0.82 0.40 51.82
N ARG E 89 2.00 0.75 51.29
CA ARG E 89 2.63 2.00 51.67
C ARG E 89 1.85 3.21 51.19
N SER E 90 0.93 3.03 50.23
CA SER E 90 0.06 4.10 49.79
C SER E 90 -1.00 4.45 50.82
N PHE E 91 -1.14 3.65 51.87
CA PHE E 91 -2.10 3.88 52.95
C PHE E 91 -1.35 4.20 54.24
N LYS E 92 -2.10 4.59 55.25
CA LYS E 92 -1.55 4.98 56.53
C LYS E 92 -2.10 4.09 57.64
N ASP E 93 -1.39 4.09 58.77
CA ASP E 93 -1.81 3.30 59.92
C ASP E 93 -3.16 3.76 60.44
N GLY E 94 -4.02 2.80 60.75
CA GLY E 94 -5.36 3.10 61.22
C GLY E 94 -6.36 3.39 60.13
N ASP E 95 -5.97 3.32 58.86
CA ASP E 95 -6.87 3.63 57.76
C ASP E 95 -7.98 2.60 57.65
N THR E 96 -9.14 3.04 57.18
CA THR E 96 -10.23 2.16 56.79
C THR E 96 -10.30 2.14 55.27
N ILE E 97 -10.18 0.96 54.69
CA ILE E 97 -10.19 0.78 53.24
C ILE E 97 -11.44 -0.01 52.87
N THR E 98 -12.25 0.57 51.98
CA THR E 98 -13.47 -0.07 51.50
C THR E 98 -13.16 -0.76 50.18
N VAL E 99 -13.32 -2.08 50.15
CA VAL E 99 -13.00 -2.91 49.00
C VAL E 99 -14.29 -3.37 48.36
N GLU E 100 -14.42 -3.12 47.06
CA GLU E 100 -15.65 -3.35 46.31
C GLU E 100 -15.31 -4.01 44.98
N PRO E 101 -16.26 -4.72 44.38
CA PRO E 101 -16.10 -5.17 43.00
C PRO E 101 -16.46 -4.03 42.05
N TRP E 102 -16.41 -4.34 40.76
CA TRP E 102 -16.99 -3.43 39.78
C TRP E 102 -18.51 -3.48 39.89
N ARG E 103 -19.15 -2.31 39.93
CA ARG E 103 -20.61 -2.22 39.88
C ARG E 103 -21.01 -1.79 38.47
N ALA E 104 -21.52 -2.74 37.70
CA ALA E 104 -22.08 -2.47 36.38
C ALA E 104 -23.07 -3.57 36.05
N SER E 105 -24.09 -3.21 35.28
CA SER E 105 -25.10 -4.18 34.87
C SER E 105 -24.48 -5.27 34.00
N ALA E 106 -23.57 -4.89 33.09
CA ALA E 106 -22.93 -5.83 32.19
C ALA E 106 -21.80 -6.60 32.84
N PHE E 107 -21.41 -6.26 34.07
CA PHE E 107 -20.38 -6.97 34.83
C PHE E 107 -21.04 -7.60 36.05
N PRO E 108 -21.74 -8.72 35.88
CA PRO E 108 -22.41 -9.34 37.03
C PRO E 108 -21.41 -9.82 38.06
N ILE E 109 -21.78 -9.69 39.33
CA ILE E 109 -20.92 -10.09 40.44
C ILE E 109 -21.16 -11.58 40.72
N LEU E 110 -20.08 -12.36 40.69
CA LEU E 110 -20.17 -13.80 40.91
C LEU E 110 -19.82 -14.21 42.33
N LYS E 111 -19.01 -13.43 43.03
CA LYS E 111 -18.57 -13.77 44.38
C LYS E 111 -18.25 -12.46 45.10
N ASP E 112 -17.50 -12.56 46.20
CA ASP E 112 -17.23 -11.41 47.06
C ASP E 112 -16.76 -10.21 46.25
N LEU E 113 -15.64 -10.34 45.55
CA LEU E 113 -15.08 -9.23 44.78
C LEU E 113 -14.84 -9.60 43.32
N VAL E 114 -15.47 -10.66 42.83
CA VAL E 114 -15.26 -11.15 41.47
C VAL E 114 -16.47 -10.77 40.62
N VAL E 115 -16.21 -10.22 39.44
CA VAL E 115 -17.26 -9.85 38.50
C VAL E 115 -17.06 -10.65 37.21
N ASP E 116 -18.09 -10.62 36.36
CA ASP E 116 -18.09 -11.34 35.09
C ASP E 116 -17.93 -10.31 33.98
N ARG E 117 -16.73 -10.26 33.40
CA ARG E 117 -16.39 -9.28 32.38
C ARG E 117 -16.40 -9.86 30.97
N SER E 118 -17.26 -10.83 30.70
CA SER E 118 -17.37 -11.42 29.37
C SER E 118 -17.98 -10.47 28.35
N ALA E 119 -18.64 -9.40 28.81
CA ALA E 119 -19.17 -8.42 27.87
C ALA E 119 -18.04 -7.74 27.09
N PHE E 120 -16.88 -7.56 27.71
CA PHE E 120 -15.71 -7.08 26.99
C PHE E 120 -15.31 -8.06 25.89
N ASP E 121 -15.34 -9.36 26.21
CA ASP E 121 -15.04 -10.38 25.23
C ASP E 121 -16.01 -10.33 24.06
N ARG E 122 -17.29 -10.13 24.34
CA ARG E 122 -18.27 -10.06 23.25
C ARG E 122 -18.15 -8.75 22.46
N ILE E 123 -17.72 -7.67 23.09
CA ILE E 123 -17.43 -6.44 22.34
C ILE E 123 -16.27 -6.67 21.38
N ILE E 124 -15.23 -7.37 21.84
CA ILE E 124 -14.12 -7.72 20.97
C ILE E 124 -14.60 -8.64 19.84
N GLN E 125 -15.45 -9.61 20.17
CA GLN E 125 -15.97 -10.56 19.20
C GLN E 125 -16.82 -9.90 18.13
N ALA E 126 -17.27 -8.67 18.36
CA ALA E 126 -18.19 -8.00 17.43
C ALA E 126 -17.43 -7.13 16.45
N GLY E 127 -16.21 -7.51 16.10
CA GLY E 127 -15.42 -6.78 15.12
C GLY E 127 -14.17 -6.13 15.65
N GLY E 128 -13.81 -6.36 16.91
CA GLY E 128 -12.59 -5.80 17.45
C GLY E 128 -11.36 -6.59 17.06
N TYR E 129 -11.18 -6.77 15.76
CA TYR E 129 -10.08 -7.57 15.23
C TYR E 129 -9.84 -7.17 13.78
N ILE E 130 -8.84 -7.79 13.17
CA ILE E 130 -8.58 -7.69 11.74
C ILE E 130 -8.82 -9.07 11.14
N SER E 131 -9.72 -9.15 10.17
CA SER E 131 -10.17 -10.44 9.64
C SER E 131 -9.13 -10.99 8.66
N VAL E 132 -7.99 -11.36 9.20
CA VAL E 132 -6.90 -11.96 8.44
C VAL E 132 -6.71 -13.38 8.93
N SER E 133 -6.70 -14.33 7.99
CA SER E 133 -6.51 -15.73 8.32
C SER E 133 -5.02 -16.07 8.33
N THR E 134 -4.70 -17.26 8.85
CA THR E 134 -3.31 -17.70 8.95
C THR E 134 -2.84 -18.20 7.60
N GLY E 135 -1.64 -17.78 7.20
CA GLY E 135 -1.03 -18.18 5.96
C GLY E 135 -1.23 -17.21 4.80
N SER E 136 -2.16 -16.28 4.93
CA SER E 136 -2.44 -15.32 3.87
C SER E 136 -1.71 -14.00 4.05
N ALA E 137 -1.00 -13.82 5.16
CA ALA E 137 -0.35 -12.55 5.44
C ALA E 137 0.78 -12.29 4.45
N PRO E 138 0.90 -11.07 3.92
CA PRO E 138 2.05 -10.73 3.09
C PRO E 138 3.31 -10.53 3.90
N ASP E 139 4.39 -10.09 3.27
CA ASP E 139 5.62 -9.82 4.00
C ASP E 139 5.40 -8.71 5.02
N ALA E 140 6.09 -8.83 6.16
CA ALA E 140 5.82 -7.94 7.29
C ALA E 140 6.13 -6.49 6.97
N ASN E 141 7.07 -6.24 6.07
CA ASN E 141 7.48 -4.87 5.73
C ASN E 141 6.79 -4.34 4.49
N THR E 142 5.76 -5.02 3.99
CA THR E 142 5.09 -4.58 2.77
C THR E 142 4.39 -3.24 2.96
N ILE E 143 3.64 -3.09 4.05
CA ILE E 143 2.84 -1.89 4.30
C ILE E 143 3.59 -1.05 5.32
N PRO E 144 4.03 0.16 4.96
CA PRO E 144 4.72 1.02 5.94
C PRO E 144 3.75 1.67 6.90
N VAL E 145 4.05 1.59 8.19
CA VAL E 145 3.28 2.26 9.23
C VAL E 145 4.19 3.28 9.89
N SER E 146 3.77 4.55 9.88
CA SER E 146 4.61 5.61 10.42
C SER E 146 4.83 5.40 11.92
N LYS E 147 5.97 5.89 12.40
CA LYS E 147 6.35 5.66 13.79
C LYS E 147 5.36 6.33 14.74
N VAL E 148 4.83 7.50 14.38
CA VAL E 148 3.86 8.18 15.22
C VAL E 148 2.55 7.39 15.27
N ALA E 149 2.09 6.91 14.11
CA ALA E 149 0.88 6.10 14.08
C ALA E 149 1.06 4.81 14.86
N ALA E 150 2.22 4.18 14.73
CA ALA E 150 2.50 2.96 15.48
C ALA E 150 2.52 3.24 16.98
N ASP E 151 3.12 4.36 17.39
CA ASP E 151 3.17 4.71 18.80
C ASP E 151 1.77 4.97 19.36
N ARG E 152 0.93 5.68 18.60
CA ARG E 152 -0.43 5.93 19.06
C ARG E 152 -1.24 4.63 19.10
N ALA E 153 -1.06 3.76 18.11
CA ALA E 153 -1.76 2.48 18.09
C ALA E 153 -1.28 1.56 19.21
N MET E 154 -0.03 1.72 19.64
CA MET E 154 0.45 0.98 20.81
C MET E 154 -0.06 1.57 22.11
N ASP E 155 -0.24 2.90 22.16
CA ASP E 155 -0.85 3.51 23.32
C ASP E 155 -2.28 3.04 23.50
N ALA E 156 -3.03 2.95 22.39
CA ALA E 156 -4.40 2.44 22.46
C ALA E 156 -4.42 0.94 22.68
N ALA E 157 -3.52 0.20 22.01
CA ALA E 157 -3.48 -1.26 22.11
C ALA E 157 -3.06 -1.73 23.49
N ALA E 158 -2.34 -0.91 24.24
CA ALA E 158 -1.98 -1.27 25.61
C ALA E 158 -3.18 -1.13 26.51
N CYS E 159 -4.18 -1.99 26.34
CA CYS E 159 -5.35 -2.03 27.20
C CYS E 159 -5.47 -3.44 27.75
N ILE E 160 -5.45 -3.56 29.09
CA ILE E 160 -5.44 -4.87 29.73
C ILE E 160 -6.84 -5.43 29.94
N GLY E 161 -7.88 -4.72 29.50
CA GLY E 161 -9.24 -5.22 29.62
C GLY E 161 -9.69 -5.42 31.05
N CYS E 162 -9.23 -4.57 31.97
CA CYS E 162 -9.58 -4.74 33.38
C CYS E 162 -11.01 -4.34 33.68
N GLY E 163 -11.59 -3.44 32.89
CA GLY E 163 -12.93 -2.98 33.14
C GLY E 163 -13.04 -1.85 34.15
N ALA E 164 -11.91 -1.28 34.59
CA ALA E 164 -11.96 -0.18 35.53
C ALA E 164 -12.58 1.07 34.90
N CYS E 165 -12.50 1.20 33.58
CA CYS E 165 -13.17 2.30 32.92
C CYS E 165 -14.67 2.22 33.07
N VAL E 166 -15.23 1.02 32.93
CA VAL E 166 -16.67 0.82 33.14
C VAL E 166 -17.03 1.09 34.59
N ALA E 167 -16.16 0.69 35.52
CA ALA E 167 -16.47 0.81 36.94
C ALA E 167 -16.45 2.26 37.40
N ALA E 168 -15.46 3.03 36.98
CA ALA E 168 -15.37 4.42 37.41
C ALA E 168 -16.23 5.36 36.57
N CYS E 169 -16.68 4.92 35.42
CA CYS E 169 -17.59 5.73 34.62
C CYS E 169 -18.92 5.85 35.36
N PRO E 170 -19.43 7.06 35.60
CA PRO E 170 -20.71 7.18 36.30
C PRO E 170 -21.85 6.51 35.56
N ASN E 171 -21.79 6.40 34.25
CA ASN E 171 -22.82 5.72 33.48
C ASN E 171 -22.57 4.23 33.32
N GLY E 172 -21.43 3.73 33.79
CA GLY E 172 -21.10 2.33 33.59
C GLY E 172 -20.87 1.97 32.14
N SER E 173 -20.15 2.81 31.41
CA SER E 173 -19.95 2.66 29.97
C SER E 173 -18.58 2.07 29.68
N ALA E 174 -18.54 1.28 28.60
CA ALA E 174 -17.29 0.69 28.11
C ALA E 174 -16.69 1.51 26.98
N MET E 175 -16.86 2.82 27.00
CA MET E 175 -16.43 3.64 25.87
C MET E 175 -14.92 3.78 25.81
N LEU E 176 -14.23 3.75 26.96
CA LEU E 176 -12.77 3.80 26.93
C LEU E 176 -12.18 2.52 26.36
N PHE E 177 -12.70 1.36 26.77
CA PHE E 177 -12.21 0.09 26.25
C PHE E 177 -12.50 -0.05 24.76
N THR E 178 -13.75 0.18 24.37
CA THR E 178 -14.13 0.09 22.96
C THR E 178 -13.37 1.11 22.14
N ALA E 179 -13.22 2.33 22.65
CA ALA E 179 -12.49 3.37 21.94
C ALA E 179 -11.01 3.01 21.80
N ALA E 180 -10.43 2.39 22.83
CA ALA E 180 -9.03 1.99 22.74
C ALA E 180 -8.83 0.94 21.66
N LYS E 181 -9.70 -0.07 21.62
CA LYS E 181 -9.56 -1.09 20.59
C LYS E 181 -9.81 -0.51 19.20
N VAL E 182 -10.83 0.33 19.07
CA VAL E 182 -11.15 0.94 17.78
C VAL E 182 -9.99 1.81 17.30
N THR E 183 -9.40 2.60 18.20
CA THR E 183 -8.28 3.45 17.85
C THR E 183 -7.05 2.63 17.50
N HIS E 184 -6.81 1.54 18.22
CA HIS E 184 -5.68 0.67 17.92
C HIS E 184 -5.79 0.11 16.51
N LEU E 185 -6.96 -0.41 16.16
CA LEU E 185 -7.10 -1.01 14.84
C LEU E 185 -7.23 0.03 13.73
N ALA E 186 -7.75 1.22 14.05
CA ALA E 186 -7.97 2.27 13.07
C ALA E 186 -6.67 2.97 12.67
N LEU E 187 -5.70 3.05 13.58
CA LEU E 187 -4.47 3.76 13.32
C LEU E 187 -3.48 2.98 12.46
N LEU E 188 -3.72 1.71 12.26
CA LEU E 188 -2.86 0.90 11.41
C LEU E 188 -3.54 0.67 10.05
N PRO E 189 -2.74 0.55 8.98
CA PRO E 189 -3.34 0.26 7.67
C PRO E 189 -4.10 -1.05 7.62
N GLN E 190 -3.66 -2.07 8.35
CA GLN E 190 -4.31 -3.37 8.30
C GLN E 190 -5.76 -3.31 8.78
N GLY E 191 -6.07 -2.35 9.65
CA GLY E 191 -7.42 -2.15 10.12
C GLY E 191 -8.27 -1.22 9.29
N GLN E 192 -7.72 -0.68 8.19
CA GLN E 192 -8.51 0.22 7.35
C GLN E 192 -9.71 -0.46 6.68
N PRO E 193 -9.62 -1.68 6.15
CA PRO E 193 -10.78 -2.23 5.41
C PRO E 193 -12.07 -2.32 6.22
N GLU E 194 -12.01 -2.57 7.52
CA GLU E 194 -13.22 -2.83 8.31
C GLU E 194 -13.55 -1.73 9.30
N ARG E 195 -12.72 -0.70 9.43
CA ARG E 195 -12.78 0.16 10.61
C ARG E 195 -14.16 0.81 10.76
N TYR E 196 -14.70 1.37 9.68
CA TYR E 196 -15.99 2.06 9.79
C TYR E 196 -17.12 1.08 10.05
N GLN E 197 -17.01 -0.15 9.56
CA GLN E 197 -17.92 -1.18 10.04
C GLN E 197 -17.61 -1.52 11.49
N ARG E 198 -16.33 -1.78 11.78
CA ARG E 198 -15.94 -2.31 13.08
C ARG E 198 -16.47 -1.44 14.20
N VAL E 199 -16.18 -0.14 14.15
CA VAL E 199 -16.58 0.76 15.23
C VAL E 199 -18.07 0.64 15.47
N VAL E 200 -18.87 0.71 14.40
CA VAL E 200 -20.32 0.64 14.58
C VAL E 200 -20.68 -0.64 15.28
N ASN E 201 -20.19 -1.77 14.77
CA ASN E 201 -20.49 -3.05 15.39
C ASN E 201 -20.09 -3.03 16.85
N MET E 202 -18.85 -2.61 17.14
CA MET E 202 -18.39 -2.63 18.52
C MET E 202 -19.26 -1.72 19.37
N VAL E 203 -19.58 -0.53 18.86
CA VAL E 203 -20.41 0.38 19.64
C VAL E 203 -21.76 -0.26 19.89
N ALA E 204 -22.35 -0.86 18.85
CA ALA E 204 -23.64 -1.51 19.02
C ALA E 204 -23.54 -2.61 20.07
N GLN E 205 -22.43 -3.36 20.05
CA GLN E 205 -22.29 -4.44 21.02
C GLN E 205 -22.26 -3.87 22.43
N ALA E 206 -21.57 -2.73 22.61
CA ALA E 206 -21.54 -2.11 23.93
C ALA E 206 -22.94 -1.68 24.36
N ASP E 207 -23.77 -1.28 23.40
CA ASP E 207 -25.16 -0.97 23.71
C ASP E 207 -25.94 -2.24 24.04
N PHE E 208 -25.64 -3.33 23.32
CA PHE E 208 -26.38 -4.57 23.53
C PHE E 208 -26.00 -5.24 24.85
N GLU E 209 -24.72 -5.16 25.22
CA GLU E 209 -24.25 -5.82 26.43
C GLU E 209 -24.83 -5.20 27.71
N GLY E 210 -25.25 -3.94 27.65
CA GLY E 210 -25.83 -3.27 28.79
C GLY E 210 -25.00 -2.17 29.41
N PHE E 211 -24.10 -1.55 28.66
CA PHE E 211 -23.31 -0.43 29.15
C PHE E 211 -24.03 0.88 28.93
N GLY E 212 -23.63 1.90 29.67
CA GLY E 212 -24.21 3.22 29.54
C GLY E 212 -23.61 3.99 28.38
N ASN E 213 -23.95 5.28 28.33
CA ASN E 213 -23.45 6.18 27.32
C ASN E 213 -22.30 7.01 27.89
N CYS E 214 -21.60 7.72 27.02
CA CYS E 214 -20.46 8.54 27.40
C CYS E 214 -20.92 10.00 27.49
N THR E 215 -20.98 10.52 28.72
CA THR E 215 -21.25 11.92 28.98
C THR E 215 -19.98 12.76 28.91
N ASN E 216 -18.89 12.17 28.43
CA ASN E 216 -17.59 12.83 28.34
C ASN E 216 -17.13 13.32 29.70
N ILE E 217 -17.35 12.52 30.74
CA ILE E 217 -16.95 12.90 32.09
C ILE E 217 -15.43 12.76 32.25
N GLY E 218 -14.90 11.58 31.98
CA GLY E 218 -13.46 11.41 31.94
C GLY E 218 -12.85 10.63 33.08
N GLU E 219 -13.67 10.02 33.94
CA GLU E 219 -13.14 9.20 35.02
C GLU E 219 -12.45 7.95 34.48
N CYS E 220 -12.89 7.47 33.33
CA CYS E 220 -12.26 6.31 32.71
C CYS E 220 -10.78 6.55 32.48
N ALA E 221 -10.42 7.69 31.90
CA ALA E 221 -9.01 7.99 31.69
C ALA E 221 -8.29 8.29 33.00
N ALA E 222 -9.02 8.79 33.99
CA ALA E 222 -8.41 9.08 35.29
C ALA E 222 -7.99 7.79 35.99
N VAL E 223 -8.78 6.73 35.88
CA VAL E 223 -8.51 5.48 36.58
C VAL E 223 -7.88 4.42 35.69
N CYS E 224 -7.63 4.73 34.43
CA CYS E 224 -7.07 3.74 33.52
C CYS E 224 -5.65 3.37 33.96
N PRO E 225 -5.35 2.09 34.18
CA PRO E 225 -3.98 1.71 34.54
C PRO E 225 -2.96 2.05 33.48
N LYS E 226 -3.36 2.03 32.21
CA LYS E 226 -2.45 2.24 31.09
C LYS E 226 -2.50 3.64 30.53
N GLU E 227 -3.16 4.57 31.24
CA GLU E 227 -3.21 5.99 30.87
C GLU E 227 -3.73 6.16 29.44
N ILE E 228 -4.80 5.44 29.12
CA ILE E 228 -5.41 5.57 27.80
C ILE E 228 -6.19 6.88 27.76
N SER E 229 -5.88 7.72 26.78
CA SER E 229 -6.40 9.08 26.73
C SER E 229 -7.83 9.10 26.21
N LEU E 230 -8.49 10.23 26.44
CA LEU E 230 -9.81 10.46 25.87
C LEU E 230 -9.76 10.72 24.37
N GLU E 231 -8.57 10.89 23.80
CA GLU E 231 -8.45 11.02 22.35
C GLU E 231 -8.85 9.73 21.64
N THR E 232 -8.78 8.60 22.34
CA THR E 232 -9.31 7.37 21.78
C THR E 232 -10.83 7.46 21.61
N ILE E 233 -11.50 8.07 22.58
CA ILE E 233 -12.94 8.26 22.48
C ILE E 233 -13.28 9.24 21.37
N ALA E 234 -12.48 10.29 21.21
CA ALA E 234 -12.67 11.22 20.10
C ALA E 234 -12.46 10.52 18.76
N GLN E 235 -11.45 9.65 18.67
CA GLN E 235 -11.23 8.90 17.44
C GLN E 235 -12.39 7.98 17.14
N LEU E 236 -12.92 7.29 18.16
CA LEU E 236 -14.09 6.44 17.97
C LEU E 236 -15.30 7.26 17.53
N ASN E 237 -15.47 8.46 18.10
CA ASN E 237 -16.57 9.33 17.70
C ASN E 237 -16.45 9.75 16.25
N ARG E 238 -15.25 10.13 15.82
CA ARG E 238 -15.02 10.46 14.43
C ARG E 238 -15.31 9.27 13.52
N ASP E 239 -14.86 8.09 13.91
CA ASP E 239 -15.10 6.90 13.12
C ASP E 239 -16.58 6.59 12.99
N LEU E 240 -17.33 6.75 14.09
CA LEU E 240 -18.76 6.47 14.04
C LEU E 240 -19.51 7.50 13.22
N VAL E 241 -19.10 8.77 13.30
CA VAL E 241 -19.71 9.80 12.47
C VAL E 241 -19.47 9.49 10.99
N MET E 242 -18.23 9.15 10.65
CA MET E 242 -17.90 8.85 9.25
C MET E 242 -18.64 7.61 8.77
N ALA E 243 -18.81 6.61 9.65
CA ALA E 243 -19.54 5.41 9.26
C ALA E 243 -21.02 5.68 9.08
N ALA E 244 -21.59 6.56 9.91
CA ALA E 244 -22.97 6.96 9.71
C ALA E 244 -23.14 7.72 8.40
N LEU E 245 -22.15 8.54 8.05
CA LEU E 245 -22.17 9.20 6.75
C LEU E 245 -22.12 8.19 5.61
N ARG E 246 -21.44 7.07 5.81
CA ARG E 246 -21.37 6.00 4.82
C ARG E 246 -22.55 5.05 4.88
N GLY E 247 -23.48 5.26 5.80
CA GLY E 247 -24.63 4.39 5.91
C GLY E 247 -24.35 3.06 6.56
N ILE E 248 -23.24 2.92 7.28
CA ILE E 248 -22.88 1.66 7.90
C ILE E 248 -23.86 1.34 9.02
N GLU E 249 -24.46 0.15 8.97
CA GLU E 249 -25.38 -0.28 10.00
C GLU E 249 -24.80 -1.49 10.73
N PRO E 250 -25.07 -1.62 12.03
CA PRO E 250 -24.48 -2.72 12.79
C PRO E 250 -25.02 -4.07 12.36
N ASN E 251 -24.18 -5.09 12.54
CA ASN E 251 -24.57 -6.46 12.26
C ASN E 251 -25.39 -7.00 13.44
N THR E 252 -25.77 -8.27 13.37
CA THR E 252 -26.48 -8.89 14.48
C THR E 252 -25.57 -8.95 15.70
N PRO E 253 -26.05 -8.56 16.88
CA PRO E 253 -25.18 -8.54 18.05
C PRO E 253 -24.71 -9.94 18.45
N ILE E 254 -23.52 -9.99 19.05
CA ILE E 254 -22.96 -11.26 19.52
C ILE E 254 -23.75 -11.71 20.75
N VAL E 255 -24.44 -12.83 20.62
CA VAL E 255 -25.28 -13.36 21.70
C VAL E 255 -24.40 -14.23 22.60
N PRO E 256 -24.55 -14.13 23.93
CA PRO E 256 -23.80 -15.02 24.82
C PRO E 256 -24.12 -16.48 24.55
N ALA E 257 -23.11 -17.33 24.62
CA ALA E 257 -23.25 -18.74 24.33
C ALA E 257 -23.94 -19.47 25.48
N MET F 1 -27.91 0.80 6.66
CA MET F 1 -28.01 1.17 5.25
C MET F 1 -29.06 2.24 5.04
N THR F 2 -29.39 2.97 6.10
CA THR F 2 -30.32 4.08 6.04
C THR F 2 -29.62 5.44 5.94
N GLY F 3 -28.29 5.45 5.92
CA GLY F 3 -27.54 6.69 5.87
C GLY F 3 -27.31 7.31 7.23
N VAL F 4 -27.37 8.64 7.29
CA VAL F 4 -27.10 9.34 8.53
C VAL F 4 -28.10 8.99 9.62
N LEU F 5 -29.29 8.51 9.26
CA LEU F 5 -30.26 8.07 10.25
C LEU F 5 -29.78 6.89 11.07
N THR F 6 -28.72 6.21 10.62
CA THR F 6 -28.10 5.17 11.44
C THR F 6 -27.57 5.72 12.75
N LEU F 7 -27.36 7.04 12.84
CA LEU F 7 -27.00 7.66 14.12
C LEU F 7 -28.02 7.32 15.20
N THR F 8 -29.30 7.22 14.83
CA THR F 8 -30.33 6.92 15.82
C THR F 8 -30.19 5.51 16.37
N ARG F 9 -29.43 4.63 15.70
CA ARG F 9 -29.37 3.23 16.13
C ARG F 9 -28.39 3.01 17.28
N THR F 10 -27.38 3.86 17.42
CA THR F 10 -26.35 3.70 18.43
C THR F 10 -26.44 4.81 19.47
N SER F 11 -25.89 4.52 20.66
CA SER F 11 -25.83 5.52 21.71
C SER F 11 -24.85 6.63 21.36
N VAL F 12 -23.74 6.26 20.70
CA VAL F 12 -22.79 7.27 20.23
C VAL F 12 -23.43 8.15 19.16
N GLY F 13 -24.28 7.56 18.31
CA GLY F 13 -25.01 8.36 17.35
C GLY F 13 -26.01 9.30 18.00
N LYS F 14 -26.66 8.83 19.08
CA LYS F 14 -27.54 9.72 19.83
C LYS F 14 -26.76 10.85 20.48
N LYS F 15 -25.55 10.57 20.95
CA LYS F 15 -24.69 11.62 21.49
C LYS F 15 -24.28 12.60 20.41
N VAL F 16 -24.06 12.11 19.18
CA VAL F 16 -23.74 13.00 18.06
C VAL F 16 -24.93 13.89 17.72
N ILE F 17 -26.14 13.31 17.75
CA ILE F 17 -27.35 14.09 17.52
C ILE F 17 -27.48 15.18 18.57
N MET F 18 -27.24 14.82 19.84
CA MET F 18 -27.26 15.81 20.91
C MET F 18 -26.18 16.84 20.74
N ALA F 19 -25.02 16.47 20.21
CA ALA F 19 -23.95 17.44 19.98
C ALA F 19 -24.36 18.46 18.93
N LEU F 20 -24.98 18.01 17.84
CA LEU F 20 -25.41 18.95 16.80
C LEU F 20 -26.54 19.85 17.30
N THR F 21 -27.54 19.25 17.96
CA THR F 21 -28.63 20.05 18.50
C THR F 21 -28.14 21.00 19.58
N GLY F 22 -27.11 20.60 20.34
CA GLY F 22 -26.54 21.50 21.33
C GLY F 22 -25.71 22.60 20.72
N PHE F 23 -25.07 22.33 19.57
CA PHE F 23 -24.46 23.41 18.79
C PHE F 23 -25.51 24.46 18.45
N VAL F 24 -26.66 24.00 17.92
CA VAL F 24 -27.72 24.93 17.52
C VAL F 24 -28.25 25.68 18.74
N LEU F 25 -28.48 24.97 19.85
CA LEU F 25 -29.05 25.58 21.03
C LEU F 25 -28.08 26.53 21.73
N VAL F 26 -26.79 26.22 21.72
CA VAL F 26 -25.79 27.12 22.28
C VAL F 26 -25.69 28.39 21.44
N GLY F 27 -25.72 28.25 20.12
CA GLY F 27 -25.77 29.43 19.26
C GLY F 27 -26.98 30.29 19.56
N PHE F 28 -28.15 29.66 19.70
CA PHE F 28 -29.36 30.41 20.02
C PHE F 28 -29.25 31.08 21.38
N VAL F 29 -28.70 30.38 22.39
CA VAL F 29 -28.60 30.95 23.72
C VAL F 29 -27.68 32.17 23.72
N VAL F 30 -26.54 32.06 23.03
CA VAL F 30 -25.61 33.19 22.96
C VAL F 30 -26.25 34.37 22.24
N PHE F 31 -26.90 34.10 21.10
CA PHE F 31 -27.55 35.17 20.35
C PHE F 31 -28.70 35.79 21.14
N HIS F 32 -29.42 34.98 21.92
CA HIS F 32 -30.55 35.49 22.68
C HIS F 32 -30.08 36.35 23.84
N MET F 33 -29.01 35.95 24.52
CA MET F 33 -28.42 36.80 25.55
C MET F 33 -27.92 38.11 24.95
N TYR F 34 -27.28 38.03 23.77
CA TYR F 34 -26.81 39.24 23.11
C TYR F 34 -27.97 40.17 22.77
N GLY F 35 -29.08 39.61 22.29
CA GLY F 35 -30.25 40.41 21.99
C GLY F 35 -30.88 41.03 23.22
N ASN F 36 -31.01 40.26 24.30
CA ASN F 36 -31.57 40.77 25.54
C ASN F 36 -30.65 41.75 26.24
N LEU F 37 -29.37 41.80 25.86
CA LEU F 37 -28.47 42.83 26.38
C LEU F 37 -28.93 44.24 26.00
N LYS F 38 -29.80 44.37 25.00
CA LYS F 38 -30.29 45.67 24.57
C LYS F 38 -31.30 46.26 25.53
N MET F 39 -31.79 45.49 26.52
CA MET F 39 -32.75 46.02 27.48
C MET F 39 -32.13 47.10 28.37
N TYR F 40 -30.80 47.18 28.43
CA TYR F 40 -30.14 48.27 29.13
C TYR F 40 -30.05 49.54 28.28
N GLN F 41 -30.39 49.46 27.00
CA GLN F 41 -30.37 50.62 26.12
C GLN F 41 -31.71 51.36 26.09
N GLY F 42 -32.69 50.90 26.85
CA GLY F 42 -33.97 51.58 26.93
C GLY F 42 -35.08 50.83 26.22
N PRO F 43 -36.33 51.20 26.51
CA PRO F 43 -37.46 50.54 25.85
C PRO F 43 -37.47 50.71 24.34
N GLU F 44 -36.98 51.84 23.83
CA GLU F 44 -37.00 52.07 22.39
C GLU F 44 -36.12 51.06 21.67
N VAL F 45 -34.89 50.88 22.14
CA VAL F 45 -33.96 49.97 21.47
C VAL F 45 -34.42 48.52 21.60
N TYR F 46 -34.89 48.13 22.79
CA TYR F 46 -35.35 46.77 23.01
C TYR F 46 -36.57 46.45 22.15
N ASN F 47 -37.52 47.37 22.09
CA ASN F 47 -38.70 47.14 21.25
C ASN F 47 -38.34 47.19 19.76
N ALA F 48 -37.36 48.00 19.37
CA ALA F 48 -36.89 47.98 17.99
C ALA F 48 -36.28 46.63 17.64
N TYR F 49 -35.49 46.06 18.56
CA TYR F 49 -34.93 44.73 18.33
C TYR F 49 -36.03 43.68 18.24
N ALA F 50 -37.03 43.77 19.12
CA ALA F 50 -38.13 42.82 19.08
C ALA F 50 -38.89 42.90 17.75
N ALA F 51 -39.15 44.12 17.29
CA ALA F 51 -39.84 44.29 16.01
C ALA F 51 -38.98 43.84 14.84
N GLY F 52 -37.68 44.10 14.88
CA GLY F 52 -36.80 43.72 13.80
C GLY F 52 -36.52 42.24 13.73
N LEU F 53 -36.73 41.52 14.83
CA LEU F 53 -36.68 40.06 14.76
C LEU F 53 -37.74 39.52 13.82
N ARG F 54 -38.95 40.08 13.87
CA ARG F 54 -40.02 39.67 12.95
C ARG F 54 -39.81 40.23 11.56
N GLU F 55 -39.33 41.47 11.46
CA GLU F 55 -39.02 42.09 10.16
C GLU F 55 -37.58 41.82 9.76
N LEU F 56 -37.20 40.53 9.76
CA LEU F 56 -35.84 40.11 9.46
C LEU F 56 -35.75 39.80 7.97
N GLY F 57 -34.96 40.59 7.25
CA GLY F 57 -34.92 40.43 5.81
C GLY F 57 -36.17 40.91 5.12
N TYR F 58 -36.91 41.83 5.74
CA TYR F 58 -38.23 42.26 5.27
C TYR F 58 -38.31 42.63 3.79
N PRO F 59 -37.39 43.42 3.22
CA PRO F 59 -37.51 43.74 1.79
C PRO F 59 -37.54 42.52 0.89
N ILE F 60 -37.00 41.39 1.33
CA ILE F 60 -36.98 40.17 0.55
C ILE F 60 -37.82 39.06 1.19
N PHE F 61 -37.71 38.88 2.50
CA PHE F 61 -38.42 37.82 3.20
C PHE F 61 -39.70 38.37 3.82
N GLY F 62 -40.73 37.53 3.84
CA GLY F 62 -42.01 37.95 4.39
C GLY F 62 -41.95 38.12 5.90
N HIS F 63 -43.02 38.67 6.44
CA HIS F 63 -43.10 38.90 7.88
C HIS F 63 -43.07 37.58 8.64
N GLU F 64 -42.19 37.49 9.63
CA GLU F 64 -42.04 36.35 10.53
C GLU F 64 -41.57 35.08 9.83
N HIS F 65 -41.17 35.16 8.56
CA HIS F 65 -40.76 33.97 7.83
C HIS F 65 -39.45 33.42 8.39
N LEU F 66 -38.43 34.27 8.49
CA LEU F 66 -37.15 33.83 9.06
C LEU F 66 -37.30 33.50 10.53
N LEU F 67 -38.14 34.25 11.25
CA LEU F 67 -38.39 33.94 12.65
C LEU F 67 -39.06 32.58 12.81
N TRP F 68 -40.00 32.25 11.91
CA TRP F 68 -40.64 30.95 11.99
C TRP F 68 -39.70 29.83 11.59
N ILE F 69 -38.81 30.07 10.60
CA ILE F 69 -37.81 29.06 10.26
C ILE F 69 -36.90 28.80 11.46
N ALA F 70 -36.46 29.87 12.12
CA ALA F 70 -35.62 29.72 13.30
C ALA F 70 -36.36 29.00 14.43
N ARG F 71 -37.64 29.32 14.60
CA ARG F 71 -38.44 28.66 15.64
C ARG F 71 -38.58 27.17 15.35
N PHE F 72 -38.83 26.80 14.09
CA PHE F 72 -38.94 25.40 13.74
C PHE F 72 -37.61 24.67 13.93
N ILE F 73 -36.51 25.31 13.55
CA ILE F 73 -35.19 24.71 13.76
C ILE F 73 -34.92 24.52 15.25
N LEU F 74 -35.27 25.52 16.06
CA LEU F 74 -35.09 25.41 17.49
C LEU F 74 -35.94 24.30 18.09
N LEU F 75 -37.20 24.19 17.65
CA LEU F 75 -38.08 23.16 18.18
C LEU F 75 -37.58 21.77 17.80
N ALA F 76 -37.15 21.59 16.55
CA ALA F 76 -36.59 20.31 16.15
C ALA F 76 -35.32 19.99 16.93
N SER F 77 -34.44 20.97 17.11
CA SER F 77 -33.20 20.75 17.84
C SER F 77 -33.49 20.37 19.28
N VAL F 78 -34.41 21.07 19.94
CA VAL F 78 -34.68 20.79 21.34
C VAL F 78 -35.43 19.47 21.49
N PHE F 79 -36.28 19.11 20.53
CA PHE F 79 -36.99 17.83 20.62
C PHE F 79 -36.03 16.67 20.43
N LEU F 80 -35.15 16.75 19.43
CA LEU F 80 -34.14 15.73 19.26
C LEU F 80 -33.21 15.65 20.46
N HIS F 81 -32.83 16.81 21.00
CA HIS F 81 -31.95 16.87 22.15
C HIS F 81 -32.59 16.19 23.36
N ILE F 82 -33.85 16.50 23.64
CA ILE F 82 -34.51 15.93 24.80
C ILE F 82 -34.78 14.45 24.61
N TRP F 83 -35.16 14.04 23.40
CA TRP F 83 -35.38 12.62 23.13
C TRP F 83 -34.09 11.82 23.32
N ALA F 84 -32.99 12.30 22.75
CA ALA F 84 -31.72 11.59 22.89
C ALA F 84 -31.25 11.60 24.34
N ALA F 85 -31.42 12.72 25.04
CA ALA F 85 -31.03 12.78 26.44
C ALA F 85 -31.83 11.81 27.29
N THR F 86 -33.14 11.71 27.04
CA THR F 86 -33.97 10.78 27.79
C THR F 86 -33.56 9.33 27.50
N SER F 87 -33.36 9.00 26.23
CA SER F 87 -32.97 7.63 25.88
C SER F 87 -31.63 7.26 26.49
N LEU F 88 -30.65 8.18 26.42
CA LEU F 88 -29.33 7.89 26.97
C LEU F 88 -29.36 7.85 28.49
N THR F 89 -30.17 8.70 29.13
CA THR F 89 -30.31 8.65 30.58
C THR F 89 -30.91 7.33 31.02
N LEU F 90 -31.94 6.86 30.31
CA LEU F 90 -32.53 5.58 30.65
C LEU F 90 -31.56 4.43 30.41
N GLN F 91 -30.76 4.52 29.34
CA GLN F 91 -29.75 3.49 29.09
C GLN F 91 -28.70 3.45 30.18
N SER F 92 -28.23 4.63 30.63
CA SER F 92 -27.22 4.67 31.68
C SER F 92 -27.79 4.30 33.04
N ARG F 93 -29.09 4.51 33.24
CA ARG F 93 -29.72 4.07 34.47
C ARG F 93 -29.88 2.55 34.48
N ARG F 94 -30.25 1.98 33.34
CA ARG F 94 -30.31 0.52 33.22
C ARG F 94 -28.93 -0.11 33.39
N SER F 95 -27.87 0.62 33.08
CA SER F 95 -26.51 0.09 33.16
C SER F 95 -25.99 0.00 34.59
N LEU F 96 -26.72 0.51 35.57
CA LEU F 96 -26.28 0.49 36.96
C LEU F 96 -27.25 -0.20 37.91
N GLN F 97 -28.44 -0.59 37.44
CA GLN F 97 -29.45 -1.09 38.36
C GLN F 97 -29.13 -2.51 38.85
N ALA F 98 -28.51 -3.33 38.01
CA ALA F 98 -28.25 -4.72 38.39
C ALA F 98 -27.21 -4.80 39.50
N SER F 99 -26.09 -4.09 39.34
CA SER F 99 -25.01 -4.09 40.32
C SER F 99 -25.00 -2.73 41.00
N SER F 100 -25.57 -2.67 42.20
CA SER F 100 -25.65 -1.44 42.97
C SER F 100 -26.06 -1.79 44.39
N ILE F 101 -25.49 -1.08 45.36
CA ILE F 101 -25.82 -1.32 46.76
C ILE F 101 -27.28 -0.99 47.02
N SER F 102 -27.76 0.13 46.48
CA SER F 102 -29.13 0.56 46.67
C SER F 102 -29.65 1.10 45.33
N THR F 103 -30.88 1.60 45.36
CA THR F 103 -31.45 2.29 44.22
C THR F 103 -31.04 3.76 44.18
N VAL F 104 -30.23 4.21 45.14
CA VAL F 104 -29.80 5.60 45.21
C VAL F 104 -28.27 5.63 45.30
N ARG F 105 -27.66 4.46 45.47
CA ARG F 105 -26.22 4.34 45.56
C ARG F 105 -25.72 3.25 44.64
N ARG F 106 -24.56 3.50 44.01
CA ARG F 106 -23.84 2.50 43.22
C ARG F 106 -22.79 1.79 44.06
N TYR F 107 -21.87 2.55 44.64
CA TYR F 107 -20.80 2.05 45.47
C TYR F 107 -20.99 2.50 46.90
N GLY F 108 -20.46 1.71 47.84
CA GLY F 108 -20.33 2.19 49.21
C GLY F 108 -19.40 3.37 49.32
N GLN F 109 -18.50 3.53 48.36
CA GLN F 109 -17.64 4.70 48.24
C GLN F 109 -17.24 4.81 46.78
N HIS F 110 -17.49 5.98 46.18
CA HIS F 110 -17.06 6.27 44.81
C HIS F 110 -16.53 7.70 44.77
N LYS F 111 -15.23 7.86 45.05
CA LYS F 111 -14.62 9.16 44.91
C LYS F 111 -14.50 9.53 43.44
N ARG F 112 -15.03 10.70 43.08
CA ARG F 112 -14.99 11.15 41.70
C ARG F 112 -13.74 11.99 41.47
N GLN F 113 -13.22 11.91 40.25
CA GLN F 113 -12.00 12.62 39.90
C GLN F 113 -12.18 13.62 38.76
N SER F 114 -13.10 13.37 37.83
CA SER F 114 -13.33 14.23 36.68
C SER F 114 -14.63 15.02 36.81
N GLY F 115 -14.97 15.44 38.02
CA GLY F 115 -16.16 16.24 38.23
C GLY F 115 -17.44 15.44 38.18
N TYR F 116 -18.55 16.17 38.26
CA TYR F 116 -19.88 15.58 38.38
C TYR F 116 -20.75 15.99 37.20
N ALA F 117 -20.20 15.86 35.99
CA ALA F 117 -20.89 16.35 34.79
C ALA F 117 -22.23 15.67 34.57
N ASP F 118 -22.37 14.40 34.95
CA ASP F 118 -23.61 13.69 34.69
C ASP F 118 -24.76 14.28 35.50
N TYR F 119 -24.56 14.47 36.80
CA TYR F 119 -25.60 15.02 37.66
C TYR F 119 -26.04 16.40 37.17
N THR F 120 -25.06 17.29 36.96
CA THR F 120 -25.39 18.64 36.52
C THR F 120 -26.08 18.62 35.17
N MET F 121 -25.57 17.85 34.22
CA MET F 121 -26.18 17.82 32.90
C MET F 121 -27.62 17.35 32.96
N ARG F 122 -27.89 16.24 33.64
CA ARG F 122 -29.24 15.68 33.62
C ARG F 122 -30.21 16.56 34.41
N PHE F 123 -29.84 16.94 35.63
CA PHE F 123 -30.77 17.73 36.44
C PHE F 123 -30.99 19.12 35.84
N GLY F 124 -29.91 19.76 35.38
CA GLY F 124 -30.04 21.04 34.71
C GLY F 124 -30.81 20.95 33.41
N GLY F 125 -30.72 19.83 32.70
CA GLY F 125 -31.50 19.67 31.49
C GLY F 125 -32.99 19.58 31.78
N VAL F 126 -33.35 18.82 32.83
CA VAL F 126 -34.76 18.78 33.22
C VAL F 126 -35.24 20.16 33.65
N LEU F 127 -34.42 20.86 34.43
CA LEU F 127 -34.76 22.21 34.87
C LEU F 127 -34.90 23.16 33.68
N ILE F 128 -34.03 23.03 32.68
CA ILE F 128 -34.08 23.88 31.50
C ILE F 128 -35.31 23.58 30.68
N PHE F 129 -35.71 22.30 30.58
CA PHE F 129 -36.95 21.97 29.90
C PHE F 129 -38.14 22.65 30.56
N PHE F 130 -38.24 22.51 31.89
CA PHE F 130 -39.35 23.14 32.61
C PHE F 130 -39.28 24.66 32.48
N PHE F 131 -38.08 25.23 32.51
CA PHE F 131 -37.92 26.66 32.39
C PHE F 131 -38.30 27.16 31.01
N ILE F 132 -37.97 26.40 29.95
CA ILE F 132 -38.37 26.81 28.61
C ILE F 132 -39.88 26.81 28.49
N ILE F 133 -40.54 25.78 29.05
CA ILE F 133 -42.00 25.78 29.04
C ILE F 133 -42.54 27.01 29.78
N TYR F 134 -42.02 27.26 30.99
CA TYR F 134 -42.52 28.37 31.80
C TYR F 134 -42.16 29.72 31.17
N HIS F 135 -41.07 29.79 30.42
CA HIS F 135 -40.63 31.04 29.82
C HIS F 135 -41.47 31.38 28.60
N ILE F 136 -41.77 30.38 27.77
CA ILE F 136 -42.70 30.61 26.66
C ILE F 136 -44.07 30.98 27.19
N LEU F 137 -44.49 30.35 28.30
CA LEU F 137 -45.76 30.74 28.90
C LEU F 137 -45.68 32.07 29.61
N HIS F 138 -44.48 32.54 29.95
CA HIS F 138 -44.33 33.73 30.78
C HIS F 138 -44.15 34.99 29.94
N LEU F 139 -43.10 35.04 29.12
CA LEU F 139 -42.75 36.26 28.39
C LEU F 139 -43.29 36.28 26.97
N THR F 140 -43.35 35.12 26.30
CA THR F 140 -43.87 35.09 24.94
C THR F 140 -45.38 35.26 24.92
N PHE F 141 -46.09 34.58 25.82
CA PHE F 141 -47.55 34.58 25.83
C PHE F 141 -48.17 35.35 26.99
N GLY F 142 -47.43 35.58 28.07
CA GLY F 142 -47.94 36.37 29.17
C GLY F 142 -49.09 35.76 29.92
N VAL F 143 -49.22 34.43 29.89
CA VAL F 143 -50.34 33.74 30.52
C VAL F 143 -49.99 33.21 31.90
N VAL F 144 -48.83 33.59 32.44
CA VAL F 144 -48.42 33.15 33.77
C VAL F 144 -47.45 34.18 34.34
N GLY F 145 -47.48 34.32 35.67
CA GLY F 145 -46.59 35.24 36.33
C GLY F 145 -46.93 36.71 36.16
N TYR F 146 -48.14 37.01 35.71
CA TYR F 146 -48.55 38.37 35.44
C TYR F 146 -49.89 38.67 36.08
N GLU F 147 -49.98 39.83 36.74
CA GLU F 147 -51.26 40.32 37.20
C GLU F 147 -52.10 40.78 36.01
N PRO F 148 -53.43 40.78 36.15
CA PRO F 148 -54.28 41.21 35.03
C PRO F 148 -53.99 42.64 34.61
N GLY F 149 -54.03 42.88 33.31
CA GLY F 149 -53.76 44.19 32.76
C GLY F 149 -52.34 44.68 33.00
N GLN F 150 -51.35 43.80 32.83
CA GLN F 150 -49.96 44.15 33.10
C GLN F 150 -49.07 43.77 31.93
N PHE F 151 -49.50 42.78 31.15
CA PHE F 151 -48.74 42.28 30.00
C PHE F 151 -49.40 42.75 28.72
N ILE F 152 -48.62 43.38 27.85
CA ILE F 152 -49.12 43.89 26.57
C ILE F 152 -48.63 42.95 25.46
N HIS F 153 -49.57 42.36 24.75
CA HIS F 153 -49.24 41.53 23.61
C HIS F 153 -48.80 42.39 22.44
N PRO F 154 -48.01 41.83 21.52
CA PRO F 154 -47.67 42.58 20.30
C PRO F 154 -48.92 42.97 19.53
N HIS F 155 -48.92 44.18 19.00
CA HIS F 155 -50.09 44.78 18.33
C HIS F 155 -49.63 45.33 16.98
N GLY F 156 -49.78 44.52 15.94
CA GLY F 156 -49.36 44.94 14.62
C GLY F 156 -47.85 44.96 14.46
N ASP F 157 -47.29 46.16 14.38
CA ASP F 157 -45.84 46.33 14.27
C ASP F 157 -45.20 46.91 15.52
N VAL F 158 -45.99 47.33 16.50
CA VAL F 158 -45.45 47.86 17.75
C VAL F 158 -45.31 46.72 18.75
N TYR F 159 -44.28 46.81 19.58
CA TYR F 159 -43.99 45.79 20.57
C TYR F 159 -43.73 46.45 21.92
N GLU F 160 -44.20 45.79 22.98
CA GLU F 160 -43.97 46.23 24.35
C GLU F 160 -43.15 45.20 25.11
N THR F 161 -42.11 44.68 24.45
CA THR F 161 -41.27 43.66 25.06
C THR F 161 -40.57 44.19 26.31
N TYR F 162 -40.14 45.45 26.28
CA TYR F 162 -39.50 46.05 27.45
C TYR F 162 -40.46 46.10 28.63
N ASN F 163 -41.71 46.49 28.38
CA ASN F 163 -42.70 46.53 29.46
C ASN F 163 -42.94 45.13 30.04
N ASN F 164 -43.03 44.13 29.16
CA ASN F 164 -43.22 42.76 29.64
C ASN F 164 -42.04 42.30 30.48
N VAL F 165 -40.82 42.64 30.06
CA VAL F 165 -39.64 42.28 30.84
C VAL F 165 -39.65 42.96 32.20
N VAL F 166 -40.00 44.26 32.22
CA VAL F 166 -39.98 45.01 33.47
C VAL F 166 -41.03 44.48 34.43
N TYR F 167 -42.23 44.19 33.93
CA TYR F 167 -43.31 43.70 34.78
C TYR F 167 -43.28 42.19 34.98
N GLY F 168 -42.32 41.49 34.39
CA GLY F 168 -42.22 40.06 34.56
C GLY F 168 -41.39 39.66 35.75
N PHE F 169 -40.24 40.31 35.93
CA PHE F 169 -39.34 39.99 37.03
C PHE F 169 -39.63 40.87 38.25
N GLN F 170 -40.89 40.89 38.68
CA GLN F 170 -41.32 41.57 39.89
C GLN F 170 -41.55 40.61 41.05
N ASN F 171 -42.13 39.45 40.78
CA ASN F 171 -42.32 38.43 41.81
C ASN F 171 -40.98 37.77 42.11
N PRO F 172 -40.51 37.79 43.37
CA PRO F 172 -39.21 37.18 43.66
C PRO F 172 -39.15 35.68 43.39
N LEU F 173 -40.28 34.99 43.39
CA LEU F 173 -40.28 33.57 43.04
C LEU F 173 -39.84 33.36 41.60
N ILE F 174 -40.35 34.20 40.68
CA ILE F 174 -39.96 34.09 39.28
C ILE F 174 -38.49 34.44 39.11
N VAL F 175 -38.02 35.47 39.81
CA VAL F 175 -36.62 35.86 39.74
C VAL F 175 -35.72 34.72 40.23
N GLY F 176 -36.10 34.09 41.34
CA GLY F 176 -35.33 32.98 41.86
C GLY F 176 -35.34 31.77 40.93
N PHE F 177 -36.49 31.49 40.32
CA PHE F 177 -36.56 30.41 39.33
C PHE F 177 -35.65 30.68 38.15
N TYR F 178 -35.67 31.91 37.63
CA TYR F 178 -34.78 32.28 36.54
C TYR F 178 -33.32 32.15 36.94
N LEU F 179 -32.98 32.61 38.16
CA LEU F 179 -31.59 32.56 38.61
C LEU F 179 -31.11 31.12 38.75
N LEU F 180 -31.94 30.24 39.34
CA LEU F 180 -31.56 28.84 39.50
C LEU F 180 -31.41 28.15 38.16
N THR F 181 -32.37 28.37 37.25
CA THR F 181 -32.26 27.81 35.91
C THR F 181 -31.03 28.33 35.21
N MET F 182 -30.66 29.58 35.47
CA MET F 182 -29.48 30.15 34.82
C MET F 182 -28.19 29.58 35.39
N VAL F 183 -28.16 29.28 36.70
CA VAL F 183 -27.01 28.58 37.27
C VAL F 183 -26.83 27.22 36.63
N PHE F 184 -27.94 26.47 36.50
CA PHE F 184 -27.84 25.15 35.89
C PHE F 184 -27.56 25.22 34.39
N LEU F 185 -28.02 26.27 33.71
CA LEU F 185 -27.67 26.46 32.32
C LEU F 185 -26.22 26.86 32.15
N ALA F 186 -25.66 27.61 33.11
CA ALA F 186 -24.24 27.91 33.09
C ALA F 186 -23.41 26.64 33.25
N LEU F 187 -23.81 25.77 34.17
CA LEU F 187 -23.14 24.47 34.28
C LEU F 187 -23.31 23.66 32.99
N HIS F 188 -24.52 23.69 32.43
CA HIS F 188 -24.81 22.96 31.20
C HIS F 188 -23.88 23.42 30.07
N LEU F 189 -23.72 24.73 29.91
CA LEU F 189 -22.82 25.24 28.88
C LEU F 189 -21.37 24.91 29.20
N TYR F 190 -20.96 25.13 30.45
CA TYR F 190 -19.59 24.88 30.87
C TYR F 190 -19.16 23.47 30.54
N HIS F 191 -20.06 22.50 30.65
CA HIS F 191 -19.69 21.15 30.22
C HIS F 191 -19.92 20.94 28.72
N GLY F 192 -21.10 21.31 28.22
CA GLY F 192 -21.51 20.87 26.90
C GLY F 192 -20.81 21.55 25.75
N VAL F 193 -20.31 22.77 25.95
CA VAL F 193 -19.64 23.46 24.85
C VAL F 193 -18.37 22.71 24.47
N TRP F 194 -17.64 22.18 25.45
CA TRP F 194 -16.53 21.29 25.16
C TRP F 194 -16.99 19.88 24.80
N SER F 195 -18.06 19.41 25.45
CA SER F 195 -18.51 18.04 25.23
C SER F 195 -19.02 17.82 23.81
N MET F 196 -19.54 18.85 23.16
CA MET F 196 -20.04 18.67 21.80
C MET F 196 -18.89 18.57 20.81
N PHE F 197 -17.80 19.30 21.06
CA PHE F 197 -16.60 19.13 20.24
C PHE F 197 -15.97 17.77 20.48
N GLN F 198 -15.96 17.30 21.73
CA GLN F 198 -15.41 15.97 21.99
C GLN F 198 -16.29 14.87 21.39
N THR F 199 -17.61 15.06 21.44
CA THR F 199 -18.53 14.04 20.94
C THR F 199 -18.48 13.92 19.42
N LEU F 200 -18.23 15.03 18.73
CA LEU F 200 -18.05 14.97 17.29
C LEU F 200 -16.64 14.57 16.89
N GLY F 201 -15.73 14.43 17.85
CA GLY F 201 -14.37 14.05 17.57
C GLY F 201 -13.42 15.18 17.24
N TRP F 202 -13.89 16.43 17.32
CA TRP F 202 -13.06 17.59 17.01
C TRP F 202 -12.28 18.03 18.25
N ASN F 203 -11.44 17.12 18.74
CA ASN F 203 -10.70 17.38 19.97
C ASN F 203 -9.45 16.51 20.00
N ASN F 204 -8.42 17.02 20.67
CA ASN F 204 -7.19 16.29 20.91
C ASN F 204 -6.45 16.96 22.08
N ARG F 205 -5.21 16.55 22.32
CA ARG F 205 -4.47 17.07 23.46
C ARG F 205 -4.21 18.55 23.33
N THR F 206 -3.86 19.02 22.13
CA THR F 206 -3.46 20.41 21.95
C THR F 206 -4.65 21.35 22.14
N TYR F 207 -5.79 21.03 21.53
CA TYR F 207 -6.96 21.90 21.58
C TYR F 207 -7.90 21.59 22.73
N ASP F 208 -7.58 20.62 23.59
CA ASP F 208 -8.46 20.33 24.73
C ASP F 208 -8.55 21.51 25.67
N ARG F 209 -7.41 22.11 26.00
CA ARG F 209 -7.41 23.28 26.88
C ARG F 209 -8.08 24.47 26.22
N LEU F 210 -7.86 24.64 24.90
CA LEU F 210 -8.51 25.74 24.19
C LEU F 210 -10.03 25.59 24.20
N LEU F 211 -10.52 24.37 23.99
CA LEU F 211 -11.96 24.15 23.98
C LEU F 211 -12.55 24.28 25.38
N ARG F 212 -11.82 23.83 26.41
CA ARG F 212 -12.27 24.04 27.78
C ARG F 212 -12.36 25.53 28.10
N GLY F 213 -11.37 26.31 27.68
CA GLY F 213 -11.42 27.74 27.90
C GLY F 213 -12.56 28.41 27.15
N LEU F 214 -12.80 27.98 25.91
CA LEU F 214 -13.92 28.52 25.15
C LEU F 214 -15.25 28.20 25.83
N ALA F 215 -15.40 26.97 26.32
CA ALA F 215 -16.61 26.61 27.06
C ALA F 215 -16.76 27.45 28.31
N ILE F 216 -15.66 27.67 29.04
CA ILE F 216 -15.70 28.51 30.23
C ILE F 216 -16.15 29.92 29.88
N VAL F 217 -15.61 30.47 28.79
CA VAL F 217 -15.96 31.84 28.39
C VAL F 217 -17.42 31.92 28.00
N VAL F 218 -17.90 30.96 27.22
CA VAL F 218 -19.29 30.98 26.77
C VAL F 218 -20.23 30.87 27.97
N ALA F 219 -19.96 29.92 28.87
CA ALA F 219 -20.80 29.74 30.04
C ALA F 219 -20.79 30.99 30.93
N ALA F 220 -19.61 31.57 31.14
CA ALA F 220 -19.52 32.77 31.99
C ALA F 220 -20.29 33.93 31.38
N ALA F 221 -20.12 34.17 30.08
CA ALA F 221 -20.83 35.28 29.44
C ALA F 221 -22.33 35.09 29.51
N VAL F 222 -22.82 33.89 29.16
CA VAL F 222 -24.25 33.63 29.18
C VAL F 222 -24.80 33.76 30.60
N PHE F 223 -24.09 33.19 31.58
CA PHE F 223 -24.53 33.28 32.97
C PHE F 223 -24.61 34.73 33.42
N ILE F 224 -23.55 35.50 33.16
CA ILE F 224 -23.51 36.89 33.61
C ILE F 224 -24.66 37.68 33.00
N GLY F 225 -24.83 37.59 31.69
CA GLY F 225 -25.90 38.36 31.05
C GLY F 225 -27.29 37.94 31.51
N ASN F 226 -27.54 36.64 31.55
CA ASN F 226 -28.87 36.12 31.80
C ASN F 226 -29.24 36.14 33.28
N ILE F 227 -28.29 36.34 34.19
CA ILE F 227 -28.62 36.66 35.57
C ILE F 227 -28.60 38.16 35.83
N SER F 228 -27.93 38.94 34.98
CA SER F 228 -28.01 40.39 35.11
C SER F 228 -29.36 40.92 34.69
N PHE F 229 -29.99 40.31 33.67
CA PHE F 229 -31.30 40.80 33.24
C PHE F 229 -32.33 40.78 34.36
N PRO F 230 -32.67 39.62 34.96
CA PRO F 230 -33.74 39.63 35.97
C PRO F 230 -33.35 40.33 37.26
N LEU F 231 -32.08 40.26 37.67
CA LEU F 231 -31.65 40.97 38.86
C LEU F 231 -31.77 42.47 38.67
N ALA F 232 -31.36 42.99 37.51
CA ALA F 232 -31.49 44.41 37.24
C ALA F 232 -32.96 44.83 37.18
N VAL F 233 -33.81 44.00 36.57
CA VAL F 233 -35.22 44.35 36.49
C VAL F 233 -35.86 44.37 37.87
N TYR F 234 -35.58 43.34 38.69
CA TYR F 234 -36.19 43.23 40.01
C TYR F 234 -35.69 44.33 40.94
N PHE F 235 -34.39 44.63 40.91
CA PHE F 235 -33.82 45.63 41.81
C PHE F 235 -34.13 47.05 41.39
N GLY F 236 -34.60 47.26 40.15
CA GLY F 236 -34.97 48.58 39.69
C GLY F 236 -34.01 49.24 38.72
N PHE F 237 -32.93 48.56 38.34
CA PHE F 237 -32.00 49.14 37.39
C PHE F 237 -32.61 49.24 35.99
N VAL F 238 -33.53 48.33 35.65
CA VAL F 238 -34.26 48.37 34.40
C VAL F 238 -35.73 48.60 34.75
N ALA F 239 -36.26 49.75 34.36
CA ALA F 239 -37.64 50.10 34.68
C ALA F 239 -38.26 50.95 33.59
N VAL G 22 51.40 -14.77 -1.05
CA VAL G 22 50.39 -15.52 -1.78
C VAL G 22 49.03 -14.86 -1.58
N LEU G 23 48.15 -14.98 -2.57
CA LEU G 23 46.83 -14.39 -2.55
C LEU G 23 45.80 -15.47 -2.24
N ASP G 24 45.02 -15.28 -1.18
CA ASP G 24 43.93 -16.17 -0.82
C ASP G 24 42.62 -15.46 -1.15
N SER G 25 41.93 -15.97 -2.17
CA SER G 25 40.67 -15.36 -2.59
C SER G 25 39.60 -15.51 -1.51
N LYS G 26 39.69 -16.55 -0.67
CA LYS G 26 38.76 -16.79 0.42
C LYS G 26 37.33 -16.96 -0.07
N VAL G 27 37.16 -17.48 -1.29
CA VAL G 27 35.85 -17.78 -1.84
C VAL G 27 35.30 -19.03 -1.16
N PRO G 28 33.99 -19.14 -0.97
CA PRO G 28 33.43 -20.35 -0.36
C PRO G 28 33.37 -21.50 -1.36
N THR G 29 33.03 -22.67 -0.83
CA THR G 29 32.93 -23.89 -1.61
C THR G 29 31.47 -24.26 -1.79
N GLY G 30 31.22 -25.34 -2.53
CA GLY G 30 29.89 -25.82 -2.79
C GLY G 30 29.25 -25.16 -3.98
N PRO G 31 27.95 -25.36 -4.16
CA PRO G 31 27.25 -24.70 -5.26
C PRO G 31 27.35 -23.19 -5.18
N ILE G 32 27.47 -22.56 -6.35
CA ILE G 32 27.69 -21.12 -6.39
C ILE G 32 26.47 -20.33 -5.93
N GLU G 33 25.28 -20.94 -5.99
CA GLU G 33 24.07 -20.22 -5.56
C GLU G 33 24.06 -20.02 -4.05
N GLN G 34 24.61 -20.97 -3.29
CA GLN G 34 24.61 -20.90 -1.84
C GLN G 34 25.95 -20.40 -1.28
N ARG G 35 26.89 -20.01 -2.15
CA ARG G 35 28.20 -19.60 -1.67
C ARG G 35 28.12 -18.34 -0.81
N TRP G 36 27.32 -17.36 -1.22
CA TRP G 36 27.22 -16.13 -0.45
C TRP G 36 26.46 -16.35 0.86
N ASP G 37 25.38 -17.12 0.83
CA ASP G 37 24.64 -17.42 2.05
C ASP G 37 25.50 -18.23 3.01
N LYS G 38 26.24 -19.22 2.49
CA LYS G 38 27.13 -20.01 3.32
C LYS G 38 28.22 -19.15 3.93
N HIS G 39 28.83 -18.27 3.13
CA HIS G 39 29.87 -17.40 3.65
C HIS G 39 29.32 -16.45 4.72
N ARG G 40 28.11 -15.94 4.50
CA ARG G 40 27.48 -15.06 5.48
C ARG G 40 27.24 -15.79 6.79
N PHE G 41 26.85 -17.06 6.72
CA PHE G 41 26.64 -17.81 7.95
C PHE G 41 27.96 -18.13 8.66
N GLU G 42 28.99 -18.50 7.90
CA GLU G 42 30.25 -18.92 8.49
C GLU G 42 31.13 -17.77 8.97
N MET G 43 30.83 -16.54 8.58
CA MET G 43 31.67 -15.41 8.94
C MET G 43 31.24 -14.82 10.28
N LYS G 44 32.21 -14.27 10.99
CA LYS G 44 31.98 -13.79 12.36
C LYS G 44 31.10 -12.55 12.37
N LEU G 45 30.53 -12.27 13.53
CA LEU G 45 29.65 -11.13 13.73
C LEU G 45 30.11 -10.30 14.91
N VAL G 46 29.84 -9.01 14.85
CA VAL G 46 30.03 -8.10 15.97
C VAL G 46 28.67 -7.80 16.58
N ASN G 47 28.56 -7.92 17.90
CA ASN G 47 27.30 -7.67 18.57
C ASN G 47 26.87 -6.21 18.36
N PRO G 48 25.57 -5.95 18.29
CA PRO G 48 25.10 -4.56 18.14
C PRO G 48 25.60 -3.65 19.24
N ALA G 49 25.79 -4.17 20.45
CA ALA G 49 26.33 -3.37 21.54
C ALA G 49 27.80 -3.05 21.34
N ASN G 50 28.56 -3.99 20.78
CA ASN G 50 30.01 -3.82 20.62
C ASN G 50 30.39 -3.00 19.39
N ARG G 51 29.46 -2.77 18.46
CA ARG G 51 29.80 -2.04 17.25
C ARG G 51 30.23 -0.61 17.54
N ARG G 52 29.75 -0.05 18.66
CA ARG G 52 30.15 1.31 19.05
C ARG G 52 31.61 1.38 19.47
N LYS G 53 32.25 0.23 19.74
CA LYS G 53 33.65 0.22 20.15
C LYS G 53 34.61 0.30 18.97
N TYR G 54 34.15 0.08 17.75
CA TYR G 54 35.01 0.05 16.58
C TYR G 54 34.88 1.34 15.76
N THR G 55 35.97 1.69 15.10
CA THR G 55 36.00 2.84 14.20
C THR G 55 36.36 2.37 12.80
N ILE G 56 35.56 2.80 11.82
CA ILE G 56 35.80 2.51 10.41
C ILE G 56 35.95 3.83 9.69
N ILE G 57 37.11 4.02 9.05
CA ILE G 57 37.35 5.15 8.16
C ILE G 57 36.88 4.73 6.78
N VAL G 58 36.10 5.59 6.13
CA VAL G 58 35.64 5.33 4.76
C VAL G 58 36.12 6.49 3.92
N VAL G 59 37.15 6.26 3.11
CA VAL G 59 37.68 7.27 2.21
C VAL G 59 36.90 7.17 0.91
N GLY G 60 36.03 8.12 0.67
CA GLY G 60 35.17 8.09 -0.50
C GLY G 60 33.71 8.18 -0.16
N SER G 61 32.97 8.96 -0.93
CA SER G 61 31.54 9.15 -0.72
C SER G 61 30.76 8.99 -2.01
N GLY G 62 31.25 8.18 -2.93
CA GLY G 62 30.52 7.86 -4.13
C GLY G 62 29.41 6.88 -3.84
N LEU G 63 28.99 6.08 -4.82
CA LEU G 63 27.96 5.10 -4.56
C LEU G 63 28.44 4.09 -3.53
N ALA G 64 29.60 3.49 -3.77
CA ALA G 64 30.15 2.54 -2.81
C ALA G 64 30.45 3.22 -1.47
N GLY G 65 31.11 4.38 -1.51
CA GLY G 65 31.51 5.03 -0.27
C GLY G 65 30.34 5.49 0.57
N ALA G 66 29.37 6.16 -0.07
CA ALA G 66 28.21 6.64 0.67
C ALA G 66 27.36 5.48 1.17
N SER G 67 27.14 4.47 0.33
CA SER G 67 26.36 3.32 0.75
C SER G 67 27.02 2.59 1.91
N ALA G 68 28.34 2.41 1.85
CA ALA G 68 29.05 1.73 2.92
C ALA G 68 29.01 2.53 4.21
N ALA G 69 29.29 3.83 4.14
CA ALA G 69 29.28 4.65 5.35
C ALA G 69 27.89 4.70 5.97
N ALA G 70 26.86 4.84 5.15
CA ALA G 70 25.49 4.87 5.66
C ALA G 70 25.11 3.53 6.30
N THR G 71 25.47 2.42 5.65
CA THR G 71 25.10 1.11 6.19
C THR G 71 25.86 0.80 7.48
N LEU G 72 27.13 1.20 7.56
CA LEU G 72 27.89 0.97 8.78
C LEU G 72 27.45 1.89 9.91
N GLY G 73 27.00 3.10 9.60
CA GLY G 73 26.38 3.93 10.62
C GLY G 73 25.07 3.36 11.09
N GLU G 74 24.27 2.81 10.17
CA GLU G 74 23.03 2.13 10.57
C GLU G 74 23.32 0.93 11.46
N ALA G 75 24.40 0.19 11.18
CA ALA G 75 24.78 -0.93 12.01
C ALA G 75 25.12 -0.47 13.43
N GLY G 76 25.86 0.62 13.56
CA GLY G 76 26.19 1.16 14.87
C GLY G 76 27.65 1.52 15.04
N TYR G 77 28.45 1.28 14.01
CA TYR G 77 29.87 1.60 14.08
C TYR G 77 30.10 3.10 14.05
N ASN G 78 31.29 3.51 14.48
CA ASN G 78 31.74 4.89 14.34
C ASN G 78 32.44 5.00 12.99
N VAL G 79 31.84 5.76 12.08
CA VAL G 79 32.31 5.87 10.70
C VAL G 79 32.91 7.25 10.49
N LEU G 80 34.09 7.29 9.89
CA LEU G 80 34.75 8.54 9.52
C LEU G 80 34.82 8.55 7.99
N CYS G 81 33.94 9.32 7.36
CA CYS G 81 33.85 9.37 5.91
C CYS G 81 34.53 10.62 5.39
N PHE G 82 35.25 10.47 4.27
CA PHE G 82 36.03 11.55 3.69
C PHE G 82 35.74 11.67 2.20
N CYS G 83 35.82 12.90 1.71
CA CYS G 83 35.71 13.17 0.28
C CYS G 83 36.44 14.49 0.00
N TYR G 84 37.00 14.59 -1.21
CA TYR G 84 37.77 15.78 -1.56
C TYR G 84 36.90 16.91 -2.09
N GLN G 85 35.60 16.68 -2.24
CA GLN G 85 34.71 17.67 -2.84
C GLN G 85 34.03 18.51 -1.77
N ASP G 86 33.21 19.47 -2.22
CA ASP G 86 32.48 20.32 -1.29
C ASP G 86 31.50 19.52 -0.44
N SER G 87 30.82 18.56 -1.04
CA SER G 87 29.78 17.79 -0.39
C SER G 87 29.94 16.33 -0.80
N PRO G 88 29.45 15.39 0.03
CA PRO G 88 29.48 13.98 -0.38
C PRO G 88 28.73 13.70 -1.67
N ARG G 89 27.72 14.50 -1.99
CA ARG G 89 26.87 14.28 -3.17
C ARG G 89 27.57 14.64 -4.48
N ARG G 90 28.82 15.08 -4.45
CA ARG G 90 29.51 15.59 -5.62
C ARG G 90 30.38 14.56 -6.31
N ALA G 91 30.40 13.32 -5.82
CA ALA G 91 31.23 12.28 -6.41
C ALA G 91 30.77 11.96 -7.83
N HIS G 92 31.70 11.52 -8.67
CA HIS G 92 31.39 11.35 -10.08
C HIS G 92 30.42 10.20 -10.34
N SER G 93 30.06 9.43 -9.32
CA SER G 93 28.93 8.52 -9.43
C SER G 93 27.64 9.30 -9.76
N ILE G 94 27.60 10.56 -9.36
CA ILE G 94 26.49 11.44 -9.72
C ILE G 94 26.42 11.65 -11.23
N ALA G 95 27.54 11.48 -11.94
CA ALA G 95 27.60 11.73 -13.36
C ALA G 95 27.14 10.57 -14.21
N ALA G 96 26.82 9.43 -13.59
CA ALA G 96 26.39 8.26 -14.35
C ALA G 96 25.02 8.51 -14.97
N GLN G 97 24.90 8.19 -16.26
CA GLN G 97 23.67 8.43 -17.01
C GLN G 97 22.84 7.17 -17.21
N GLY G 98 23.48 6.06 -17.57
CA GLY G 98 22.73 4.83 -17.78
C GLY G 98 22.18 4.28 -16.48
N GLY G 99 21.20 3.38 -16.62
CA GLY G 99 20.51 2.83 -15.48
C GLY G 99 21.34 1.88 -14.65
N ILE G 100 20.66 1.05 -13.85
CA ILE G 100 21.31 0.06 -13.00
C ILE G 100 20.64 -1.29 -13.24
N ASN G 101 21.45 -2.33 -13.38
CA ASN G 101 20.94 -3.65 -13.73
C ASN G 101 20.50 -4.41 -12.49
N ALA G 102 19.51 -5.29 -12.69
CA ALA G 102 19.07 -6.21 -11.65
C ALA G 102 18.44 -7.43 -12.31
N ALA G 103 18.56 -8.56 -11.63
CA ALA G 103 18.03 -9.83 -12.12
C ALA G 103 16.63 -10.11 -11.57
N LYS G 104 15.72 -9.16 -11.76
CA LYS G 104 14.36 -9.30 -11.24
C LYS G 104 13.40 -9.93 -12.25
N ASN G 105 13.75 -9.95 -13.53
CA ASN G 105 12.91 -10.53 -14.58
C ASN G 105 11.51 -9.92 -14.59
N TYR G 106 11.45 -8.60 -14.46
CA TYR G 106 10.17 -7.89 -14.47
C TYR G 106 9.57 -7.80 -15.87
N ARG G 107 10.33 -8.08 -16.92
CA ARG G 107 9.83 -8.02 -18.28
C ARG G 107 9.50 -9.39 -18.87
N ASN G 108 9.60 -10.46 -18.08
CA ASN G 108 9.31 -11.81 -18.54
C ASN G 108 10.13 -12.17 -19.78
N ASP G 109 11.41 -11.80 -19.77
CA ASP G 109 12.27 -11.96 -20.94
C ASP G 109 13.40 -12.94 -20.70
N GLY G 110 13.31 -13.78 -19.67
CA GLY G 110 14.29 -14.80 -19.42
C GLY G 110 15.46 -14.39 -18.54
N ASP G 111 15.43 -13.17 -17.98
CA ASP G 111 16.50 -12.75 -17.11
C ASP G 111 16.44 -13.49 -15.77
N SER G 112 17.61 -13.71 -15.18
CA SER G 112 17.70 -14.38 -13.90
C SER G 112 19.02 -14.01 -13.26
N ILE G 113 19.19 -14.40 -12.00
CA ILE G 113 20.46 -14.17 -11.32
C ILE G 113 21.58 -14.93 -12.02
N TYR G 114 21.30 -16.17 -12.43
CA TYR G 114 22.30 -16.93 -13.18
C TYR G 114 22.57 -16.32 -14.54
N ARG G 115 21.53 -15.78 -15.20
CA ARG G 115 21.76 -15.15 -16.50
C ARG G 115 22.59 -13.89 -16.36
N LEU G 116 22.32 -13.07 -15.35
CA LEU G 116 23.14 -11.88 -15.12
C LEU G 116 24.58 -12.26 -14.77
N PHE G 117 24.75 -13.29 -13.95
CA PHE G 117 26.09 -13.75 -13.60
C PHE G 117 26.84 -14.27 -14.82
N TYR G 118 26.15 -15.04 -15.67
CA TYR G 118 26.76 -15.54 -16.90
C TYR G 118 27.13 -14.39 -17.84
N ASP G 119 26.23 -13.41 -17.97
CA ASP G 119 26.51 -12.28 -18.86
C ASP G 119 27.67 -11.44 -18.36
N THR G 120 27.79 -11.29 -17.04
CA THR G 120 28.89 -10.49 -16.50
C THR G 120 30.22 -11.26 -16.60
N VAL G 121 30.19 -12.58 -16.44
CA VAL G 121 31.41 -13.36 -16.58
C VAL G 121 31.87 -13.37 -18.03
N LYS G 122 30.94 -13.54 -18.98
CA LYS G 122 31.30 -13.60 -20.38
C LYS G 122 31.66 -12.23 -20.93
N GLY G 123 31.01 -11.17 -20.43
CA GLY G 123 31.33 -9.83 -20.88
C GLY G 123 32.72 -9.38 -20.47
N GLY G 124 33.16 -9.77 -19.29
CA GLY G 124 34.50 -9.49 -18.82
C GLY G 124 35.57 -10.37 -19.41
N ASP G 125 35.20 -11.22 -20.36
CA ASP G 125 36.13 -12.09 -21.08
C ASP G 125 36.83 -13.07 -20.14
N PHE G 126 36.07 -13.59 -19.18
CA PHE G 126 36.53 -14.65 -18.28
C PHE G 126 37.84 -14.27 -17.59
N ARG G 127 37.85 -13.09 -16.98
CA ARG G 127 39.03 -12.59 -16.28
C ARG G 127 38.73 -12.20 -14.83
N ALA G 128 37.62 -12.69 -14.28
CA ALA G 128 37.25 -12.38 -12.90
C ALA G 128 36.80 -13.65 -12.20
N ARG G 129 36.85 -13.60 -10.87
CA ARG G 129 36.36 -14.71 -10.05
C ARG G 129 34.86 -14.87 -10.23
N GLU G 130 34.41 -16.11 -10.37
CA GLU G 130 33.00 -16.39 -10.60
C GLU G 130 32.16 -16.12 -9.35
N SER G 131 32.72 -16.37 -8.16
CA SER G 131 31.95 -16.22 -6.93
C SER G 131 31.55 -14.76 -6.69
N ASN G 132 32.47 -13.83 -6.92
CA ASN G 132 32.15 -12.42 -6.75
C ASN G 132 31.09 -11.97 -7.75
N VAL G 133 31.19 -12.44 -9.00
CA VAL G 133 30.20 -12.08 -10.01
C VAL G 133 28.82 -12.61 -9.64
N TYR G 134 28.76 -13.86 -9.15
CA TYR G 134 27.47 -14.40 -8.75
C TYR G 134 26.92 -13.65 -7.56
N ARG G 135 27.78 -13.26 -6.60
CA ARG G 135 27.30 -12.49 -5.46
C ARG G 135 26.74 -11.15 -5.89
N LEU G 136 27.40 -10.48 -6.85
CA LEU G 136 26.89 -9.21 -7.36
C LEU G 136 25.54 -9.40 -8.03
N ALA G 137 25.43 -10.39 -8.92
CA ALA G 137 24.18 -10.63 -9.62
C ALA G 137 23.07 -11.05 -8.66
N GLN G 138 23.43 -11.70 -7.55
CA GLN G 138 22.46 -12.16 -6.57
C GLN G 138 21.94 -11.02 -5.70
N VAL G 139 22.80 -10.05 -5.38
CA VAL G 139 22.38 -8.94 -4.53
C VAL G 139 21.89 -7.73 -5.31
N SER G 140 21.95 -7.76 -6.65
CA SER G 140 21.38 -6.67 -7.44
C SER G 140 19.90 -6.45 -7.13
N VAL G 141 19.17 -7.53 -6.85
CA VAL G 141 17.74 -7.40 -6.59
C VAL G 141 17.50 -6.64 -5.28
N ASN G 142 18.28 -6.96 -4.24
CA ASN G 142 18.22 -6.19 -3.01
C ASN G 142 18.65 -4.76 -3.23
N ILE G 143 19.61 -4.53 -4.13
CA ILE G 143 20.01 -3.17 -4.46
C ILE G 143 18.82 -2.38 -4.97
N ILE G 144 18.07 -2.96 -5.91
CA ILE G 144 16.92 -2.26 -6.48
C ILE G 144 15.83 -2.05 -5.44
N ASP G 145 15.59 -3.06 -4.59
CA ASP G 145 14.60 -2.90 -3.53
C ASP G 145 14.97 -1.75 -2.60
N GLN G 146 16.23 -1.70 -2.18
CA GLN G 146 16.70 -0.64 -1.29
C GLN G 146 16.60 0.73 -1.96
N CYS G 147 16.96 0.81 -3.24
CA CYS G 147 16.90 2.08 -3.95
C CYS G 147 15.47 2.58 -4.09
N VAL G 148 14.54 1.67 -4.38
CA VAL G 148 13.14 2.06 -4.47
C VAL G 148 12.62 2.52 -3.11
N ALA G 149 12.99 1.80 -2.05
CA ALA G 149 12.55 2.19 -0.71
C ALA G 149 13.10 3.55 -0.29
N GLN G 150 14.33 3.87 -0.70
CA GLN G 150 14.94 5.15 -0.35
C GLN G 150 14.31 6.32 -1.08
N GLY G 151 13.45 6.07 -2.07
CA GLY G 151 12.82 7.15 -2.80
C GLY G 151 13.51 7.53 -4.10
N VAL G 152 14.32 6.65 -4.67
CA VAL G 152 14.97 6.93 -5.95
C VAL G 152 13.90 6.96 -7.03
N PRO G 153 13.77 8.07 -7.76
CA PRO G 153 12.67 8.19 -8.75
C PRO G 153 12.95 7.42 -10.04
N PHE G 154 12.86 6.09 -9.95
CA PHE G 154 12.98 5.26 -11.12
C PHE G 154 11.78 5.46 -12.04
N ALA G 155 11.98 5.15 -13.32
CA ALA G 155 10.90 5.24 -14.30
C ALA G 155 9.79 4.26 -13.94
N ARG G 156 8.55 4.71 -14.07
CA ARG G 156 7.38 3.91 -13.75
C ARG G 156 6.48 3.77 -14.97
N GLU G 157 5.72 2.69 -15.00
CA GLU G 157 4.69 2.51 -16.01
C GLU G 157 3.41 3.23 -15.59
N TYR G 158 2.44 3.27 -16.50
CA TYR G 158 1.18 3.95 -16.20
C TYR G 158 0.37 3.22 -15.14
N GLY G 159 0.62 1.92 -14.93
CA GLY G 159 -0.03 1.17 -13.88
C GLY G 159 0.58 1.30 -12.52
N GLY G 160 1.67 2.06 -12.38
CA GLY G 160 2.30 2.30 -11.11
C GLY G 160 3.55 1.49 -10.85
N LEU G 161 3.84 0.49 -11.67
CA LEU G 161 4.96 -0.40 -11.43
C LEU G 161 6.19 0.05 -12.21
N LEU G 162 7.33 -0.55 -11.87
CA LEU G 162 8.61 -0.12 -12.40
C LEU G 162 8.73 -0.43 -13.89
N ASP G 163 9.50 0.40 -14.59
CA ASP G 163 9.74 0.26 -16.02
C ASP G 163 11.19 -0.12 -16.27
N ASN G 164 11.40 -1.08 -17.16
CA ASN G 164 12.72 -1.56 -17.52
C ASN G 164 13.04 -1.20 -18.96
N ARG G 165 14.31 -0.92 -19.22
CA ARG G 165 14.81 -0.65 -20.56
C ARG G 165 16.09 -1.45 -20.77
N SER G 166 16.42 -1.67 -22.04
CA SER G 166 17.56 -2.49 -22.41
C SER G 166 18.74 -1.60 -22.80
N PHE G 167 19.95 -2.04 -22.44
CA PHE G 167 21.17 -1.33 -22.77
C PHE G 167 21.55 -1.64 -24.21
N GLY G 168 22.75 -1.21 -24.61
CA GLY G 168 23.25 -1.53 -25.95
C GLY G 168 23.91 -2.89 -25.94
N GLY G 169 23.45 -3.78 -26.81
CA GLY G 169 23.98 -5.12 -26.89
C GLY G 169 23.44 -6.11 -25.88
N ALA G 170 22.47 -5.71 -25.07
CA ALA G 170 21.88 -6.58 -24.05
C ALA G 170 20.59 -7.20 -24.59
N GLN G 171 20.42 -8.49 -24.33
CA GLN G 171 19.28 -9.24 -24.85
C GLN G 171 18.09 -9.25 -23.89
N VAL G 172 18.20 -8.62 -22.71
CA VAL G 172 17.11 -8.53 -21.78
C VAL G 172 16.96 -7.07 -21.35
N ALA G 173 15.75 -6.74 -20.89
CA ALA G 173 15.46 -5.42 -20.33
C ALA G 173 15.52 -5.55 -18.81
N ARG G 174 16.73 -5.44 -18.26
CA ARG G 174 16.97 -5.63 -16.84
C ARG G 174 17.43 -4.36 -16.15
N THR G 175 17.37 -3.22 -16.83
CA THR G 175 17.94 -1.98 -16.34
C THR G 175 16.85 -1.05 -15.81
N PHE G 176 17.02 -0.60 -14.58
CA PHE G 176 16.14 0.37 -13.95
C PHE G 176 16.80 1.74 -14.03
N TYR G 177 16.02 2.76 -14.37
CA TYR G 177 16.61 4.04 -14.72
C TYR G 177 15.73 5.20 -14.25
N ALA G 178 16.38 6.29 -13.90
CA ALA G 178 15.76 7.61 -13.97
C ALA G 178 15.86 8.10 -15.41
N ARG G 179 15.26 9.26 -15.70
CA ARG G 179 15.14 9.72 -17.08
C ARG G 179 16.48 9.67 -17.80
N GLY G 180 17.46 10.40 -17.31
CA GLY G 180 18.79 10.36 -17.90
C GLY G 180 19.90 10.50 -16.89
N GLN G 181 19.54 10.48 -15.61
CA GLN G 181 20.45 10.73 -14.50
C GLN G 181 20.27 9.67 -13.41
N THR G 182 20.29 8.40 -13.82
CA THR G 182 20.11 7.32 -12.86
C THR G 182 21.20 7.32 -11.80
N GLY G 183 22.45 7.55 -12.20
CA GLY G 183 23.52 7.63 -11.23
C GLY G 183 23.32 8.76 -10.26
N GLN G 184 22.79 9.89 -10.73
CA GLN G 184 22.51 11.00 -9.84
C GLN G 184 21.49 10.62 -8.78
N GLN G 185 20.42 9.92 -9.16
CA GLN G 185 19.40 9.56 -8.19
C GLN G 185 19.87 8.46 -7.24
N LEU G 186 20.68 7.52 -7.75
CA LEU G 186 21.24 6.50 -6.87
C LEU G 186 22.17 7.12 -5.83
N LEU G 187 23.04 8.03 -6.28
CA LEU G 187 23.93 8.69 -5.34
C LEU G 187 23.17 9.63 -4.42
N LEU G 188 22.04 10.19 -4.87
CA LEU G 188 21.23 11.02 -3.99
C LEU G 188 20.56 10.19 -2.91
N GLY G 189 20.10 8.98 -3.24
CA GLY G 189 19.58 8.10 -2.21
C GLY G 189 20.63 7.69 -1.20
N ALA G 190 21.81 7.31 -1.71
CA ALA G 190 22.92 6.96 -0.82
C ALA G 190 23.34 8.16 0.04
N TYR G 191 23.33 9.35 -0.55
CA TYR G 191 23.70 10.56 0.18
C TYR G 191 22.65 10.94 1.20
N GLN G 192 21.37 10.66 0.93
CA GLN G 192 20.33 10.90 1.93
C GLN G 192 20.47 9.94 3.10
N ALA G 193 20.79 8.68 2.82
CA ALA G 193 21.07 7.74 3.90
C ALA G 193 22.29 8.18 4.71
N LEU G 194 23.33 8.66 4.02
CA LEU G 194 24.53 9.15 4.70
C LEU G 194 24.21 10.38 5.54
N SER G 195 23.35 11.28 5.03
CA SER G 195 22.97 12.46 5.79
C SER G 195 22.14 12.07 7.01
N ARG G 196 21.28 11.07 6.87
CA ARG G 196 20.55 10.55 8.03
C ARG G 196 21.50 10.03 9.09
N GLN G 197 22.54 9.29 8.67
CA GLN G 197 23.49 8.77 9.64
C GLN G 197 24.36 9.87 10.24
N ILE G 198 24.67 10.91 9.46
CA ILE G 198 25.41 12.04 10.00
C ILE G 198 24.59 12.77 11.05
N ALA G 199 23.29 12.97 10.77
CA ALA G 199 22.42 13.59 11.76
C ALA G 199 22.28 12.73 13.01
N ALA G 200 22.23 11.40 12.82
CA ALA G 200 22.18 10.50 13.97
C ALA G 200 23.46 10.49 14.78
N GLY G 201 24.56 11.01 14.25
CA GLY G 201 25.82 11.05 14.96
C GLY G 201 26.71 9.85 14.75
N THR G 202 26.26 8.85 13.98
CA THR G 202 27.06 7.66 13.77
C THR G 202 28.17 7.86 12.74
N VAL G 203 28.00 8.83 11.84
CA VAL G 203 28.96 9.09 10.78
C VAL G 203 29.47 10.52 10.92
N LYS G 204 30.79 10.67 10.89
CA LYS G 204 31.44 11.97 10.84
C LYS G 204 31.89 12.22 9.41
N MET G 205 31.32 13.24 8.78
CA MET G 205 31.65 13.60 7.41
C MET G 205 32.76 14.63 7.40
N PHE G 206 33.74 14.45 6.53
CA PHE G 206 34.85 15.38 6.37
C PHE G 206 34.97 15.75 4.90
N PRO G 207 34.07 16.58 4.38
CA PRO G 207 34.19 17.02 3.00
C PRO G 207 35.35 17.99 2.83
N ARG G 208 35.80 18.11 1.58
CA ARG G 208 36.96 18.94 1.24
C ARG G 208 38.19 18.49 2.02
N THR G 209 38.35 17.18 2.19
CA THR G 209 39.46 16.59 2.90
C THR G 209 39.98 15.41 2.10
N GLU G 210 41.24 15.46 1.71
CA GLU G 210 41.84 14.46 0.84
C GLU G 210 42.81 13.61 1.65
N MET G 211 42.54 12.31 1.73
CA MET G 211 43.49 11.39 2.34
C MET G 211 44.75 11.32 1.49
N LEU G 212 45.89 11.61 2.12
CA LEU G 212 47.16 11.65 1.41
C LEU G 212 48.06 10.46 1.70
N ASP G 213 47.78 9.68 2.73
CA ASP G 213 48.59 8.51 3.03
C ASP G 213 47.78 7.52 3.84
N LEU G 214 48.25 6.28 3.86
CA LEU G 214 47.66 5.20 4.64
C LEU G 214 48.63 4.79 5.74
N VAL G 215 48.14 4.74 6.98
CA VAL G 215 48.96 4.38 8.14
C VAL G 215 48.67 2.93 8.47
N VAL G 216 49.69 2.09 8.30
CA VAL G 216 49.62 0.65 8.58
C VAL G 216 50.39 0.41 9.87
N VAL G 217 49.69 -0.03 10.91
CA VAL G 217 50.26 -0.26 12.23
C VAL G 217 50.19 -1.75 12.53
N ASP G 218 51.33 -2.36 12.80
CA ASP G 218 51.43 -3.78 13.13
C ASP G 218 50.85 -4.66 12.03
N GLY G 219 51.01 -4.24 10.77
CA GLY G 219 50.56 -5.01 9.64
C GLY G 219 49.13 -4.75 9.21
N ARG G 220 48.36 -4.00 10.00
CA ARG G 220 46.98 -3.68 9.67
C ARG G 220 46.87 -2.22 9.26
N ALA G 221 45.96 -1.95 8.33
CA ALA G 221 45.66 -0.57 7.96
C ALA G 221 44.91 0.08 9.11
N ARG G 222 45.64 0.83 9.94
CA ARG G 222 45.10 1.35 11.18
C ARG G 222 44.85 2.85 11.15
N GLY G 223 44.94 3.48 9.98
CA GLY G 223 44.52 4.86 9.90
C GLY G 223 44.87 5.47 8.56
N ILE G 224 44.58 6.77 8.46
CA ILE G 224 44.93 7.55 7.29
C ILE G 224 45.49 8.90 7.68
N ILE G 225 46.23 9.49 6.76
CA ILE G 225 46.78 10.84 6.87
C ILE G 225 46.11 11.67 5.79
N THR G 226 45.40 12.72 6.20
CA THR G 226 44.62 13.54 5.29
C THR G 226 45.12 14.98 5.31
N ARG G 227 44.76 15.72 4.27
CA ARG G 227 44.99 17.15 4.20
C ARG G 227 43.66 17.86 3.96
N ASP G 228 43.36 18.83 4.82
CA ASP G 228 42.20 19.68 4.57
C ASP G 228 42.48 20.57 3.37
N MET G 229 41.53 20.61 2.43
CA MET G 229 41.76 21.31 1.18
C MET G 229 41.47 22.80 1.27
N VAL G 230 41.01 23.29 2.41
CA VAL G 230 40.75 24.72 2.59
C VAL G 230 41.88 25.33 3.41
N THR G 231 42.04 24.84 4.64
CA THR G 231 43.05 25.36 5.55
C THR G 231 44.43 24.74 5.35
N GLY G 232 44.53 23.67 4.58
CA GLY G 232 45.81 23.02 4.37
C GLY G 232 46.29 22.17 5.53
N LYS G 233 45.43 21.93 6.52
CA LYS G 233 45.84 21.23 7.73
C LYS G 233 46.02 19.74 7.47
N ILE G 234 47.14 19.19 7.92
CA ILE G 234 47.40 17.76 7.84
C ILE G 234 46.89 17.12 9.13
N THR G 235 45.95 16.19 8.99
CA THR G 235 45.32 15.54 10.12
C THR G 235 45.58 14.04 10.08
N ARG G 236 45.60 13.43 11.25
CA ARG G 236 45.82 12.00 11.41
C ARG G 236 44.57 11.37 12.00
N TYR G 237 44.01 10.38 11.31
CA TYR G 237 42.84 9.66 11.80
C TYR G 237 43.18 8.20 12.00
N ALA G 238 42.80 7.65 13.14
CA ALA G 238 43.01 6.25 13.47
C ALA G 238 41.67 5.53 13.52
N ALA G 239 41.65 4.31 13.00
CA ALA G 239 40.42 3.52 12.97
C ALA G 239 40.77 2.05 13.07
N ASP G 240 39.76 1.26 13.44
CA ASP G 240 39.94 -0.19 13.47
C ASP G 240 39.90 -0.80 12.07
N ALA G 241 39.16 -0.18 11.15
CA ALA G 241 39.14 -0.63 9.76
C ALA G 241 39.22 0.58 8.84
N VAL G 242 39.75 0.36 7.64
CA VAL G 242 39.85 1.38 6.61
C VAL G 242 39.23 0.83 5.32
N VAL G 243 38.34 1.60 4.73
CA VAL G 243 37.67 1.25 3.48
C VAL G 243 38.08 2.30 2.44
N LEU G 244 38.57 1.83 1.30
CA LEU G 244 38.93 2.70 0.18
C LEU G 244 37.83 2.60 -0.88
N ALA G 245 37.10 3.68 -1.05
CA ALA G 245 36.02 3.79 -2.04
C ALA G 245 36.24 5.03 -2.90
N THR G 246 37.47 5.20 -3.38
CA THR G 246 37.92 6.43 -3.99
C THR G 246 37.82 6.43 -5.51
N GLY G 247 37.13 5.45 -6.09
CA GLY G 247 36.89 5.46 -7.52
C GLY G 247 38.09 5.03 -8.34
N GLY G 248 37.93 5.14 -9.66
CA GLY G 248 38.93 4.66 -10.57
C GLY G 248 40.01 5.69 -10.88
N TYR G 249 41.01 5.23 -11.64
CA TYR G 249 42.17 6.02 -12.01
C TYR G 249 42.18 6.33 -13.50
N GLY G 250 41.01 6.53 -14.10
CA GLY G 250 40.92 6.80 -15.52
C GLY G 250 41.50 8.13 -15.94
N ASN G 251 41.85 9.00 -14.99
CA ASN G 251 42.45 10.28 -15.31
C ASN G 251 43.96 10.20 -15.46
N VAL G 252 44.56 9.01 -15.36
CA VAL G 252 45.97 8.85 -15.71
C VAL G 252 46.17 9.19 -17.18
N PHE G 253 45.21 8.84 -18.02
CA PHE G 253 45.06 9.47 -19.31
C PHE G 253 44.45 10.85 -19.10
N TYR G 254 45.15 11.88 -19.57
CA TYR G 254 44.74 13.25 -19.28
C TYR G 254 43.34 13.53 -19.83
N LEU G 255 43.07 13.04 -21.03
CA LEU G 255 41.76 13.21 -21.68
C LEU G 255 40.90 12.00 -21.31
N SER G 256 39.84 12.23 -20.54
CA SER G 256 38.98 11.15 -20.09
C SER G 256 37.60 11.71 -19.78
N THR G 257 36.65 10.81 -19.55
CA THR G 257 35.28 11.16 -19.21
C THR G 257 35.05 11.32 -17.73
N ASN G 258 36.09 11.14 -16.91
CA ASN G 258 35.96 11.22 -15.46
C ASN G 258 35.95 12.68 -15.00
N ALA G 259 35.46 12.88 -13.78
CA ALA G 259 35.45 14.20 -13.18
C ALA G 259 36.87 14.73 -13.04
N LYS G 260 36.98 16.06 -12.93
CA LYS G 260 38.30 16.69 -12.93
C LYS G 260 39.14 16.25 -11.74
N GLY G 261 38.51 16.01 -10.60
CA GLY G 261 39.24 15.65 -9.40
C GLY G 261 39.54 14.19 -9.21
N CYS G 262 39.00 13.32 -10.07
CA CYS G 262 39.24 11.89 -9.95
C CYS G 262 40.74 11.59 -10.03
N ASN G 263 41.23 10.76 -9.13
CA ASN G 263 42.64 10.48 -9.03
C ASN G 263 42.86 9.07 -8.51
N ALA G 264 44.12 8.72 -8.31
CA ALA G 264 44.51 7.42 -7.77
C ALA G 264 45.42 7.58 -6.57
N THR G 265 45.31 8.70 -5.86
CA THR G 265 46.22 8.97 -4.75
C THR G 265 46.02 7.95 -3.62
N ALA G 266 44.77 7.69 -3.24
CA ALA G 266 44.51 6.80 -2.12
C ALA G 266 44.95 5.37 -2.44
N ILE G 267 44.57 4.86 -3.60
CA ILE G 267 44.90 3.47 -3.93
C ILE G 267 46.39 3.32 -4.20
N TRP G 268 47.04 4.36 -4.74
CA TRP G 268 48.49 4.26 -4.94
C TRP G 268 49.24 4.32 -3.61
N ARG G 269 48.78 5.14 -2.67
CA ARG G 269 49.40 5.16 -1.35
C ARG G 269 49.20 3.82 -0.65
N ALA G 270 48.02 3.23 -0.77
CA ALA G 270 47.79 1.90 -0.21
C ALA G 270 48.68 0.85 -0.88
N HIS G 271 48.84 0.95 -2.20
CA HIS G 271 49.70 0.02 -2.93
C HIS G 271 51.15 0.14 -2.48
N ARG G 272 51.62 1.37 -2.27
CA ARG G 272 52.97 1.57 -1.75
C ARG G 272 53.08 1.09 -0.30
N ARG G 273 51.95 1.07 0.42
CA ARG G 273 51.95 0.59 1.80
C ARG G 273 51.83 -0.92 1.90
N GLY G 274 51.49 -1.62 0.82
CA GLY G 274 51.42 -3.06 0.85
C GLY G 274 50.30 -3.68 0.05
N ALA G 275 49.35 -2.86 -0.39
CA ALA G 275 48.23 -3.37 -1.19
C ALA G 275 48.70 -3.75 -2.58
N PHE G 276 48.06 -4.76 -3.15
CA PHE G 276 48.43 -5.28 -4.46
C PHE G 276 47.47 -4.73 -5.51
N PHE G 277 48.03 -4.22 -6.61
CA PHE G 277 47.23 -3.73 -7.73
C PHE G 277 46.80 -4.92 -8.59
N GLY G 278 45.50 -5.16 -8.66
CA GLY G 278 44.97 -6.23 -9.49
C GLY G 278 44.63 -5.76 -10.89
N ASN G 279 45.45 -6.17 -11.87
CA ASN G 279 45.28 -5.84 -13.27
C ASN G 279 45.18 -4.34 -13.49
N PRO G 280 46.23 -3.57 -13.20
CA PRO G 280 46.14 -2.10 -13.36
C PRO G 280 45.96 -1.65 -14.80
N CYS G 281 46.24 -2.51 -15.78
CA CYS G 281 46.14 -2.15 -17.18
C CYS G 281 44.74 -2.31 -17.75
N PHE G 282 43.78 -2.77 -16.96
CA PHE G 282 42.42 -3.01 -17.44
C PHE G 282 41.68 -1.68 -17.45
N THR G 283 41.57 -1.06 -18.62
CA THR G 283 40.89 0.21 -18.79
C THR G 283 39.82 0.09 -19.86
N GLN G 284 38.63 0.58 -19.54
CA GLN G 284 37.51 0.69 -20.46
C GLN G 284 37.42 2.11 -20.99
N ILE G 285 37.02 2.21 -22.26
CA ILE G 285 36.86 3.50 -22.92
C ILE G 285 35.40 3.66 -23.33
N HIS G 286 35.03 4.89 -23.65
CA HIS G 286 33.72 5.18 -24.21
C HIS G 286 33.87 5.56 -25.68
N PRO G 287 33.10 4.95 -26.58
CA PRO G 287 33.27 5.27 -28.00
C PRO G 287 32.79 6.67 -28.37
N THR G 288 31.65 7.10 -27.84
CA THR G 288 31.06 8.38 -28.19
C THR G 288 31.31 9.38 -27.07
N CYS G 289 32.23 10.30 -27.31
CA CYS G 289 32.52 11.40 -26.39
C CYS G 289 32.72 12.67 -27.19
N ILE G 290 32.18 13.77 -26.70
CA ILE G 290 32.35 15.06 -27.35
C ILE G 290 33.82 15.44 -27.30
N PRO G 291 34.47 15.70 -28.44
CA PRO G 291 35.91 15.97 -28.43
C PRO G 291 36.26 17.31 -27.79
N VAL G 292 37.54 17.62 -27.74
CA VAL G 292 38.02 18.83 -27.07
C VAL G 292 38.21 19.93 -28.11
N SER G 293 38.03 21.17 -27.66
CA SER G 293 38.19 22.33 -28.51
C SER G 293 39.59 22.92 -28.46
N GLY G 294 40.50 22.30 -27.72
CA GLY G 294 41.86 22.80 -27.63
C GLY G 294 42.63 22.06 -26.57
N GLU G 295 43.91 22.42 -26.46
CA GLU G 295 44.79 21.80 -25.48
C GLU G 295 44.40 22.14 -24.04
N TYR G 296 43.59 23.18 -23.85
CA TYR G 296 43.16 23.55 -22.50
C TYR G 296 42.22 22.51 -21.92
N GLN G 297 41.32 21.97 -22.74
CA GLN G 297 40.31 21.04 -22.24
C GLN G 297 40.95 19.71 -21.85
N SER G 298 40.48 19.15 -20.73
CA SER G 298 40.93 17.86 -20.25
C SER G 298 39.78 16.87 -20.04
N LYS G 299 38.54 17.28 -20.19
CA LYS G 299 37.38 16.44 -19.95
C LYS G 299 36.58 16.29 -21.23
N LEU G 300 36.28 15.03 -21.59
CA LEU G 300 35.42 14.72 -22.71
C LEU G 300 34.05 14.30 -22.17
N THR G 301 33.03 15.08 -22.48
CA THR G 301 31.69 14.77 -22.00
C THR G 301 31.19 13.47 -22.62
N LEU G 302 30.65 12.59 -21.78
CA LEU G 302 30.23 11.27 -22.23
C LEU G 302 28.84 11.37 -22.87
N MET G 303 28.76 11.02 -24.14
CA MET G 303 27.49 10.86 -24.82
C MET G 303 27.12 9.38 -24.86
N SER G 304 25.82 9.12 -24.92
CA SER G 304 25.33 7.74 -24.97
C SER G 304 25.88 7.03 -26.21
N GLU G 305 26.27 5.77 -26.02
CA GLU G 305 26.85 4.97 -27.10
C GLU G 305 25.80 4.32 -27.98
N SER G 306 24.52 4.59 -27.74
CA SER G 306 23.48 4.23 -28.69
C SER G 306 23.45 5.17 -29.89
N LEU G 307 24.18 6.29 -29.82
CA LEU G 307 24.26 7.21 -30.94
C LEU G 307 24.88 6.57 -32.17
N ARG G 308 25.67 5.51 -32.00
CA ARG G 308 26.24 4.78 -33.12
C ARG G 308 25.26 3.79 -33.74
N ASN G 309 24.10 3.57 -33.11
CA ASN G 309 23.08 2.72 -33.70
C ASN G 309 22.28 3.43 -34.77
N ASP G 310 22.46 4.75 -34.94
CA ASP G 310 21.69 5.52 -35.92
C ASP G 310 22.56 6.54 -36.65
N GLY G 311 23.87 6.37 -36.64
CA GLY G 311 24.76 7.31 -37.31
C GLY G 311 25.84 6.59 -38.07
N ARG G 312 26.48 7.33 -38.98
CA ARG G 312 27.55 6.80 -39.82
C ARG G 312 28.84 7.54 -39.51
N ILE G 313 29.91 6.78 -39.31
CA ILE G 313 31.21 7.34 -38.91
C ILE G 313 32.06 7.55 -40.16
N TRP G 314 32.56 8.78 -40.34
CA TRP G 314 33.37 9.07 -41.51
C TRP G 314 34.29 10.26 -41.24
N VAL G 315 35.23 10.44 -42.15
CA VAL G 315 36.07 11.64 -42.23
C VAL G 315 36.23 12.01 -43.69
N PRO G 316 36.50 13.29 -43.99
CA PRO G 316 36.74 13.67 -45.39
C PRO G 316 37.94 12.90 -45.95
N LYS G 317 37.81 12.52 -47.23
CA LYS G 317 38.89 11.76 -47.87
C LYS G 317 40.15 12.61 -48.01
N LYS G 318 40.00 13.87 -48.39
CA LYS G 318 41.13 14.78 -48.42
C LYS G 318 41.59 15.09 -47.00
N LYS G 319 42.91 15.13 -46.80
CA LYS G 319 43.44 15.42 -45.48
C LYS G 319 43.06 16.81 -45.01
N GLY G 320 43.16 17.81 -45.90
CA GLY G 320 42.73 19.14 -45.56
C GLY G 320 41.51 19.57 -46.34
N ASP G 321 40.36 19.64 -45.68
CA ASP G 321 39.10 19.98 -46.30
C ASP G 321 38.50 21.18 -45.60
N THR G 322 38.40 22.29 -46.31
CA THR G 322 37.79 23.51 -45.78
C THR G 322 36.29 23.58 -46.02
N ARG G 323 35.74 22.64 -46.77
CA ARG G 323 34.31 22.65 -47.04
C ARG G 323 33.51 22.27 -45.79
N ARG G 324 32.26 22.70 -45.76
CA ARG G 324 31.38 22.30 -44.67
C ARG G 324 31.09 20.81 -44.79
N PRO G 325 30.97 20.10 -43.65
CA PRO G 325 30.75 18.65 -43.72
C PRO G 325 29.49 18.25 -44.47
N GLN G 326 28.42 19.05 -44.37
CA GLN G 326 27.21 18.75 -45.13
C GLN G 326 27.38 19.04 -46.61
N ASP G 327 28.32 19.93 -46.97
CA ASP G 327 28.59 20.23 -48.37
C ASP G 327 29.49 19.19 -49.03
N ILE G 328 30.14 18.34 -48.24
CA ILE G 328 31.02 17.32 -48.81
C ILE G 328 30.18 16.23 -49.47
N PRO G 329 30.41 15.91 -50.75
CA PRO G 329 29.58 14.90 -51.41
C PRO G 329 29.87 13.51 -50.89
N GLU G 330 28.92 12.60 -51.17
CA GLU G 330 29.00 11.24 -50.64
C GLU G 330 30.22 10.50 -51.16
N SER G 331 30.58 10.73 -52.43
CA SER G 331 31.73 10.04 -53.00
C SER G 331 33.04 10.49 -52.36
N GLU G 332 33.09 11.72 -51.85
CA GLU G 332 34.29 12.26 -51.23
C GLU G 332 34.33 12.03 -49.72
N ARG G 333 33.40 11.26 -49.18
CA ARG G 333 33.36 10.95 -47.76
C ARG G 333 33.99 9.58 -47.54
N ASP G 334 35.01 9.52 -46.71
CA ASP G 334 35.66 8.24 -46.37
C ASP G 334 34.84 7.57 -45.28
N TYR G 335 33.88 6.76 -45.70
CA TYR G 335 32.97 6.07 -44.78
C TYR G 335 33.67 4.82 -44.25
N TYR G 336 34.71 5.05 -43.46
CA TYR G 336 35.37 3.94 -42.80
C TYR G 336 34.46 3.38 -41.71
N LEU G 337 34.79 2.18 -41.25
CA LEU G 337 33.93 1.28 -40.49
C LEU G 337 32.81 0.72 -41.36
N GLU G 338 32.73 1.15 -42.61
CA GLU G 338 31.83 0.60 -43.62
C GLU G 338 32.60 0.10 -44.83
N GLU G 339 33.52 0.91 -45.36
CA GLU G 339 34.45 0.42 -46.38
C GLU G 339 35.34 -0.68 -45.79
N ARG G 340 35.94 -0.40 -44.64
CA ARG G 340 36.61 -1.44 -43.86
C ARG G 340 35.65 -2.01 -42.83
N TYR G 341 35.96 -3.22 -42.36
CA TYR G 341 35.11 -3.97 -41.45
C TYR G 341 33.71 -4.15 -42.02
N PRO G 342 33.55 -4.84 -43.15
CA PRO G 342 32.19 -5.11 -43.66
C PRO G 342 31.36 -5.92 -42.70
N SER G 343 31.98 -6.84 -41.95
CA SER G 343 31.28 -7.56 -40.91
C SER G 343 30.98 -6.63 -39.74
N PHE G 344 30.02 -7.04 -38.91
CA PHE G 344 29.53 -6.20 -37.80
C PHE G 344 29.03 -4.86 -38.33
N GLY G 345 28.33 -4.89 -39.46
CA GLY G 345 27.89 -3.69 -40.14
C GLY G 345 27.04 -2.76 -39.31
N ASN G 346 27.49 -1.52 -39.15
CA ASN G 346 26.81 -0.45 -38.41
C ASN G 346 26.66 -0.77 -36.93
N LEU G 347 27.23 -1.88 -36.45
CA LEU G 347 27.26 -2.21 -35.03
C LEU G 347 28.62 -2.75 -34.64
N VAL G 348 29.67 -2.11 -35.16
CA VAL G 348 31.04 -2.51 -34.84
C VAL G 348 31.28 -2.35 -33.35
N PRO G 349 31.99 -3.26 -32.69
CA PRO G 349 32.24 -3.11 -31.25
C PRO G 349 33.00 -1.83 -30.95
N ARG G 350 32.77 -1.31 -29.74
CA ARG G 350 33.34 -0.01 -29.38
C ARG G 350 34.86 -0.01 -29.49
N ASP G 351 35.50 -1.15 -29.20
CA ASP G 351 36.96 -1.20 -29.21
C ASP G 351 37.50 -1.09 -30.64
N ILE G 352 36.95 -1.87 -31.56
CA ILE G 352 37.41 -1.84 -32.94
C ILE G 352 37.13 -0.48 -33.57
N ALA G 353 35.89 0.01 -33.40
CA ALA G 353 35.51 1.30 -33.98
C ALA G 353 36.35 2.43 -33.41
N SER G 354 36.61 2.41 -32.10
CA SER G 354 37.38 3.48 -31.49
C SER G 354 38.86 3.39 -31.84
N ARG G 355 39.40 2.19 -31.98
CA ARG G 355 40.77 2.06 -32.48
C ARG G 355 40.89 2.59 -33.89
N ALA G 356 39.91 2.30 -34.74
CA ALA G 356 39.91 2.87 -36.09
C ALA G 356 39.82 4.38 -36.05
N ALA G 357 38.99 4.93 -35.15
CA ALA G 357 38.86 6.38 -35.02
C ALA G 357 40.17 7.01 -34.58
N LYS G 358 40.84 6.41 -33.59
CA LYS G 358 42.10 6.96 -33.12
C LYS G 358 43.18 6.87 -34.20
N GLN G 359 43.22 5.76 -34.95
CA GLN G 359 44.18 5.66 -36.05
C GLN G 359 43.91 6.72 -37.11
N VAL G 360 42.64 6.95 -37.43
CA VAL G 360 42.28 7.96 -38.42
C VAL G 360 42.71 9.35 -37.94
N CYS G 361 42.45 9.66 -36.67
CA CYS G 361 42.81 10.97 -36.15
C CYS G 361 44.32 11.14 -36.01
N ASP G 362 45.05 10.05 -35.75
CA ASP G 362 46.50 10.14 -35.64
C ASP G 362 47.17 10.25 -37.01
N GLU G 363 46.56 9.68 -38.05
CA GLU G 363 47.08 9.89 -39.40
C GLU G 363 46.99 11.35 -39.83
N GLY G 364 46.12 12.13 -39.18
CA GLY G 364 45.95 13.53 -39.53
C GLY G 364 44.75 13.76 -40.41
N ARG G 365 43.70 14.35 -39.86
CA ARG G 365 42.48 14.60 -40.63
C ARG G 365 42.03 16.05 -40.50
N GLY G 366 42.30 16.67 -39.37
CA GLY G 366 41.93 18.07 -39.16
C GLY G 366 40.45 18.33 -39.11
N VAL G 367 39.63 17.30 -38.89
CA VAL G 367 38.18 17.48 -38.86
C VAL G 367 37.77 18.26 -37.62
N GLY G 368 38.35 17.93 -36.46
CA GLY G 368 38.04 18.64 -35.24
C GLY G 368 38.84 19.92 -35.12
N PRO G 369 38.64 20.62 -34.00
CA PRO G 369 39.44 21.84 -33.75
C PRO G 369 40.93 21.58 -33.73
N GLY G 370 41.34 20.44 -33.18
CA GLY G 370 42.73 20.02 -33.21
C GLY G 370 43.00 18.79 -34.05
N GLY G 371 42.04 18.35 -34.86
CA GLY G 371 42.19 17.14 -35.65
C GLY G 371 41.75 15.87 -34.96
N LEU G 372 41.31 15.94 -33.71
CA LEU G 372 40.91 14.77 -32.94
C LEU G 372 39.38 14.70 -32.93
N GLY G 373 38.84 13.90 -33.86
CA GLY G 373 37.41 13.72 -33.96
C GLY G 373 37.00 13.03 -35.25
N VAL G 374 35.79 12.50 -35.28
CA VAL G 374 35.25 11.85 -36.47
C VAL G 374 33.77 12.21 -36.57
N TYR G 375 33.28 12.30 -37.81
CA TYR G 375 31.90 12.69 -38.06
C TYR G 375 30.99 11.48 -37.86
N LEU G 376 30.22 11.50 -36.77
CA LEU G 376 29.06 10.65 -36.62
C LEU G 376 27.91 11.45 -37.23
N ASP G 377 27.61 11.13 -38.48
CA ASP G 377 26.58 11.83 -39.23
C ASP G 377 25.22 11.17 -39.00
N PHE G 378 24.19 12.02 -38.83
CA PHE G 378 22.82 11.58 -38.67
C PHE G 378 21.94 12.03 -39.82
N ALA G 379 22.53 12.47 -40.93
CA ALA G 379 21.74 13.03 -42.04
C ALA G 379 20.92 11.96 -42.74
N ASP G 380 21.55 10.82 -43.05
CA ASP G 380 20.84 9.75 -43.74
C ASP G 380 19.80 9.12 -42.83
N ALA G 381 20.08 9.05 -41.53
CA ALA G 381 19.08 8.56 -40.59
C ALA G 381 17.89 9.51 -40.50
N ILE G 382 18.15 10.81 -40.54
CA ILE G 382 17.06 11.78 -40.49
C ILE G 382 16.24 11.72 -41.78
N LYS G 383 16.89 11.50 -42.92
CA LYS G 383 16.16 11.32 -44.17
C LYS G 383 15.34 10.04 -44.15
N ARG G 384 15.88 8.97 -43.57
CA ARG G 384 15.19 7.68 -43.56
C ARG G 384 14.10 7.63 -42.50
N LEU G 385 14.50 7.75 -41.23
CA LEU G 385 13.53 7.76 -40.14
C LEU G 385 12.92 9.15 -39.98
N GLY G 386 11.75 9.20 -39.36
CA GLY G 386 11.13 10.47 -39.08
C GLY G 386 11.97 11.31 -38.14
N ARG G 387 12.15 12.59 -38.48
CA ARG G 387 12.91 13.47 -37.59
C ARG G 387 12.24 13.58 -36.23
N GLN G 388 10.91 13.43 -36.17
CA GLN G 388 10.22 13.42 -34.90
C GLN G 388 10.65 12.24 -34.03
N LYS G 389 10.77 11.06 -34.63
CA LYS G 389 11.16 9.88 -33.85
C LYS G 389 12.65 9.92 -33.49
N ILE G 390 13.48 10.44 -34.39
CA ILE G 390 14.89 10.62 -34.06
C ILE G 390 15.03 11.62 -32.91
N ALA G 391 14.19 12.65 -32.90
CA ALA G 391 14.14 13.55 -31.74
C ALA G 391 13.71 12.81 -30.49
N GLU G 392 12.65 12.01 -30.58
CA GLU G 392 12.17 11.27 -29.42
C GLU G 392 13.22 10.29 -28.90
N ARG G 393 14.18 9.90 -29.72
CA ARG G 393 15.22 8.99 -29.29
C ARG G 393 16.49 9.69 -28.80
N TYR G 394 16.86 10.84 -29.38
CA TYR G 394 18.14 11.47 -29.07
C TYR G 394 18.03 12.96 -28.81
N GLY G 395 16.89 13.43 -28.30
CA GLY G 395 16.70 14.86 -28.13
C GLY G 395 17.61 15.45 -27.07
N ASN G 396 17.70 14.80 -25.92
CA ASN G 396 18.57 15.32 -24.86
C ASN G 396 20.03 15.30 -25.31
N LEU G 397 20.43 14.25 -26.00
CA LEU G 397 21.80 14.16 -26.49
C LEU G 397 22.11 15.25 -27.51
N PHE G 398 21.18 15.50 -28.44
CA PHE G 398 21.41 16.53 -29.44
C PHE G 398 21.42 17.92 -28.81
N ASP G 399 20.54 18.16 -27.84
CA ASP G 399 20.54 19.44 -27.15
C ASP G 399 21.84 19.67 -26.39
N MET G 400 22.32 18.64 -25.68
CA MET G 400 23.58 18.77 -24.96
C MET G 400 24.75 18.97 -25.92
N TYR G 401 24.77 18.26 -27.04
CA TYR G 401 25.83 18.44 -28.02
C TYR G 401 25.80 19.83 -28.63
N LYS G 402 24.61 20.36 -28.91
CA LYS G 402 24.51 21.72 -29.44
C LYS G 402 24.91 22.76 -28.41
N GLN G 403 24.64 22.50 -27.13
CA GLN G 403 25.09 23.41 -26.09
C GLN G 403 26.62 23.40 -25.96
N ILE G 404 27.22 22.21 -25.96
CA ILE G 404 28.66 22.10 -25.75
C ILE G 404 29.42 22.62 -26.96
N THR G 405 29.00 22.24 -28.16
CA THR G 405 29.77 22.52 -29.37
C THR G 405 29.23 23.72 -30.16
N GLY G 406 27.97 24.09 -29.99
CA GLY G 406 27.39 25.15 -30.78
C GLY G 406 26.93 24.75 -32.15
N GLU G 407 26.92 23.45 -32.46
CA GLU G 407 26.53 22.94 -33.76
C GLU G 407 25.34 22.01 -33.60
N ASP G 408 24.29 22.25 -34.39
CA ASP G 408 23.11 21.42 -34.34
C ASP G 408 23.35 20.13 -35.11
N PRO G 409 23.22 18.96 -34.48
CA PRO G 409 23.43 17.69 -35.21
C PRO G 409 22.30 17.31 -36.14
N TYR G 410 21.21 18.09 -36.20
CA TYR G 410 20.15 17.83 -37.15
C TYR G 410 20.51 18.28 -38.56
N GLU G 411 21.51 19.14 -38.71
CA GLU G 411 21.96 19.62 -40.02
C GLU G 411 23.40 19.22 -40.31
N THR G 412 24.31 19.46 -39.36
CA THR G 412 25.70 19.08 -39.54
C THR G 412 25.98 17.75 -38.87
N PRO G 413 26.94 16.98 -39.37
CA PRO G 413 27.37 15.77 -38.65
C PRO G 413 27.96 16.13 -37.29
N MET G 414 27.70 15.27 -36.31
CA MET G 414 28.26 15.47 -34.99
C MET G 414 29.68 14.93 -34.96
N ARG G 415 30.49 15.42 -34.02
CA ARG G 415 31.86 14.96 -33.89
C ARG G 415 32.01 14.18 -32.59
N ILE G 416 32.67 13.01 -32.69
CA ILE G 416 32.95 12.19 -31.52
C ILE G 416 34.42 11.79 -31.53
N TYR G 417 34.92 11.39 -30.36
CA TYR G 417 36.28 10.93 -30.22
C TYR G 417 36.36 10.03 -28.99
N PRO G 418 37.09 8.92 -29.07
CA PRO G 418 37.17 8.01 -27.92
C PRO G 418 37.87 8.67 -26.73
N ALA G 419 37.47 8.25 -25.54
CA ALA G 419 38.11 8.70 -24.31
C ALA G 419 38.01 7.59 -23.27
N VAL G 420 39.02 7.51 -22.41
CA VAL G 420 39.03 6.49 -21.38
C VAL G 420 37.92 6.78 -20.36
N HIS G 421 37.09 5.78 -20.09
CA HIS G 421 35.87 5.95 -19.33
C HIS G 421 35.91 5.30 -17.96
N TYR G 422 36.47 4.09 -17.86
CA TYR G 422 36.39 3.29 -16.65
C TYR G 422 37.72 2.58 -16.45
N THR G 423 37.97 2.14 -15.23
CA THR G 423 39.14 1.30 -14.92
C THR G 423 38.65 0.06 -14.18
N MET G 424 38.63 -1.08 -14.88
CA MET G 424 38.29 -2.33 -14.23
C MET G 424 39.38 -2.79 -13.28
N GLY G 425 40.58 -2.21 -13.38
CA GLY G 425 41.66 -2.51 -12.47
C GLY G 425 41.50 -1.80 -11.15
N GLY G 426 42.52 -1.93 -10.32
CA GLY G 426 42.53 -1.37 -8.99
C GLY G 426 43.18 -2.33 -8.03
N LEU G 427 43.05 -2.03 -6.75
CA LEU G 427 43.66 -2.86 -5.71
C LEU G 427 42.99 -4.23 -5.68
N TRP G 428 43.80 -5.29 -5.66
CA TRP G 428 43.27 -6.64 -5.56
C TRP G 428 42.57 -6.84 -4.23
N VAL G 429 41.36 -7.39 -4.28
CA VAL G 429 40.60 -7.72 -3.08
C VAL G 429 40.17 -9.18 -3.16
N ASP G 430 40.02 -9.79 -1.98
CA ASP G 430 39.56 -11.17 -1.89
C ASP G 430 38.04 -11.21 -1.86
N TYR G 431 37.47 -12.37 -1.55
CA TYR G 431 36.01 -12.49 -1.51
C TYR G 431 35.42 -11.60 -0.43
N ASN G 432 36.20 -11.29 0.61
CA ASN G 432 35.76 -10.41 1.69
C ASN G 432 35.99 -8.94 1.39
N LEU G 433 36.26 -8.58 0.13
CA LEU G 433 36.51 -7.21 -0.29
C LEU G 433 37.71 -6.59 0.42
N GLN G 434 38.59 -7.42 0.97
CA GLN G 434 39.76 -6.96 1.71
C GLN G 434 40.99 -7.07 0.83
N SER G 435 41.86 -6.07 0.91
CA SER G 435 43.05 -6.03 0.09
C SER G 435 44.12 -6.94 0.69
N THR G 436 45.34 -6.85 0.17
CA THR G 436 46.44 -7.62 0.73
C THR G 436 46.74 -7.18 2.15
N ILE G 437 46.59 -5.89 2.43
CA ILE G 437 46.77 -5.35 3.78
C ILE G 437 45.56 -5.73 4.62
N PRO G 438 45.74 -6.40 5.75
CA PRO G 438 44.60 -6.65 6.65
C PRO G 438 43.99 -5.35 7.16
N GLY G 439 42.67 -5.33 7.24
CA GLY G 439 41.95 -4.16 7.69
C GLY G 439 41.72 -3.09 6.64
N LEU G 440 42.29 -3.25 5.45
CA LEU G 440 42.08 -2.32 4.35
C LEU G 440 41.12 -2.98 3.36
N PHE G 441 39.92 -2.41 3.24
CA PHE G 441 38.90 -2.91 2.34
C PHE G 441 38.74 -1.92 1.19
N VAL G 442 38.68 -2.44 -0.03
CA VAL G 442 38.55 -1.62 -1.23
C VAL G 442 37.24 -2.00 -1.91
N ILE G 443 36.39 -1.00 -2.16
CA ILE G 443 35.08 -1.22 -2.74
C ILE G 443 34.87 -0.23 -3.89
N GLY G 444 33.96 -0.57 -4.77
CA GLY G 444 33.64 0.28 -5.90
C GLY G 444 34.57 0.12 -7.07
N GLU G 445 34.91 1.22 -7.74
CA GLU G 445 35.85 1.19 -8.85
C GLU G 445 37.30 1.11 -8.40
N ALA G 446 37.58 1.36 -7.13
CA ALA G 446 38.95 1.38 -6.63
C ALA G 446 39.56 -0.01 -6.51
N ASN G 447 38.76 -1.06 -6.52
CA ASN G 447 39.26 -2.43 -6.51
C ASN G 447 39.01 -3.09 -7.87
N PHE G 448 39.61 -4.26 -8.05
CA PHE G 448 39.43 -5.00 -9.29
C PHE G 448 38.08 -5.73 -9.32
N SER G 449 37.88 -6.66 -8.40
CA SER G 449 36.57 -7.22 -8.05
C SER G 449 35.92 -7.86 -9.27
N ASP G 450 34.70 -7.46 -9.64
CA ASP G 450 33.77 -8.33 -10.36
C ASP G 450 33.74 -8.11 -11.87
N HIS G 451 34.47 -7.14 -12.41
CA HIS G 451 34.29 -6.76 -13.80
C HIS G 451 35.25 -7.46 -14.75
N GLY G 452 36.27 -8.14 -14.24
CA GLY G 452 37.19 -8.82 -15.12
C GLY G 452 37.90 -7.85 -16.05
N ALA G 453 37.94 -8.18 -17.34
CA ALA G 453 38.63 -7.38 -18.33
C ALA G 453 37.71 -6.40 -19.06
N ASN G 454 36.43 -6.37 -18.72
CA ASN G 454 35.50 -5.45 -19.35
C ASN G 454 34.27 -5.30 -18.48
N ARG G 455 33.92 -4.06 -18.16
CA ARG G 455 32.76 -3.77 -17.32
C ARG G 455 31.51 -3.69 -18.19
N LEU G 456 30.50 -4.48 -17.85
CA LEU G 456 29.23 -4.39 -18.54
C LEU G 456 28.50 -3.10 -18.16
N GLY G 457 27.57 -2.70 -19.01
CA GLY G 457 26.78 -1.52 -18.71
C GLY G 457 25.94 -1.72 -17.45
N ALA G 458 25.79 -0.65 -16.69
CA ALA G 458 25.00 -0.62 -15.46
C ALA G 458 25.56 -1.57 -14.40
N SER G 459 26.84 -1.95 -14.50
CA SER G 459 27.46 -2.82 -13.52
C SER G 459 28.33 -2.10 -12.51
N ALA G 460 28.89 -0.94 -12.87
CA ALA G 460 29.68 -0.17 -11.91
C ALA G 460 28.79 0.38 -10.80
N LEU G 461 27.62 0.91 -11.16
CA LEU G 461 26.65 1.33 -10.16
C LEU G 461 26.20 0.15 -9.33
N MET G 462 25.92 -0.98 -10.00
CA MET G 462 25.51 -2.19 -9.30
C MET G 462 26.61 -2.66 -8.35
N GLN G 463 27.86 -2.68 -8.81
CA GLN G 463 28.95 -3.14 -7.96
C GLN G 463 29.16 -2.22 -6.77
N GLY G 464 29.11 -0.90 -7.00
CA GLY G 464 29.31 0.04 -5.91
C GLY G 464 28.22 -0.10 -4.85
N LEU G 465 26.96 -0.14 -5.29
CA LEU G 465 25.87 -0.25 -4.33
C LEU G 465 25.88 -1.60 -3.63
N ALA G 466 26.25 -2.67 -4.35
CA ALA G 466 26.36 -3.98 -3.72
C ALA G 466 27.42 -4.00 -2.64
N ASP G 467 28.61 -3.50 -2.97
CA ASP G 467 29.70 -3.46 -1.99
C ASP G 467 29.30 -2.63 -0.78
N GLY G 468 28.71 -1.45 -1.01
CA GLY G 468 28.35 -0.59 0.11
C GLY G 468 27.26 -1.17 0.99
N TYR G 469 26.22 -1.74 0.38
CA TYR G 469 25.01 -2.09 1.11
C TYR G 469 25.02 -3.52 1.63
N PHE G 470 25.39 -4.49 0.80
CA PHE G 470 25.09 -5.88 1.08
C PHE G 470 26.30 -6.80 1.17
N ILE G 471 27.53 -6.29 1.02
CA ILE G 471 28.70 -7.16 1.10
C ILE G 471 29.64 -6.66 2.19
N LEU G 472 30.12 -5.42 2.05
CA LEU G 472 31.05 -4.88 3.04
C LEU G 472 30.51 -4.89 4.46
N PRO G 473 29.24 -4.59 4.74
CA PRO G 473 28.76 -4.68 6.13
C PRO G 473 28.95 -6.05 6.75
N TYR G 474 28.98 -7.11 5.95
CA TYR G 474 29.20 -8.45 6.48
C TYR G 474 30.69 -8.74 6.64
N THR G 475 31.48 -8.42 5.63
CA THR G 475 32.90 -8.79 5.64
C THR G 475 33.70 -7.94 6.61
N ILE G 476 33.37 -6.65 6.72
CA ILE G 476 34.05 -5.81 7.69
C ILE G 476 33.69 -6.23 9.12
N ALA G 477 32.45 -6.67 9.34
CA ALA G 477 32.09 -7.22 10.64
C ALA G 477 32.85 -8.50 10.92
N ASN G 478 33.01 -9.34 9.90
CA ASN G 478 33.79 -10.57 10.05
C ASN G 478 35.23 -10.26 10.44
N PHE G 479 35.83 -9.26 9.81
CA PHE G 479 37.18 -8.86 10.19
C PHE G 479 37.23 -8.28 11.60
N LEU G 480 36.29 -7.40 11.94
CA LEU G 480 36.35 -6.69 13.20
C LEU G 480 36.07 -7.59 14.40
N ALA G 481 35.23 -8.62 14.22
CA ALA G 481 34.94 -9.53 15.31
C ALA G 481 36.16 -10.34 15.75
N GLN G 482 37.17 -10.47 14.88
CA GLN G 482 38.38 -11.23 15.19
C GLN G 482 39.51 -10.35 15.70
N VAL G 483 39.28 -9.06 15.90
CA VAL G 483 40.29 -8.14 16.42
C VAL G 483 39.70 -7.39 17.60
N LYS G 484 40.59 -6.81 18.40
CA LYS G 484 40.16 -6.05 19.58
C LYS G 484 39.90 -4.59 19.19
N PRO G 485 38.78 -4.02 19.60
CA PRO G 485 38.52 -2.60 19.28
C PRO G 485 39.52 -1.69 19.95
N GLY G 486 39.82 -0.58 19.27
CA GLY G 486 40.76 0.39 19.81
C GLY G 486 42.18 -0.15 19.84
N GLY G 487 42.98 0.45 20.71
CA GLY G 487 44.35 0.04 20.92
C GLY G 487 45.38 0.81 20.11
N VAL G 488 44.96 1.56 19.10
CA VAL G 488 45.87 2.34 18.27
C VAL G 488 45.39 3.79 18.27
N SER G 489 46.27 4.70 18.67
CA SER G 489 45.99 6.13 18.65
C SER G 489 46.89 6.81 17.62
N ILE G 490 46.58 8.07 17.34
CA ILE G 490 47.30 8.82 16.32
C ILE G 490 48.66 9.31 16.77
N ASP G 491 49.06 9.01 18.02
CA ASP G 491 50.37 9.37 18.51
C ASP G 491 51.41 8.29 18.29
N ARG G 492 51.04 7.21 17.59
CA ARG G 492 51.99 6.14 17.30
C ARG G 492 53.08 6.64 16.37
N PRO G 493 54.27 6.01 16.41
CA PRO G 493 55.34 6.42 15.49
C PRO G 493 54.97 6.30 14.01
N GLU G 494 54.12 5.33 13.65
CA GLU G 494 53.75 5.16 12.26
C GLU G 494 52.99 6.37 11.73
N PHE G 495 52.09 6.92 12.54
CA PHE G 495 51.37 8.13 12.14
C PHE G 495 52.34 9.30 11.94
N ALA G 496 53.32 9.43 12.83
CA ALA G 496 54.30 10.49 12.70
C ALA G 496 55.13 10.33 11.43
N GLU G 497 55.54 9.11 11.13
CA GLU G 497 56.33 8.87 9.91
C GLU G 497 55.51 9.19 8.66
N ALA G 498 54.25 8.74 8.62
CA ALA G 498 53.42 9.02 7.46
C ALA G 498 53.17 10.52 7.31
N GLU G 499 52.90 11.21 8.43
CA GLU G 499 52.67 12.65 8.37
C GLU G 499 53.92 13.39 7.92
N ALA G 500 55.10 12.97 8.40
CA ALA G 500 56.33 13.60 7.96
C ALA G 500 56.58 13.37 6.48
N GLU G 501 56.28 12.16 5.99
CA GLU G 501 56.41 11.89 4.56
C GLU G 501 55.50 12.79 3.75
N ILE G 502 54.24 12.94 4.19
CA ILE G 502 53.29 13.77 3.47
C ILE G 502 53.74 15.23 3.48
N ASN G 503 54.17 15.73 4.64
CA ASN G 503 54.62 17.12 4.74
C ASN G 503 55.85 17.37 3.89
N GLN G 504 56.80 16.44 3.89
CA GLN G 504 57.99 16.60 3.05
C GLN G 504 57.62 16.59 1.58
N ARG G 505 56.70 15.72 1.18
CA ARG G 505 56.25 15.70 -0.22
C ARG G 505 55.59 17.01 -0.61
N ILE G 506 54.73 17.55 0.26
CA ILE G 506 54.05 18.80 -0.04
C ILE G 506 55.05 19.96 -0.13
N GLN G 507 55.98 20.03 0.82
CA GLN G 507 56.98 21.09 0.80
C GLN G 507 57.87 21.01 -0.44
N ARG G 508 58.27 19.78 -0.81
CA ARG G 508 59.07 19.60 -2.01
C ARG G 508 58.30 20.02 -3.25
N LEU G 509 57.02 19.65 -3.33
CA LEU G 509 56.19 20.04 -4.48
C LEU G 509 56.08 21.55 -4.58
N LEU G 510 55.88 22.22 -3.45
CA LEU G 510 55.76 23.68 -3.48
C LEU G 510 57.10 24.36 -3.74
N SER G 511 58.21 23.69 -3.41
CA SER G 511 59.53 24.32 -3.48
C SER G 511 60.24 24.12 -4.81
N ILE G 512 59.67 23.33 -5.73
CA ILE G 512 60.36 23.09 -7.01
C ILE G 512 60.43 24.39 -7.81
N ARG G 513 59.29 25.08 -7.96
CA ARG G 513 59.21 26.36 -8.64
C ARG G 513 59.80 26.30 -10.04
N GLY G 514 59.41 25.25 -10.77
CA GLY G 514 59.89 25.04 -12.12
C GLY G 514 59.19 25.93 -13.13
N LYS G 515 59.52 25.71 -14.39
CA LYS G 515 58.99 26.52 -15.49
C LYS G 515 57.75 25.91 -16.13
N ARG G 516 57.31 24.75 -15.66
CA ARG G 516 56.19 24.04 -16.28
C ARG G 516 55.05 23.89 -15.28
N THR G 517 53.82 23.93 -15.78
CA THR G 517 52.65 23.78 -14.93
C THR G 517 52.36 22.30 -14.69
N VAL G 518 51.51 22.05 -13.68
CA VAL G 518 51.12 20.68 -13.36
C VAL G 518 50.33 20.07 -14.51
N ASP G 519 49.41 20.85 -15.10
CA ASP G 519 48.58 20.33 -16.18
C ASP G 519 49.41 20.04 -17.42
N SER G 520 50.53 20.72 -17.61
CA SER G 520 51.42 20.40 -18.73
C SER G 520 51.98 18.98 -18.59
N PHE G 521 52.48 18.65 -17.39
CA PHE G 521 53.00 17.32 -17.15
C PHE G 521 51.90 16.27 -17.22
N HIS G 522 50.72 16.59 -16.68
CA HIS G 522 49.61 15.65 -16.74
C HIS G 522 49.18 15.41 -18.19
N ARG G 523 49.20 16.46 -19.01
CA ARG G 523 48.85 16.33 -20.42
C ARG G 523 49.86 15.49 -21.17
N GLU G 524 51.15 15.71 -20.91
CA GLU G 524 52.18 14.89 -21.55
C GLU G 524 52.03 13.43 -21.16
N LEU G 525 51.82 13.17 -19.86
CA LEU G 525 51.64 11.81 -19.37
C LEU G 525 50.42 11.16 -19.99
N GLY G 526 49.31 11.90 -20.06
CA GLY G 526 48.10 11.33 -20.61
C GLY G 526 48.19 11.07 -22.09
N LYS G 527 48.83 11.97 -22.84
CA LYS G 527 49.03 11.74 -24.27
C LYS G 527 49.90 10.51 -24.50
N LEU G 528 50.98 10.36 -23.73
CA LEU G 528 51.83 9.18 -23.88
C LEU G 528 51.08 7.91 -23.53
N MET G 529 50.28 7.95 -22.46
CA MET G 529 49.54 6.76 -22.05
C MET G 529 48.41 6.42 -23.01
N TRP G 530 47.81 7.44 -23.64
CA TRP G 530 46.75 7.20 -24.60
C TRP G 530 47.28 6.69 -25.94
N ASP G 531 48.46 7.16 -26.35
CA ASP G 531 49.06 6.66 -27.58
C ASP G 531 49.69 5.29 -27.40
N LYS G 532 50.29 5.02 -26.24
CA LYS G 532 51.08 3.82 -26.04
C LYS G 532 50.39 2.73 -25.24
N CYS G 533 49.55 3.10 -24.27
CA CYS G 533 48.85 2.15 -23.42
C CYS G 533 47.35 2.38 -23.47
N GLY G 534 46.85 2.74 -24.65
CA GLY G 534 45.44 3.04 -24.81
C GLY G 534 44.63 1.86 -25.31
N MET G 535 43.83 2.09 -26.35
CA MET G 535 43.02 1.00 -26.89
C MET G 535 43.85 0.02 -27.72
N ALA G 536 44.96 0.47 -28.28
CA ALA G 536 45.85 -0.37 -29.06
C ALA G 536 47.21 -0.38 -28.40
N ARG G 537 47.66 -1.57 -27.99
CA ARG G 537 48.91 -1.72 -27.26
C ARG G 537 49.78 -2.77 -27.94
N ASN G 538 51.09 -2.50 -28.00
CA ASN G 538 52.05 -3.43 -28.52
C ASN G 538 53.30 -3.39 -27.66
N ALA G 539 54.15 -4.42 -27.80
CA ALA G 539 55.32 -4.54 -26.94
C ALA G 539 56.29 -3.37 -27.13
N ALA G 540 56.54 -2.97 -28.37
CA ALA G 540 57.46 -1.88 -28.62
C ALA G 540 56.94 -0.56 -28.05
N GLY G 541 55.65 -0.27 -28.26
CA GLY G 541 55.08 0.94 -27.70
C GLY G 541 55.08 0.93 -26.18
N LEU G 542 54.76 -0.22 -25.58
CA LEU G 542 54.75 -0.30 -24.12
C LEU G 542 56.16 -0.15 -23.56
N ARG G 543 57.16 -0.70 -24.24
CA ARG G 543 58.55 -0.49 -23.79
C ARG G 543 58.96 0.96 -23.93
N GLU G 544 58.55 1.62 -25.02
CA GLU G 544 58.83 3.05 -25.18
C GLU G 544 58.20 3.85 -24.07
N ALA G 545 56.96 3.53 -23.72
CA ALA G 545 56.28 4.22 -22.62
C ALA G 545 56.98 3.94 -21.29
N LEU G 546 57.43 2.71 -21.08
CA LEU G 546 58.15 2.39 -19.84
C LEU G 546 59.48 3.11 -19.76
N GLN G 547 60.08 3.44 -20.90
CA GLN G 547 61.27 4.28 -20.89
C GLN G 547 60.91 5.75 -20.61
N ARG G 548 59.81 6.23 -21.19
CA ARG G 548 59.47 7.65 -21.11
C ARG G 548 58.89 8.05 -19.76
N ILE G 549 58.16 7.15 -19.09
CA ILE G 549 57.48 7.53 -17.84
C ILE G 549 58.46 8.00 -16.77
N PRO G 550 59.57 7.29 -16.49
CA PRO G 550 60.53 7.85 -15.53
C PRO G 550 61.10 9.19 -15.95
N GLU G 551 61.29 9.42 -17.25
CA GLU G 551 61.79 10.72 -17.71
C GLU G 551 60.79 11.82 -17.41
N ILE G 552 59.51 11.58 -17.68
CA ILE G 552 58.47 12.57 -17.39
C ILE G 552 58.37 12.80 -15.89
N ARG G 553 58.51 11.73 -15.10
CA ARG G 553 58.44 11.87 -13.64
C ARG G 553 59.61 12.70 -13.11
N ALA G 554 60.81 12.46 -13.62
CA ALA G 554 61.96 13.27 -13.22
C ALA G 554 61.79 14.72 -13.64
N GLU G 555 61.31 14.96 -14.87
CA GLU G 555 61.06 16.32 -15.32
C GLU G 555 60.00 17.00 -14.46
N PHE G 556 59.02 16.24 -14.00
CA PHE G 556 58.01 16.78 -13.08
C PHE G 556 58.65 17.16 -11.75
N TRP G 557 59.44 16.27 -11.16
CA TRP G 557 59.99 16.55 -9.85
C TRP G 557 61.13 17.56 -9.90
N GLU G 558 61.62 17.93 -11.08
CA GLU G 558 62.65 18.96 -11.18
C GLU G 558 62.17 20.27 -11.80
N ASN G 559 61.04 20.28 -12.51
CA ASN G 559 60.67 21.42 -13.33
C ASN G 559 59.18 21.72 -13.30
N VAL G 560 58.50 21.47 -12.19
CA VAL G 560 57.07 21.75 -12.09
C VAL G 560 56.88 23.03 -11.29
N ASN G 561 55.83 23.77 -11.63
CA ASN G 561 55.49 25.02 -10.96
C ASN G 561 54.19 24.82 -10.19
N VAL G 562 54.31 24.80 -8.86
CA VAL G 562 53.15 24.73 -7.97
C VAL G 562 53.12 26.01 -7.15
N PRO G 563 52.32 27.00 -7.56
CA PRO G 563 52.27 28.27 -6.85
C PRO G 563 51.42 28.18 -5.59
N GLY G 564 51.61 29.15 -4.72
CA GLY G 564 50.83 29.23 -3.50
C GLY G 564 51.53 28.65 -2.29
N GLU G 565 50.76 28.52 -1.22
CA GLU G 565 51.25 28.02 0.06
C GLU G 565 50.54 26.73 0.42
N ALA G 566 51.13 26.00 1.37
CA ALA G 566 50.53 24.75 1.81
C ALA G 566 49.30 24.99 2.68
N ASN G 567 49.35 25.98 3.56
CA ASN G 567 48.25 26.28 4.47
C ASN G 567 47.26 27.25 3.81
N ASP G 568 46.75 26.84 2.66
CA ASP G 568 45.83 27.66 1.88
C ASP G 568 45.06 26.75 0.94
N LEU G 569 44.01 27.32 0.35
CA LEU G 569 43.21 26.60 -0.66
C LEU G 569 43.99 26.60 -1.97
N ASN G 570 44.95 25.68 -2.04
CA ASN G 570 45.84 25.55 -3.19
C ASN G 570 45.34 24.39 -4.05
N GLN G 571 44.61 24.71 -5.12
CA GLN G 571 44.15 23.67 -6.04
C GLN G 571 45.30 23.14 -6.88
N ALA G 572 46.28 23.99 -7.18
CA ALA G 572 47.47 23.54 -7.90
C ALA G 572 48.22 22.48 -7.10
N LEU G 573 48.23 22.60 -5.76
CA LEU G 573 48.88 21.59 -4.94
C LEU G 573 48.16 20.25 -5.03
N GLU G 574 46.82 20.28 -5.02
CA GLU G 574 46.04 19.05 -5.17
C GLU G 574 46.33 18.40 -6.51
N LYS G 575 46.33 19.20 -7.59
CA LYS G 575 46.64 18.66 -8.90
C LYS G 575 48.06 18.12 -8.96
N ALA G 576 49.00 18.80 -8.32
CA ALA G 576 50.39 18.35 -8.32
C ALA G 576 50.53 17.01 -7.61
N GLY G 577 49.88 16.84 -6.46
CA GLY G 577 49.93 15.56 -5.78
C GLY G 577 49.29 14.45 -6.59
N ARG G 578 48.14 14.73 -7.20
CA ARG G 578 47.47 13.72 -8.00
C ARG G 578 48.33 13.30 -9.20
N VAL G 579 48.96 14.27 -9.88
CA VAL G 579 49.80 13.94 -11.01
C VAL G 579 51.08 13.23 -10.55
N ALA G 580 51.60 13.57 -9.37
CA ALA G 580 52.76 12.87 -8.84
C ALA G 580 52.44 11.40 -8.60
N ASP G 581 51.24 11.10 -8.11
CA ASP G 581 50.84 9.71 -7.96
C ASP G 581 50.57 9.06 -9.31
N PHE G 582 50.02 9.82 -10.26
CA PHE G 582 49.71 9.28 -11.58
C PHE G 582 50.98 8.88 -12.33
N LEU G 583 52.04 9.67 -12.18
CA LEU G 583 53.28 9.37 -12.89
C LEU G 583 53.88 8.06 -12.43
N GLU G 584 53.71 7.71 -11.16
CA GLU G 584 54.14 6.40 -10.68
C GLU G 584 53.19 5.30 -11.09
N LEU G 585 51.88 5.56 -11.06
CA LEU G 585 50.91 4.52 -11.39
C LEU G 585 50.97 4.13 -12.87
N ALA G 586 51.24 5.08 -13.75
CA ALA G 586 51.26 4.80 -15.19
C ALA G 586 52.37 3.82 -15.55
N GLU G 587 53.50 3.86 -14.85
CA GLU G 587 54.56 2.89 -15.11
C GLU G 587 54.09 1.48 -14.80
N LEU G 588 53.40 1.30 -13.68
CA LEU G 588 52.84 0.00 -13.35
C LEU G 588 51.78 -0.42 -14.35
N MET G 589 50.97 0.52 -14.82
CA MET G 589 49.97 0.22 -15.84
C MET G 589 50.63 -0.32 -17.11
N CYS G 590 51.68 0.36 -17.57
CA CYS G 590 52.38 -0.07 -18.78
C CYS G 590 53.08 -1.42 -18.56
N LEU G 591 53.65 -1.63 -17.36
CA LEU G 591 54.28 -2.92 -17.08
C LEU G 591 53.27 -4.05 -17.10
N ASP G 592 52.08 -3.83 -16.53
CA ASP G 592 51.05 -4.86 -16.54
C ASP G 592 50.56 -5.11 -17.97
N ALA G 593 50.41 -4.05 -18.77
CA ALA G 593 49.99 -4.24 -20.15
C ALA G 593 51.03 -5.02 -20.95
N LEU G 594 52.31 -4.75 -20.69
CA LEU G 594 53.37 -5.49 -21.37
C LEU G 594 53.41 -6.94 -20.92
N HIS G 595 53.17 -7.18 -19.63
CA HIS G 595 53.25 -8.54 -19.10
C HIS G 595 52.15 -9.43 -19.69
N ARG G 596 50.94 -8.90 -19.82
CA ARG G 596 49.81 -9.69 -20.30
C ARG G 596 49.93 -9.85 -21.82
N GLU G 597 50.55 -10.95 -22.25
CA GLU G 597 50.73 -11.23 -23.67
C GLU G 597 49.48 -11.90 -24.24
N GLU G 598 48.38 -11.15 -24.22
CA GLU G 598 47.10 -11.59 -24.74
C GLU G 598 46.19 -10.37 -24.82
N SER G 599 45.02 -10.57 -25.44
CA SER G 599 44.00 -9.54 -25.52
C SER G 599 42.73 -10.06 -24.85
N CYS G 600 42.19 -9.29 -23.92
CA CYS G 600 40.97 -9.67 -23.21
C CYS G 600 40.21 -8.41 -22.83
N GLY G 601 38.96 -8.32 -23.28
CA GLY G 601 38.13 -7.19 -22.91
C GLY G 601 38.73 -5.88 -23.37
N GLY G 602 38.83 -4.94 -22.43
CA GLY G 602 39.38 -3.63 -22.75
C GLY G 602 40.86 -3.69 -23.11
N HIS G 603 41.61 -4.59 -22.47
CA HIS G 603 43.03 -4.74 -22.74
C HIS G 603 43.21 -5.41 -24.09
N PHE G 604 43.79 -4.68 -25.05
CA PHE G 604 43.98 -5.15 -26.41
C PHE G 604 45.45 -5.08 -26.78
N ARG G 605 46.00 -6.19 -27.24
CA ARG G 605 47.34 -6.25 -27.80
C ARG G 605 47.24 -6.55 -29.28
N GLU G 606 47.95 -5.77 -30.09
CA GLU G 606 47.86 -5.94 -31.54
C GLU G 606 48.49 -7.25 -32.00
N GLU G 607 49.42 -7.81 -31.21
CA GLU G 607 50.05 -9.07 -31.57
C GLU G 607 49.12 -10.25 -31.36
N TYR G 608 48.05 -10.08 -30.57
CA TYR G 608 47.13 -11.17 -30.23
C TYR G 608 45.72 -10.69 -30.56
N GLN G 609 45.30 -10.90 -31.81
CA GLN G 609 43.97 -10.50 -32.23
C GLN G 609 43.51 -11.42 -33.36
N THR G 610 42.20 -11.63 -33.42
CA THR G 610 41.61 -12.39 -34.51
C THR G 610 41.68 -11.57 -35.80
N PRO G 611 41.58 -12.23 -36.96
CA PRO G 611 41.56 -11.46 -38.22
C PRO G 611 40.43 -10.46 -38.30
N ASP G 612 39.30 -10.72 -37.63
CA ASP G 612 38.22 -9.75 -37.57
C ASP G 612 38.55 -8.54 -36.70
N GLY G 613 39.64 -8.59 -35.94
CA GLY G 613 40.02 -7.50 -35.07
C GLY G 613 39.63 -7.67 -33.61
N GLU G 614 39.03 -8.79 -33.25
CA GLU G 614 38.58 -9.01 -31.88
C GLU G 614 39.75 -9.45 -31.00
N ALA G 615 39.50 -9.43 -29.68
CA ALA G 615 40.50 -9.85 -28.72
C ALA G 615 40.72 -11.36 -28.80
N LEU G 616 41.97 -11.76 -28.64
CA LEU G 616 42.36 -13.17 -28.69
C LEU G 616 43.00 -13.56 -27.37
N ARG G 617 42.24 -14.21 -26.51
CA ARG G 617 42.72 -14.60 -25.19
C ARG G 617 43.67 -15.78 -25.27
N ASN G 618 44.54 -15.86 -24.28
CA ASN G 618 45.41 -17.02 -24.05
C ASN G 618 44.99 -17.61 -22.71
N ASP G 619 43.98 -18.47 -22.73
CA ASP G 619 43.44 -19.03 -21.49
C ASP G 619 44.36 -20.06 -20.88
N GLU G 620 45.33 -20.58 -21.63
CA GLU G 620 46.23 -21.59 -21.09
C GLU G 620 47.28 -20.96 -20.17
N GLN G 621 47.77 -19.77 -20.52
CA GLN G 621 48.86 -19.15 -19.80
C GLN G 621 48.49 -17.86 -19.08
N PHE G 622 47.33 -17.27 -19.38
CA PHE G 622 46.98 -15.96 -18.82
C PHE G 622 45.59 -15.97 -18.19
N SER G 623 45.11 -17.13 -17.75
CA SER G 623 43.83 -17.22 -17.05
C SER G 623 44.04 -17.01 -15.56
N TYR G 624 44.38 -15.78 -15.20
CA TYR G 624 44.62 -15.43 -13.81
C TYR G 624 44.43 -13.93 -13.62
N VAL G 625 44.36 -13.53 -12.35
CA VAL G 625 44.34 -12.13 -11.97
C VAL G 625 45.76 -11.73 -11.59
N ALA G 626 46.27 -10.67 -12.20
CA ALA G 626 47.64 -10.21 -11.96
C ALA G 626 47.62 -9.16 -10.86
N ALA G 627 48.09 -9.53 -9.67
CA ALA G 627 48.23 -8.59 -8.57
C ALA G 627 49.69 -8.18 -8.46
N TRP G 628 49.95 -6.88 -8.51
CA TRP G 628 51.30 -6.36 -8.52
C TRP G 628 51.66 -5.80 -7.15
N GLU G 629 52.82 -6.19 -6.65
CA GLU G 629 53.30 -5.82 -5.33
C GLU G 629 54.38 -4.75 -5.47
N PHE G 630 54.23 -3.67 -4.71
CA PHE G 630 55.22 -2.60 -4.66
C PHE G 630 56.44 -3.11 -3.90
N THR G 631 57.57 -3.20 -4.61
CA THR G 631 58.81 -3.72 -4.03
C THR G 631 59.79 -2.61 -3.66
N GLY G 632 59.35 -1.36 -3.70
CA GLY G 632 60.23 -0.23 -3.51
C GLY G 632 60.88 0.27 -4.78
N ASP G 633 60.89 -0.53 -5.84
CA ASP G 633 61.38 -0.14 -7.15
C ASP G 633 60.18 0.03 -8.06
N LEU G 634 60.04 1.23 -8.63
CA LEU G 634 58.86 1.52 -9.44
C LEU G 634 58.83 0.75 -10.73
N ALA G 635 60.00 0.42 -11.29
CA ALA G 635 60.08 -0.28 -12.56
C ALA G 635 60.08 -1.79 -12.41
N LYS G 636 60.20 -2.32 -11.19
CA LYS G 636 60.24 -3.75 -10.94
C LYS G 636 59.30 -4.14 -9.81
N PRO G 637 57.99 -4.05 -10.02
CA PRO G 637 57.04 -4.63 -9.06
C PRO G 637 57.01 -6.15 -9.21
N ARG G 638 56.55 -6.81 -8.15
CA ARG G 638 56.50 -8.27 -8.11
C ARG G 638 55.14 -8.76 -8.55
N LEU G 639 55.11 -9.68 -9.51
CA LEU G 639 53.85 -10.20 -10.04
C LEU G 639 53.40 -11.40 -9.22
N HIS G 640 52.14 -11.39 -8.80
CA HIS G 640 51.50 -12.48 -8.08
C HIS G 640 50.30 -12.90 -8.91
N LYS G 641 50.32 -14.14 -9.37
CA LYS G 641 49.20 -14.66 -10.16
C LYS G 641 48.17 -15.29 -9.24
N GLU G 642 46.91 -14.91 -9.42
CA GLU G 642 45.79 -15.53 -8.73
C GLU G 642 45.02 -16.36 -9.75
N PRO G 643 45.17 -17.68 -9.74
CA PRO G 643 44.59 -18.49 -10.82
C PRO G 643 43.08 -18.38 -10.87
N LEU G 644 42.54 -18.46 -12.08
CA LEU G 644 41.11 -18.38 -12.33
C LEU G 644 40.59 -19.74 -12.78
N VAL G 645 39.57 -20.22 -12.09
CA VAL G 645 38.89 -21.46 -12.46
C VAL G 645 37.43 -21.12 -12.74
N PHE G 646 36.88 -21.76 -13.77
CA PHE G 646 35.52 -21.48 -14.23
C PHE G 646 34.75 -22.80 -14.23
N GLU G 647 33.96 -23.02 -13.19
CA GLU G 647 33.20 -24.24 -13.04
C GLU G 647 31.81 -24.15 -13.66
N TYR G 648 31.31 -22.95 -13.91
CA TYR G 648 29.93 -22.75 -14.35
C TYR G 648 29.85 -22.09 -15.72
N VAL G 649 30.60 -21.02 -15.95
CA VAL G 649 30.64 -20.33 -17.24
C VAL G 649 31.95 -20.72 -17.90
N LYS G 650 31.89 -21.68 -18.81
CA LYS G 650 33.09 -22.19 -19.45
C LYS G 650 33.62 -21.19 -20.46
N PRO G 651 34.92 -20.86 -20.43
CA PRO G 651 35.47 -19.92 -21.41
C PRO G 651 35.32 -20.44 -22.83
N THR G 652 35.07 -19.52 -23.75
CA THR G 652 34.89 -19.88 -25.16
C THR G 652 35.43 -18.78 -26.07
N MET H 1 38.56 35.93 -29.75
CA MET H 1 37.83 36.87 -28.90
C MET H 1 38.73 37.49 -27.84
N LYS H 2 38.60 38.79 -27.66
CA LYS H 2 39.26 39.51 -26.57
C LYS H 2 38.22 39.73 -25.47
N ILE H 3 38.53 39.25 -24.27
CA ILE H 3 37.56 39.22 -23.18
C ILE H 3 38.18 39.82 -21.94
N THR H 4 37.51 40.81 -21.35
CA THR H 4 37.93 41.40 -20.09
C THR H 4 37.14 40.75 -18.97
N LEU H 5 37.82 40.39 -17.89
CA LEU H 5 37.21 39.68 -16.77
C LEU H 5 37.47 40.47 -15.49
N LYS H 6 36.41 40.87 -14.81
CA LYS H 6 36.50 41.43 -13.47
C LYS H 6 36.13 40.30 -12.51
N ILE H 7 37.15 39.67 -11.94
CA ILE H 7 36.96 38.45 -11.13
C ILE H 7 37.12 38.83 -9.67
N TRP H 8 36.23 38.33 -8.84
CA TRP H 8 36.36 38.51 -7.40
C TRP H 8 37.55 37.70 -6.89
N ARG H 9 38.46 38.37 -6.20
CA ARG H 9 39.64 37.75 -5.61
C ARG H 9 39.58 38.02 -4.11
N GLN H 10 39.43 36.94 -3.34
CA GLN H 10 39.41 37.01 -1.89
C GLN H 10 40.38 35.97 -1.34
N LYS H 11 41.26 36.40 -0.44
CA LYS H 11 42.30 35.50 0.06
C LYS H 11 41.72 34.41 0.96
N ASN H 12 40.78 34.77 1.83
CA ASN H 12 40.12 33.83 2.72
C ASN H 12 38.85 34.48 3.25
N ARG H 13 38.18 33.79 4.19
CA ARG H 13 36.95 34.32 4.75
C ARG H 13 37.18 35.64 5.48
N ASN H 14 38.27 35.74 6.24
CA ASN H 14 38.52 36.93 7.03
C ASN H 14 39.00 38.10 6.19
N THR H 15 39.82 37.84 5.18
CA THR H 15 40.36 38.91 4.35
C THR H 15 39.30 39.45 3.42
N PRO H 16 39.06 40.77 3.39
CA PRO H 16 38.14 41.32 2.40
C PRO H 16 38.70 41.19 0.99
N GLY H 17 37.81 40.91 0.03
CA GLY H 17 38.21 40.72 -1.35
C GLY H 17 38.04 41.96 -2.19
N GLU H 18 38.40 41.83 -3.47
CA GLU H 18 38.29 42.93 -4.40
C GLU H 18 38.18 42.38 -5.82
N PHE H 19 37.71 43.22 -6.74
CA PHE H 19 37.64 42.83 -8.14
C PHE H 19 38.96 43.12 -8.82
N LYS H 20 39.48 42.12 -9.53
CA LYS H 20 40.72 42.26 -10.29
C LYS H 20 40.42 42.08 -11.77
N THR H 21 41.13 42.83 -12.61
CA THR H 21 40.86 42.87 -14.04
C THR H 21 41.91 42.03 -14.76
N TYR H 22 41.46 41.10 -15.59
CA TYR H 22 42.31 40.23 -16.36
C TYR H 22 41.85 40.24 -17.81
N VAL H 23 42.77 40.53 -18.73
CA VAL H 23 42.45 40.63 -20.16
C VAL H 23 42.93 39.37 -20.85
N MET H 24 42.02 38.71 -21.58
CA MET H 24 42.30 37.51 -22.34
C MET H 24 42.34 37.90 -23.82
N ASP H 25 43.52 37.83 -24.42
CA ASP H 25 43.70 38.28 -25.79
C ASP H 25 42.97 37.36 -26.78
N ASN H 26 43.10 36.05 -26.60
CA ASN H 26 42.50 35.08 -27.50
C ASN H 26 41.62 34.13 -26.70
N VAL H 27 40.33 34.10 -27.03
CA VAL H 27 39.36 33.22 -26.37
C VAL H 27 38.61 32.47 -27.46
N ASN H 28 38.62 31.15 -27.38
CA ASN H 28 37.89 30.34 -28.34
C ASN H 28 36.40 30.37 -28.02
N PRO H 29 35.53 30.69 -28.99
CA PRO H 29 34.09 30.62 -28.73
C PRO H 29 33.62 29.25 -28.30
N ASP H 30 34.26 28.18 -28.79
CA ASP H 30 33.92 26.83 -28.36
C ASP H 30 34.46 26.52 -26.97
N MET H 31 35.47 27.25 -26.51
CA MET H 31 36.03 27.04 -25.18
C MET H 31 35.00 27.36 -24.11
N SER H 32 34.89 26.48 -23.12
CA SER H 32 33.94 26.69 -22.04
C SER H 32 34.41 27.81 -21.11
N PHE H 33 33.47 28.34 -20.32
CA PHE H 33 33.81 29.39 -19.39
C PHE H 33 34.82 28.93 -18.36
N LEU H 34 34.62 27.72 -17.81
CA LEU H 34 35.59 27.16 -16.87
C LEU H 34 36.92 26.85 -17.55
N GLU H 35 36.88 26.46 -18.83
CA GLU H 35 38.13 26.27 -19.56
C GLU H 35 38.88 27.59 -19.74
N MET H 36 38.15 28.68 -19.98
CA MET H 36 38.79 29.99 -20.06
C MET H 36 39.36 30.41 -18.71
N LEU H 37 38.66 30.11 -17.62
CA LEU H 37 39.20 30.35 -16.30
C LEU H 37 40.48 29.54 -16.07
N ASP H 38 40.49 28.29 -16.55
CA ASP H 38 41.70 27.47 -16.44
C ASP H 38 42.86 28.06 -17.22
N VAL H 39 42.58 28.55 -18.44
CA VAL H 39 43.63 29.18 -19.25
C VAL H 39 44.17 30.42 -18.54
N LEU H 40 43.28 31.21 -17.95
CA LEU H 40 43.69 32.37 -17.18
C LEU H 40 44.55 31.95 -15.98
N ASN H 41 44.17 30.85 -15.33
CA ASN H 41 44.95 30.37 -14.20
C ASN H 41 46.35 29.95 -14.63
N GLU H 42 46.47 29.27 -15.77
CA GLU H 42 47.79 28.92 -16.28
C GLU H 42 48.61 30.16 -16.61
N ASP H 43 47.97 31.17 -17.21
CA ASP H 43 48.69 32.41 -17.51
C ASP H 43 49.16 33.09 -16.23
N LEU H 44 48.32 33.10 -15.20
CA LEU H 44 48.69 33.68 -13.91
C LEU H 44 49.86 32.93 -13.28
N MET H 45 49.83 31.60 -13.33
CA MET H 45 50.93 30.81 -12.80
C MET H 45 52.22 31.08 -13.55
N SER H 46 52.15 31.18 -14.88
CA SER H 46 53.33 31.51 -15.67
C SER H 46 53.85 32.89 -15.31
N ARG H 47 52.96 33.84 -15.07
CA ARG H 47 53.37 35.18 -14.65
C ARG H 47 53.71 35.27 -13.17
N GLY H 48 53.49 34.19 -12.41
CA GLY H 48 53.81 34.17 -10.99
C GLY H 48 52.70 34.61 -10.07
N GLU H 49 51.54 35.00 -10.60
CA GLU H 49 50.44 35.46 -9.77
C GLU H 49 49.67 34.26 -9.21
N GLU H 50 48.73 34.56 -8.32
CA GLU H 50 47.95 33.52 -7.67
C GLU H 50 46.78 33.12 -8.56
N PRO H 51 46.61 31.83 -8.86
CA PRO H 51 45.49 31.40 -9.70
C PRO H 51 44.16 31.65 -9.04
N VAL H 52 43.14 31.88 -9.86
CA VAL H 52 41.78 32.05 -9.37
C VAL H 52 41.22 30.68 -8.98
N ALA H 53 40.68 30.59 -7.77
CA ALA H 53 40.14 29.34 -7.26
C ALA H 53 38.63 29.32 -7.46
N PHE H 54 38.13 28.22 -8.02
CA PHE H 54 36.71 28.03 -8.21
C PHE H 54 36.39 26.55 -8.09
N ASP H 55 35.14 26.25 -7.76
CA ASP H 55 34.70 24.87 -7.54
C ASP H 55 34.29 24.24 -8.85
N HIS H 56 34.75 23.01 -9.08
CA HIS H 56 34.40 22.27 -10.29
C HIS H 56 34.82 20.81 -10.16
N ASP H 57 33.89 19.87 -10.36
CA ASP H 57 34.26 18.47 -10.45
C ASP H 57 33.84 17.83 -11.77
N CYS H 58 32.56 17.86 -12.11
CA CYS H 58 32.04 17.04 -13.21
C CYS H 58 32.15 17.71 -14.56
N ARG H 59 31.97 19.02 -14.63
CA ARG H 59 31.94 19.76 -15.90
C ARG H 59 30.85 19.24 -16.83
N GLU H 60 29.76 18.74 -16.25
CA GLU H 60 28.62 18.25 -17.01
C GLU H 60 27.30 18.86 -16.56
N GLY H 61 27.30 19.71 -15.54
CA GLY H 61 26.07 20.24 -15.01
C GLY H 61 25.26 19.27 -14.19
N ILE H 62 25.91 18.31 -13.52
CA ILE H 62 25.22 17.29 -12.75
C ILE H 62 25.65 17.30 -11.27
N CYS H 63 26.94 17.46 -10.99
CA CYS H 63 27.41 17.37 -9.61
C CYS H 63 27.00 18.59 -8.80
N GLY H 64 27.10 19.78 -9.38
CA GLY H 64 26.78 21.00 -8.68
C GLY H 64 27.95 21.73 -8.07
N MET H 65 29.19 21.33 -8.37
CA MET H 65 30.34 22.03 -7.81
C MET H 65 30.44 23.46 -8.34
N CYS H 66 30.28 23.65 -9.65
CA CYS H 66 30.48 24.97 -10.22
C CYS H 66 29.44 25.96 -9.69
N SER H 67 29.92 27.11 -9.23
CA SER H 67 29.04 28.11 -8.63
C SER H 67 29.64 29.49 -8.93
N LEU H 68 29.19 30.10 -10.02
CA LEU H 68 29.70 31.40 -10.45
C LEU H 68 28.56 32.32 -10.81
N MET H 69 28.62 33.56 -10.32
CA MET H 69 27.67 34.62 -10.69
C MET H 69 28.32 35.42 -11.80
N ILE H 70 27.90 35.16 -13.03
CA ILE H 70 28.53 35.70 -14.23
C ILE H 70 27.65 36.81 -14.79
N ASN H 71 28.18 38.04 -14.79
CA ASN H 71 27.49 39.19 -15.35
C ASN H 71 26.12 39.42 -14.71
N GLY H 72 26.00 39.13 -13.42
CA GLY H 72 24.78 39.36 -12.69
C GLY H 72 23.83 38.19 -12.63
N VAL H 73 24.04 37.16 -13.44
CA VAL H 73 23.17 35.99 -13.50
C VAL H 73 23.93 34.78 -12.98
N ALA H 74 23.26 34.00 -12.13
CA ALA H 74 23.85 32.76 -11.65
C ALA H 74 24.01 31.78 -12.80
N HIS H 75 25.20 31.17 -12.88
CA HIS H 75 25.56 30.18 -13.90
C HIS H 75 25.63 30.80 -15.29
N GLY H 76 25.76 32.12 -15.38
CA GLY H 76 25.91 32.78 -16.66
C GLY H 76 24.61 33.26 -17.25
N PRO H 77 24.70 33.97 -18.38
CA PRO H 77 23.48 34.55 -18.99
C PRO H 77 22.47 33.52 -19.44
N LYS H 78 22.92 32.35 -19.90
CA LYS H 78 22.02 31.34 -20.43
C LYS H 78 21.37 30.57 -19.30
N ASN H 79 20.07 30.34 -19.42
CA ASN H 79 19.30 29.65 -18.40
C ASN H 79 19.33 28.14 -18.62
N ALA H 80 18.90 27.41 -17.59
CA ALA H 80 18.79 25.95 -17.61
C ALA H 80 20.12 25.26 -17.82
N ILE H 81 21.24 25.95 -17.57
CA ILE H 81 22.57 25.36 -17.65
C ILE H 81 23.36 25.79 -16.43
N THR H 82 24.55 25.22 -16.30
CA THR H 82 25.46 25.53 -15.20
C THR H 82 26.64 26.35 -15.73
N THR H 83 27.55 26.69 -14.82
CA THR H 83 28.75 27.42 -15.22
C THR H 83 29.62 26.56 -16.14
N CYS H 84 29.71 25.25 -15.86
CA CYS H 84 30.49 24.37 -16.69
C CYS H 84 29.87 24.19 -18.07
N GLN H 85 28.54 24.25 -18.15
CA GLN H 85 27.84 24.11 -19.42
C GLN H 85 27.82 25.40 -20.22
N LEU H 86 28.28 26.51 -19.65
CA LEU H 86 28.31 27.78 -20.34
C LEU H 86 29.59 27.90 -21.16
N HIS H 87 29.44 28.23 -22.44
CA HIS H 87 30.56 28.35 -23.35
C HIS H 87 30.68 29.79 -23.84
N MET H 88 31.90 30.16 -24.24
CA MET H 88 32.23 31.54 -24.54
C MET H 88 31.56 32.05 -25.82
N ARG H 89 30.88 31.19 -26.58
CA ARG H 89 30.09 31.68 -27.70
C ARG H 89 28.87 32.47 -27.26
N SER H 90 28.49 32.38 -25.98
CA SER H 90 27.39 33.18 -25.45
C SER H 90 27.80 34.62 -25.19
N PHE H 91 29.07 34.96 -25.37
CA PHE H 91 29.59 36.30 -25.19
C PHE H 91 30.12 36.83 -26.51
N LYS H 92 30.47 38.10 -26.54
CA LYS H 92 30.94 38.76 -27.74
C LYS H 92 32.35 39.30 -27.54
N ASP H 93 33.03 39.58 -28.65
CA ASP H 93 34.37 40.13 -28.60
C ASP H 93 34.36 41.49 -27.92
N GLY H 94 35.33 41.71 -27.03
CA GLY H 94 35.42 42.94 -26.28
C GLY H 94 34.52 43.01 -25.06
N ASP H 95 33.78 41.95 -24.75
CA ASP H 95 32.86 41.98 -23.62
C ASP H 95 33.59 42.05 -22.30
N THR H 96 32.93 42.64 -21.32
CA THR H 96 33.38 42.63 -19.93
C THR H 96 32.49 41.67 -19.16
N ILE H 97 33.11 40.68 -18.50
CA ILE H 97 32.39 39.67 -17.74
C ILE H 97 32.81 39.81 -16.28
N THR H 98 31.82 39.98 -15.40
CA THR H 98 32.05 40.06 -13.97
C THR H 98 31.80 38.70 -13.35
N VAL H 99 32.84 38.11 -12.77
CA VAL H 99 32.78 36.78 -12.18
C VAL H 99 32.78 36.92 -10.67
N GLU H 100 31.79 36.32 -10.03
CA GLU H 100 31.54 36.48 -8.60
C GLU H 100 31.21 35.13 -7.99
N PRO H 101 31.43 34.99 -6.69
CA PRO H 101 30.93 33.81 -5.97
C PRO H 101 29.46 34.02 -5.59
N TRP H 102 28.90 33.02 -4.92
CA TRP H 102 27.60 33.20 -4.29
C TRP H 102 27.74 34.15 -3.10
N ARG H 103 26.83 35.11 -2.99
CA ARG H 103 26.78 36.00 -1.83
C ARG H 103 25.59 35.61 -0.98
N ALA H 104 25.87 34.90 0.12
CA ALA H 104 24.86 34.59 1.12
C ALA H 104 25.57 34.43 2.46
N SER H 105 24.85 34.78 3.54
CA SER H 105 25.41 34.63 4.88
C SER H 105 25.65 33.15 5.20
N ALA H 106 24.72 32.28 4.81
CA ALA H 106 24.84 30.85 5.03
C ALA H 106 25.84 30.18 4.08
N PHE H 107 26.36 30.92 3.10
CA PHE H 107 27.30 30.40 2.12
C PHE H 107 28.59 31.22 2.22
N PRO H 108 29.43 30.93 3.22
CA PRO H 108 30.67 31.70 3.39
C PRO H 108 31.61 31.51 2.21
N ILE H 109 32.35 32.57 1.92
CA ILE H 109 33.33 32.56 0.83
C ILE H 109 34.68 32.14 1.40
N LEU H 110 35.25 31.07 0.83
CA LEU H 110 36.52 30.55 1.31
C LEU H 110 37.72 31.04 0.51
N LYS H 111 37.53 31.40 -0.75
CA LYS H 111 38.62 31.81 -1.62
C LYS H 111 38.04 32.73 -2.68
N ASP H 112 38.79 32.95 -3.77
CA ASP H 112 38.40 33.89 -4.81
C ASP H 112 36.94 33.71 -5.22
N LEU H 113 36.61 32.52 -5.74
CA LEU H 113 35.24 32.24 -6.16
C LEU H 113 34.66 30.99 -5.49
N VAL H 114 35.36 30.41 -4.52
CA VAL H 114 34.89 29.20 -3.85
C VAL H 114 33.99 29.60 -2.68
N VAL H 115 32.95 28.81 -2.44
CA VAL H 115 31.94 29.11 -1.44
C VAL H 115 31.65 27.85 -0.63
N ASP H 116 31.48 28.01 0.68
CA ASP H 116 31.15 26.91 1.58
C ASP H 116 29.64 26.70 1.57
N ARG H 117 29.19 25.59 0.98
CA ARG H 117 27.76 25.31 0.82
C ARG H 117 27.31 24.15 1.71
N SER H 118 27.90 24.01 2.89
CA SER H 118 27.53 22.92 3.80
C SER H 118 26.17 23.13 4.45
N ALA H 119 25.62 24.35 4.40
CA ALA H 119 24.28 24.58 4.94
C ALA H 119 23.24 23.76 4.18
N PHE H 120 23.45 23.54 2.88
CA PHE H 120 22.59 22.63 2.14
C PHE H 120 22.69 21.21 2.69
N ASP H 121 23.91 20.77 3.00
CA ASP H 121 24.09 19.45 3.59
C ASP H 121 23.37 19.33 4.91
N ARG H 122 23.42 20.38 5.75
CA ARG H 122 22.71 20.33 7.02
C ARG H 122 21.21 20.41 6.86
N ILE H 123 20.72 21.09 5.82
CA ILE H 123 19.29 21.08 5.53
C ILE H 123 18.85 19.67 5.14
N ILE H 124 19.65 18.99 4.31
CA ILE H 124 19.34 17.60 3.96
C ILE H 124 19.38 16.72 5.20
N GLN H 125 20.39 16.92 6.07
CA GLN H 125 20.54 16.13 7.28
C GLN H 125 19.35 16.28 8.23
N ALA H 126 18.56 17.33 8.08
CA ALA H 126 17.49 17.63 9.03
C ALA H 126 16.17 17.01 8.58
N GLY H 127 16.23 15.91 7.85
CA GLY H 127 15.04 15.21 7.44
C GLY H 127 14.81 15.11 5.95
N GLY H 128 15.74 15.57 5.12
CA GLY H 128 15.61 15.45 3.70
C GLY H 128 15.94 14.06 3.18
N TYR H 129 15.29 13.05 3.75
CA TYR H 129 15.57 11.66 3.43
C TYR H 129 14.36 10.82 3.80
N ILE H 130 14.42 9.54 3.47
CA ILE H 130 13.47 8.54 3.92
C ILE H 130 14.19 7.61 4.88
N SER H 131 13.70 7.51 6.11
CA SER H 131 14.40 6.79 7.17
C SER H 131 14.19 5.29 7.02
N VAL H 132 14.79 4.75 5.97
CA VAL H 132 14.77 3.32 5.68
C VAL H 132 16.19 2.79 5.79
N SER H 133 16.36 1.74 6.59
CA SER H 133 17.66 1.12 6.76
C SER H 133 17.89 0.06 5.68
N THR H 134 19.13 -0.42 5.60
CA THR H 134 19.50 -1.38 4.58
C THR H 134 19.06 -2.78 4.99
N GLY H 135 18.47 -3.51 4.06
CA GLY H 135 18.01 -4.86 4.28
C GLY H 135 16.56 -4.98 4.68
N SER H 136 15.92 -3.88 5.05
CA SER H 136 14.52 -3.88 5.46
C SER H 136 13.57 -3.54 4.32
N ALA H 137 14.09 -3.19 3.15
CA ALA H 137 13.23 -2.76 2.06
C ALA H 137 12.39 -3.92 1.54
N PRO H 138 11.10 -3.69 1.26
CA PRO H 138 10.29 -4.73 0.62
C PRO H 138 10.61 -4.86 -0.86
N ASP H 139 9.84 -5.68 -1.58
CA ASP H 139 10.06 -5.82 -3.02
C ASP H 139 9.82 -4.48 -3.71
N ALA H 140 10.58 -4.26 -4.78
CA ALA H 140 10.58 -2.95 -5.44
C ALA H 140 9.23 -2.60 -6.04
N ASN H 141 8.43 -3.61 -6.42
CA ASN H 141 7.15 -3.37 -7.07
C ASN H 141 5.98 -3.46 -6.10
N THR H 142 6.24 -3.52 -4.79
CA THR H 142 5.16 -3.66 -3.83
C THR H 142 4.23 -2.44 -3.82
N ILE H 143 4.81 -1.25 -3.82
CA ILE H 143 4.06 0.01 -3.72
C ILE H 143 3.98 0.64 -5.10
N PRO H 144 2.79 0.78 -5.68
CA PRO H 144 2.68 1.39 -7.02
C PRO H 144 2.78 2.91 -6.93
N VAL H 145 3.67 3.48 -7.75
CA VAL H 145 3.82 4.92 -7.87
C VAL H 145 3.40 5.31 -9.27
N SER H 146 2.41 6.20 -9.37
CA SER H 146 1.88 6.58 -10.67
C SER H 146 2.96 7.28 -11.49
N LYS H 147 2.84 7.16 -12.82
CA LYS H 147 3.87 7.69 -13.71
C LYS H 147 3.95 9.21 -13.60
N VAL H 148 2.82 9.88 -13.40
CA VAL H 148 2.83 11.33 -13.27
C VAL H 148 3.50 11.75 -11.96
N ALA H 149 3.18 11.06 -10.87
CA ALA H 149 3.83 11.35 -9.59
C ALA H 149 5.32 11.08 -9.66
N ALA H 150 5.72 9.98 -10.31
CA ALA H 150 7.14 9.69 -10.47
C ALA H 150 7.84 10.74 -11.32
N ASP H 151 7.17 11.20 -12.39
CA ASP H 151 7.76 12.24 -13.23
C ASP H 151 7.94 13.54 -12.47
N ARG H 152 6.94 13.94 -11.67
CA ARG H 152 7.06 15.16 -10.89
C ARG H 152 8.14 15.01 -9.80
N ALA H 153 8.21 13.83 -9.17
CA ALA H 153 9.23 13.59 -8.17
C ALA H 153 10.63 13.57 -8.77
N MET H 154 10.75 13.16 -10.04
CA MET H 154 12.03 13.24 -10.72
C MET H 154 12.36 14.66 -11.15
N ASP H 155 11.35 15.44 -11.50
CA ASP H 155 11.57 16.86 -11.78
C ASP H 155 12.10 17.58 -10.55
N ALA H 156 11.53 17.27 -9.38
CA ALA H 156 12.00 17.88 -8.14
C ALA H 156 13.33 17.30 -7.71
N ALA H 157 13.52 15.98 -7.85
CA ALA H 157 14.74 15.32 -7.42
C ALA H 157 15.94 15.69 -8.26
N ALA H 158 15.72 16.13 -9.50
CA ALA H 158 16.82 16.60 -10.35
C ALA H 158 17.26 17.97 -9.84
N CYS H 159 17.97 17.96 -8.72
CA CYS H 159 18.52 19.16 -8.13
C CYS H 159 19.97 18.88 -7.79
N ILE H 160 20.89 19.63 -8.42
CA ILE H 160 22.32 19.36 -8.28
C ILE H 160 22.93 20.01 -7.06
N GLY H 161 22.13 20.70 -6.24
CA GLY H 161 22.65 21.32 -5.04
C GLY H 161 23.70 22.38 -5.29
N CYS H 162 23.56 23.13 -6.38
CA CYS H 162 24.56 24.14 -6.71
C CYS H 162 24.43 25.37 -5.83
N GLY H 163 23.24 25.65 -5.33
CA GLY H 163 23.01 26.84 -4.53
C GLY H 163 22.80 28.11 -5.31
N ALA H 164 22.59 28.01 -6.63
CA ALA H 164 22.33 29.21 -7.43
C ALA H 164 20.98 29.82 -7.08
N CYS H 165 20.06 29.01 -6.54
CA CYS H 165 18.77 29.56 -6.08
C CYS H 165 18.97 30.52 -4.91
N VAL H 166 19.87 30.17 -3.98
CA VAL H 166 20.19 31.06 -2.88
C VAL H 166 20.89 32.31 -3.40
N ALA H 167 21.73 32.15 -4.42
CA ALA H 167 22.53 33.25 -4.92
C ALA H 167 21.67 34.28 -5.66
N ALA H 168 20.73 33.82 -6.48
CA ALA H 168 19.90 34.75 -7.24
C ALA H 168 18.68 35.21 -6.48
N CYS H 169 18.32 34.53 -5.41
CA CYS H 169 17.22 34.99 -4.57
C CYS H 169 17.62 36.30 -3.89
N PRO H 170 16.83 37.36 -4.01
CA PRO H 170 17.19 38.63 -3.35
C PRO H 170 17.29 38.50 -1.84
N ASN H 171 16.58 37.55 -1.24
CA ASN H 171 16.65 37.34 0.20
C ASN H 171 17.73 36.35 0.61
N GLY H 172 18.41 35.72 -0.34
CA GLY H 172 19.40 34.71 -0.02
C GLY H 172 18.77 33.49 0.63
N SER H 173 17.66 33.03 0.05
CA SER H 173 16.86 31.96 0.62
C SER H 173 17.14 30.64 -0.10
N ALA H 174 17.11 29.55 0.67
CA ALA H 174 17.21 28.20 0.14
C ALA H 174 15.85 27.60 -0.15
N MET H 175 14.87 28.43 -0.50
CA MET H 175 13.50 27.96 -0.66
C MET H 175 13.38 26.97 -1.81
N LEU H 176 14.08 27.21 -2.92
CA LEU H 176 13.94 26.32 -4.07
C LEU H 176 14.57 24.96 -3.80
N PHE H 177 15.74 24.94 -3.15
CA PHE H 177 16.40 23.67 -2.85
C PHE H 177 15.60 22.84 -1.85
N THR H 178 15.20 23.47 -0.74
CA THR H 178 14.38 22.78 0.24
C THR H 178 13.05 22.34 -0.36
N ALA H 179 12.44 23.19 -1.18
CA ALA H 179 11.19 22.84 -1.82
C ALA H 179 11.36 21.67 -2.77
N ALA H 180 12.47 21.63 -3.51
CA ALA H 180 12.71 20.53 -4.43
C ALA H 180 12.85 19.21 -3.67
N LYS H 181 13.62 19.21 -2.59
CA LYS H 181 13.77 17.95 -1.84
C LYS H 181 12.45 17.54 -1.18
N VAL H 182 11.74 18.50 -0.59
CA VAL H 182 10.47 18.21 0.06
C VAL H 182 9.46 17.67 -0.94
N THR H 183 9.40 18.27 -2.13
CA THR H 183 8.47 17.82 -3.15
C THR H 183 8.86 16.45 -3.69
N HIS H 184 10.16 16.20 -3.85
CA HIS H 184 10.61 14.89 -4.33
C HIS H 184 10.21 13.80 -3.35
N LEU H 185 10.43 14.01 -2.06
CA LEU H 185 10.09 12.97 -1.10
C LEU H 185 8.59 12.89 -0.83
N ALA H 186 7.86 14.01 -0.91
CA ALA H 186 6.44 14.02 -0.63
C ALA H 186 5.61 13.38 -1.73
N LEU H 187 6.10 13.41 -2.97
CA LEU H 187 5.35 12.87 -4.10
C LEU H 187 5.44 11.36 -4.20
N LEU H 188 6.30 10.72 -3.42
CA LEU H 188 6.39 9.27 -3.45
C LEU H 188 5.75 8.68 -2.20
N PRO H 189 5.15 7.49 -2.32
CA PRO H 189 4.55 6.85 -1.14
C PRO H 189 5.55 6.49 -0.05
N GLN H 190 6.84 6.36 -0.38
CA GLN H 190 7.82 6.03 0.64
C GLN H 190 8.14 7.23 1.53
N GLY H 191 7.97 8.44 1.02
CA GLY H 191 8.21 9.63 1.80
C GLY H 191 7.02 10.11 2.60
N GLN H 192 5.87 9.46 2.48
CA GLN H 192 4.70 9.88 3.24
C GLN H 192 4.86 9.77 4.75
N PRO H 193 5.33 8.65 5.33
CA PRO H 193 5.22 8.48 6.79
C PRO H 193 5.85 9.60 7.60
N GLU H 194 6.87 10.27 7.07
CA GLU H 194 7.55 11.32 7.82
C GLU H 194 7.57 12.62 7.04
N ARG H 195 6.62 12.82 6.12
CA ARG H 195 6.72 14.01 5.27
C ARG H 195 6.37 15.29 6.02
N TYR H 196 5.30 15.29 6.80
CA TYR H 196 4.86 16.53 7.45
C TYR H 196 5.82 16.95 8.56
N GLN H 197 6.48 16.00 9.20
CA GLN H 197 7.62 16.37 10.04
C GLN H 197 8.75 16.92 9.20
N ARG H 198 9.10 16.21 8.13
CA ARG H 198 10.31 16.53 7.38
C ARG H 198 10.32 17.98 6.94
N VAL H 199 9.25 18.42 6.27
CA VAL H 199 9.20 19.78 5.76
C VAL H 199 9.47 20.77 6.90
N VAL H 200 8.77 20.60 8.02
CA VAL H 200 8.96 21.53 9.12
C VAL H 200 10.42 21.54 9.53
N ASN H 201 10.98 20.35 9.78
CA ASN H 201 12.37 20.28 10.17
C ASN H 201 13.24 20.96 9.13
N MET H 202 13.05 20.61 7.85
CA MET H 202 13.89 21.19 6.82
C MET H 202 13.74 22.69 6.80
N VAL H 203 12.50 23.19 6.88
CA VAL H 203 12.30 24.63 6.87
C VAL H 203 13.01 25.24 8.07
N ALA H 204 12.85 24.63 9.24
CA ALA H 204 13.53 25.16 10.43
C ALA H 204 15.03 25.20 10.21
N GLN H 205 15.58 24.16 9.58
CA GLN H 205 17.01 24.14 9.36
C GLN H 205 17.43 25.30 8.46
N ALA H 206 16.63 25.57 7.42
CA ALA H 206 16.94 26.69 6.54
C ALA H 206 16.88 28.01 7.30
N ASP H 207 16.00 28.09 8.31
CA ASP H 207 15.98 29.27 9.16
C ASP H 207 17.19 29.30 10.08
N PHE H 208 17.61 28.13 10.57
CA PHE H 208 18.74 28.08 11.50
C PHE H 208 20.06 28.34 10.78
N GLU H 209 20.20 27.85 9.55
CA GLU H 209 21.44 28.00 8.82
C GLU H 209 21.73 29.45 8.44
N GLY H 210 20.71 30.29 8.35
CA GLY H 210 20.88 31.68 8.03
C GLY H 210 20.38 32.12 6.67
N PHE H 211 19.42 31.40 6.07
CA PHE H 211 18.85 31.81 4.81
C PHE H 211 17.69 32.77 5.04
N GLY H 212 17.34 33.50 3.98
CA GLY H 212 16.25 34.45 4.05
C GLY H 212 14.90 33.78 3.86
N ASN H 213 13.88 34.62 3.70
CA ASN H 213 12.52 34.15 3.49
C ASN H 213 12.15 34.29 2.01
N CYS H 214 11.05 33.65 1.63
CA CYS H 214 10.61 33.62 0.24
C CYS H 214 9.54 34.69 0.04
N THR H 215 9.91 35.76 -0.65
CA THR H 215 9.00 36.80 -1.08
C THR H 215 8.27 36.41 -2.36
N ASN H 216 8.41 35.15 -2.79
CA ASN H 216 7.83 34.66 -4.04
C ASN H 216 8.28 35.48 -5.23
N ILE H 217 9.55 35.90 -5.21
CA ILE H 217 10.09 36.70 -6.31
C ILE H 217 10.25 35.84 -7.56
N GLY H 218 10.84 34.66 -7.42
CA GLY H 218 10.94 33.71 -8.51
C GLY H 218 12.24 33.68 -9.28
N GLU H 219 13.28 34.39 -8.82
CA GLU H 219 14.57 34.33 -9.49
C GLU H 219 15.22 32.96 -9.37
N CYS H 220 14.91 32.22 -8.30
CA CYS H 220 15.45 30.89 -8.12
C CYS H 220 15.08 29.97 -9.28
N ALA H 221 13.82 29.99 -9.68
CA ALA H 221 13.41 29.18 -10.82
C ALA H 221 13.96 29.72 -12.13
N ALA H 222 14.19 31.04 -12.20
CA ALA H 222 14.75 31.62 -13.41
C ALA H 222 16.17 31.17 -13.65
N VAL H 223 16.97 31.04 -12.57
CA VAL H 223 18.38 30.69 -12.71
C VAL H 223 18.66 29.23 -12.41
N CYS H 224 17.64 28.44 -12.09
CA CYS H 224 17.86 27.04 -11.74
C CYS H 224 18.38 26.28 -12.96
N PRO H 225 19.52 25.58 -12.84
CA PRO H 225 20.02 24.80 -13.98
C PRO H 225 19.07 23.70 -14.41
N LYS H 226 18.30 23.13 -13.48
CA LYS H 226 17.44 22.00 -13.77
C LYS H 226 15.98 22.39 -13.94
N GLU H 227 15.70 23.69 -14.07
CA GLU H 227 14.36 24.20 -14.35
C GLU H 227 13.34 23.70 -13.33
N ILE H 228 13.74 23.76 -12.05
CA ILE H 228 12.84 23.38 -10.97
C ILE H 228 11.81 24.50 -10.79
N SER H 229 10.54 24.12 -10.79
CA SER H 229 9.47 25.11 -10.84
C SER H 229 9.16 25.64 -9.45
N LEU H 230 8.41 26.75 -9.41
CA LEU H 230 7.88 27.28 -8.16
C LEU H 230 6.75 26.42 -7.62
N GLU H 231 6.26 25.45 -8.40
CA GLU H 231 5.29 24.50 -7.88
C GLU H 231 5.87 23.68 -6.73
N THR H 232 7.19 23.49 -6.72
CA THR H 232 7.83 22.85 -5.58
C THR H 232 7.68 23.70 -4.33
N ILE H 233 7.82 25.02 -4.46
CA ILE H 233 7.65 25.90 -3.30
C ILE H 233 6.20 25.91 -2.85
N ALA H 234 5.26 25.87 -3.79
CA ALA H 234 3.84 25.76 -3.44
C ALA H 234 3.56 24.46 -2.71
N GLN H 235 4.17 23.36 -3.16
CA GLN H 235 4.00 22.08 -2.50
C GLN H 235 4.57 22.11 -1.09
N LEU H 236 5.74 22.73 -0.92
CA LEU H 236 6.30 22.88 0.43
C LEU H 236 5.39 23.72 1.30
N ASN H 237 4.81 24.79 0.75
CA ASN H 237 3.92 25.64 1.52
C ASN H 237 2.68 24.87 1.96
N ARG H 238 2.10 24.08 1.06
CA ARG H 238 0.96 23.25 1.42
C ARG H 238 1.33 22.26 2.51
N ASP H 239 2.50 21.62 2.38
CA ASP H 239 2.94 20.64 3.37
C ASP H 239 3.15 21.29 4.73
N LEU H 240 3.73 22.50 4.75
CA LEU H 240 3.98 23.17 6.02
C LEU H 240 2.69 23.65 6.66
N VAL H 241 1.73 24.11 5.85
CA VAL H 241 0.42 24.49 6.40
C VAL H 241 -0.25 23.26 7.01
N MET H 242 -0.22 22.13 6.30
CA MET H 242 -0.85 20.92 6.82
C MET H 242 -0.15 20.43 8.08
N ALA H 243 1.17 20.56 8.14
CA ALA H 243 1.91 20.14 9.33
C ALA H 243 1.62 21.07 10.51
N ALA H 244 1.45 22.36 10.25
CA ALA H 244 1.03 23.28 11.31
C ALA H 244 -0.36 22.93 11.81
N LEU H 245 -1.25 22.51 10.91
CA LEU H 245 -2.56 22.04 11.34
C LEU H 245 -2.46 20.81 12.23
N ARG H 246 -1.46 19.95 11.98
CA ARG H 246 -1.23 18.77 12.79
C ARG H 246 -0.40 19.05 14.03
N GLY H 247 -0.02 20.30 14.25
CA GLY H 247 0.81 20.65 15.40
C GLY H 247 2.20 20.06 15.33
N ILE H 248 2.77 19.96 14.15
CA ILE H 248 4.12 19.42 13.99
C ILE H 248 5.13 20.50 14.39
N GLU H 249 5.97 20.18 15.36
CA GLU H 249 7.02 20.98 15.97
C GLU H 249 8.38 20.59 15.41
N PRO H 250 9.20 21.56 15.01
CA PRO H 250 10.53 21.23 14.49
C PRO H 250 11.41 20.61 15.57
N ASN H 251 12.28 19.70 15.14
CA ASN H 251 13.22 19.07 16.03
C ASN H 251 14.39 20.02 16.31
N THR H 252 15.32 19.57 17.13
CA THR H 252 16.51 20.36 17.41
C THR H 252 17.33 20.50 16.14
N PRO H 253 17.75 21.71 15.77
CA PRO H 253 18.43 21.89 14.48
C PRO H 253 19.77 21.18 14.44
N ILE H 254 20.20 20.84 13.22
CA ILE H 254 21.47 20.15 13.01
C ILE H 254 22.59 21.17 13.22
N VAL H 255 23.37 20.97 14.28
CA VAL H 255 24.49 21.84 14.61
C VAL H 255 25.68 21.44 13.74
N PRO H 256 26.43 22.38 13.19
CA PRO H 256 27.64 22.02 12.45
C PRO H 256 28.64 21.29 13.34
N ALA H 257 29.31 20.31 12.76
CA ALA H 257 30.26 19.48 13.50
C ALA H 257 31.54 20.26 13.82
N MET I 1 3.07 20.61 18.50
CA MET I 1 2.26 20.21 19.64
C MET I 1 1.44 21.39 20.15
N THR I 2 1.84 22.60 19.76
CA THR I 2 1.09 23.80 20.09
C THR I 2 0.00 24.10 19.06
N GLY I 3 -0.11 23.29 18.02
CA GLY I 3 -1.11 23.50 16.98
C GLY I 3 -0.71 24.53 15.96
N VAL I 4 -1.70 25.29 15.47
CA VAL I 4 -1.44 26.26 14.40
C VAL I 4 -0.46 27.35 14.81
N LEU I 5 -0.27 27.56 16.12
CA LEU I 5 0.70 28.54 16.58
C LEU I 5 2.12 28.16 16.19
N THR I 6 2.32 26.92 15.72
CA THR I 6 3.65 26.51 15.23
C THR I 6 4.01 27.36 14.03
N LEU I 7 3.02 27.92 13.33
CA LEU I 7 3.32 28.81 12.22
C LEU I 7 4.26 29.93 12.64
N THR I 8 4.13 30.41 13.89
CA THR I 8 5.02 31.45 14.36
C THR I 8 6.47 30.98 14.46
N ARG I 9 6.69 29.67 14.46
CA ARG I 9 8.04 29.13 14.68
C ARG I 9 8.92 29.21 13.44
N THR I 10 8.33 29.13 12.25
CA THR I 10 9.09 29.08 11.00
C THR I 10 8.87 30.34 10.18
N SER I 11 9.85 30.65 9.33
CA SER I 11 9.70 31.78 8.42
C SER I 11 8.59 31.53 7.41
N VAL I 12 8.43 30.28 6.97
CA VAL I 12 7.33 29.94 6.08
C VAL I 12 6.00 30.08 6.81
N GLY I 13 5.97 29.76 8.10
CA GLY I 13 4.76 29.99 8.87
C GLY I 13 4.42 31.46 9.03
N LYS I 14 5.45 32.30 9.24
CA LYS I 14 5.22 33.74 9.27
C LYS I 14 4.71 34.24 7.92
N LYS I 15 5.24 33.66 6.83
CA LYS I 15 4.77 34.03 5.50
C LYS I 15 3.33 33.60 5.28
N VAL I 16 2.93 32.46 5.84
CA VAL I 16 1.54 32.01 5.77
C VAL I 16 0.64 32.95 6.58
N ILE I 17 1.10 33.36 7.76
CA ILE I 17 0.36 34.33 8.57
C ILE I 17 0.17 35.63 7.78
N MET I 18 1.23 36.08 7.11
CA MET I 18 1.13 37.26 6.26
C MET I 18 0.16 37.03 5.11
N ALA I 19 0.14 35.83 4.54
CA ALA I 19 -0.80 35.55 3.45
C ALA I 19 -2.24 35.67 3.93
N LEU I 20 -2.55 35.13 5.11
CA LEU I 20 -3.92 35.20 5.62
C LEU I 20 -4.30 36.63 5.98
N THR I 21 -3.41 37.34 6.70
CA THR I 21 -3.69 38.73 7.03
C THR I 21 -3.79 39.60 5.79
N GLY I 22 -3.02 39.27 4.74
CA GLY I 22 -3.14 39.99 3.49
C GLY I 22 -4.41 39.67 2.73
N PHE I 23 -4.92 38.45 2.86
CA PHE I 23 -6.26 38.16 2.37
C PHE I 23 -7.27 39.09 3.02
N VAL I 24 -7.21 39.20 4.35
CA VAL I 24 -8.14 40.06 5.08
C VAL I 24 -7.99 41.51 4.65
N LEU I 25 -6.75 41.98 4.55
CA LEU I 25 -6.50 43.39 4.24
C LEU I 25 -6.84 43.71 2.79
N VAL I 26 -6.62 42.77 1.86
CA VAL I 26 -7.02 42.98 0.47
C VAL I 26 -8.53 43.06 0.36
N GLY I 27 -9.25 42.17 1.05
CA GLY I 27 -10.69 42.27 1.08
C GLY I 27 -11.16 43.61 1.62
N PHE I 28 -10.54 44.07 2.71
CA PHE I 28 -10.91 45.36 3.26
C PHE I 28 -10.60 46.50 2.30
N VAL I 29 -9.46 46.45 1.62
CA VAL I 29 -9.09 47.51 0.70
C VAL I 29 -10.07 47.58 -0.47
N VAL I 30 -10.45 46.42 -1.00
CA VAL I 30 -11.40 46.39 -2.11
C VAL I 30 -12.75 46.93 -1.67
N PHE I 31 -13.22 46.47 -0.51
CA PHE I 31 -14.52 46.94 -0.01
C PHE I 31 -14.48 48.42 0.32
N HIS I 32 -13.34 48.91 0.83
CA HIS I 32 -13.19 50.32 1.16
C HIS I 32 -13.23 51.19 -0.09
N MET I 33 -12.54 50.76 -1.14
CA MET I 33 -12.61 51.49 -2.41
C MET I 33 -14.02 51.48 -2.97
N TYR I 34 -14.69 50.33 -2.89
CA TYR I 34 -16.07 50.25 -3.36
C TYR I 34 -16.97 51.20 -2.58
N GLY I 35 -16.79 51.28 -1.27
CA GLY I 35 -17.59 52.19 -0.47
C GLY I 35 -17.30 53.64 -0.77
N ASN I 36 -16.03 53.99 -0.92
CA ASN I 36 -15.66 55.37 -1.23
C ASN I 36 -16.01 55.76 -2.65
N LEU I 37 -16.33 54.80 -3.52
CA LEU I 37 -16.82 55.12 -4.86
C LEU I 37 -18.13 55.89 -4.86
N LYS I 38 -18.77 56.06 -3.70
CA LYS I 38 -20.05 56.75 -3.60
C LYS I 38 -19.90 58.27 -3.46
N MET I 39 -18.68 58.78 -3.43
CA MET I 39 -18.50 60.24 -3.44
C MET I 39 -19.06 60.84 -4.71
N TYR I 40 -18.91 60.13 -5.84
CA TYR I 40 -19.47 60.61 -7.09
C TYR I 40 -20.99 60.51 -7.12
N GLN I 41 -21.57 59.62 -6.30
CA GLN I 41 -23.02 59.54 -6.21
C GLN I 41 -23.59 60.78 -5.55
N GLY I 42 -22.90 61.33 -4.55
CA GLY I 42 -23.29 62.57 -3.95
C GLY I 42 -23.06 62.60 -2.45
N PRO I 43 -23.13 63.79 -1.85
CA PRO I 43 -22.95 63.89 -0.39
C PRO I 43 -23.97 63.10 0.40
N GLU I 44 -25.23 63.08 -0.06
CA GLU I 44 -26.26 62.33 0.65
C GLU I 44 -25.97 60.84 0.65
N VAL I 45 -25.59 60.29 -0.51
CA VAL I 45 -25.30 58.87 -0.60
C VAL I 45 -24.07 58.51 0.21
N TYR I 46 -23.03 59.34 0.14
CA TYR I 46 -21.80 59.06 0.89
C TYR I 46 -22.05 59.11 2.40
N ASN I 47 -22.79 60.11 2.87
CA ASN I 47 -23.10 60.18 4.29
C ASN I 47 -24.04 59.07 4.73
N ALA I 48 -24.95 58.64 3.84
CA ALA I 48 -25.80 57.49 4.16
C ALA I 48 -24.97 56.23 4.30
N TYR I 49 -23.98 56.04 3.42
CA TYR I 49 -23.08 54.90 3.55
C TYR I 49 -22.28 54.95 4.84
N ALA I 50 -21.78 56.14 5.18
CA ALA I 50 -21.03 56.31 6.41
C ALA I 50 -21.88 55.98 7.63
N ALA I 51 -23.13 56.44 7.64
CA ALA I 51 -24.02 56.16 8.77
C ALA I 51 -24.41 54.68 8.82
N GLY I 52 -24.61 54.07 7.65
CA GLY I 52 -25.00 52.66 7.61
C GLY I 52 -23.87 51.72 7.93
N LEU I 53 -22.62 52.16 7.81
CA LEU I 53 -21.51 51.34 8.28
C LEU I 53 -21.61 51.11 9.79
N ARG I 54 -21.93 52.16 10.55
CA ARG I 54 -22.08 52.02 11.99
C ARG I 54 -23.41 51.36 12.33
N GLU I 55 -24.46 51.66 11.59
CA GLU I 55 -25.78 51.07 11.79
C GLU I 55 -25.94 49.82 10.93
N LEU I 56 -25.00 48.89 11.06
CA LEU I 56 -24.93 47.70 10.21
C LEU I 56 -25.59 46.54 10.92
N GLY I 57 -26.66 46.01 10.33
CA GLY I 57 -27.39 44.95 10.98
C GLY I 57 -28.15 45.41 12.21
N TYR I 58 -28.50 46.70 12.28
CA TYR I 58 -29.05 47.32 13.49
C TYR I 58 -30.23 46.57 14.11
N PRO I 59 -31.23 46.09 13.34
CA PRO I 59 -32.35 45.37 13.99
C PRO I 59 -31.92 44.22 14.88
N ILE I 60 -30.72 43.68 14.64
CA ILE I 60 -30.24 42.53 15.40
C ILE I 60 -28.97 42.88 16.16
N PHE I 61 -28.17 43.80 15.63
CA PHE I 61 -26.89 44.15 16.20
C PHE I 61 -26.91 45.58 16.73
N GLY I 62 -26.21 45.79 17.84
CA GLY I 62 -26.11 47.11 18.40
C GLY I 62 -25.30 48.04 17.53
N HIS I 63 -25.36 49.33 17.87
CA HIS I 63 -24.65 50.34 17.10
C HIS I 63 -23.15 50.12 17.18
N GLU I 64 -22.48 50.13 16.03
CA GLU I 64 -21.04 50.00 15.88
C GLU I 64 -20.51 48.64 16.32
N HIS I 65 -21.39 47.66 16.57
CA HIS I 65 -20.91 46.36 17.02
C HIS I 65 -20.18 45.63 15.89
N LEU I 66 -20.81 45.53 14.73
CA LEU I 66 -20.15 44.90 13.59
C LEU I 66 -18.95 45.71 13.13
N LEU I 67 -19.07 47.04 13.18
CA LEU I 67 -17.95 47.89 12.81
C LEU I 67 -16.78 47.72 13.78
N TRP I 68 -17.06 47.58 15.07
CA TRP I 68 -15.97 47.34 16.01
C TRP I 68 -15.37 45.96 15.86
N ILE I 69 -16.19 44.95 15.55
CA ILE I 69 -15.63 43.63 15.25
C ILE I 69 -14.71 43.69 14.04
N ALA I 70 -15.14 44.39 12.99
CA ALA I 70 -14.31 44.54 11.79
C ALA I 70 -13.04 45.33 12.10
N ARG I 71 -13.14 46.37 12.93
CA ARG I 71 -11.96 47.14 13.30
C ARG I 71 -10.97 46.30 14.09
N PHE I 72 -11.46 45.48 15.02
CA PHE I 72 -10.58 44.60 15.77
C PHE I 72 -9.91 43.57 14.87
N ILE I 73 -10.68 43.00 13.94
CA ILE I 73 -10.12 42.04 13.00
C ILE I 73 -9.05 42.71 12.14
N LEU I 74 -9.33 43.93 11.68
CA LEU I 74 -8.36 44.67 10.86
C LEU I 74 -7.10 44.98 11.65
N LEU I 75 -7.25 45.41 12.90
CA LEU I 75 -6.09 45.73 13.73
C LEU I 75 -5.25 44.49 13.98
N ALA I 76 -5.89 43.36 14.30
CA ALA I 76 -5.15 42.12 14.49
C ALA I 76 -4.44 41.70 13.22
N SER I 77 -5.13 41.79 12.08
CA SER I 77 -4.53 41.40 10.81
C SER I 77 -3.33 42.27 10.48
N VAL I 78 -3.46 43.58 10.66
CA VAL I 78 -2.37 44.49 10.29
C VAL I 78 -1.22 44.37 11.28
N PHE I 79 -1.50 44.10 12.55
CA PHE I 79 -0.42 43.93 13.52
C PHE I 79 0.36 42.64 13.26
N LEU I 80 -0.36 41.54 13.01
CA LEU I 80 0.33 40.30 12.65
C LEU I 80 1.10 40.47 11.35
N HIS I 81 0.50 41.18 10.38
CA HIS I 81 1.15 41.41 9.10
C HIS I 81 2.45 42.18 9.27
N ILE I 82 2.41 43.27 10.03
CA ILE I 82 3.59 44.10 10.20
C ILE I 82 4.65 43.38 11.03
N TRP I 83 4.23 42.63 12.06
CA TRP I 83 5.18 41.87 12.86
C TRP I 83 5.90 40.83 12.02
N ALA I 84 5.14 40.04 11.25
CA ALA I 84 5.77 39.02 10.43
C ALA I 84 6.60 39.63 9.32
N ALA I 85 6.16 40.75 8.75
CA ALA I 85 6.94 41.43 7.72
C ALA I 85 8.26 41.93 8.27
N THR I 86 8.25 42.51 9.47
CA THR I 86 9.48 42.97 10.10
C THR I 86 10.41 41.81 10.40
N SER I 87 9.86 40.71 10.93
CA SER I 87 10.68 39.54 11.23
C SER I 87 11.33 38.98 9.97
N LEU I 88 10.55 38.82 8.91
CA LEU I 88 11.08 38.27 7.66
C LEU I 88 12.07 39.23 7.02
N THR I 89 11.81 40.53 7.10
CA THR I 89 12.74 41.51 6.55
C THR I 89 14.06 41.48 7.28
N LEU I 90 14.03 41.39 8.62
CA LEU I 90 15.27 41.31 9.38
C LEU I 90 16.01 40.01 9.10
N GLN I 91 15.27 38.90 8.94
CA GLN I 91 15.91 37.64 8.60
C GLN I 91 16.59 37.69 7.24
N SER I 92 15.90 38.25 6.23
CA SER I 92 16.48 38.34 4.90
C SER I 92 17.61 39.36 4.85
N ARG I 93 17.59 40.35 5.75
CA ARG I 93 18.72 41.26 5.85
C ARG I 93 19.93 40.57 6.47
N ARG I 94 19.72 39.80 7.53
CA ARG I 94 20.80 39.04 8.14
C ARG I 94 21.36 38.00 7.18
N SER I 95 20.52 37.51 6.26
CA SER I 95 20.96 36.52 5.29
C SER I 95 21.92 37.08 4.26
N LEU I 96 22.13 38.40 4.21
CA LEU I 96 23.02 39.01 3.22
C LEU I 96 24.14 39.83 3.84
N GLN I 97 24.21 39.94 5.18
CA GLN I 97 25.21 40.80 5.79
C GLN I 97 26.62 40.26 5.59
N ALA I 98 26.81 38.95 5.76
CA ALA I 98 28.15 38.39 5.75
C ALA I 98 28.80 38.47 4.38
N SER I 99 28.08 38.05 3.35
CA SER I 99 28.60 38.02 1.97
C SER I 99 27.95 39.16 1.21
N SER I 100 28.65 40.29 1.14
CA SER I 100 28.16 41.47 0.43
C SER I 100 29.33 42.41 0.22
N ILE I 101 29.45 42.96 -0.99
CA ILE I 101 30.53 43.89 -1.29
C ILE I 101 30.42 45.15 -0.45
N SER I 102 29.19 45.55 -0.10
CA SER I 102 28.97 46.74 0.70
C SER I 102 27.71 46.54 1.51
N THR I 103 27.42 47.52 2.39
CA THR I 103 26.19 47.51 3.16
C THR I 103 24.98 47.95 2.33
N VAL I 104 25.21 48.39 1.09
CA VAL I 104 24.14 48.77 0.18
C VAL I 104 24.17 47.94 -1.10
N ARG I 105 25.16 47.07 -1.28
CA ARG I 105 25.32 46.28 -2.49
C ARG I 105 25.59 44.83 -2.12
N ARG I 106 24.89 43.91 -2.76
CA ARG I 106 25.15 42.49 -2.56
C ARG I 106 26.21 41.99 -3.54
N TYR I 107 25.94 42.12 -4.82
CA TYR I 107 26.86 41.75 -5.88
C TYR I 107 27.37 43.02 -6.57
N GLY I 108 28.51 42.90 -7.24
CA GLY I 108 28.93 43.95 -8.14
C GLY I 108 28.11 44.05 -9.39
N GLN I 109 27.31 43.01 -9.66
CA GLN I 109 26.34 43.01 -10.73
C GLN I 109 25.33 41.92 -10.40
N HIS I 110 24.04 42.28 -10.33
CA HIS I 110 22.97 41.31 -10.13
C HIS I 110 21.82 41.66 -11.07
N LYS I 111 21.87 41.12 -12.28
CA LYS I 111 20.77 41.26 -13.21
C LYS I 111 19.59 40.44 -12.73
N ARG I 112 18.49 41.12 -12.45
CA ARG I 112 17.28 40.46 -11.98
C ARG I 112 16.39 40.08 -13.17
N GLN I 113 15.66 38.99 -13.01
CA GLN I 113 14.85 38.44 -14.09
C GLN I 113 13.39 38.27 -13.74
N SER I 114 13.06 38.02 -12.46
CA SER I 114 11.69 37.75 -12.06
C SER I 114 11.03 38.93 -11.35
N GLY I 115 11.65 40.11 -11.38
CA GLY I 115 11.03 41.31 -10.89
C GLY I 115 11.77 41.90 -9.70
N TYR I 116 11.14 42.90 -9.10
CA TYR I 116 11.65 43.65 -7.96
C TYR I 116 10.64 43.66 -6.84
N ALA I 117 10.05 42.50 -6.55
CA ALA I 117 8.97 42.36 -5.59
C ALA I 117 9.48 42.29 -4.16
N ASP I 118 10.73 42.66 -3.91
CA ASP I 118 11.25 42.80 -2.55
C ASP I 118 11.55 44.23 -2.16
N TYR I 119 11.93 45.08 -3.12
CA TYR I 119 12.03 46.50 -2.85
C TYR I 119 10.64 47.12 -2.72
N THR I 120 9.75 46.80 -3.67
CA THR I 120 8.42 47.38 -3.67
C THR I 120 7.62 46.94 -2.45
N MET I 121 7.61 45.64 -2.15
CA MET I 121 6.79 45.16 -1.04
C MET I 121 7.22 45.80 0.27
N ARG I 122 8.51 45.81 0.57
CA ARG I 122 8.97 46.31 1.85
C ARG I 122 8.83 47.83 1.94
N PHE I 123 9.30 48.55 0.92
CA PHE I 123 9.23 50.02 0.98
C PHE I 123 7.78 50.49 0.95
N GLY I 124 6.95 49.92 0.09
CA GLY I 124 5.54 50.26 0.07
C GLY I 124 4.83 49.84 1.33
N GLY I 125 5.28 48.76 1.99
CA GLY I 125 4.68 48.40 3.26
C GLY I 125 4.96 49.41 4.35
N VAL I 126 6.21 49.90 4.41
CA VAL I 126 6.52 50.98 5.35
C VAL I 126 5.70 52.22 5.02
N LEU I 127 5.61 52.56 3.74
CA LEU I 127 4.81 53.72 3.33
C LEU I 127 3.34 53.54 3.68
N ILE I 128 2.82 52.33 3.50
CA ILE I 128 1.41 52.05 3.80
C ILE I 128 1.17 52.12 5.31
N PHE I 129 2.12 51.65 6.11
CA PHE I 129 1.99 51.79 7.56
C PHE I 129 1.90 53.27 7.96
N PHE I 130 2.85 54.07 7.46
CA PHE I 130 2.83 55.50 7.78
C PHE I 130 1.55 56.16 7.26
N PHE I 131 1.12 55.77 6.06
CA PHE I 131 -0.11 56.33 5.49
C PHE I 131 -1.33 55.94 6.30
N ILE I 132 -1.39 54.70 6.80
CA ILE I 132 -2.53 54.29 7.60
C ILE I 132 -2.58 55.11 8.89
N ILE I 133 -1.42 55.31 9.53
CA ILE I 133 -1.40 56.15 10.72
C ILE I 133 -1.88 57.56 10.39
N TYR I 134 -1.30 58.15 9.33
CA TYR I 134 -1.67 59.51 8.96
C TYR I 134 -3.13 59.61 8.52
N HIS I 135 -3.65 58.56 7.89
CA HIS I 135 -5.01 58.58 7.35
C HIS I 135 -6.04 58.46 8.47
N ILE I 136 -5.75 57.62 9.46
CA ILE I 136 -6.60 57.57 10.64
C ILE I 136 -6.58 58.91 11.37
N LEU I 137 -5.39 59.52 11.48
CA LEU I 137 -5.32 60.83 12.11
C LEU I 137 -5.92 61.93 11.24
N HIS I 138 -6.09 61.70 9.94
CA HIS I 138 -6.52 62.73 9.01
C HIS I 138 -8.04 62.72 8.79
N LEU I 139 -8.58 61.60 8.30
CA LEU I 139 -9.99 61.55 7.95
C LEU I 139 -10.86 60.97 9.06
N THR I 140 -10.36 60.03 9.83
CA THR I 140 -11.16 59.46 10.91
C THR I 140 -11.29 60.43 12.08
N PHE I 141 -10.18 61.07 12.47
CA PHE I 141 -10.18 61.96 13.63
C PHE I 141 -10.05 63.44 13.28
N GLY I 142 -9.56 63.76 12.09
CA GLY I 142 -9.46 65.16 11.68
C GLY I 142 -8.53 66.00 12.52
N VAL I 143 -7.44 65.42 13.02
CA VAL I 143 -6.50 66.14 13.87
C VAL I 143 -5.24 66.53 13.13
N VAL I 144 -5.21 66.36 11.81
CA VAL I 144 -4.03 66.73 11.00
C VAL I 144 -4.50 67.00 9.58
N GLY I 145 -3.87 67.97 8.94
CA GLY I 145 -4.18 68.30 7.57
C GLY I 145 -5.46 69.09 7.38
N TYR I 146 -5.99 69.70 8.43
CA TYR I 146 -7.26 70.40 8.38
C TYR I 146 -7.12 71.80 8.96
N GLU I 147 -7.63 72.79 8.24
CA GLU I 147 -7.78 74.11 8.80
C GLU I 147 -8.89 74.10 9.86
N PRO I 148 -8.82 74.99 10.85
CA PRO I 148 -9.89 75.02 11.87
C PRO I 148 -11.23 75.34 11.24
N GLY I 149 -12.27 74.67 11.74
CA GLY I 149 -13.61 74.87 11.24
C GLY I 149 -13.93 74.19 9.92
N GLN I 150 -13.06 73.30 9.45
CA GLN I 150 -13.27 72.59 8.19
C GLN I 150 -13.72 71.16 8.36
N PHE I 151 -13.39 70.53 9.49
CA PHE I 151 -13.67 69.11 9.71
C PHE I 151 -14.81 68.98 10.71
N ILE I 152 -15.83 68.19 10.34
CA ILE I 152 -16.99 67.95 11.18
C ILE I 152 -16.96 66.49 11.64
N HIS I 153 -17.04 66.29 12.97
CA HIS I 153 -17.07 64.99 13.62
C HIS I 153 -18.48 64.40 13.60
N PRO I 154 -18.59 63.07 13.58
CA PRO I 154 -19.91 62.43 13.69
C PRO I 154 -20.69 62.90 14.90
N HIS I 155 -21.87 63.46 14.68
CA HIS I 155 -22.72 64.00 15.73
C HIS I 155 -23.98 63.14 15.81
N GLY I 156 -23.97 62.17 16.72
CA GLY I 156 -25.10 61.28 16.87
C GLY I 156 -25.24 60.32 15.70
N ASP I 157 -26.28 60.52 14.89
CA ASP I 157 -26.51 59.68 13.72
C ASP I 157 -26.26 60.40 12.41
N VAL I 158 -25.99 61.70 12.43
CA VAL I 158 -25.66 62.45 11.23
C VAL I 158 -24.16 62.39 11.01
N TYR I 159 -23.75 62.29 9.74
CA TYR I 159 -22.35 62.19 9.38
C TYR I 159 -22.02 63.20 8.29
N GLU I 160 -20.86 63.82 8.40
CA GLU I 160 -20.37 64.76 7.40
C GLU I 160 -19.10 64.23 6.74
N THR I 161 -19.10 62.95 6.40
CA THR I 161 -17.93 62.32 5.81
C THR I 161 -17.60 62.96 4.46
N TYR I 162 -18.63 63.32 3.68
CA TYR I 162 -18.39 63.97 2.40
C TYR I 162 -17.69 65.31 2.56
N ASN I 163 -18.12 66.09 3.57
CA ASN I 163 -17.46 67.36 3.84
C ASN I 163 -16.00 67.15 4.24
N ASN I 164 -15.74 66.13 5.07
CA ASN I 164 -14.37 65.83 5.46
C ASN I 164 -13.53 65.45 4.26
N VAL I 165 -14.08 64.65 3.36
CA VAL I 165 -13.35 64.26 2.15
C VAL I 165 -13.07 65.48 1.29
N VAL I 166 -14.06 66.36 1.12
CA VAL I 166 -13.88 67.53 0.26
C VAL I 166 -12.84 68.47 0.83
N TYR I 167 -12.86 68.72 2.13
CA TYR I 167 -11.92 69.63 2.75
C TYR I 167 -10.60 68.95 3.12
N GLY I 168 -10.46 67.65 2.90
CA GLY I 168 -9.23 66.97 3.22
C GLY I 168 -8.21 67.04 2.10
N PHE I 169 -8.63 66.78 0.87
CA PHE I 169 -7.74 66.80 -0.28
C PHE I 169 -7.70 68.18 -0.95
N GLN I 170 -7.43 69.21 -0.15
CA GLN I 170 -7.22 70.55 -0.65
C GLN I 170 -5.75 70.94 -0.70
N ASN I 171 -4.98 70.59 0.31
CA ASN I 171 -3.54 70.83 0.30
C ASN I 171 -2.88 69.85 -0.65
N PRO I 172 -2.14 70.32 -1.67
CA PRO I 172 -1.56 69.38 -2.64
C PRO I 172 -0.53 68.43 -2.04
N LEU I 173 0.03 68.76 -0.87
CA LEU I 173 0.92 67.81 -0.20
C LEU I 173 0.17 66.55 0.22
N ILE I 174 -1.04 66.71 0.74
CA ILE I 174 -1.86 65.56 1.12
C ILE I 174 -2.21 64.74 -0.12
N VAL I 175 -2.56 65.42 -1.20
CA VAL I 175 -2.89 64.73 -2.44
C VAL I 175 -1.71 63.94 -2.96
N GLY I 176 -0.51 64.54 -2.92
CA GLY I 176 0.67 63.83 -3.38
C GLY I 176 1.02 62.65 -2.51
N PHE I 177 0.90 62.81 -1.19
CA PHE I 177 1.14 61.69 -0.28
C PHE I 177 0.16 60.55 -0.55
N TYR I 178 -1.11 60.88 -0.72
CA TYR I 178 -2.11 59.86 -1.01
C TYR I 178 -1.82 59.16 -2.34
N LEU I 179 -1.44 59.93 -3.37
CA LEU I 179 -1.15 59.34 -4.67
C LEU I 179 0.06 58.42 -4.62
N LEU I 180 1.12 58.84 -3.93
CA LEU I 180 2.30 57.99 -3.80
C LEU I 180 1.98 56.71 -3.05
N THR I 181 1.21 56.83 -1.96
CA THR I 181 0.81 55.64 -1.22
C THR I 181 -0.06 54.74 -2.07
N MET I 182 -0.90 55.32 -2.93
CA MET I 182 -1.74 54.49 -3.80
C MET I 182 -0.90 53.78 -4.85
N VAL I 183 0.15 54.43 -5.37
CA VAL I 183 1.05 53.76 -6.30
C VAL I 183 1.72 52.56 -5.63
N PHE I 184 2.23 52.77 -4.42
CA PHE I 184 2.91 51.67 -3.74
C PHE I 184 1.93 50.60 -3.25
N LEU I 185 0.69 50.98 -2.95
CA LEU I 185 -0.32 49.97 -2.62
C LEU I 185 -0.76 49.21 -3.87
N ALA I 186 -0.77 49.86 -5.03
CA ALA I 186 -1.02 49.16 -6.28
C ALA I 186 0.07 48.12 -6.53
N LEU I 187 1.32 48.49 -6.31
CA LEU I 187 2.40 47.50 -6.43
C LEU I 187 2.23 46.39 -5.39
N HIS I 188 1.88 46.79 -4.16
CA HIS I 188 1.67 45.80 -3.08
C HIS I 188 0.63 44.78 -3.52
N LEU I 189 -0.52 45.25 -4.01
CA LEU I 189 -1.59 44.34 -4.42
C LEU I 189 -1.16 43.51 -5.63
N TYR I 190 -0.58 44.16 -6.64
CA TYR I 190 -0.16 43.48 -7.86
C TYR I 190 0.76 42.32 -7.56
N HIS I 191 1.60 42.42 -6.53
CA HIS I 191 2.39 41.26 -6.16
C HIS I 191 1.65 40.34 -5.18
N GLY I 192 1.08 40.90 -4.12
CA GLY I 192 0.62 40.10 -3.00
C GLY I 192 -0.64 39.32 -3.23
N VAL I 193 -1.51 39.78 -4.15
CA VAL I 193 -2.73 39.04 -4.41
C VAL I 193 -2.40 37.65 -4.96
N TRP I 194 -1.43 37.58 -5.87
CA TRP I 194 -0.95 36.28 -6.34
C TRP I 194 -0.03 35.62 -5.32
N SER I 195 0.79 36.41 -4.63
CA SER I 195 1.79 35.83 -3.72
C SER I 195 1.15 35.19 -2.51
N MET I 196 -0.06 35.62 -2.12
CA MET I 196 -0.74 35.01 -0.99
C MET I 196 -1.39 33.68 -1.37
N PHE I 197 -1.79 33.53 -2.64
CA PHE I 197 -2.21 32.21 -3.12
C PHE I 197 -1.02 31.27 -3.24
N GLN I 198 0.11 31.80 -3.72
CA GLN I 198 1.32 30.98 -3.81
C GLN I 198 1.85 30.60 -2.43
N THR I 199 1.67 31.48 -1.44
CA THR I 199 2.18 31.22 -0.10
C THR I 199 1.37 30.14 0.61
N LEU I 200 0.07 30.07 0.34
CA LEU I 200 -0.74 29.01 0.92
C LEU I 200 -0.69 27.74 0.09
N GLY I 201 0.01 27.74 -1.04
CA GLY I 201 0.10 26.58 -1.91
C GLY I 201 -1.05 26.41 -2.86
N TRP I 202 -1.95 27.39 -2.94
CA TRP I 202 -3.11 27.30 -3.84
C TRP I 202 -2.74 27.82 -5.23
N ASN I 203 -1.71 27.20 -5.81
CA ASN I 203 -1.20 27.63 -7.09
C ASN I 203 -0.54 26.46 -7.79
N ASN I 204 -0.58 26.49 -9.13
CA ASN I 204 0.10 25.49 -9.95
C ASN I 204 0.31 26.11 -11.34
N ARG I 205 0.70 25.27 -12.30
CA ARG I 205 1.00 25.77 -13.65
C ARG I 205 -0.24 26.32 -14.32
N THR I 206 -1.38 25.64 -14.18
CA THR I 206 -2.59 26.04 -14.90
C THR I 206 -3.14 27.36 -14.39
N TYR I 207 -3.20 27.53 -13.08
CA TYR I 207 -3.82 28.70 -12.47
C TYR I 207 -2.85 29.82 -12.15
N ASP I 208 -1.56 29.67 -12.48
CA ASP I 208 -0.60 30.74 -12.23
C ASP I 208 -0.95 31.98 -13.04
N ARG I 209 -1.25 31.80 -14.33
CA ARG I 209 -1.63 32.93 -15.17
C ARG I 209 -2.95 33.54 -14.71
N LEU I 210 -3.91 32.69 -14.29
CA LEU I 210 -5.18 33.19 -13.81
C LEU I 210 -5.01 34.03 -12.55
N LEU I 211 -4.16 33.58 -11.63
CA LEU I 211 -3.92 34.34 -10.40
C LEU I 211 -3.15 35.62 -10.68
N ARG I 212 -2.21 35.58 -11.63
CA ARG I 212 -1.54 36.80 -12.06
C ARG I 212 -2.54 37.81 -12.62
N GLY I 213 -3.46 37.34 -13.46
CA GLY I 213 -4.46 38.24 -14.02
C GLY I 213 -5.41 38.79 -12.96
N LEU I 214 -5.79 37.96 -12.00
CA LEU I 214 -6.64 38.42 -10.91
C LEU I 214 -5.93 39.48 -10.07
N ALA I 215 -4.64 39.26 -9.78
CA ALA I 215 -3.86 40.25 -9.05
C ALA I 215 -3.78 41.55 -9.83
N ILE I 216 -3.55 41.47 -11.14
CA ILE I 216 -3.49 42.66 -11.98
C ILE I 216 -4.82 43.42 -11.93
N VAL I 217 -5.93 42.69 -12.03
CA VAL I 217 -7.25 43.33 -12.04
C VAL I 217 -7.51 44.01 -10.70
N VAL I 218 -7.21 43.32 -9.60
CA VAL I 218 -7.46 43.88 -8.28
C VAL I 218 -6.61 45.13 -8.06
N ALA I 219 -5.33 45.04 -8.39
CA ALA I 219 -4.44 46.18 -8.21
C ALA I 219 -4.87 47.36 -9.08
N ALA I 220 -5.24 47.09 -10.34
CA ALA I 220 -5.65 48.17 -11.23
C ALA I 220 -6.92 48.85 -10.74
N ALA I 221 -7.91 48.06 -10.32
CA ALA I 221 -9.16 48.64 -9.84
C ALA I 221 -8.93 49.48 -8.59
N VAL I 222 -8.18 48.93 -7.62
CA VAL I 222 -7.93 49.66 -6.38
C VAL I 222 -7.15 50.93 -6.65
N PHE I 223 -6.11 50.84 -7.48
CA PHE I 223 -5.30 52.00 -7.81
C PHE I 223 -6.14 53.07 -8.50
N ILE I 224 -6.96 52.68 -9.48
CA ILE I 224 -7.74 53.65 -10.24
C ILE I 224 -8.73 54.36 -9.32
N GLY I 225 -9.44 53.59 -8.49
CA GLY I 225 -10.40 54.22 -7.59
C GLY I 225 -9.74 55.13 -6.56
N ASN I 226 -8.66 54.65 -5.95
CA ASN I 226 -8.02 55.37 -4.86
C ASN I 226 -7.16 56.53 -5.33
N ILE I 227 -6.85 56.63 -6.62
CA ILE I 227 -6.29 57.86 -7.17
C ILE I 227 -7.35 58.75 -7.79
N SER I 228 -8.52 58.19 -8.14
CA SER I 228 -9.61 59.01 -8.62
C SER I 228 -10.21 59.84 -7.48
N PHE I 229 -10.31 59.27 -6.29
CA PHE I 229 -10.88 60.02 -5.17
C PHE I 229 -10.14 61.33 -4.91
N PRO I 230 -8.86 61.34 -4.56
CA PRO I 230 -8.23 62.61 -4.17
C PRO I 230 -7.99 63.54 -5.34
N LEU I 231 -7.71 63.00 -6.53
CA LEU I 231 -7.56 63.85 -7.70
C LEU I 231 -8.86 64.57 -8.03
N ALA I 232 -9.99 63.84 -7.97
CA ALA I 232 -11.29 64.48 -8.22
C ALA I 232 -11.61 65.52 -7.16
N VAL I 233 -11.31 65.22 -5.89
CA VAL I 233 -11.60 66.18 -4.83
C VAL I 233 -10.75 67.43 -4.99
N TYR I 234 -9.47 67.27 -5.29
CA TYR I 234 -8.56 68.41 -5.40
C TYR I 234 -8.85 69.25 -6.65
N PHE I 235 -9.21 68.59 -7.75
CA PHE I 235 -9.45 69.29 -9.01
C PHE I 235 -10.84 69.90 -9.10
N GLY I 236 -11.73 69.59 -8.15
CA GLY I 236 -13.05 70.19 -8.13
C GLY I 236 -14.17 69.32 -8.65
N PHE I 237 -13.88 68.08 -9.08
CA PHE I 237 -14.96 67.21 -9.55
C PHE I 237 -15.86 66.76 -8.41
N VAL I 238 -15.31 66.64 -7.20
CA VAL I 238 -16.10 66.32 -6.01
C VAL I 238 -16.02 67.52 -5.08
N ALA I 239 -17.14 68.18 -4.86
CA ALA I 239 -17.18 69.38 -4.04
C ALA I 239 -18.50 69.50 -3.29
PA FAD J . -11.26 -20.35 -25.92
O1A FAD J . -12.22 -19.24 -25.76
O2A FAD J . -11.89 -21.74 -25.86
O5B FAD J . -10.48 -20.16 -27.25
C5B FAD J . -11.17 -19.95 -28.50
C4B FAD J . -10.64 -18.69 -29.14
O4B FAD J . -10.10 -19.01 -30.44
C3B FAD J . -11.69 -17.60 -29.38
O3B FAD J . -11.11 -16.31 -29.23
C2B FAD J . -12.13 -17.87 -30.82
O2B FAD J . -12.61 -16.68 -31.44
C1B FAD J . -10.82 -18.32 -31.44
N9A FAD J . -10.97 -19.19 -32.60
C8A FAD J . -11.39 -20.50 -32.59
N7A FAD J . -11.43 -21.06 -33.78
C5A FAD J . -11.00 -20.04 -34.62
C6A FAD J . -10.82 -19.99 -36.03
N6A FAD J . -11.04 -21.01 -36.85
N1A FAD J . -10.38 -18.82 -36.55
C2A FAD J . -10.15 -17.79 -35.73
N3A FAD J . -10.28 -17.73 -34.41
C4A FAD J . -10.72 -18.89 -33.92
N1 FAD J . -11.82 -24.56 -17.00
C2 FAD J . -11.20 -24.52 -15.79
O2 FAD J . -9.99 -24.70 -15.67
N3 FAD J . -11.95 -24.28 -14.65
C4 FAD J . -13.30 -24.07 -14.59
O4 FAD J . -13.85 -23.86 -13.51
C4X FAD J . -13.95 -24.11 -15.88
N5 FAD J . -15.23 -23.92 -15.93
C5X FAD J . -15.85 -23.96 -17.16
C6 FAD J . -17.24 -23.76 -17.21
C7 FAD J . -17.91 -23.78 -18.43
C7M FAD J . -19.40 -23.56 -18.46
C8 FAD J . -17.20 -24.03 -19.61
C8M FAD J . -17.90 -24.06 -20.94
C9 FAD J . -15.82 -24.22 -19.56
C9A FAD J . -15.15 -24.19 -18.34
N10 FAD J . -13.76 -24.40 -18.25
C10 FAD J . -13.13 -24.36 -17.04
C1' FAD J . -12.96 -24.65 -19.46
C2' FAD J . -12.28 -23.40 -20.00
O2' FAD J . -13.23 -22.34 -20.14
C3' FAD J . -11.67 -23.71 -21.36
O3' FAD J . -11.42 -25.11 -21.46
C4' FAD J . -10.37 -22.95 -21.68
O4' FAD J . -10.10 -22.05 -20.61
C5' FAD J . -10.45 -22.21 -22.99
O5' FAD J . -9.14 -22.14 -23.57
P FAD J . -8.80 -21.11 -24.71
O1P FAD J . -7.69 -20.17 -24.23
O2P FAD J . -8.54 -21.78 -25.99
O3P FAD J . -10.14 -20.26 -24.80
C1 SIN K . -17.93 -27.36 -10.02
O1 SIN K . -16.69 -27.56 -10.04
O2 SIN K . -18.55 -27.33 -11.11
C2 SIN K . -18.65 -27.15 -8.71
C3 SIN K . -17.71 -26.54 -7.69
C4 SIN K . -17.90 -25.05 -7.64
O3 SIN K . -18.24 -24.50 -6.56
O4 SIN K . -17.74 -24.35 -8.66
FE1 SF4 L . -24.70 -4.84 -21.40
FE2 SF4 L . -22.61 -3.87 -19.92
FE3 SF4 L . -25.16 -3.78 -18.92
FE4 SF4 L . -24.44 -2.15 -21.00
S1 SF4 L . -23.60 -2.11 -18.87
S2 SF4 L . -26.34 -3.38 -20.82
S3 SF4 L . -23.01 -3.50 -22.13
S4 SF4 L . -23.95 -5.65 -19.40
FE1 FES M . -26.13 -14.53 -25.12
FE2 FES M . -23.49 -14.98 -24.94
S1 FES M . -24.67 -13.43 -23.90
S2 FES M . -24.93 -15.90 -26.34
FE1 F3S N . -29.51 6.73 -21.30
FE3 F3S N . -28.49 5.54 -19.09
FE4 F3S N . -28.05 8.16 -19.55
S1 F3S N . -30.52 5.25 -19.96
S2 F3S N . -29.90 8.89 -20.63
S3 F3S N . -27.28 6.40 -20.83
S4 F3S N . -28.45 7.22 -17.54
CHA HEM O . -31.46 19.83 -17.82
CHB HEM O . -33.01 23.25 -14.80
CHC HEM O . -33.59 26.29 -18.57
CHD HEM O . -32.72 22.61 -21.58
C1A HEM O . -31.71 20.57 -16.70
C2A HEM O . -31.31 20.21 -15.40
C3A HEM O . -31.74 21.16 -14.54
C4A HEM O . -32.43 22.12 -15.30
CMA HEM O . -31.54 21.21 -13.05
CAA HEM O . -30.53 18.97 -15.02
CBA HEM O . -29.06 19.17 -15.44
CGA HEM O . -28.31 17.90 -15.15
O1A HEM O . -27.11 17.93 -14.85
O2A HEM O . -28.90 16.80 -15.25
C1B HEM O . -33.30 24.35 -15.61
C2B HEM O . -33.74 25.57 -15.05
C3B HEM O . -33.91 26.45 -16.08
C4B HEM O . -33.54 25.71 -17.30
CMB HEM O . -33.99 25.81 -13.58
CAB HEM O . -34.37 27.84 -16.00
CBB HEM O . -35.63 28.11 -15.71
C1C HEM O . -33.39 25.55 -19.72
C2C HEM O . -33.47 26.07 -21.03
C3C HEM O . -33.21 25.01 -21.90
C4C HEM O . -32.99 23.85 -21.09
CMC HEM O . -33.78 27.50 -21.38
CAC HEM O . -33.19 25.03 -23.37
CBC HEM O . -32.55 25.94 -24.08
C1D HEM O . -32.32 21.57 -20.76
C2D HEM O . -31.94 20.26 -21.33
C3D HEM O . -31.59 19.49 -20.27
C4D HEM O . -31.75 20.33 -19.08
CMD HEM O . -31.96 19.90 -22.78
CAD HEM O . -31.13 18.07 -20.23
CBD HEM O . -30.01 17.71 -21.19
CGD HEM O . -29.44 16.41 -20.69
O1D HEM O . -29.71 16.02 -19.54
O2D HEM O . -28.71 15.72 -21.43
NA HEM O . -32.38 21.76 -16.62
NB HEM O . -33.18 24.47 -16.93
NC HEM O . -33.09 24.23 -19.78
ND HEM O . -32.19 21.55 -19.42
FE HEM O . -32.57 22.93 -18.23
CHA HEM P . -39.14 39.29 -13.86
CHB HEM P . -43.45 37.83 -12.24
CHC HEM P . -42.33 33.25 -13.46
CHD HEM P . -37.81 34.68 -14.50
C1A HEM P . -40.42 39.27 -13.36
C2A HEM P . -41.15 40.43 -13.02
C3A HEM P . -42.36 40.02 -12.56
C4A HEM P . -42.39 38.61 -12.60
CMA HEM P . -43.47 40.92 -12.08
CAA HEM P . -40.68 41.85 -13.14
CBA HEM P . -39.75 42.21 -11.98
CGA HEM P . -38.36 42.47 -12.52
O1A HEM P . -38.15 42.41 -13.75
O2A HEM P . -37.43 42.73 -11.73
C1B HEM P . -43.48 36.45 -12.46
C2B HEM P . -44.64 35.68 -12.18
C3B HEM P . -44.36 34.39 -12.51
C4B HEM P . -42.97 34.40 -13.03
CMB HEM P . -45.93 36.21 -11.61
CAB HEM P . -45.22 33.21 -12.41
CBB HEM P . -46.35 33.14 -13.11
C1C HEM P . -41.00 33.23 -13.83
C2C HEM P . -40.26 32.08 -14.15
C3C HEM P . -38.96 32.49 -14.44
C4C HEM P . -38.92 33.90 -14.28
CMC HEM P . -40.80 30.67 -14.16
CAC HEM P . -37.83 31.63 -14.83
CBC HEM P . -37.88 30.92 -15.95
C1D HEM P . -37.86 36.06 -14.40
C2D HEM P . -36.68 36.88 -14.71
C3D HEM P . -37.05 38.16 -14.54
C4D HEM P . -38.45 38.12 -14.12
CMD HEM P . -35.33 36.38 -15.15
CAD HEM P . -36.21 39.39 -14.72
CBD HEM P . -35.52 39.69 -13.39
CGD HEM P . -34.94 41.09 -13.41
O1D HEM P . -35.10 41.83 -14.40
O2D HEM P . -34.28 41.49 -12.42
NA HEM P . -41.20 38.17 -13.11
NB HEM P . -42.52 35.67 -12.97
NC HEM P . -40.18 34.32 -13.92
ND HEM P . -38.89 36.86 -14.05
FE HEM P . -40.61 36.33 -13.56
C1B LMT Q . -17.08 18.94 -28.17
C2B LMT Q . -15.72 18.38 -28.63
C3B LMT Q . -15.89 16.98 -29.24
C4B LMT Q . -16.69 16.06 -28.28
C5B LMT Q . -17.99 16.77 -27.89
C6B LMT Q . -18.11 16.85 -26.37
O1B LMT Q . -17.30 20.16 -28.80
O2B LMT Q . -15.22 19.26 -29.56
O3B LMT Q . -14.69 16.44 -29.62
O4' LMT Q . -16.98 14.87 -28.90
O5B LMT Q . -18.11 18.05 -28.48
O6B LMT Q . -19.40 17.16 -26.01
C1' LMT Q . -20.24 22.83 -30.01
C2' LMT Q . -19.75 22.95 -28.56
C3' LMT Q . -18.39 22.23 -28.41
C4' LMT Q . -18.57 20.74 -28.68
C5' LMT Q . -19.30 20.59 -30.04
C6' LMT Q . -20.56 19.74 -30.02
O1' LMT Q . -21.58 22.55 -30.07
O2' LMT Q . -19.57 24.28 -28.28
O3' LMT Q . -17.88 22.42 -27.17
O5' LMT Q . -19.51 21.83 -30.73
O6' LMT Q . -20.40 18.84 -31.03
C1 LMT Q . -22.21 23.03 -31.23
C2 LMT Q . -23.64 23.23 -30.82
C3 LMT Q . -23.89 24.23 -29.75
C4 LMT Q . -24.06 25.58 -30.40
C5 LMT Q . -24.00 26.64 -29.36
C6 LMT Q . -24.90 27.78 -29.67
C7 LMT Q . -26.27 27.51 -29.12
C8 LMT Q . -26.77 28.74 -28.46
C9 LMT Q . -25.89 29.26 -27.36
C10 LMT Q . -26.78 29.95 -26.37
C11 LMT Q . -27.58 31.04 -26.99
P PGV R . -20.90 6.54 -2.13
C01 PGV R . -23.59 10.44 -1.75
C02 PGV R . -22.32 10.15 -2.51
C03 PGV R . -22.16 8.70 -2.94
C04 PGV R . -18.59 7.28 -3.08
C05 PGV R . -17.09 7.19 -2.88
C06 PGV R . -16.46 8.54 -3.12
O01 PGV R . -21.24 10.57 -1.67
O02 PGV R . -19.04 10.42 -2.05
O03 PGV R . -23.81 11.84 -1.66
O04 PGV R . -26.02 11.56 -1.69
O05 PGV R . -16.51 6.16 -3.65
O06 PGV R . -15.79 8.52 -4.36
O11 PGV R . -20.95 8.14 -2.50
O12 PGV R . -19.26 6.54 -2.08
O13 PGV R . -21.45 6.33 -0.76
O14 PGV R . -21.41 5.70 -3.26
C1 PGV R . -20.10 10.97 -2.23
C2 PGV R . -20.31 12.21 -3.07
C3 PGV R . -19.91 13.51 -2.39
C4 PGV R . -20.38 13.56 -0.95
C5 PGV R . -20.78 14.96 -0.50
C6 PGV R . -21.91 15.55 -1.34
C7 PGV R . -22.75 16.56 -0.59
C8 PGV R . -23.45 17.56 -1.50
C19 PGV R . -25.06 12.25 -1.50
C20 PGV R . -25.10 13.69 -1.06
C21 PGV R . -26.49 14.31 -1.13
C22 PGV R . -27.36 13.90 0.05
C23 PGV R . -28.82 14.31 -0.08
C24 PGV R . -28.99 15.82 -0.11
C1B LMT S . -35.64 12.30 -30.65
C2B LMT S . -34.53 11.65 -29.78
C3B LMT S . -35.03 10.32 -29.19
C4B LMT S . -36.31 9.83 -29.89
C5B LMT S . -36.17 10.10 -31.40
C6B LMT S . -37.33 9.49 -32.16
O1B LMT S . -35.23 13.55 -31.12
O2B LMT S . -33.43 11.47 -30.58
O3B LMT S . -35.17 10.39 -27.83
O4' LMT S . -36.49 8.48 -29.69
O5B LMT S . -36.04 11.48 -31.71
O6B LMT S . -37.58 8.22 -31.70
C1' LMT S . -35.83 16.95 -30.47
C2' LMT S . -34.69 16.70 -31.48
C3' LMT S . -33.80 15.49 -31.05
C4' LMT S . -34.54 14.41 -30.22
C5' LMT S . -35.55 15.08 -29.26
C6' LMT S . -35.51 14.55 -27.85
O1' LMT S . -36.07 18.29 -30.34
O2' LMT S . -35.25 16.42 -32.71
O3' LMT S . -32.70 15.92 -30.37
O5' LMT S . -35.39 16.46 -29.23
O6' LMT S . -36.81 14.24 -27.54
C1 LMT S . -35.42 18.93 -29.26
C2 LMT S . -36.44 19.85 -28.69
C3 LMT S . -37.33 20.55 -29.66
C4 LMT S . -36.47 21.48 -30.47
C5 LMT S . -37.29 22.18 -31.50
C48 PEV T . -20.51 40.84 -11.67
C47 PEV T . -21.02 41.65 -12.86
C46 PEV T . -21.81 42.88 -12.45
C45 PEV T . -22.70 43.43 -13.55
C44 PEV T . -21.97 44.32 -14.56
C43 PEV T . -22.81 44.63 -15.80
C42 PEV T . -24.17 45.22 -15.48
C41 PEV T . -24.19 46.75 -15.44
C40 PEV T . -23.82 47.39 -16.77
C39 PEV T . -24.80 47.05 -17.89
C38 PEV T . -26.24 47.47 -17.61
C37 PEV T . -26.42 48.98 -17.53
C36 PEV T . -26.78 49.48 -16.14
C35 PEV T . -27.28 50.91 -16.12
C34 PEV T . -28.59 51.07 -15.35
C33 PEV T . -29.78 50.45 -16.06
C32 PEV T . -30.99 50.32 -15.15
C31 PEV T . -31.77 51.60 -14.99
O31 PEV T . -31.36 52.70 -15.23
O2 PEV T . -33.00 51.36 -14.55
C2 PEV T . -34.10 51.33 -15.47
C1 PEV T . -35.07 52.45 -15.17
O3P PEV T . -36.13 52.45 -16.10
P PEV T . -36.58 53.89 -16.75
O1P PEV T . -35.38 54.62 -17.26
O2P PEV T . -37.52 54.59 -15.82
O4P PEV T . -37.39 53.19 -17.99
C4 PEV T . -37.22 53.73 -19.29
C5 PEV T . -37.97 55.03 -19.38
N6 PEV T . -39.40 54.83 -19.20
C3 PEV T . -34.67 49.93 -15.43
O3 PEV T . -34.69 49.31 -16.72
C11 PEV T . -34.50 47.99 -16.81
O11 PEV T . -35.34 47.22 -17.21
C12 PEV T . -33.11 47.62 -16.39
C13 PEV T . -32.55 46.37 -17.06
C14 PEV T . -33.02 45.10 -16.36
C15 PEV T . -33.75 44.14 -17.29
C16 PEV T . -32.86 43.01 -17.80
C17 PEV T . -33.21 41.66 -17.19
C18 PEV T . -32.12 40.61 -17.42
C19 PEV T . -32.55 39.21 -17.01
C20 PEV T . -31.37 38.34 -16.58
C21 PEV T . -31.72 36.87 -16.49
C22 PEV T . -32.10 36.26 -17.84
C23 PEV T . -32.83 34.93 -17.72
C24 PEV T . -32.01 33.84 -17.08
C25 PEV T . -32.59 33.34 -15.76
C26 PEV T . -33.89 32.59 -15.94
C45 PEV U . -14.21 45.23 -7.59
C44 PEV U . -14.22 46.66 -8.12
C43 PEV U . -15.16 47.57 -7.34
C42 PEV U . -16.56 47.68 -7.94
C41 PEV U . -16.59 48.46 -9.24
C40 PEV U . -18.01 48.80 -9.70
C39 PEV U . -18.78 49.58 -8.65
C38 PEV U . -19.28 50.94 -9.16
C37 PEV U . -20.19 50.81 -10.37
C36 PEV U . -20.72 52.15 -10.87
C35 PEV U . -21.59 52.86 -9.84
C34 PEV U . -22.24 54.13 -10.38
C33 PEV U . -23.47 54.54 -9.57
C32 PEV U . -24.50 53.42 -9.51
C31 PEV U . -25.04 53.05 -10.86
O31 PEV U . -25.28 53.83 -11.75
O2 PEV U . -25.24 51.74 -10.98
C2 PEV U . -26.09 51.24 -12.01
C1 PEV U . -27.51 51.08 -11.50
O3P PEV U . -28.33 52.09 -12.06
P PEV U . -29.22 52.99 -11.02
O1P PEV U . -29.66 54.26 -11.70
O2P PEV U . -30.24 52.14 -10.33
O4P PEV U . -27.96 53.30 -10.03
C4 PEV U . -28.16 54.12 -8.89
C5 PEV U . -27.88 55.56 -9.26
N6 PEV U . -29.04 56.19 -9.84
C3 PEV U . -25.44 49.98 -12.55
O3 PEV U . -24.26 49.62 -11.86
C11 PEV U . -23.92 48.33 -11.77
O11 PEV U . -24.54 47.44 -12.28
C12 PEV U . -22.68 48.15 -10.94
C13 PEV U . -22.38 46.71 -10.58
C14 PEV U . -21.25 46.63 -9.55
C15 PEV U . -21.23 45.32 -8.77
C16 PEV U . -20.72 45.48 -7.35
C17 PEV U . -19.23 45.23 -7.19
C18 PEV U . -18.81 44.92 -5.76
C19 PEV U . -17.30 44.78 -5.59
C20 PEV U . -16.89 44.12 -4.29
C21 PEV U . -17.11 45.00 -3.06
PA FAD V . 0.51 -20.06 28.62
O1A FAD V . 0.27 -18.75 27.98
O2A FAD V . 0.83 -20.05 30.11
O5B FAD V . -0.71 -21.01 28.44
C5B FAD V . -1.60 -21.31 29.55
C4B FAD V . -3.01 -21.39 29.07
O4B FAD V . -3.57 -22.69 29.42
C3B FAD V . -3.96 -20.35 29.66
O3B FAD V . -4.96 -19.99 28.72
C2B FAD V . -4.55 -21.11 30.86
O2B FAD V . -5.84 -20.60 31.21
C1B FAD V . -4.68 -22.52 30.27
N9A FAD V . -4.65 -23.59 31.26
C8A FAD V . -3.59 -24.00 32.02
N7A FAD V . -3.85 -25.00 32.83
C5A FAD V . -5.20 -25.25 32.59
C6A FAD V . -6.09 -26.20 33.12
N6A FAD V . -5.76 -27.09 34.06
N1A FAD V . -7.36 -26.19 32.66
C2A FAD V . -7.71 -25.30 31.72
N3A FAD V . -6.95 -24.37 31.15
C4A FAD V . -5.70 -24.39 31.63
N1 FAD V . 9.09 -16.31 26.37
C2 FAD V . 9.67 -15.75 25.28
O2 FAD V . 9.93 -16.40 24.26
N3 FAD V . 9.99 -14.41 25.28
C4 FAD V . 9.78 -13.53 26.32
O4 FAD V . 10.11 -12.35 26.21
C4X FAD V . 9.15 -14.13 27.47
N5 FAD V . 8.92 -13.38 28.49
C5X FAD V . 8.32 -13.95 29.60
C6 FAD V . 8.07 -13.13 30.71
C7 FAD V . 7.47 -13.64 31.84
C7M FAD V . 7.22 -12.74 33.02
C8 FAD V . 7.12 -15.01 31.89
C8M FAD V . 6.48 -15.60 33.11
C9 FAD V . 7.39 -15.82 30.80
C9A FAD V . 7.97 -15.30 29.65
N10 FAD V . 8.25 -16.09 28.51
C10 FAD V . 8.85 -15.54 27.41
C1' FAD V . 7.90 -17.53 28.49
C2' FAD V . 6.61 -17.84 27.72
O2' FAD V . 6.30 -16.80 26.81
C3' FAD V . 5.44 -17.96 28.71
O3' FAD V . 5.95 -18.32 29.99
C4' FAD V . 4.36 -18.99 28.32
O4' FAD V . 4.46 -20.13 29.17
C5' FAD V . 4.38 -19.40 26.87
O5' FAD V . 3.04 -19.38 26.35
P FAD V . 2.12 -20.67 26.36
O1P FAD V . 0.84 -20.44 25.55
O2P FAD V . 2.89 -21.86 25.96
O3P FAD V . 1.70 -20.80 27.89
C1 SIN W . 15.65 -6.21 26.71
O1 SIN W . 16.36 -5.28 26.27
O2 SIN W . 14.48 -6.34 26.28
C2 SIN W . 16.17 -7.15 27.76
C3 SIN W . 16.30 -8.55 27.17
C4 SIN W . 16.76 -9.50 28.25
O3 SIN W . 17.87 -10.05 28.18
O4 SIN W . 16.02 -9.75 29.24
FE1 SF4 X . -8.75 -1.05 31.89
FE2 SF4 X . -8.05 1.27 30.63
FE3 SF4 X . -10.63 0.38 30.50
FE4 SF4 X . -8.66 -0.95 29.15
S1 SF4 X . -9.38 1.18 28.78
S2 SF4 X . -10.31 -1.88 30.43
S3 SF4 X . -6.91 -0.71 30.59
S4 SF4 X . -9.50 1.04 32.38
FE1 FES Y . -2.91 -9.14 36.34
FE2 FES Y . -3.53 -7.35 38.23
S1 FES Y . -3.45 -7.02 36.06
S2 FES Y . -3.29 -9.51 38.47
FE1 F3S Z . -17.85 7.85 31.64
FE3 F3S Z . -15.43 7.76 30.42
FE4 F3S Z . -17.64 8.60 29.06
S1 F3S Z . -15.88 8.44 32.49
S2 F3S Z . -18.95 9.59 30.62
S3 F3S Z . -17.26 6.47 29.88
S4 F3S Z . -15.56 9.48 28.92
C45 PEV AA . -39.48 25.54 -1.94
C44 PEV AA . -40.11 26.40 -0.85
C43 PEV AA . -40.76 27.66 -1.39
C42 PEV AA . -41.36 28.55 -0.31
C41 PEV AA . -42.65 27.99 0.28
C40 PEV AA . -43.74 29.04 0.45
C39 PEV AA . -43.59 29.89 1.70
C38 PEV AA . -44.49 29.46 2.85
C37 PEV AA . -45.36 30.58 3.38
C36 PEV AA . -46.20 31.25 2.31
C35 PEV AA . -45.98 32.75 2.22
C34 PEV AA . -47.23 33.57 2.54
C33 PEV AA . -47.65 33.46 4.00
C32 PEV AA . -48.28 34.76 4.50
C31 PEV AA . -47.56 35.36 5.68
O31 PEV AA . -46.42 35.76 5.66
O2 PEV AA . -48.35 35.43 6.75
C2 PEV AA . -47.96 34.82 8.00
C1 PEV AA . -47.03 35.73 8.78
O3P PEV AA . -47.78 36.75 9.40
P PEV AA . -47.93 38.18 8.61
O1P PEV AA . -47.61 39.31 9.54
O2P PEV AA . -47.24 38.10 7.28
O4P PEV AA . -49.55 38.05 8.44
C4 PEV AA . -50.14 38.53 7.25
C5 PEV AA . -49.86 40.01 7.12
N6 PEV AA . -50.39 40.73 8.27
C3 PEV AA . -47.42 33.44 7.69
O3 PEV AA . -46.31 33.06 8.48
C11 PEV AA . -46.09 31.76 8.71
O11 PEV AA . -46.12 31.25 9.80
C12 PEV AA . -45.81 31.04 7.42
C13 PEV AA . -44.43 31.29 6.85
C14 PEV AA . -43.33 30.68 7.71
C15 PEV AA . -42.36 29.81 6.92
C16 PEV AA . -41.65 30.58 5.80
C17 PEV AA . -40.89 29.68 4.84
C18 PEV AA . -40.02 30.45 3.86
C19 PEV AA . -39.30 29.55 2.86
C20 PEV AA . -38.49 30.33 1.83
C21 PEV AA . -37.96 29.45 0.71
C22 PEV AA . -37.35 30.24 -0.45
C23 PEV AA . -36.13 31.05 -0.06
C24 PEV AA . -35.58 31.91 -1.18
CHA HEM BA . -25.85 17.70 26.96
CHB HEM BA . -26.76 22.16 25.34
CHC HEM BA . -31.35 21.78 26.90
CHD HEM BA . -30.39 17.38 28.64
C1A HEM BA . -25.76 18.90 26.31
C2A HEM BA . -24.69 19.27 25.47
C3A HEM BA . -24.94 20.52 25.01
C4A HEM BA . -26.16 20.94 25.57
CMA HEM BA . -24.07 21.34 24.09
CAA HEM BA . -23.49 18.42 25.14
CBA HEM BA . -23.74 17.62 23.87
CGA HEM BA . -22.67 16.56 23.75
O1A HEM BA . -22.48 15.99 22.66
O2A HEM BA . -22.00 16.23 24.75
C1B HEM BA . -28.08 22.40 25.68
C2B HEM BA . -28.69 23.63 25.37
C3B HEM BA . -30.00 23.57 25.79
C4B HEM BA . -30.14 22.22 26.37
CMB HEM BA . -27.96 24.78 24.71
CAB HEM BA . -31.07 24.58 25.70
CBB HEM BA . -30.84 25.89 25.80
C1C HEM BA . -31.50 20.53 27.46
C2C HEM BA . -32.73 19.98 27.88
C3C HEM BA . -32.46 18.71 28.38
C4C HEM BA . -31.05 18.51 28.24
CMC HEM BA . -34.05 20.70 27.76
CAC HEM BA . -33.37 17.69 28.94
CBC HEM BA . -34.68 17.84 29.06
C1D HEM BA . -29.05 17.16 28.33
C2D HEM BA . -28.38 15.92 28.73
C3D HEM BA . -27.11 16.02 28.26
C4D HEM BA . -27.03 17.31 27.57
CMD HEM BA . -29.01 14.80 29.52
CAD HEM BA . -25.94 15.11 28.35
CBD HEM BA . -26.23 13.62 28.21
CGD HEM BA . -24.91 13.01 27.88
O1D HEM BA . -23.94 13.75 27.59
O2D HEM BA . -24.77 11.77 27.89
NA HEM BA . -26.68 19.93 26.35
NB HEM BA . -28.97 21.58 26.26
NC HEM BA . -30.51 19.63 27.67
ND HEM BA . -28.21 17.94 27.64
FE HEM BA . -28.56 19.62 26.91
CHA HEM CA . -38.36 34.68 24.14
CHB HEM CA . -36.34 37.44 27.55
CHC HEM CA . -33.67 33.65 29.03
CHD HEM CA . -35.47 31.00 25.41
C1A HEM CA . -38.09 35.71 24.99
C2A HEM CA . -38.82 36.91 25.08
C3A HEM CA . -38.26 37.68 26.03
C4A HEM CA . -37.16 36.98 26.55
CMA HEM CA . -38.73 39.05 26.44
CAA HEM CA . -40.03 37.29 24.26
CBA HEM CA . -39.65 37.46 22.79
CGA HEM CA . -40.93 37.56 21.99
O1A HEM CA . -41.91 38.19 22.44
O2A HEM CA . -40.98 37.00 20.88
C1B HEM CA . -35.45 36.61 28.23
C2B HEM CA . -34.71 37.09 29.33
C3B HEM CA . -33.95 36.06 29.77
C4B HEM CA . -34.26 34.91 28.89
CMB HEM CA . -34.76 38.48 29.90
CAB HEM CA . -33.03 36.16 30.92
CBB HEM CA . -32.52 35.10 31.52
C1C HEM CA . -33.91 32.61 28.14
C2C HEM CA . -33.18 31.42 28.12
C3C HEM CA . -33.69 30.64 27.09
C4C HEM CA . -34.72 31.41 26.47
CMC HEM CA . -32.08 31.08 29.10
CAC HEM CA . -33.28 29.29 26.65
CBC HEM CA . -32.62 28.44 27.42
C1D HEM CA . -36.39 31.83 24.79
C2D HEM CA . -37.18 31.36 23.65
C3D HEM CA . -37.99 32.38 23.29
C4D HEM CA . -37.69 33.46 24.23
CMD HEM CA . -37.11 30.00 22.99
CAD HEM CA . -38.98 32.42 22.16
CBD HEM CA . -38.30 33.09 20.97
CGD HEM CA . -39.30 33.48 19.91
O1D HEM CA . -40.49 33.07 19.95
O2D HEM CA . -38.92 34.22 18.98
NA HEM CA . -37.07 35.77 25.92
NB HEM CA . -35.17 35.32 27.99
NC HEM CA . -34.82 32.61 27.13
ND HEM CA . -36.74 33.09 25.10
FE HEM CA . -36.05 34.15 26.47
C1B LMT DA . -32.40 2.12 20.04
C2B LMT DA . -32.37 0.66 19.55
C3B LMT DA . -31.72 -0.26 20.59
C4B LMT DA . -30.33 0.28 20.98
C5B LMT DA . -30.52 1.72 21.45
C6B LMT DA . -29.18 2.31 21.86
O1B LMT DA . -33.37 2.24 21.04
O2B LMT DA . -33.67 0.30 19.32
O3B LMT DA . -31.69 -1.56 20.17
O4' LMT DA . -29.78 -0.47 22.00
O5B LMT DA . -31.14 2.55 20.50
O6B LMT DA . -29.22 3.68 21.83
C1' LMT DA . -35.63 5.07 23.01
C2' LMT DA . -35.22 5.48 21.59
C3' LMT DA . -34.63 4.28 20.80
C4' LMT DA . -33.59 3.51 21.62
C5' LMT DA . -34.27 3.25 22.99
C6' LMT DA . -33.51 2.32 23.89
O1' LMT DA . -35.94 6.16 23.76
O2' LMT DA . -36.34 5.94 20.94
O3' LMT DA . -34.07 4.73 19.64
O5' LMT DA . -34.51 4.46 23.64
O6' LMT DA . -32.83 3.12 24.77
C1 LMT DA . -36.25 5.88 25.10
C2 LMT DA . -36.97 7.10 25.58
C3 LMT DA . -38.36 7.30 25.06
C4 LMT DA . -38.30 8.41 24.03
C5 LMT DA . -38.00 9.71 24.68
C6 LMT DA . -38.63 10.85 23.96
C7 LMT DA . -39.83 11.33 24.71
C8 LMT DA . -39.46 12.52 25.51
C9 LMT DA . -38.97 13.67 24.69
C10 LMT DA . -40.18 14.42 24.19
C11 LMT DA . -39.82 15.37 23.10
C12 LMT DA . -39.83 14.71 21.77
P PGV EA . -5.97 14.14 15.00
C01 PGV EA . -9.24 17.19 15.86
C02 PGV EA . -9.21 16.34 14.61
C03 PGV EA . -7.85 15.79 14.26
C04 PGV EA . -6.11 12.54 12.93
C05 PGV EA . -6.98 11.44 12.33
C06 PGV EA . -8.43 11.90 12.31
O01 PGV EA . -9.73 17.18 13.57
O02 PGV EA . -10.29 15.67 12.02
O03 PGV EA . -9.76 18.47 15.53
O04 PGV EA . -9.01 19.36 17.43
O05 PGV EA . -6.80 10.21 12.98
O06 PGV EA . -9.20 10.94 11.63
O11 PGV EA . -7.29 15.04 15.31
O12 PGV EA . -6.80 13.14 13.99
O13 PGV EA . -5.57 13.39 16.24
O14 PGV EA . -4.93 14.92 14.25
C1 PGV EA . -10.53 16.67 12.63
C2 PGV EA . -11.74 17.54 12.46
C3 PGV EA . -11.44 19.03 12.37
C4 PGV EA . -12.62 19.87 12.85
C5 PGV EA . -12.30 21.35 12.90
C6 PGV EA . -13.48 22.20 13.36
C7 PGV EA . -14.69 22.11 12.45
C19 PGV EA . -9.59 19.48 16.37
C20 PGV EA . -10.18 20.74 15.84
C21 PGV EA . -10.06 21.93 16.77
C22 PGV EA . -11.43 22.44 17.19
C23 PGV EA . -11.51 23.96 17.35
C24 PGV EA . -10.36 24.50 18.19
C1B LMT FA . -26.83 7.60 39.43
C2B LMT FA . -26.70 6.64 40.64
C3B LMT FA . -25.56 7.09 41.57
C4B LMT FA . -24.29 7.43 40.74
C5B LMT FA . -24.66 8.49 39.69
C6B LMT FA . -24.12 8.08 38.32
O1B LMT FA . -28.16 7.96 39.28
O2B LMT FA . -27.90 6.67 41.30
O3B LMT FA . -25.33 6.19 42.56
O4' LMT FA . -23.30 7.93 41.56
O5B LMT FA . -26.04 8.74 39.63
O6B LMT FA . -24.57 8.95 37.37
C1' LMT FA . -30.78 10.33 37.25
C2' LMT FA . -30.70 8.88 36.73
C3' LMT FA . -30.02 7.99 37.79
C4' LMT FA . -28.57 8.44 38.02
C5' LMT FA . -28.54 9.99 38.07
C6' LMT FA . -27.75 10.67 36.97
O1' LMT FA . -30.60 11.24 36.23
O2' LMT FA . -31.99 8.42 36.54
O3' LMT FA . -30.05 6.69 37.40
O5' LMT FA . -29.82 10.57 38.27
O6' LMT FA . -27.11 11.71 37.56
C1 LMT FA . -31.80 11.69 35.65
C2 LMT FA . -32.33 12.71 36.63
C3 LMT FA . -32.82 13.99 36.05
C4 LMT FA . -33.88 14.51 36.97
C5 LMT FA . -35.07 13.61 36.97
C48 PEV GA . -38.50 25.43 7.62
C47 PEV GA . -39.88 25.42 8.29
C46 PEV GA . -40.50 26.81 8.38
C45 PEV GA . -41.61 26.91 9.41
C44 PEV GA . -42.91 26.26 8.97
C43 PEV GA . -43.87 25.99 10.13
C42 PEV GA . -44.07 27.19 11.05
C41 PEV GA . -44.88 28.31 10.42
C40 PEV GA . -46.33 27.92 10.13
C39 PEV GA . -47.11 27.56 11.39
C38 PEV GA . -47.35 28.74 12.33
C37 PEV GA . -48.31 29.77 11.76
C36 PEV GA . -48.58 30.93 12.71
C35 PEV GA . -49.39 32.07 12.07
C34 PEV GA . -48.95 33.45 12.55
C33 PEV GA . -48.68 33.49 14.05
C32 PEV GA . -48.19 34.86 14.50
C31 PEV GA . -49.30 35.83 14.79
O31 PEV GA . -50.45 35.67 14.47
O2 PEV GA . -48.85 36.91 15.43
C2 PEV GA . -49.32 37.17 16.76
C1 PEV GA . -50.10 38.47 16.82
O3P PEV GA . -50.60 38.67 18.11
P PEV GA . -52.01 37.93 18.53
O1P PEV GA . -51.75 36.48 18.82
O2P PEV GA . -53.08 38.29 17.56
O4P PEV GA . -52.17 38.76 19.93
C4 PEV GA . -53.33 38.51 20.70
C5 PEV GA . -53.58 39.70 21.60
N6 PEV GA . -54.83 39.56 22.32
C3 PEV GA . -48.12 37.07 17.68
O3 PEV GA . -47.36 35.88 17.50
C11 PEV GA . -47.51 34.88 18.35
O11 PEV GA . -48.37 34.81 19.19
C12 PEV GA . -46.45 33.84 18.13
C13 PEV GA . -46.63 32.58 18.96
C14 PEV GA . -45.81 31.42 18.41
C15 PEV GA . -44.37 31.40 18.90
C16 PEV GA . -44.25 30.99 20.36
C17 PEV GA . -42.83 30.67 20.79
C18 PEV GA . -42.24 29.48 20.03
C19 PEV GA . -40.97 28.93 20.67
C20 PEV GA . -40.19 28.01 19.74
C21 PEV GA . -38.91 27.47 20.38
C22 PEV GA . -39.16 26.55 21.56
C23 PEV GA . -37.91 26.27 22.38
C24 PEV GA . -36.76 25.72 21.54
C25 PEV GA . -35.41 26.33 21.90
C26 PEV GA . -35.08 26.17 23.37
PA FAD HA . 33.18 7.50 -6.97
O1A FAD HA . 32.42 8.73 -7.27
O2A FAD HA . 34.23 7.12 -8.00
O5B FAD HA . 33.87 7.63 -5.58
C5B FAD HA . 34.91 8.60 -5.36
C4B FAD HA . 34.77 9.19 -3.99
O4B FAD HA . 36.04 9.09 -3.30
C3B FAD HA . 34.38 10.66 -3.94
O3B FAD HA . 33.51 10.91 -2.83
C2B FAD HA . 35.72 11.36 -3.77
O2B FAD HA . 35.60 12.62 -3.12
C1B FAD HA . 36.47 10.37 -2.89
N9A FAD HA . 37.92 10.42 -3.01
C8A FAD HA . 38.68 10.07 -4.09
N7A FAD HA . 39.97 10.20 -3.91
C5A FAD HA . 40.07 10.69 -2.61
C6A FAD HA . 41.17 11.05 -1.81
N6A FAD HA . 42.44 10.97 -2.23
N1A FAD HA . 40.92 11.50 -0.57
C2A FAD HA . 39.65 11.57 -0.15
N3A FAD HA . 38.54 11.26 -0.81
C4A FAD HA . 38.82 10.83 -2.05
N1 FAD HA . 28.77 3.19 -14.49
C2 FAD HA . 27.67 2.45 -14.83
O2 FAD HA . 27.48 1.32 -14.36
N3 FAD HA . 26.77 2.95 -15.74
C4 FAD HA . 26.84 4.18 -16.36
O4 FAD HA . 25.96 4.53 -17.16
C4X FAD HA . 27.99 4.96 -15.98
N5 FAD HA . 28.14 6.14 -16.51
C5X FAD HA . 29.25 6.89 -16.14
C6 FAD HA . 29.42 8.15 -16.70
C7 FAD HA . 30.51 8.94 -16.38
C7M FAD HA . 30.66 10.30 -17.00
C8 FAD HA . 31.46 8.47 -15.45
C8M FAD HA . 32.65 9.30 -15.07
C9 FAD HA . 31.30 7.20 -14.89
C9A FAD HA . 30.19 6.42 -15.23
N10 FAD HA . 30.00 5.14 -14.68
C10 FAD HA . 28.90 4.38 -15.02
C1' FAD HA . 30.95 4.58 -13.70
C2' FAD HA . 30.45 4.68 -12.26
O2' FAD HA . 29.79 5.93 -12.06
C3' FAD HA . 31.65 4.59 -11.30
O3' FAD HA . 32.50 3.52 -11.72
C4' FAD HA . 31.24 4.36 -9.85
O4' FAD HA . 30.54 5.51 -9.38
C5' FAD HA . 32.41 4.06 -8.95
O5' FAD HA . 31.94 3.94 -7.58
P FAD HA . 32.58 4.80 -6.43
O1P FAD HA . 31.90 4.48 -5.09
O2P FAD HA . 34.04 4.65 -6.42
O3P FAD HA . 32.18 6.27 -6.82
C1 SIN IA . 24.55 3.21 -23.51
O1 SIN IA . 24.77 2.01 -23.25
O2 SIN IA . 25.39 4.07 -23.18
C2 SIN IA . 23.28 3.62 -24.23
C3 SIN IA . 22.07 2.98 -23.56
C4 SIN IA . 21.23 4.06 -22.93
O3 SIN IA . 20.10 4.32 -23.38
O4 SIN IA . 21.66 4.70 -21.94
FE1 SF4 JA . 18.91 22.85 -6.72
FE2 SF4 JA . 20.69 24.55 -7.92
FE3 SF4 JA . 18.76 25.55 -6.26
FE4 SF4 JA . 18.08 24.54 -8.71
S1 SF4 JA . 19.38 26.37 -8.29
S2 SF4 JA . 17.02 24.14 -6.72
S3 SF4 JA . 19.56 22.83 -8.91
S4 SF4 JA . 20.47 24.15 -5.69
FE1 FES KA . 29.37 22.13 -12.98
FE2 FES KA . 29.63 19.76 -11.75
S1 FES KA . 31.24 21.12 -12.37
S2 FES KA . 27.78 20.90 -12.08
FE1 F3S LA . 13.11 32.21 -5.11
FE3 F3S LA . 11.51 32.74 -2.96
FE4 F3S LA . 13.61 34.35 -3.57
S1 F3S LA . 10.88 32.06 -4.99
S2 F3S LA . 13.81 34.27 -5.83
S3 F3S LA . 13.72 32.14 -2.89
S4 F3S LA . 11.59 35.02 -2.84
C43 PEV MA . -24.60 37.10 18.29
C42 PEV MA . -23.27 36.60 18.84
C41 PEV MA . -22.56 37.63 19.72
C40 PEV MA . -22.13 38.88 18.96
C39 PEV MA . -21.29 39.82 19.83
C38 PEV MA . -20.94 41.13 19.14
C37 PEV MA . -20.03 42.01 20.00
C36 PEV MA . -19.53 43.26 19.27
C35 PEV MA . -18.51 44.05 20.06
C34 PEV MA . -18.91 45.49 20.29
C33 PEV MA . -18.48 46.00 21.67
C32 PEV MA . -19.36 47.14 22.17
C31 PEV MA . -18.92 48.49 21.68
O31 PEV MA . -17.93 48.70 21.03
O2 PEV MA . -19.75 49.44 22.09
C2 PEV MA . -20.64 50.05 21.13
C1 PEV MA . -20.16 51.44 20.76
O3P PEV MA . -20.92 52.41 21.45
P PEV MA . -21.67 53.57 20.56
O1P PEV MA . -21.76 54.84 21.35
O2P PEV MA . -21.11 53.60 19.17
O4P PEV MA . -23.11 52.79 20.58
C4 PEV MA . -24.04 53.13 21.60
C5 PEV MA . -25.15 53.96 21.00
N6 PEV MA . -26.23 54.17 21.95
C3 PEV MA . -22.04 49.97 21.71
O3 PEV MA . -22.10 49.21 22.90
C11 PEV MA . -23.25 49.14 23.59
O11 PEV MA . -24.30 49.55 23.17
C12 PEV MA . -23.04 48.49 24.92
C13 PEV MA . -22.35 47.13 24.86
C14 PEV MA . -23.35 46.02 24.55
C15 PEV MA . -22.72 44.63 24.59
C16 PEV MA . -21.70 44.42 23.48
C17 PEV MA . -20.92 43.12 23.63
C18 PEV MA . -21.83 41.91 23.87
C19 PEV MA . -21.24 40.91 24.85
C20 PEV MA . -20.70 39.66 24.19
C21 PEV MA . -21.79 38.81 23.54
C22 PEV MA . -21.30 37.43 23.15
C23 PEV MA . -20.63 36.69 24.30
C24 PEV MA . -19.46 35.81 23.87
C25 PEV MA . -19.88 34.40 23.49
C26 PEV MA . -20.66 33.70 24.60
CHA HEM NA . 3.34 41.14 1.66
CHB HEM NA . -1.16 42.93 1.48
CHC HEM NA . 0.20 46.60 4.37
CHD HEM NA . 4.67 44.83 4.49
C1A HEM NA . 1.99 41.29 1.45
C2A HEM NA . 1.16 40.33 0.83
C3A HEM NA . -0.09 40.83 0.77
C4A HEM NA . -0.06 42.10 1.35
CMA HEM NA . -1.31 40.14 0.19
CAA HEM NA . 1.60 38.98 0.32
CBA HEM NA . 1.69 38.02 1.50
CGA HEM NA . 2.17 36.69 1.01
O1A HEM NA . 1.98 35.66 1.69
O2A HEM NA . 2.78 36.61 -0.07
C1B HEM NA . -1.12 44.10 2.23
C2B HEM NA . -2.26 44.92 2.37
C3B HEM NA . -1.92 45.96 3.18
C4B HEM NA . -0.50 45.73 3.53
CMB HEM NA . -3.60 44.66 1.72
CAB HEM NA . -2.74 47.11 3.62
CBB HEM NA . -3.91 46.96 4.21
C1C HEM NA . 1.51 46.36 4.74
C2C HEM NA . 2.13 46.91 5.87
C3C HEM NA . 3.42 46.40 5.91
C4C HEM NA . 3.55 45.53 4.80
CMC HEM NA . 1.47 47.89 6.82
CAC HEM NA . 4.48 46.67 6.90
CBC HEM NA . 4.85 47.90 7.28
C1D HEM NA . 4.64 43.70 3.68
C2D HEM NA . 5.86 42.93 3.44
C3D HEM NA . 5.50 41.89 2.66
C4D HEM NA . 4.05 42.05 2.44
CMD HEM NA . 7.21 43.32 4.01
CAD HEM NA . 6.35 40.77 2.08
CBD HEM NA . 7.56 40.40 2.94
CGD HEM NA . 8.25 39.17 2.41
O1D HEM NA . 7.65 38.38 1.66
O2D HEM NA . 9.45 38.95 2.74
NA HEM NA . 1.21 42.37 1.79
NB HEM NA . -0.10 44.59 2.94
NC HEM NA . 2.36 45.49 4.13
ND HEM NA . 3.59 43.14 3.07
FE HEM NA . 1.83 43.76 3.06
CHA HEM OA . -11.40 55.48 6.95
CHB HEM OA . -11.51 57.66 2.63
CHC HEM OA . -7.68 54.99 1.20
CHD HEM OA . -7.88 52.52 5.36
C1A HEM OA . -11.69 56.32 5.91
C2A HEM OA . -12.63 57.37 5.97
C3A HEM OA . -12.67 57.98 4.77
C4A HEM OA . -11.75 57.32 3.94
CMA HEM OA . -13.54 59.15 4.41
CAA HEM OA . -13.46 57.76 7.16
CBA HEM OA . -14.76 56.94 7.16
CGA HEM OA . -15.65 57.50 8.23
O1A HEM OA . -16.89 57.55 8.07
O2A HEM OA . -15.14 57.92 9.30
C1B HEM OA . -10.46 57.10 1.91
C2B HEM OA . -10.17 57.54 0.59
C3B HEM OA . -9.10 56.82 0.16
C4B HEM OA . -8.74 55.90 1.27
CMB HEM OA . -10.92 58.61 -0.16
CAB HEM OA . -8.43 56.91 -1.16
CBB HEM OA . -7.84 58.05 -1.53
C1C HEM OA . -7.43 54.06 2.19
C2C HEM OA . -6.54 52.97 2.06
C3C HEM OA . -6.59 52.27 3.25
C4C HEM OA . -7.53 52.92 4.10
CMC HEM OA . -5.69 52.67 0.87
CAC HEM OA . -5.80 51.05 3.58
CBC HEM OA . -4.47 51.05 3.52
C1D HEM OA . -8.87 53.17 6.11
C2D HEM OA . -9.21 52.72 7.46
C3D HEM OA . -10.19 53.54 7.90
C4D HEM OA . -10.44 54.49 6.82
CMD HEM OA . -8.59 51.57 8.22
CAD HEM OA . -10.88 53.48 9.23
CBD HEM OA . -11.95 52.39 9.23
CGD HEM OA . -12.87 52.61 10.41
O1D HEM OA . -12.80 53.69 11.05
O2D HEM OA . -13.70 51.74 10.73
NA HEM OA . -11.16 56.31 4.64
NB HEM OA . -9.60 56.14 2.29
NC HEM OA . -8.04 54.00 3.41
ND HEM OA . -9.63 54.22 5.77
FE HEM OA . -9.60 55.17 4.16
C1B LMT PA . 11.73 32.62 15.64
C2B LMT PA . 12.71 31.63 16.28
C3B LMT PA . 13.19 30.58 15.26
C4B LMT PA . 13.73 31.26 13.99
C5B LMT PA . 12.66 32.24 13.47
C6B LMT PA . 12.28 31.89 12.04
O1B LMT PA . 12.21 33.91 15.81
O2B LMT PA . 13.77 32.37 16.74
O3B LMT PA . 12.21 29.65 14.99
O4' LMT PA . 14.89 31.96 14.26
O5B LMT PA . 11.51 32.32 14.28
O6B LMT PA . 11.42 32.81 11.53
C1' LMT PA . 11.09 37.83 15.77
C2' LMT PA . 9.90 36.89 15.98
C3' LMT PA . 10.40 35.45 16.27
C4' LMT PA . 11.49 35.00 15.28
C5' LMT PA . 12.50 36.17 15.19
C6' LMT PA . 13.71 35.88 14.35
O1' LMT PA . 10.65 39.07 15.38
O2' LMT PA . 9.17 37.33 17.07
O3' LMT PA . 9.35 34.58 16.25
O5' LMT PA . 11.86 37.33 14.72
O6' LMT PA . 13.66 36.75 13.29
C1 LMT PA . 11.45 40.13 15.85
C2 LMT PA . 11.54 41.08 14.70
C3 LMT PA . 10.75 42.34 14.82
C4 LMT PA . 9.31 41.94 15.03
C5 LMT PA . 8.67 42.83 16.04
C6 LMT PA . 7.93 43.95 15.41
C7 LMT PA . 6.58 44.09 16.07
C8 LMT PA . 6.14 45.51 15.96
C9 LMT PA . 5.51 45.86 14.67
C10 LMT PA . 4.11 45.32 14.70
C11 LMT PA . 3.21 46.16 15.54
C12 LMT PA . 2.91 47.47 14.90
P PGV QA . -1.89 20.32 -7.46
C01 PGV QA . -4.40 24.54 -5.77
C02 PGV QA . -3.40 23.44 -5.53
C03 PGV QA . -3.16 22.49 -6.69
C04 PGV QA . -1.25 19.18 -5.19
C05 PGV QA . -0.98 17.78 -4.66
C06 PGV QA . -0.78 17.84 -3.15
O01 PGV QA . -3.78 22.77 -4.31
O02 PGV QA . -4.29 20.59 -4.49
O03 PGV QA . -4.57 24.76 -7.17
O04 PGV QA . -4.22 26.70 -8.21
O05 PGV QA . 0.10 17.16 -5.33
O06 PGV QA . -1.72 18.70 -2.59
O11 PGV QA . -2.29 21.44 -6.34
O12 PGV QA . -2.01 19.09 -6.38
O13 PGV QA . -0.46 20.49 -7.88
O14 PGV QA . -2.94 20.19 -8.52
C1 PGV QA . -4.62 21.73 -4.27
C2 PGV QA . -6.01 22.15 -3.89
C3 PGV QA . -6.07 23.04 -2.65
C4 PGV QA . -7.32 23.91 -2.64
C5 PGV QA . -7.27 25.04 -3.66
C6 PGV QA . -8.44 26.00 -3.55
C7 PGV QA . -8.39 26.89 -2.31
C8 PGV QA . -9.53 27.90 -2.25
C19 PGV QA . -4.94 25.97 -7.57
C20 PGV QA . -6.33 26.29 -7.14
C21 PGV QA . -6.43 27.57 -6.32
C22 PGV QA . -7.49 28.52 -6.87
C23 PGV QA . -7.08 29.21 -8.16
C24 PGV QA . -8.26 29.76 -8.93
C25 PGV QA . -8.48 31.26 -8.77
C26 PGV QA . -9.20 31.63 -7.48
C1B LMT RA . 18.92 44.51 0.89
C2B LMT RA . 20.29 45.02 0.33
C3B LMT RA . 20.31 45.11 -1.21
C4B LMT RA . 19.69 43.86 -1.85
C5B LMT RA . 18.30 43.69 -1.24
C6B LMT RA . 17.55 42.58 -1.94
O1B LMT RA . 18.02 45.55 0.99
O2B LMT RA . 20.50 46.25 0.89
O3B LMT RA . 21.58 45.35 -1.68
O4' LMT RA . 19.57 44.01 -3.21
O5B LMT RA . 18.39 43.45 0.13
O6B LMT RA . 16.31 42.42 -1.37
C1' LMT RA . 15.30 47.52 2.99
C2' LMT RA . 16.70 47.16 3.54
C3' LMT RA . 17.09 45.68 3.21
C4' LMT RA . 16.84 45.28 1.73
C5' LMT RA . 15.70 46.17 1.21
C6' LMT RA . 14.97 45.61 0.02
O1' LMT RA . 14.42 47.73 4.01
O2' LMT RA . 17.62 48.00 2.98
O3' LMT RA . 16.44 44.81 4.04
O5' LMT RA . 14.80 46.43 2.24
O6' LMT RA . 14.64 44.32 0.35
C1 LMT RA . 13.06 47.71 3.64
C2 LMT RA . 12.61 49.14 3.77
C3 LMT RA . 12.93 49.82 5.05
C4 LMT RA . 12.55 51.27 4.91
C5 LMT RA . 13.12 52.08 6.02
C6 LMT RA . 12.73 51.54 7.36
C48 PEV SA . -14.43 40.77 18.42
C47 PEV SA . -13.93 42.01 19.15
C46 PEV SA . -14.99 43.10 19.25
C45 PEV SA . -14.40 44.47 19.59
C44 PEV SA . -14.04 44.63 21.06
C43 PEV SA . -13.17 45.86 21.32
C42 PEV SA . -13.69 47.13 20.67
C41 PEV SA . -14.83 47.79 21.44
C40 PEV SA . -14.41 48.33 22.80
C39 PEV SA . -13.32 49.39 22.72
C38 PEV SA . -13.78 50.69 22.05
C37 PEV SA . -15.03 51.27 22.70
C36 PEV SA . -15.44 52.62 22.11
C35 PEV SA . -16.92 52.93 22.33
C34 PEV SA . -17.36 54.26 21.73
C33 PEV SA . -16.85 54.46 20.31
C32 PEV SA . -17.81 55.31 19.47
C31 PEV SA . -17.74 56.79 19.75
O31 PEV SA . -17.27 57.27 20.74
O2 PEV SA . -18.26 57.49 18.76
C2 PEV SA . -17.58 58.68 18.33
C1 PEV SA . -18.57 59.73 17.86
O3P PEV SA . -17.90 60.96 17.69
P PEV SA . -17.48 61.80 19.04
O1P PEV SA . -16.19 61.28 19.59
O2P PEV SA . -18.66 61.93 19.95
O4P PEV SA . -17.22 63.20 18.24
C4 PEV SA . -16.30 64.11 18.80
C5 PEV SA . -16.85 65.52 18.63
N6 PEV SA . -15.88 66.51 19.05
C3 PEV SA . -16.53 58.26 17.32
O3 PEV SA . -15.35 57.78 17.95
C11 PEV SA . -14.33 57.37 17.18
O11 PEV SA . -14.10 57.78 16.08
C12 PEV SA . -13.53 56.31 17.91
C13 PEV SA . -12.37 55.74 17.12
C14 PEV SA . -12.86 54.83 16.00
C15 PEV SA . -11.88 54.71 14.84
C16 PEV SA . -10.74 53.75 15.12
C17 PEV SA . -9.98 53.33 13.87
C18 PEV SA . -9.55 51.87 13.90
C19 PEV SA . -8.81 51.43 12.65
C20 PEV SA . -8.56 49.92 12.61
C21 PEV SA . -7.81 49.47 11.37
C22 PEV SA . -6.35 49.91 11.35
C23 PEV SA . -5.68 49.73 9.98
C24 PEV SA . -5.73 48.30 9.47
C25 PEV SA . -6.49 48.15 8.16
C26 PEV SA . -5.79 48.81 6.98
#